data_6FER
#
_entry.id   6FER
#
_cell.length_a   70.910
_cell.length_b   155.790
_cell.length_c   355.990
_cell.angle_alpha   90.000
_cell.angle_beta   90.000
_cell.angle_gamma   90.000
#
_symmetry.space_group_name_H-M   'P 21 21 21'
#
loop_
_entity.id
_entity.type
_entity.pdbx_description
1 polymer 'Discoidin domain-containing receptor 2'
2 non-polymer "2-[4,5-bis(fluoranyl)-2-oxidanylidene-1'-(1~{H}-pyrazolo[3,4-b]pyridin-5-ylcarbonyl)spiro[indole-3,4'-piperidine]-1-yl]-~{N}-[2,2,2-tris(fluoranyl)ethyl]ethanamide"
#
_entity_poly.entity_id   1
_entity_poly.type   'polypeptide(L)'
_entity_poly.pdbx_seq_one_letter_code
;VAVEEFPRKLLTFKEKLGEGQFGEVHLCEVEGMEKFKDKDFALDVSANQPVLVAVKMLRADANKNARNDFLKEIKIMSRL
KDPNIIHLLAVCITDDPLCMITEYMENGDLNQFLSRHEPPNSSSSDVRTVSYTNLKFMATQIASGMKYLSSLNFVHRDLA
TRNCLVGKNYTIKIADFGMSRNLYSGDYYRIQGRAVLPIRWMSWESILLGKFTTASDVWAFGVTLWETFTFCQEQPYSQL
SDEQVIENTGEFFRDQGRQTYLPQPAICPDSVYKLMLSCWRRDTKNRPSFQEIHLLLLQQGDEHHHHHH
;
_entity_poly.pdbx_strand_id   A,B,C,D,E,F,G,H,I,J,K,L
#
# COMPACT_ATOMS: atom_id res chain seq x y z
N VAL A 1 1.97 16.68 -25.06
CA VAL A 1 3.02 16.91 -26.06
C VAL A 1 4.35 16.26 -25.61
N ALA A 2 5.08 15.74 -26.60
CA ALA A 2 6.25 14.91 -26.38
C ALA A 2 7.34 15.28 -27.37
N VAL A 3 8.55 14.78 -27.08
CA VAL A 3 9.72 14.91 -27.92
C VAL A 3 10.44 13.58 -27.90
N GLU A 4 11.47 13.45 -28.74
CA GLU A 4 12.25 12.23 -28.83
C GLU A 4 13.46 12.28 -27.88
N GLU A 5 13.87 11.10 -27.39
CA GLU A 5 15.09 10.98 -26.59
C GLU A 5 16.26 10.68 -27.50
N PHE A 6 17.28 11.49 -27.42
CA PHE A 6 18.47 11.33 -28.24
C PHE A 6 19.50 10.50 -27.50
N PRO A 7 20.03 9.43 -28.11
CA PRO A 7 21.17 8.73 -27.49
C PRO A 7 22.29 9.68 -27.10
N ARG A 8 22.55 9.81 -25.80
CA ARG A 8 23.60 10.72 -25.36
C ARG A 8 24.98 10.20 -25.73
N LYS A 9 25.12 8.88 -25.88
CA LYS A 9 26.44 8.31 -26.14
C LYS A 9 27.02 8.85 -27.43
N LEU A 10 26.18 9.15 -28.41
CA LEU A 10 26.61 9.61 -29.72
C LEU A 10 27.01 11.09 -29.76
N LEU A 11 26.74 11.86 -28.71
CA LEU A 11 27.22 13.24 -28.67
C LEU A 11 28.70 13.27 -28.33
N THR A 12 29.39 14.26 -28.90
CA THR A 12 30.82 14.41 -28.71
C THR A 12 31.11 15.89 -28.50
N PHE A 13 31.43 16.26 -27.25
CA PHE A 13 31.59 17.67 -26.90
C PHE A 13 32.77 18.29 -27.63
N LYS A 14 32.56 19.48 -28.18
CA LYS A 14 33.58 20.22 -28.92
C LYS A 14 33.93 21.54 -28.25
N GLU A 15 32.98 22.46 -28.14
CA GLU A 15 33.24 23.76 -27.53
C GLU A 15 32.13 24.06 -26.54
N LYS A 16 32.39 25.03 -25.68
CA LYS A 16 31.35 25.59 -24.83
C LYS A 16 30.79 26.83 -25.52
N LEU A 17 29.47 26.88 -25.65
CA LEU A 17 28.83 28.02 -26.30
C LEU A 17 28.45 29.13 -25.31
N GLY A 18 28.12 28.78 -24.07
CA GLY A 18 27.80 29.79 -23.08
C GLY A 18 27.46 29.17 -21.74
N GLU A 19 27.25 30.04 -20.76
CA GLU A 19 26.86 29.64 -19.42
C GLU A 19 25.71 30.48 -18.92
N GLY A 20 24.69 29.82 -18.38
CA GLY A 20 23.76 30.45 -17.47
C GLY A 20 24.24 30.34 -16.05
N GLN A 21 23.40 30.82 -15.13
CA GLN A 21 23.62 30.56 -13.71
C GLN A 21 23.34 29.11 -13.35
N PHE A 22 22.54 28.39 -14.17
CA PHE A 22 22.08 27.05 -13.83
C PHE A 22 22.15 26.08 -15.02
N GLY A 23 23.13 26.25 -15.89
CA GLY A 23 23.42 25.23 -16.89
C GLY A 23 24.50 25.71 -17.82
N GLU A 24 24.97 24.78 -18.66
CA GLU A 24 25.87 25.08 -19.78
C GLU A 24 25.16 24.89 -21.11
N VAL A 25 25.86 25.29 -22.19
CA VAL A 25 25.41 25.04 -23.56
C VAL A 25 26.63 24.64 -24.38
N HIS A 26 26.60 23.44 -24.97
CA HIS A 26 27.77 22.88 -25.64
C HIS A 26 27.52 22.67 -27.12
N LEU A 27 28.55 22.91 -27.90
CA LEU A 27 28.58 22.58 -29.31
C LEU A 27 29.19 21.20 -29.42
N CYS A 28 28.40 20.22 -29.84
CA CYS A 28 28.90 18.86 -30.01
C CYS A 28 28.77 18.40 -31.46
N GLU A 29 29.41 17.27 -31.74
CA GLU A 29 29.36 16.64 -33.04
C GLU A 29 28.75 15.25 -32.87
N VAL A 30 27.71 14.95 -33.68
CA VAL A 30 26.95 13.71 -33.57
C VAL A 30 27.58 12.65 -34.47
N GLU A 31 27.62 11.40 -33.98
CA GLU A 31 28.42 10.36 -34.63
C GLU A 31 27.66 9.52 -35.65
N GLY A 32 26.33 9.48 -35.59
CA GLY A 32 25.57 8.66 -36.52
C GLY A 32 24.36 9.34 -37.13
N PRO A 50 30.54 17.04 -41.29
CA PRO A 50 30.57 17.22 -39.83
C PRO A 50 29.22 17.68 -39.28
N VAL A 51 28.56 16.86 -38.47
CA VAL A 51 27.22 17.14 -37.98
C VAL A 51 27.32 17.70 -36.56
N LEU A 52 26.95 18.97 -36.37
CA LEU A 52 27.06 19.60 -35.07
C LEU A 52 25.71 20.07 -34.56
N VAL A 53 25.50 19.94 -33.25
CA VAL A 53 24.29 20.40 -32.58
C VAL A 53 24.68 21.30 -31.42
N ALA A 54 23.74 22.16 -31.02
CA ALA A 54 23.84 22.87 -29.76
C ALA A 54 23.02 22.14 -28.69
N VAL A 55 23.60 22.03 -27.48
CA VAL A 55 22.99 21.31 -26.36
C VAL A 55 22.87 22.25 -25.18
N LYS A 56 21.66 22.62 -24.81
CA LYS A 56 21.45 23.30 -23.55
C LYS A 56 21.29 22.26 -22.45
N MET A 57 22.22 22.27 -21.50
CA MET A 57 22.22 21.32 -20.41
C MET A 57 21.72 21.97 -19.12
N LEU A 58 21.29 21.14 -18.19
CA LEU A 58 21.00 21.54 -16.81
C LEU A 58 22.04 20.90 -15.91
N ARG A 59 22.72 21.71 -15.11
CA ARG A 59 23.80 21.19 -14.27
C ARG A 59 23.23 20.16 -13.32
N ALA A 60 23.98 19.08 -13.10
CA ALA A 60 23.44 17.99 -12.30
C ALA A 60 23.04 18.44 -10.92
N ASP A 61 23.70 19.48 -10.38
CA ASP A 61 23.38 19.98 -9.04
C ASP A 61 22.45 21.18 -9.15
N ALA A 62 21.19 20.91 -9.42
CA ALA A 62 20.22 21.98 -9.53
C ALA A 62 19.09 21.81 -8.51
N ASN A 63 18.79 22.89 -7.81
CA ASN A 63 17.71 22.96 -6.84
C ASN A 63 16.37 22.62 -7.49
N LYS A 64 15.37 22.38 -6.64
CA LYS A 64 14.03 22.07 -7.14
C LYS A 64 13.56 23.11 -8.15
N ASN A 65 13.71 24.40 -7.84
CA ASN A 65 13.21 25.45 -8.71
C ASN A 65 13.90 25.47 -10.06
N ALA A 66 15.22 25.27 -10.09
CA ALA A 66 15.93 25.35 -11.35
C ALA A 66 15.78 24.09 -12.18
N ARG A 67 15.33 23.01 -11.57
CA ARG A 67 15.07 21.79 -12.33
C ARG A 67 13.65 21.81 -12.89
N ASN A 68 12.68 22.20 -12.06
CA ASN A 68 11.32 22.34 -12.55
C ASN A 68 11.22 23.43 -13.62
N ASP A 69 11.98 24.51 -13.50
CA ASP A 69 11.94 25.48 -14.58
C ASP A 69 12.52 24.90 -15.84
N PHE A 70 13.46 23.97 -15.73
CA PHE A 70 14.00 23.34 -16.92
C PHE A 70 12.97 22.45 -17.58
N LEU A 71 12.22 21.67 -16.79
CA LEU A 71 11.16 20.86 -17.35
C LEU A 71 10.06 21.73 -17.99
N LYS A 72 9.71 22.86 -17.35
CA LYS A 72 8.78 23.79 -17.99
C LYS A 72 9.37 24.33 -19.29
N GLU A 73 10.68 24.57 -19.32
CA GLU A 73 11.34 25.02 -20.54
C GLU A 73 11.23 23.96 -21.63
N ILE A 74 11.28 22.68 -21.25
CA ILE A 74 11.13 21.62 -22.24
C ILE A 74 9.71 21.60 -22.79
N LYS A 75 8.72 21.70 -21.90
CA LYS A 75 7.34 21.66 -22.37
C LYS A 75 7.04 22.82 -23.30
N ILE A 76 7.53 24.01 -22.98
CA ILE A 76 7.24 25.15 -23.85
C ILE A 76 8.03 25.06 -25.15
N MET A 77 9.28 24.62 -25.09
CA MET A 77 10.06 24.57 -26.33
C MET A 77 9.55 23.49 -27.28
N SER A 78 8.89 22.45 -26.76
CA SER A 78 8.46 21.37 -27.63
C SER A 78 7.32 21.80 -28.54
N ARG A 79 6.63 22.87 -28.17
CA ARG A 79 5.50 23.39 -28.91
C ARG A 79 5.87 24.44 -29.96
N LEU A 80 7.14 24.84 -30.03
CA LEU A 80 7.54 25.93 -30.92
C LEU A 80 7.97 25.36 -32.28
N LYS A 81 7.18 25.64 -33.33
CA LYS A 81 7.26 24.97 -34.62
C LYS A 81 7.26 25.98 -35.79
N ASP A 82 8.21 26.91 -35.75
CA ASP A 82 8.44 27.88 -36.81
C ASP A 82 9.92 27.84 -37.20
N PRO A 83 10.24 27.99 -38.48
CA PRO A 83 11.65 27.92 -38.91
C PRO A 83 12.45 29.17 -38.62
N ASN A 84 11.87 30.17 -37.96
CA ASN A 84 12.63 31.30 -37.44
C ASN A 84 12.65 31.36 -35.91
N ILE A 85 12.09 30.37 -35.25
CA ILE A 85 12.24 30.23 -33.82
C ILE A 85 13.15 29.05 -33.58
N ILE A 86 13.94 29.13 -32.50
CA ILE A 86 14.79 28.01 -32.10
C ILE A 86 13.92 26.79 -31.98
N HIS A 87 14.41 25.65 -32.46
CA HIS A 87 13.55 24.48 -32.62
C HIS A 87 14.20 23.26 -31.96
N LEU A 88 13.40 22.55 -31.18
CA LEU A 88 13.85 21.46 -30.35
C LEU A 88 13.99 20.19 -31.18
N LEU A 89 15.21 19.69 -31.34
CA LEU A 89 15.44 18.45 -32.08
C LEU A 89 15.26 17.19 -31.24
N ALA A 90 15.57 17.25 -29.94
CA ALA A 90 15.56 16.10 -29.05
C ALA A 90 15.93 16.56 -27.64
N VAL A 91 15.86 15.61 -26.71
CA VAL A 91 16.18 15.86 -25.32
C VAL A 91 16.93 14.67 -24.77
N CYS A 92 17.61 14.89 -23.64
CA CYS A 92 18.14 13.81 -22.82
C CYS A 92 17.52 13.95 -21.44
N ILE A 93 16.61 13.03 -21.07
CA ILE A 93 15.91 13.09 -19.79
C ILE A 93 15.72 11.71 -19.16
N THR A 94 16.28 10.67 -19.76
CA THR A 94 16.29 9.38 -19.06
C THR A 94 17.13 9.45 -17.79
N ASP A 95 18.16 10.29 -17.76
CA ASP A 95 18.97 10.49 -16.56
C ASP A 95 19.70 11.83 -16.65
N ASP A 96 20.19 12.29 -15.50
CA ASP A 96 20.92 13.54 -15.42
C ASP A 96 22.30 13.42 -16.08
N PRO A 97 22.87 14.54 -16.55
CA PRO A 97 22.26 15.87 -16.75
C PRO A 97 21.18 15.90 -17.83
N LEU A 98 20.13 16.70 -17.62
CA LEU A 98 19.09 16.91 -18.62
C LEU A 98 19.62 17.73 -19.79
N CYS A 99 19.04 17.53 -20.97
CA CYS A 99 19.53 18.22 -22.16
C CYS A 99 18.40 18.54 -23.12
N MET A 100 18.59 19.63 -23.87
CA MET A 100 17.81 19.96 -25.04
C MET A 100 18.75 20.17 -26.21
N ILE A 101 18.25 19.93 -27.43
CA ILE A 101 19.08 19.97 -28.63
C ILE A 101 18.47 20.90 -29.67
N THR A 102 19.33 21.62 -30.39
CA THR A 102 18.97 22.49 -31.51
C THR A 102 20.04 22.39 -32.57
N GLU A 103 19.72 22.84 -33.79
CA GLU A 103 20.72 22.93 -34.84
C GLU A 103 21.74 24.00 -34.54
N TYR A 104 23.00 23.71 -34.80
CA TYR A 104 24.04 24.72 -34.64
C TYR A 104 23.84 25.82 -35.67
N MET A 105 23.99 27.06 -35.22
CA MET A 105 24.01 28.22 -36.11
C MET A 105 25.45 28.74 -36.12
N GLU A 106 26.09 28.65 -37.28
CA GLU A 106 27.55 28.82 -37.32
C GLU A 106 28.00 30.26 -37.37
N ASN A 107 27.07 31.23 -37.39
CA ASN A 107 27.42 32.63 -37.39
C ASN A 107 27.05 33.35 -36.10
N GLY A 108 26.73 32.62 -35.03
CA GLY A 108 26.52 33.24 -33.72
C GLY A 108 25.33 34.18 -33.66
N ASP A 109 25.34 35.02 -32.62
CA ASP A 109 24.27 36.00 -32.46
C ASP A 109 24.41 37.13 -33.47
N LEU A 110 23.29 37.76 -33.79
CA LEU A 110 23.27 38.79 -34.82
C LEU A 110 24.10 40.01 -34.43
N ASN A 111 24.19 40.30 -33.14
CA ASN A 111 25.04 41.39 -32.69
C ASN A 111 26.50 41.10 -33.02
N GLN A 112 26.97 39.89 -32.70
CA GLN A 112 28.34 39.52 -33.03
C GLN A 112 28.56 39.47 -34.54
N PHE A 113 27.58 38.99 -35.28
CA PHE A 113 27.79 38.78 -36.70
C PHE A 113 27.83 40.11 -37.46
N LEU A 114 26.86 40.99 -37.19
CA LEU A 114 26.83 42.29 -37.87
C LEU A 114 28.01 43.17 -37.47
N SER A 115 28.49 43.04 -36.22
CA SER A 115 29.64 43.83 -35.76
C SER A 115 30.92 43.46 -36.47
N ARG A 116 31.03 42.21 -36.93
CA ARG A 116 32.20 41.78 -37.67
C ARG A 116 32.33 42.51 -38.99
N HIS A 117 31.22 43.04 -39.53
CA HIS A 117 31.17 43.63 -40.88
C HIS A 117 31.14 45.16 -40.88
N THR A 129 30.58 45.76 -44.14
CA THR A 129 29.26 45.96 -44.74
C THR A 129 28.71 44.68 -45.43
N VAL A 130 27.39 44.49 -45.38
CA VAL A 130 26.69 43.37 -46.00
C VAL A 130 25.58 43.93 -46.86
N SER A 131 25.10 43.11 -47.81
CA SER A 131 24.10 43.57 -48.78
C SER A 131 22.84 44.04 -48.07
N TYR A 132 22.24 45.12 -48.59
CA TYR A 132 20.98 45.59 -48.03
C TYR A 132 19.87 44.57 -48.23
N THR A 133 19.95 43.80 -49.32
CA THR A 133 18.98 42.72 -49.51
C THR A 133 19.11 41.67 -48.41
N ASN A 134 20.33 41.44 -47.93
CA ASN A 134 20.53 40.47 -46.84
C ASN A 134 20.06 41.04 -45.50
N LEU A 135 20.30 42.33 -45.26
CA LEU A 135 19.79 42.94 -44.03
C LEU A 135 18.27 42.91 -44.00
N LYS A 136 17.64 43.40 -45.07
CA LYS A 136 16.18 43.41 -45.13
C LYS A 136 15.63 42.00 -45.05
N PHE A 137 16.34 41.04 -45.64
CA PHE A 137 15.93 39.64 -45.55
C PHE A 137 15.98 39.15 -44.11
N MET A 138 17.02 39.52 -43.35
CA MET A 138 17.10 39.09 -41.96
C MET A 138 16.02 39.74 -41.10
N ALA A 139 15.69 41.00 -41.41
CA ALA A 139 14.61 41.66 -40.68
C ALA A 139 13.25 41.02 -40.98
N THR A 140 13.02 40.62 -42.24
CA THR A 140 11.78 39.89 -42.52
C THR A 140 11.75 38.55 -41.79
N GLN A 141 12.89 37.87 -41.70
CA GLN A 141 12.89 36.59 -41.00
C GLN A 141 12.54 36.77 -39.53
N ILE A 142 13.06 37.84 -38.90
CA ILE A 142 12.67 38.11 -37.53
C ILE A 142 11.17 38.36 -37.47
N ALA A 143 10.66 39.16 -38.39
CA ALA A 143 9.24 39.50 -38.32
C ALA A 143 8.37 38.26 -38.48
N SER A 144 8.79 37.28 -39.29
CA SER A 144 8.05 36.03 -39.42
C SER A 144 8.10 35.23 -38.11
N GLY A 145 9.26 35.20 -37.47
CA GLY A 145 9.32 34.55 -36.18
C GLY A 145 8.38 35.21 -35.18
N MET A 146 8.48 36.54 -35.08
CA MET A 146 7.68 37.26 -34.11
C MET A 146 6.20 37.11 -34.38
N LYS A 147 5.79 37.00 -35.66
CA LYS A 147 4.36 36.80 -35.92
C LYS A 147 3.93 35.40 -35.54
N TYR A 148 4.83 34.41 -35.67
CA TYR A 148 4.51 33.10 -35.12
C TYR A 148 4.26 33.18 -33.63
N LEU A 149 5.22 33.77 -32.90
CA LEU A 149 5.08 33.82 -31.46
C LEU A 149 3.83 34.59 -31.07
N SER A 150 3.55 35.68 -31.79
CA SER A 150 2.35 36.45 -31.50
C SER A 150 1.09 35.62 -31.72
N SER A 151 1.11 34.73 -32.71
CA SER A 151 0.03 33.78 -32.92
C SER A 151 -0.10 32.76 -31.79
N LEU A 152 0.98 32.48 -31.06
CA LEU A 152 0.82 31.66 -29.86
C LEU A 152 0.53 32.47 -28.61
N ASN A 153 0.42 33.79 -28.71
CA ASN A 153 0.27 34.70 -27.57
C ASN A 153 1.46 34.58 -26.62
N PHE A 154 2.57 34.10 -27.17
CA PHE A 154 3.88 34.09 -26.52
C PHE A 154 4.51 35.47 -26.72
N VAL A 155 4.49 36.29 -25.67
CA VAL A 155 5.24 37.53 -25.65
C VAL A 155 6.70 37.21 -25.32
N HIS A 156 7.62 37.60 -26.19
CA HIS A 156 9.00 37.14 -26.03
C HIS A 156 9.76 37.90 -24.95
N ARG A 157 9.57 39.22 -24.87
CA ARG A 157 10.01 40.12 -23.79
C ARG A 157 11.49 40.52 -23.82
N ASP A 158 12.31 40.07 -24.77
CA ASP A 158 13.71 40.48 -24.78
C ASP A 158 14.27 40.43 -26.19
N LEU A 159 13.48 40.82 -27.17
CA LEU A 159 13.95 40.75 -28.54
C LEU A 159 15.13 41.70 -28.75
N ALA A 160 16.17 41.22 -29.42
CA ALA A 160 17.32 42.03 -29.74
C ALA A 160 18.22 41.24 -30.66
N THR A 161 19.10 41.96 -31.35
CA THR A 161 20.02 41.27 -32.25
C THR A 161 20.92 40.34 -31.47
N ARG A 162 21.20 40.67 -30.21
CA ARG A 162 21.96 39.75 -29.35
C ARG A 162 21.19 38.46 -29.13
N ASN A 163 19.85 38.49 -29.20
CA ASN A 163 19.06 37.30 -28.97
C ASN A 163 18.74 36.52 -30.23
N CYS A 164 19.17 36.99 -31.40
CA CYS A 164 18.95 36.25 -32.64
C CYS A 164 20.12 35.35 -32.94
N LEU A 165 19.84 34.24 -33.62
CA LEU A 165 20.89 33.32 -34.03
C LEU A 165 20.97 33.29 -35.54
N VAL A 166 22.18 33.19 -36.06
CA VAL A 166 22.44 33.34 -37.48
C VAL A 166 23.16 32.10 -38.01
N GLY A 167 22.65 31.54 -39.09
CA GLY A 167 23.19 30.32 -39.64
C GLY A 167 23.68 30.46 -41.06
N LYS A 168 23.67 29.36 -41.80
CA LYS A 168 24.16 29.37 -43.18
C LYS A 168 23.24 30.17 -44.08
N ASN A 169 23.84 30.98 -44.95
CA ASN A 169 23.14 31.78 -45.97
C ASN A 169 22.19 32.82 -45.36
N TYR A 170 22.65 33.48 -44.30
CA TYR A 170 22.00 34.65 -43.69
C TYR A 170 20.61 34.34 -43.09
N THR A 171 20.41 33.11 -42.61
CA THR A 171 19.17 32.73 -41.92
C THR A 171 19.20 33.13 -40.44
N ILE A 172 17.99 33.33 -39.90
CA ILE A 172 17.74 33.87 -38.57
C ILE A 172 16.87 32.87 -37.78
N LYS A 173 17.09 32.81 -36.47
CA LYS A 173 16.22 32.05 -35.56
C LYS A 173 16.18 32.78 -34.23
N ILE A 174 15.01 33.24 -33.81
CA ILE A 174 14.93 33.98 -32.56
C ILE A 174 15.16 33.02 -31.40
N ALA A 175 15.94 33.47 -30.42
CA ALA A 175 16.29 32.66 -29.26
C ALA A 175 16.03 33.50 -28.03
N ASP A 176 16.64 33.12 -26.90
CA ASP A 176 16.45 33.81 -25.63
C ASP A 176 17.49 33.41 -24.59
N PHE A 177 18.66 34.07 -24.61
CA PHE A 177 19.77 33.67 -23.77
C PHE A 177 19.57 33.97 -22.30
N GLY A 178 18.69 34.92 -21.98
CA GLY A 178 18.59 35.41 -20.63
C GLY A 178 19.57 36.53 -20.39
N MET A 179 19.43 37.17 -19.24
CA MET A 179 20.21 38.35 -18.95
C MET A 179 21.60 37.99 -18.43
N SER A 180 21.93 36.70 -18.42
CA SER A 180 23.16 36.21 -17.80
C SER A 180 24.41 36.67 -18.53
N ARG A 181 24.36 36.77 -19.85
CA ARG A 181 25.58 36.91 -20.63
C ARG A 181 26.35 38.16 -20.19
N ASN A 182 27.64 37.99 -19.89
CA ASN A 182 28.45 39.12 -19.45
C ASN A 182 28.64 40.13 -20.58
N LEU A 183 28.68 39.66 -21.83
CA LEU A 183 29.03 40.51 -22.94
C LEU A 183 28.03 41.63 -23.14
N TYR A 184 26.78 41.41 -22.76
CA TYR A 184 25.72 42.38 -22.97
C TYR A 184 25.22 42.95 -21.66
N SER A 185 26.06 42.94 -20.63
CA SER A 185 25.61 43.43 -19.32
C SER A 185 25.19 44.88 -19.38
N GLY A 186 25.70 45.64 -20.35
CA GLY A 186 25.39 47.05 -20.48
C GLY A 186 24.10 47.35 -21.17
N ASP A 187 23.42 46.34 -21.67
CA ASP A 187 22.10 46.51 -22.26
C ASP A 187 20.98 46.41 -21.23
N TYR A 188 21.31 46.24 -19.94
CA TYR A 188 20.31 45.91 -18.94
C TYR A 188 20.45 46.82 -17.71
N TYR A 189 19.30 47.08 -17.07
CA TYR A 189 19.18 47.97 -15.91
C TYR A 189 18.02 47.49 -15.05
N ARG A 190 18.12 47.68 -13.73
CA ARG A 190 17.08 47.25 -12.79
C ARG A 190 16.42 48.47 -12.16
N ILE A 191 15.10 48.59 -12.36
CA ILE A 191 14.36 49.68 -11.73
C ILE A 191 14.19 49.39 -10.25
N GLN A 192 14.00 50.46 -9.47
CA GLN A 192 14.19 50.38 -8.03
C GLN A 192 13.31 49.31 -7.39
N GLY A 193 12.13 49.06 -7.94
CA GLY A 193 11.30 47.98 -7.42
C GLY A 193 11.18 46.80 -8.35
N ARG A 194 11.64 46.97 -9.58
CA ARG A 194 11.47 45.98 -10.63
C ARG A 194 12.73 45.13 -10.79
N ALA A 195 12.61 44.07 -11.59
CA ALA A 195 13.75 43.21 -11.93
C ALA A 195 14.59 43.87 -13.02
N VAL A 196 15.70 43.23 -13.39
CA VAL A 196 16.52 43.71 -14.49
C VAL A 196 15.75 43.58 -15.81
N LEU A 197 15.81 44.63 -16.62
CA LEU A 197 15.09 44.69 -17.89
C LEU A 197 15.93 45.42 -18.92
N PRO A 198 15.87 45.01 -20.19
CA PRO A 198 16.65 45.73 -21.23
C PRO A 198 15.95 47.02 -21.63
N ILE A 199 16.17 48.08 -20.83
CA ILE A 199 15.29 49.24 -20.90
C ILE A 199 15.38 49.96 -22.23
N ARG A 200 16.53 49.90 -22.90
CA ARG A 200 16.70 50.64 -24.15
C ARG A 200 15.80 50.10 -25.28
N TRP A 201 15.47 48.81 -25.25
CA TRP A 201 14.56 48.23 -26.22
C TRP A 201 13.10 48.32 -25.82
N MET A 202 12.80 48.53 -24.54
CA MET A 202 11.43 48.42 -24.06
C MET A 202 10.62 49.67 -24.35
N SER A 203 9.33 49.47 -24.56
CA SER A 203 8.36 50.53 -24.67
C SER A 203 8.07 51.10 -23.29
N TRP A 204 7.54 52.33 -23.28
CA TRP A 204 7.32 53.00 -22.00
C TRP A 204 6.41 52.17 -21.10
N GLU A 205 5.40 51.52 -21.68
CA GLU A 205 4.42 50.83 -20.84
C GLU A 205 4.94 49.50 -20.30
N SER A 206 6.03 48.96 -20.86
CA SER A 206 6.70 47.86 -20.19
C SER A 206 7.64 48.34 -19.09
N ILE A 207 7.88 49.64 -19.02
CA ILE A 207 8.76 50.22 -18.03
C ILE A 207 7.90 50.91 -16.98
N LEU A 208 7.14 51.91 -17.39
CA LEU A 208 6.31 52.64 -16.44
C LEU A 208 5.20 51.79 -15.85
N LEU A 209 4.76 50.73 -16.53
CA LEU A 209 3.62 49.98 -16.04
C LEU A 209 3.81 48.47 -16.03
N GLY A 210 4.86 47.93 -16.63
CA GLY A 210 5.11 46.51 -16.55
C GLY A 210 4.22 45.64 -17.41
N LYS A 211 3.53 46.20 -18.40
CA LYS A 211 2.65 45.42 -19.27
C LYS A 211 3.40 45.04 -20.54
N PHE A 212 3.88 43.80 -20.60
CA PHE A 212 4.55 43.25 -21.77
C PHE A 212 3.49 42.61 -22.67
N THR A 213 3.14 43.31 -23.73
CA THR A 213 2.22 42.81 -24.72
C THR A 213 2.99 42.63 -26.03
N THR A 214 2.33 42.04 -27.02
CA THR A 214 2.98 41.89 -28.31
C THR A 214 3.27 43.25 -28.93
N ALA A 215 2.53 44.28 -28.54
CA ALA A 215 2.89 45.65 -28.92
C ALA A 215 4.26 46.01 -28.38
N SER A 216 4.54 45.63 -27.14
CA SER A 216 5.86 45.91 -26.58
C SER A 216 6.95 45.15 -27.33
N ASP A 217 6.63 43.93 -27.76
CA ASP A 217 7.54 43.21 -28.65
C ASP A 217 7.70 43.93 -29.98
N VAL A 218 6.69 44.67 -30.42
CA VAL A 218 6.79 45.37 -31.68
C VAL A 218 7.72 46.57 -31.55
N TRP A 219 7.64 47.28 -30.42
CA TRP A 219 8.63 48.31 -30.12
C TRP A 219 10.03 47.72 -30.03
N ALA A 220 10.14 46.53 -29.43
CA ALA A 220 11.40 45.79 -29.45
C ALA A 220 11.88 45.59 -30.88
N PHE A 221 10.97 45.14 -31.75
CA PHE A 221 11.36 44.88 -33.12
C PHE A 221 11.82 46.15 -33.82
N GLY A 222 11.26 47.29 -33.42
CA GLY A 222 11.74 48.55 -33.98
C GLY A 222 13.19 48.79 -33.61
N VAL A 223 13.53 48.61 -32.34
CA VAL A 223 14.93 48.79 -31.98
C VAL A 223 15.81 47.73 -32.66
N THR A 224 15.28 46.52 -32.85
CA THR A 224 16.11 45.46 -33.41
C THR A 224 16.41 45.70 -34.87
N LEU A 225 15.41 46.18 -35.59
CA LEU A 225 15.63 46.60 -36.97
C LEU A 225 16.64 47.74 -37.03
N TRP A 226 16.57 48.68 -36.07
CA TRP A 226 17.54 49.77 -36.05
C TRP A 226 18.95 49.22 -35.88
N GLU A 227 19.12 48.23 -35.00
CA GLU A 227 20.45 47.64 -34.84
C GLU A 227 20.91 46.95 -36.10
N THR A 228 19.99 46.33 -36.82
CA THR A 228 20.36 45.63 -38.04
C THR A 228 20.87 46.61 -39.09
N PHE A 229 20.23 47.77 -39.19
CA PHE A 229 20.62 48.67 -40.26
C PHE A 229 21.77 49.57 -39.89
N THR A 230 22.12 49.65 -38.61
CA THR A 230 23.33 50.35 -38.17
C THR A 230 24.52 49.41 -38.02
N PHE A 231 24.32 48.11 -38.24
CA PHE A 231 25.33 47.06 -38.02
C PHE A 231 25.74 46.96 -36.56
N CYS A 232 24.86 47.39 -35.65
CA CYS A 232 25.06 47.29 -34.20
C CYS A 232 26.41 47.83 -33.77
N GLN A 233 26.89 48.87 -34.47
CA GLN A 233 28.20 49.42 -34.11
C GLN A 233 28.16 50.09 -32.75
N GLU A 234 27.01 50.60 -32.33
CA GLU A 234 26.87 51.22 -31.03
C GLU A 234 25.51 50.87 -30.43
N GLN A 235 25.42 51.03 -29.12
CA GLN A 235 24.19 50.76 -28.40
C GLN A 235 23.14 51.84 -28.67
N PRO A 236 21.88 51.46 -28.85
CA PRO A 236 20.85 52.47 -29.12
C PRO A 236 20.74 53.49 -28.00
N TYR A 237 20.42 54.73 -28.38
CA TYR A 237 20.41 55.85 -27.46
C TYR A 237 21.81 56.05 -26.88
N SER A 238 22.83 55.87 -27.73
CA SER A 238 24.23 55.88 -27.29
C SER A 238 24.59 57.21 -26.64
N GLN A 239 23.91 58.29 -27.03
CA GLN A 239 24.19 59.57 -26.41
C GLN A 239 23.78 59.60 -24.94
N LEU A 240 22.78 58.81 -24.57
CA LEU A 240 22.23 58.86 -23.21
C LEU A 240 22.93 57.88 -22.29
N SER A 241 22.64 58.02 -21.01
CA SER A 241 22.93 57.02 -20.01
C SER A 241 21.59 56.53 -19.45
N ASP A 242 21.66 55.59 -18.50
CA ASP A 242 20.48 54.83 -18.12
C ASP A 242 19.41 55.72 -17.50
N GLU A 243 19.78 56.60 -16.56
CA GLU A 243 18.75 57.44 -15.96
C GLU A 243 18.14 58.42 -16.96
N GLN A 244 18.89 58.77 -18.01
CA GLN A 244 18.33 59.56 -19.09
C GLN A 244 17.49 58.72 -20.04
N VAL A 245 17.80 57.43 -20.17
CA VAL A 245 16.92 56.52 -20.92
C VAL A 245 15.59 56.38 -20.20
N ILE A 246 15.60 56.39 -18.87
CA ILE A 246 14.35 56.29 -18.12
C ILE A 246 13.57 57.59 -18.20
N GLU A 247 14.27 58.72 -18.06
CA GLU A 247 13.57 60.00 -18.20
C GLU A 247 13.00 60.16 -19.60
N ASN A 248 13.70 59.63 -20.60
CA ASN A 248 13.21 59.63 -21.98
C ASN A 248 12.01 58.72 -22.17
N THR A 249 11.96 57.60 -21.42
CA THR A 249 10.75 56.81 -21.40
C THR A 249 9.58 57.65 -20.91
N GLY A 250 9.85 58.50 -19.92
CA GLY A 250 8.84 59.44 -19.51
C GLY A 250 8.50 60.44 -20.59
N GLU A 251 9.48 60.79 -21.43
CA GLU A 251 9.17 61.70 -22.52
C GLU A 251 8.34 61.04 -23.63
N PHE A 252 8.47 59.71 -23.81
CA PHE A 252 7.55 59.02 -24.71
C PHE A 252 6.13 59.04 -24.15
N PHE A 253 5.97 58.58 -22.92
CA PHE A 253 4.64 58.54 -22.32
C PHE A 253 4.03 59.93 -22.16
N ARG A 254 4.86 60.95 -22.02
CA ARG A 254 4.36 62.32 -21.98
C ARG A 254 3.90 62.79 -23.36
N ASP A 255 4.48 62.23 -24.43
CA ASP A 255 4.06 62.45 -25.82
C ASP A 255 3.96 63.93 -26.19
N GLN A 256 4.75 64.78 -25.51
CA GLN A 256 4.71 66.23 -25.69
C GLN A 256 5.92 66.75 -26.46
N GLY A 257 6.47 65.96 -27.38
CA GLY A 257 7.50 66.37 -28.29
C GLY A 257 8.92 66.21 -27.79
N ARG A 258 9.11 66.08 -26.48
CA ARG A 258 10.44 65.98 -25.87
C ARG A 258 11.02 64.58 -25.92
N GLN A 259 10.24 63.59 -26.36
CA GLN A 259 10.82 62.28 -26.62
C GLN A 259 11.78 62.36 -27.79
N THR A 260 12.88 61.63 -27.69
CA THR A 260 13.88 61.55 -28.73
C THR A 260 13.87 60.14 -29.30
N TYR A 261 13.94 60.03 -30.63
CA TYR A 261 13.82 58.74 -31.28
C TYR A 261 15.19 58.24 -31.75
N LEU A 262 15.25 56.95 -32.05
CA LEU A 262 16.45 56.43 -32.70
C LEU A 262 16.59 57.05 -34.09
N PRO A 263 17.76 57.58 -34.43
CA PRO A 263 17.94 58.23 -35.72
C PRO A 263 17.85 57.28 -36.89
N GLN A 264 17.42 57.80 -38.04
CA GLN A 264 17.25 56.99 -39.24
C GLN A 264 18.58 56.53 -39.80
N PRO A 265 18.84 55.23 -39.92
CA PRO A 265 20.10 54.77 -40.51
C PRO A 265 20.24 55.21 -41.97
N ALA A 266 21.48 55.48 -42.37
CA ALA A 266 21.70 55.89 -43.76
C ALA A 266 21.30 54.79 -44.73
N ILE A 267 21.62 53.54 -44.38
CA ILE A 267 21.26 52.39 -45.22
C ILE A 267 19.76 52.20 -45.26
N CYS A 268 19.04 52.74 -44.29
CA CYS A 268 17.63 52.46 -44.16
C CYS A 268 16.83 53.43 -45.04
N PRO A 269 16.12 52.95 -46.04
CA PRO A 269 15.29 53.84 -46.86
C PRO A 269 14.12 54.36 -46.03
N ASP A 270 13.57 55.49 -46.47
CA ASP A 270 12.61 56.23 -45.64
C ASP A 270 11.40 55.39 -45.23
N SER A 271 10.93 54.46 -46.07
CA SER A 271 9.68 53.78 -45.74
C SER A 271 9.86 52.80 -44.57
N VAL A 272 10.97 52.06 -44.54
CA VAL A 272 11.18 51.20 -43.39
C VAL A 272 11.49 52.01 -42.14
N TYR A 273 12.02 53.23 -42.28
CA TYR A 273 12.10 54.09 -41.10
C TYR A 273 10.72 54.50 -40.63
N LYS A 274 9.76 54.69 -41.55
CA LYS A 274 8.38 54.99 -41.14
C LYS A 274 7.71 53.79 -40.49
N LEU A 275 8.09 52.57 -40.89
CA LEU A 275 7.67 51.37 -40.16
C LEU A 275 8.25 51.38 -38.75
N MET A 276 9.51 51.81 -38.61
CA MET A 276 10.12 51.87 -37.28
C MET A 276 9.43 52.90 -36.40
N LEU A 277 9.19 54.11 -36.92
CA LEU A 277 8.52 55.11 -36.09
C LEU A 277 7.10 54.68 -35.78
N SER A 278 6.49 53.88 -36.67
CA SER A 278 5.19 53.32 -36.36
C SER A 278 5.28 52.34 -35.19
N CYS A 279 6.40 51.61 -35.06
CA CYS A 279 6.53 50.76 -33.89
C CYS A 279 6.55 51.56 -32.60
N TRP A 280 7.00 52.81 -32.66
CA TRP A 280 7.31 53.60 -31.46
C TRP A 280 6.24 54.63 -31.14
N ARG A 281 5.05 54.52 -31.71
CA ARG A 281 4.00 55.44 -31.36
C ARG A 281 3.54 55.17 -29.93
N ARG A 282 3.09 56.23 -29.26
CA ARG A 282 2.89 56.13 -27.81
C ARG A 282 1.80 55.12 -27.45
N ASP A 283 0.69 55.10 -28.18
CA ASP A 283 -0.44 54.25 -27.86
C ASP A 283 -0.35 52.92 -28.60
N THR A 284 -0.56 51.81 -27.89
CA THR A 284 -0.33 50.50 -28.51
C THR A 284 -1.31 50.20 -29.63
N LYS A 285 -2.53 50.74 -29.56
CA LYS A 285 -3.50 50.43 -30.61
C LYS A 285 -3.09 51.01 -31.96
N ASN A 286 -2.07 51.87 -32.01
CA ASN A 286 -1.58 52.40 -33.27
C ASN A 286 -0.24 51.81 -33.71
N ARG A 287 0.32 50.85 -32.94
CA ARG A 287 1.51 50.14 -33.43
C ARG A 287 1.13 49.02 -34.40
N PRO A 288 1.98 48.74 -35.37
CA PRO A 288 1.72 47.62 -36.30
C PRO A 288 1.74 46.26 -35.63
N SER A 289 0.96 45.33 -36.19
CA SER A 289 1.04 43.92 -35.87
C SER A 289 2.24 43.28 -36.60
N PHE A 290 2.73 42.17 -36.04
CA PHE A 290 3.85 41.53 -36.70
C PHE A 290 3.48 41.00 -38.08
N GLN A 291 2.22 40.56 -38.29
CA GLN A 291 1.80 40.08 -39.61
C GLN A 291 1.87 41.20 -40.66
N GLU A 292 1.43 42.41 -40.30
CA GLU A 292 1.52 43.55 -41.21
C GLU A 292 2.97 44.00 -41.40
N ILE A 293 3.78 43.97 -40.34
CA ILE A 293 5.19 44.35 -40.49
C ILE A 293 5.87 43.44 -41.49
N HIS A 294 5.64 42.13 -41.37
CA HIS A 294 6.20 41.18 -42.31
C HIS A 294 5.72 41.45 -43.71
N LEU A 295 4.43 41.79 -43.88
CA LEU A 295 3.98 42.08 -45.22
C LEU A 295 4.69 43.31 -45.77
N LEU A 296 4.82 44.35 -44.95
CA LEU A 296 5.39 45.60 -45.43
C LEU A 296 6.87 45.45 -45.77
N LEU A 297 7.59 44.63 -45.03
CA LEU A 297 9.02 44.56 -45.26
C LEU A 297 9.37 43.85 -46.54
N LEU A 298 8.43 43.07 -47.11
CA LEU A 298 8.78 42.20 -48.21
C LEU A 298 8.82 42.93 -49.54
N GLN A 299 8.27 44.13 -49.62
CA GLN A 299 8.29 44.92 -50.85
C GLN A 299 9.69 45.46 -51.19
N VAL B 1 36.29 53.05 14.83
CA VAL B 1 36.77 52.49 13.57
C VAL B 1 36.28 53.36 12.40
N ALA B 2 37.21 53.88 11.60
CA ALA B 2 36.86 54.83 10.56
C ALA B 2 37.89 54.74 9.43
N VAL B 3 37.43 55.06 8.22
CA VAL B 3 38.26 55.08 7.03
C VAL B 3 38.00 56.37 6.28
N GLU B 4 38.81 56.61 5.26
CA GLU B 4 38.89 57.92 4.60
C GLU B 4 37.99 57.99 3.36
N GLU B 5 37.37 59.15 3.15
CA GLU B 5 36.71 59.43 1.88
C GLU B 5 37.73 59.74 0.79
N PHE B 6 37.43 59.29 -0.43
CA PHE B 6 38.32 59.63 -1.54
C PHE B 6 37.57 60.50 -2.54
N PRO B 7 38.23 61.47 -3.16
CA PRO B 7 37.58 62.23 -4.23
C PRO B 7 37.37 61.37 -5.47
N ARG B 8 36.11 61.01 -5.76
CA ARG B 8 35.85 60.24 -6.97
C ARG B 8 36.11 61.05 -8.24
N LYS B 9 36.20 62.39 -8.13
CA LYS B 9 36.54 63.18 -9.30
C LYS B 9 37.92 62.81 -9.84
N LEU B 10 38.86 62.46 -8.95
CA LEU B 10 40.20 62.06 -9.38
C LEU B 10 40.23 60.70 -10.09
N LEU B 11 39.25 59.84 -9.84
CA LEU B 11 39.24 58.52 -10.46
C LEU B 11 39.08 58.63 -11.97
N THR B 12 39.76 57.74 -12.70
CA THR B 12 39.61 57.67 -14.16
C THR B 12 39.53 56.20 -14.58
N PHE B 13 38.36 55.78 -15.04
CA PHE B 13 38.13 54.39 -15.41
C PHE B 13 39.07 53.96 -16.53
N LYS B 14 39.57 52.73 -16.44
CA LYS B 14 40.44 52.15 -17.46
C LYS B 14 39.93 50.79 -17.92
N GLU B 15 39.64 49.88 -16.98
CA GLU B 15 39.16 48.55 -17.36
C GLU B 15 38.17 48.02 -16.33
N LYS B 16 37.44 46.97 -16.71
CA LYS B 16 36.48 46.31 -15.82
C LYS B 16 37.07 44.96 -15.39
N LEU B 17 37.36 44.84 -14.09
CA LEU B 17 38.07 43.68 -13.53
C LEU B 17 37.15 42.53 -13.12
N GLY B 18 35.93 42.81 -12.64
CA GLY B 18 35.02 41.74 -12.26
C GLY B 18 33.57 42.17 -12.29
N GLU B 19 32.69 41.17 -12.17
CA GLU B 19 31.26 41.41 -12.05
C GLU B 19 30.68 40.42 -11.05
N GLY B 20 30.30 40.92 -9.88
CA GLY B 20 29.39 40.19 -9.03
C GLY B 20 27.96 40.41 -9.49
N GLN B 21 27.03 39.78 -8.78
CA GLN B 21 25.62 40.01 -9.10
C GLN B 21 25.16 41.38 -8.65
N PHE B 22 25.93 42.06 -7.78
CA PHE B 22 25.59 43.38 -7.28
C PHE B 22 26.88 44.19 -7.14
N GLY B 23 27.44 44.56 -8.27
CA GLY B 23 28.59 45.45 -8.27
C GLY B 23 29.57 45.08 -9.36
N GLU B 24 30.64 45.87 -9.43
CA GLU B 24 31.72 45.66 -10.39
C GLU B 24 33.03 46.02 -9.70
N VAL B 25 34.16 45.63 -10.30
CA VAL B 25 35.48 46.05 -9.83
C VAL B 25 36.24 46.64 -11.00
N HIS B 26 36.68 47.89 -10.87
CA HIS B 26 37.21 48.68 -11.98
C HIS B 26 38.67 49.04 -11.74
N LEU B 27 39.45 49.06 -12.80
CA LEU B 27 40.81 49.57 -12.75
C LEU B 27 40.77 51.02 -13.20
N CYS B 28 41.07 51.92 -12.27
CA CYS B 28 41.07 53.36 -12.48
C CYS B 28 42.45 53.97 -12.21
N GLU B 29 42.97 54.71 -13.19
CA GLU B 29 44.12 55.58 -12.96
C GLU B 29 43.70 56.76 -12.08
N VAL B 30 44.65 57.31 -11.34
CA VAL B 30 44.31 58.40 -10.42
C VAL B 30 44.74 59.75 -10.96
N VAL B 51 50.04 55.61 -11.76
CA VAL B 51 49.43 55.16 -10.51
C VAL B 51 47.94 54.81 -10.72
N LEU B 52 47.55 53.62 -10.26
CA LEU B 52 46.25 53.07 -10.63
C LEU B 52 45.77 52.13 -9.53
N VAL B 53 44.45 52.04 -9.37
CA VAL B 53 43.84 51.32 -8.25
C VAL B 53 42.58 50.58 -8.72
N ALA B 54 42.18 49.57 -7.94
CA ALA B 54 40.97 48.81 -8.21
C ALA B 54 39.87 49.24 -7.27
N VAL B 55 38.68 49.49 -7.80
CA VAL B 55 37.56 50.05 -7.05
C VAL B 55 36.39 49.09 -7.14
N LYS B 56 35.92 48.62 -5.99
CA LYS B 56 34.71 47.80 -5.95
C LYS B 56 33.52 48.75 -5.83
N MET B 57 32.80 48.88 -6.93
CA MET B 57 31.56 49.63 -6.99
C MET B 57 30.40 48.71 -6.61
N LEU B 58 29.43 49.28 -5.92
CA LEU B 58 28.14 48.67 -5.68
C LEU B 58 27.15 49.25 -6.70
N ARG B 59 26.61 48.39 -7.58
CA ARG B 59 25.79 48.89 -8.67
C ARG B 59 24.64 49.69 -8.12
N ALA B 60 24.38 50.85 -8.71
CA ALA B 60 23.35 51.74 -8.19
C ALA B 60 21.97 51.08 -8.26
N ASP B 61 21.75 50.20 -9.24
CA ASP B 61 20.50 49.45 -9.31
C ASP B 61 20.62 48.20 -8.44
N ALA B 62 20.53 48.42 -7.13
CA ALA B 62 20.71 47.33 -6.19
C ALA B 62 19.66 47.37 -5.10
N ASN B 63 19.19 46.18 -4.73
CA ASN B 63 18.17 45.99 -3.71
C ASN B 63 18.76 46.31 -2.34
N LYS B 64 17.85 46.55 -1.38
CA LYS B 64 18.27 46.97 -0.04
C LYS B 64 19.22 45.97 0.58
N ASN B 65 19.07 44.68 0.26
CA ASN B 65 19.96 43.65 0.80
C ASN B 65 21.39 43.85 0.33
N ALA B 66 21.58 44.05 -0.98
CA ALA B 66 22.91 44.24 -1.53
C ALA B 66 23.58 45.48 -0.93
N ARG B 67 22.78 46.50 -0.60
CA ARG B 67 23.33 47.73 -0.04
C ARG B 67 23.73 47.55 1.41
N ASN B 68 22.83 47.03 2.26
CA ASN B 68 23.16 46.89 3.67
C ASN B 68 24.32 45.93 3.87
N ASP B 69 24.37 44.87 3.04
CA ASP B 69 25.55 44.02 3.10
C ASP B 69 26.78 44.72 2.51
N PHE B 70 26.61 45.65 1.56
CA PHE B 70 27.78 46.40 1.09
C PHE B 70 28.35 47.29 2.20
N LEU B 71 27.48 47.83 3.06
CA LEU B 71 27.96 48.56 4.23
C LEU B 71 28.63 47.61 5.22
N LYS B 72 28.03 46.44 5.46
CA LYS B 72 28.67 45.46 6.35
C LYS B 72 30.05 45.11 5.84
N GLU B 73 30.19 44.96 4.52
CA GLU B 73 31.49 44.69 3.93
C GLU B 73 32.45 45.85 4.12
N ILE B 74 31.96 47.10 4.09
CA ILE B 74 32.87 48.22 4.38
C ILE B 74 33.38 48.11 5.82
N LYS B 75 32.46 47.91 6.78
CA LYS B 75 32.83 47.82 8.18
C LYS B 75 33.81 46.69 8.43
N ILE B 76 33.50 45.49 7.92
CA ILE B 76 34.40 44.36 8.11
C ILE B 76 35.75 44.65 7.49
N MET B 77 35.76 45.14 6.24
CA MET B 77 37.02 45.31 5.51
C MET B 77 37.95 46.32 6.18
N SER B 78 37.40 47.36 6.82
CA SER B 78 38.22 48.41 7.39
C SER B 78 39.00 47.98 8.64
N ARG B 79 38.64 46.85 9.24
CA ARG B 79 39.34 46.29 10.40
C ARG B 79 40.44 45.29 10.03
N LEU B 80 40.78 45.15 8.76
CA LEU B 80 41.75 44.13 8.35
C LEU B 80 43.02 44.84 7.92
N LYS B 81 44.03 44.80 8.78
CA LYS B 81 45.30 45.50 8.54
C LYS B 81 46.42 44.46 8.68
N ASP B 82 46.63 43.67 7.63
CA ASP B 82 47.74 42.74 7.45
C ASP B 82 48.17 42.89 6.00
N PRO B 83 49.48 42.91 5.73
CA PRO B 83 49.94 43.13 4.34
C PRO B 83 49.43 42.09 3.35
N ASN B 84 49.28 40.82 3.76
CA ASN B 84 48.81 39.78 2.86
C ASN B 84 47.30 39.57 2.95
N ILE B 85 46.56 40.58 3.37
CA ILE B 85 45.10 40.59 3.27
C ILE B 85 44.70 41.89 2.59
N ILE B 86 43.69 41.81 1.72
CA ILE B 86 43.26 42.93 0.89
C ILE B 86 43.06 44.15 1.77
N HIS B 87 43.74 45.24 1.46
CA HIS B 87 43.69 46.42 2.30
C HIS B 87 42.74 47.47 1.70
N LEU B 88 41.84 47.99 2.53
CA LEU B 88 40.87 49.00 2.12
C LEU B 88 41.54 50.38 2.16
N LEU B 89 41.89 50.91 0.99
CA LEU B 89 42.58 52.20 0.93
C LEU B 89 41.69 53.35 1.39
N ALA B 90 40.42 53.35 1.00
CA ALA B 90 39.46 54.41 1.33
C ALA B 90 38.10 53.98 0.80
N VAL B 91 37.14 54.90 0.83
CA VAL B 91 35.80 54.65 0.34
C VAL B 91 35.27 55.92 -0.30
N CYS B 92 34.32 55.76 -1.23
CA CYS B 92 33.48 56.85 -1.73
C CYS B 92 32.07 56.58 -1.26
N ILE B 93 31.60 57.35 -0.27
CA ILE B 93 30.25 57.14 0.23
C ILE B 93 29.57 58.49 0.43
N THR B 94 30.13 59.56 -0.13
CA THR B 94 29.44 60.85 -0.10
C THR B 94 28.12 60.78 -0.84
N ASP B 95 28.05 60.00 -1.92
CA ASP B 95 26.83 59.80 -2.70
C ASP B 95 27.04 58.58 -3.58
N ASP B 96 25.95 58.01 -4.06
CA ASP B 96 26.00 56.75 -4.78
C ASP B 96 26.71 56.92 -6.13
N PRO B 97 27.34 55.85 -6.65
CA PRO B 97 27.52 54.49 -6.13
C PRO B 97 28.44 54.42 -4.91
N LEU B 98 28.21 53.49 -3.99
CA LEU B 98 29.15 53.27 -2.90
C LEU B 98 30.39 52.52 -3.41
N CYS B 99 31.53 52.72 -2.74
CA CYS B 99 32.82 52.31 -3.28
C CYS B 99 33.82 51.89 -2.21
N MET B 100 34.61 50.87 -2.53
CA MET B 100 35.71 50.42 -1.68
C MET B 100 36.97 50.35 -2.53
N ILE B 101 37.95 51.26 -2.26
CA ILE B 101 39.17 51.36 -3.07
C ILE B 101 40.24 50.43 -2.53
N THR B 102 41.09 49.91 -3.41
CA THR B 102 42.08 48.91 -3.06
C THR B 102 43.26 49.01 -4.01
N GLU B 103 44.42 48.58 -3.52
CA GLU B 103 45.61 48.50 -4.36
C GLU B 103 45.37 47.54 -5.53
N TYR B 104 45.87 47.92 -6.70
CA TYR B 104 45.83 47.07 -7.88
C TYR B 104 46.96 46.06 -7.82
N MET B 105 46.62 44.78 -7.96
CA MET B 105 47.60 43.71 -8.15
C MET B 105 47.69 43.41 -9.64
N GLU B 106 48.79 43.80 -10.26
CA GLU B 106 48.93 43.79 -11.71
C GLU B 106 49.01 42.40 -12.31
N ASN B 107 49.13 41.35 -11.48
CA ASN B 107 49.38 40.01 -11.99
C ASN B 107 48.24 39.04 -11.73
N GLY B 108 47.04 39.53 -11.45
CA GLY B 108 45.86 38.69 -11.48
C GLY B 108 45.83 37.72 -10.31
N ASP B 109 44.80 36.89 -10.27
CA ASP B 109 44.63 35.98 -9.15
C ASP B 109 45.63 34.82 -9.25
N LEU B 110 45.84 34.14 -8.13
CA LEU B 110 46.89 33.12 -8.10
C LEU B 110 46.56 31.96 -9.04
N ASN B 111 45.28 31.63 -9.23
CA ASN B 111 44.97 30.56 -10.17
C ASN B 111 45.30 30.94 -11.59
N GLN B 112 45.12 32.21 -11.95
CA GLN B 112 45.49 32.66 -13.29
C GLN B 112 47.00 32.82 -13.42
N PHE B 113 47.62 33.42 -12.40
CA PHE B 113 49.06 33.66 -12.45
C PHE B 113 49.82 32.34 -12.52
N LEU B 114 49.35 31.32 -11.79
CA LEU B 114 50.01 30.03 -11.84
C LEU B 114 49.75 29.34 -13.17
N SER B 115 48.50 29.38 -13.64
CA SER B 115 48.18 28.75 -14.92
C SER B 115 48.95 29.42 -16.04
N ARG B 116 49.12 30.74 -15.93
CA ARG B 116 49.85 31.50 -16.94
C ARG B 116 51.33 31.08 -17.01
N HIS B 117 51.93 30.71 -15.88
CA HIS B 117 53.35 30.37 -15.82
C HIS B 117 53.56 28.86 -15.78
N GLU B 118 52.57 28.10 -16.30
CA GLU B 118 52.65 26.62 -16.27
C GLU B 118 53.79 26.17 -17.18
N PRO B 119 54.73 25.39 -16.65
CA PRO B 119 55.87 24.93 -17.47
C PRO B 119 55.47 23.88 -18.48
N PRO B 120 56.27 23.72 -19.53
CA PRO B 120 56.18 22.52 -20.37
C PRO B 120 56.67 21.30 -19.62
N ASN B 121 56.19 20.13 -20.05
CA ASN B 121 56.62 18.87 -19.46
C ASN B 121 57.84 18.29 -20.18
N SER B 122 58.91 19.10 -20.27
CA SER B 122 60.16 18.67 -20.87
C SER B 122 61.35 19.19 -20.05
N SER B 123 62.41 18.37 -19.98
CA SER B 123 63.67 18.80 -19.36
C SER B 123 64.47 19.50 -20.44
N SER B 124 64.33 20.81 -20.50
CA SER B 124 64.99 21.60 -21.52
C SER B 124 65.42 22.93 -20.93
N SER B 125 66.44 23.51 -21.54
CA SER B 125 66.80 24.90 -21.33
C SER B 125 65.72 25.80 -21.94
N ASP B 126 65.83 27.10 -21.65
CA ASP B 126 64.93 28.12 -22.18
C ASP B 126 63.50 27.97 -21.65
N VAL B 127 63.33 27.48 -20.44
CA VAL B 127 62.01 27.40 -19.81
C VAL B 127 62.01 28.41 -18.67
N ARG B 128 61.27 29.51 -18.87
CA ARG B 128 61.12 30.59 -17.88
C ARG B 128 60.03 30.22 -16.88
N THR B 129 60.27 29.12 -16.17
CA THR B 129 59.39 28.69 -15.09
C THR B 129 59.57 29.59 -13.87
N VAL B 130 58.46 29.85 -13.17
CA VAL B 130 58.53 30.36 -11.80
C VAL B 130 59.20 29.32 -10.90
N SER B 131 60.14 29.77 -10.07
CA SER B 131 61.06 28.88 -9.35
C SER B 131 60.51 28.42 -8.01
N TYR B 132 61.00 27.27 -7.55
CA TYR B 132 60.43 26.66 -6.35
C TYR B 132 60.43 27.63 -5.20
N THR B 133 61.44 28.49 -5.13
CA THR B 133 61.55 29.44 -4.03
C THR B 133 60.41 30.46 -4.07
N ASN B 134 60.11 31.02 -5.24
CA ASN B 134 59.01 31.98 -5.30
C ASN B 134 57.67 31.30 -5.08
N LEU B 135 57.55 30.02 -5.45
CA LEU B 135 56.31 29.30 -5.16
C LEU B 135 56.11 29.14 -3.66
N LYS B 136 57.13 28.62 -2.98
CA LYS B 136 57.05 28.47 -1.53
C LYS B 136 56.93 29.82 -0.83
N PHE B 137 57.46 30.88 -1.44
CA PHE B 137 57.30 32.22 -0.87
C PHE B 137 55.86 32.69 -0.95
N MET B 138 55.18 32.43 -2.08
CA MET B 138 53.76 32.76 -2.16
C MET B 138 52.93 31.93 -1.20
N ALA B 139 53.32 30.66 -1.00
CA ALA B 139 52.69 29.84 0.02
C ALA B 139 52.86 30.43 1.42
N THR B 140 54.10 30.81 1.79
CA THR B 140 54.31 31.32 3.15
C THR B 140 53.51 32.59 3.37
N GLN B 141 53.43 33.44 2.33
CA GLN B 141 52.67 34.68 2.48
C GLN B 141 51.20 34.38 2.73
N ILE B 142 50.63 33.41 1.99
CA ILE B 142 49.24 33.04 2.26
C ILE B 142 49.11 32.59 3.70
N ALA B 143 50.13 31.90 4.22
CA ALA B 143 50.06 31.43 5.60
C ALA B 143 50.06 32.59 6.57
N SER B 144 50.82 33.66 6.28
CA SER B 144 50.80 34.83 7.16
C SER B 144 49.44 35.50 7.16
N GLY B 145 48.83 35.68 5.98
CA GLY B 145 47.52 36.29 5.94
C GLY B 145 46.46 35.44 6.64
N MET B 146 46.54 34.12 6.45
CA MET B 146 45.61 33.24 7.13
C MET B 146 45.78 33.29 8.64
N LYS B 147 47.02 33.37 9.13
CA LYS B 147 47.20 33.45 10.58
C LYS B 147 46.71 34.79 11.12
N TYR B 148 46.82 35.86 10.34
CA TYR B 148 46.21 37.12 10.77
C TYR B 148 44.71 36.95 10.94
N LEU B 149 44.03 36.39 9.92
CA LEU B 149 42.57 36.21 10.01
C LEU B 149 42.20 35.29 11.16
N SER B 150 42.98 34.22 11.35
CA SER B 150 42.71 33.28 12.43
C SER B 150 42.83 33.96 13.79
N SER B 151 43.77 34.90 13.93
CA SER B 151 43.93 35.60 15.20
C SER B 151 42.67 36.36 15.57
N LEU B 152 41.91 36.82 14.57
CA LEU B 152 40.66 37.56 14.74
C LEU B 152 39.43 36.66 14.79
N ASN B 153 39.59 35.34 14.69
CA ASN B 153 38.47 34.40 14.63
C ASN B 153 37.57 34.71 13.44
N PHE B 154 38.19 35.20 12.37
CA PHE B 154 37.58 35.31 11.06
C PHE B 154 37.83 33.99 10.34
N VAL B 155 36.77 33.29 9.96
CA VAL B 155 36.89 32.07 9.17
C VAL B 155 36.52 32.37 7.73
N HIS B 156 37.44 32.04 6.81
CA HIS B 156 37.31 32.45 5.43
C HIS B 156 36.24 31.64 4.69
N ARG B 157 36.34 30.31 4.76
CA ARG B 157 35.45 29.33 4.13
C ARG B 157 35.75 29.08 2.65
N ASP B 158 36.44 29.98 1.97
CA ASP B 158 36.74 29.75 0.57
C ASP B 158 38.19 30.10 0.30
N LEU B 159 39.12 29.42 0.97
CA LEU B 159 40.51 29.61 0.62
C LEU B 159 40.84 28.74 -0.57
N ALA B 160 41.57 29.32 -1.52
CA ALA B 160 42.10 28.64 -2.69
C ALA B 160 42.90 29.67 -3.48
N THR B 161 43.78 29.15 -4.35
CA THR B 161 44.56 30.05 -5.19
C THR B 161 43.66 30.97 -6.00
N ARG B 162 42.47 30.49 -6.38
CA ARG B 162 41.56 31.37 -7.09
C ARG B 162 41.14 32.56 -6.24
N ASN B 163 41.29 32.49 -4.92
CA ASN B 163 40.94 33.61 -4.05
C ASN B 163 42.14 34.41 -3.58
N CYS B 164 43.30 34.22 -4.19
CA CYS B 164 44.49 34.99 -3.88
C CYS B 164 44.85 35.92 -5.03
N LEU B 165 45.21 37.16 -4.70
CA LEU B 165 45.70 38.13 -5.66
C LEU B 165 47.22 38.23 -5.63
N VAL B 166 47.81 38.45 -6.80
CA VAL B 166 49.25 38.43 -7.01
C VAL B 166 49.70 39.80 -7.51
N GLY B 167 50.46 40.52 -6.69
CA GLY B 167 51.06 41.78 -7.08
C GLY B 167 52.42 41.61 -7.73
N LYS B 168 53.23 42.67 -7.69
CA LYS B 168 54.58 42.59 -8.22
C LYS B 168 55.49 41.78 -7.30
N ASN B 169 56.49 41.12 -7.91
CA ASN B 169 57.46 40.30 -7.18
C ASN B 169 56.78 39.29 -6.26
N TYR B 170 55.82 38.57 -6.82
CA TYR B 170 55.18 37.44 -6.17
C TYR B 170 54.59 37.80 -4.80
N THR B 171 54.26 39.06 -4.55
CA THR B 171 53.50 39.37 -3.34
C THR B 171 52.04 38.90 -3.47
N ILE B 172 51.47 38.41 -2.37
CA ILE B 172 50.14 37.82 -2.38
C ILE B 172 49.28 38.52 -1.35
N LYS B 173 48.06 38.89 -1.72
CA LYS B 173 47.01 39.17 -0.75
C LYS B 173 45.92 38.12 -0.88
N ILE B 174 45.18 37.88 0.20
CA ILE B 174 44.04 36.99 0.19
C ILE B 174 42.80 37.83 0.02
N ALA B 175 41.93 37.45 -0.90
CA ALA B 175 40.64 38.10 -1.02
C ALA B 175 39.55 37.06 -1.02
N ASP B 176 38.31 37.47 -1.33
CA ASP B 176 37.15 36.58 -1.37
C ASP B 176 36.21 37.09 -2.47
N PHE B 177 36.44 36.59 -3.70
CA PHE B 177 35.63 37.04 -4.84
C PHE B 177 34.16 36.67 -4.67
N GLY B 178 33.87 35.56 -3.99
CA GLY B 178 32.57 34.93 -4.10
C GLY B 178 32.57 33.94 -5.24
N MET B 179 31.39 33.40 -5.51
CA MET B 179 31.25 32.28 -6.42
C MET B 179 30.70 32.70 -7.78
N SER B 180 30.52 34.00 -7.99
CA SER B 180 29.92 34.50 -9.24
C SER B 180 30.79 34.22 -10.44
N ARG B 181 32.10 34.10 -10.26
CA ARG B 181 33.00 34.04 -11.39
C ARG B 181 32.78 32.79 -12.22
N ASN B 182 32.46 33.00 -13.49
CA ASN B 182 32.13 31.89 -14.36
C ASN B 182 33.32 31.00 -14.65
N LEU B 183 34.54 31.55 -14.55
CA LEU B 183 35.72 30.76 -14.89
C LEU B 183 35.87 29.58 -13.94
N TYR B 184 35.38 29.71 -12.72
CA TYR B 184 35.53 28.69 -11.69
C TYR B 184 34.18 28.16 -11.25
N SER B 185 33.21 28.13 -12.17
CA SER B 185 31.93 27.50 -11.86
C SER B 185 32.10 26.01 -11.60
N GLY B 186 33.16 25.40 -12.14
CA GLY B 186 33.42 24.00 -11.84
C GLY B 186 34.11 23.71 -10.52
N ASP B 187 34.57 24.73 -9.79
CA ASP B 187 35.16 24.54 -8.46
C ASP B 187 34.11 24.48 -7.36
N TYR B 188 32.86 24.83 -7.66
CA TYR B 188 31.79 24.83 -6.69
C TYR B 188 30.72 23.82 -7.10
N TYR B 189 30.03 23.27 -6.09
CA TYR B 189 29.08 22.18 -6.25
C TYR B 189 28.00 22.32 -5.18
N ARG B 190 26.80 21.87 -5.50
CA ARG B 190 25.64 22.09 -4.65
C ARG B 190 25.17 20.78 -4.03
N ILE B 191 25.55 20.60 -2.79
CA ILE B 191 25.04 19.51 -2.08
C ILE B 191 23.61 19.97 -1.90
N GLN B 192 22.71 19.00 -1.91
CA GLN B 192 21.30 19.30 -2.05
C GLN B 192 20.57 20.23 -1.13
N GLY B 193 20.80 20.14 0.14
CA GLY B 193 20.08 21.00 1.02
C GLY B 193 21.00 22.04 1.48
N ARG B 194 22.11 22.09 0.81
CA ARG B 194 23.12 23.03 1.25
C ARG B 194 23.39 24.05 0.15
N ALA B 195 24.14 25.10 0.47
CA ALA B 195 24.50 26.10 -0.52
C ALA B 195 25.51 25.50 -1.50
N VAL B 196 26.18 26.36 -2.29
CA VAL B 196 27.16 25.90 -3.28
C VAL B 196 28.55 26.04 -2.67
N LEU B 197 29.34 24.98 -2.79
CA LEU B 197 30.51 24.84 -1.95
C LEU B 197 31.73 24.43 -2.74
N PRO B 198 32.90 24.81 -2.28
CA PRO B 198 34.17 24.35 -2.86
C PRO B 198 34.60 23.02 -2.23
N ILE B 199 33.91 21.94 -2.59
CA ILE B 199 34.08 20.68 -1.88
C ILE B 199 35.50 20.15 -1.96
N ARG B 200 36.18 20.39 -3.09
CA ARG B 200 37.55 19.89 -3.25
C ARG B 200 38.51 20.55 -2.26
N TRP B 201 38.21 21.79 -1.88
CA TRP B 201 38.97 22.52 -0.89
C TRP B 201 38.46 22.35 0.54
N MET B 202 37.43 21.53 0.75
CA MET B 202 36.71 21.45 2.02
C MET B 202 36.98 20.15 2.76
N SER B 203 37.23 20.29 4.06
CA SER B 203 37.40 19.17 4.99
C SER B 203 36.09 18.43 5.19
N TRP B 204 36.20 17.16 5.60
CA TRP B 204 35.00 16.35 5.78
C TRP B 204 34.03 16.96 6.78
N GLU B 205 34.52 17.60 7.82
CA GLU B 205 33.58 18.14 8.79
C GLU B 205 32.93 19.44 8.33
N SER B 206 33.51 20.15 7.36
CA SER B 206 32.83 21.29 6.76
C SER B 206 31.82 20.85 5.70
N ILE B 207 32.03 19.69 5.09
CA ILE B 207 31.09 19.12 4.14
C ILE B 207 29.96 18.44 4.90
N LEU B 208 30.27 17.32 5.56
CA LEU B 208 29.23 16.46 6.11
C LEU B 208 28.44 17.15 7.22
N LEU B 209 29.08 18.05 7.96
CA LEU B 209 28.41 18.66 9.11
C LEU B 209 28.34 20.18 9.04
N GLY B 210 28.92 20.80 8.03
CA GLY B 210 28.76 22.23 7.88
C GLY B 210 29.45 23.07 8.93
N LYS B 211 30.40 22.51 9.69
CA LYS B 211 31.04 23.25 10.77
C LYS B 211 32.35 23.82 10.27
N PHE B 212 32.36 25.14 10.05
CA PHE B 212 33.55 25.85 9.59
C PHE B 212 34.39 26.32 10.77
N THR B 213 35.68 26.03 10.71
CA THR B 213 36.61 26.43 11.74
C THR B 213 37.89 26.87 11.05
N THR B 214 38.79 27.49 11.81
CA THR B 214 40.11 27.72 11.26
C THR B 214 40.75 26.42 10.84
N ALA B 215 40.46 25.31 11.52
CA ALA B 215 41.09 24.06 11.12
C ALA B 215 40.64 23.64 9.72
N SER B 216 39.37 23.92 9.37
CA SER B 216 38.89 23.70 8.00
C SER B 216 39.59 24.62 7.01
N ASP B 217 39.83 25.88 7.40
CA ASP B 217 40.62 26.75 6.56
C ASP B 217 42.01 26.18 6.37
N VAL B 218 42.55 25.54 7.40
CA VAL B 218 43.89 24.96 7.31
C VAL B 218 43.90 23.82 6.31
N TRP B 219 42.86 22.99 6.33
CA TRP B 219 42.69 21.99 5.28
C TRP B 219 42.76 22.64 3.90
N ALA B 220 41.95 23.68 3.71
CA ALA B 220 41.98 24.36 2.42
C ALA B 220 43.36 24.90 2.11
N PHE B 221 44.10 25.35 3.13
CA PHE B 221 45.47 25.81 2.90
C PHE B 221 46.31 24.70 2.36
N GLY B 222 46.05 23.46 2.80
CA GLY B 222 46.80 22.35 2.26
C GLY B 222 46.44 22.05 0.81
N VAL B 223 45.15 22.21 0.45
CA VAL B 223 44.80 22.06 -0.96
C VAL B 223 45.41 23.19 -1.77
N THR B 224 45.43 24.40 -1.20
CA THR B 224 45.98 25.56 -1.89
C THR B 224 47.47 25.35 -2.14
N LEU B 225 48.15 24.76 -1.17
CA LEU B 225 49.55 24.41 -1.36
C LEU B 225 49.69 23.43 -2.51
N TRP B 226 48.79 22.44 -2.59
CA TRP B 226 48.90 21.47 -3.68
C TRP B 226 48.71 22.16 -5.03
N GLU B 227 47.78 23.11 -5.08
CA GLU B 227 47.62 23.95 -6.26
C GLU B 227 48.90 24.70 -6.62
N THR B 228 49.52 25.37 -5.63
CA THR B 228 50.68 26.21 -5.90
C THR B 228 51.89 25.41 -6.32
N PHE B 229 52.04 24.19 -5.82
CA PHE B 229 53.15 23.36 -6.21
C PHE B 229 52.89 22.53 -7.46
N THR B 230 51.68 22.57 -8.00
CA THR B 230 51.43 21.97 -9.30
C THR B 230 51.05 22.99 -10.37
N PHE B 231 51.24 24.28 -10.11
CA PHE B 231 50.94 25.36 -11.06
C PHE B 231 49.48 25.36 -11.50
N CYS B 232 48.56 24.93 -10.65
CA CYS B 232 47.13 24.92 -11.02
C CYS B 232 46.88 24.20 -12.34
N GLN B 233 47.71 23.20 -12.64
CA GLN B 233 47.62 22.50 -13.92
C GLN B 233 46.33 21.70 -14.05
N GLU B 234 45.81 21.18 -12.94
CA GLU B 234 44.63 20.33 -12.92
C GLU B 234 43.95 20.55 -11.58
N GLN B 235 42.63 20.38 -11.56
CA GLN B 235 41.87 20.49 -10.33
C GLN B 235 42.32 19.40 -9.36
N PRO B 236 42.26 19.66 -8.06
CA PRO B 236 42.57 18.56 -7.12
C PRO B 236 41.59 17.40 -7.29
N TYR B 237 42.12 16.18 -7.20
CA TYR B 237 41.34 14.97 -7.45
C TYR B 237 40.71 15.05 -8.84
N SER B 238 41.55 15.32 -9.86
CA SER B 238 41.06 15.44 -11.23
C SER B 238 40.51 14.13 -11.79
N GLN B 239 40.92 12.99 -11.23
CA GLN B 239 40.34 11.71 -11.59
C GLN B 239 39.01 11.45 -10.89
N LEU B 240 38.53 12.38 -10.07
CA LEU B 240 37.29 12.19 -9.34
C LEU B 240 36.22 13.14 -9.85
N SER B 241 35.04 12.59 -10.11
CA SER B 241 33.86 13.41 -10.29
C SER B 241 33.49 14.09 -8.98
N ASP B 242 32.67 15.14 -9.09
CA ASP B 242 32.17 15.78 -7.88
C ASP B 242 31.49 14.77 -6.96
N GLU B 243 30.70 13.86 -7.54
CA GLU B 243 30.02 12.84 -6.74
C GLU B 243 31.03 11.90 -6.08
N GLN B 244 32.12 11.58 -6.80
CA GLN B 244 33.23 10.80 -6.28
C GLN B 244 34.08 11.59 -5.29
N VAL B 245 34.07 12.92 -5.39
CA VAL B 245 34.68 13.73 -4.36
C VAL B 245 33.89 13.63 -3.07
N ILE B 246 32.56 13.67 -3.15
CA ILE B 246 31.76 13.52 -1.94
C ILE B 246 31.99 12.14 -1.32
N GLU B 247 32.06 11.10 -2.16
CA GLU B 247 32.38 9.79 -1.60
C GLU B 247 33.76 9.78 -0.94
N ASN B 248 34.73 10.42 -1.59
CA ASN B 248 36.07 10.45 -1.03
C ASN B 248 36.08 11.19 0.31
N THR B 249 35.24 12.22 0.43
CA THR B 249 35.12 12.93 1.70
C THR B 249 34.61 12.00 2.78
N GLY B 250 33.55 11.26 2.47
CA GLY B 250 33.03 10.34 3.45
C GLY B 250 34.05 9.28 3.83
N GLU B 251 34.99 8.98 2.92
CA GLU B 251 36.05 8.05 3.29
C GLU B 251 37.18 8.70 4.07
N PHE B 252 37.31 10.04 4.01
CA PHE B 252 38.17 10.74 4.98
C PHE B 252 37.58 10.64 6.37
N PHE B 253 36.29 10.91 6.50
CA PHE B 253 35.63 10.84 7.80
C PHE B 253 35.63 9.42 8.34
N ARG B 254 35.36 8.43 7.49
CA ARG B 254 35.38 7.05 7.94
C ARG B 254 36.78 6.66 8.41
N ASP B 255 37.82 7.17 7.73
CA ASP B 255 39.21 7.03 8.15
C ASP B 255 39.61 5.56 8.35
N GLN B 256 39.33 4.73 7.34
CA GLN B 256 39.78 3.34 7.37
C GLN B 256 40.78 3.03 6.25
N GLY B 257 41.39 4.06 5.67
CA GLY B 257 42.42 3.88 4.68
C GLY B 257 41.93 3.84 3.25
N ARG B 258 40.62 3.83 3.02
CA ARG B 258 40.11 3.85 1.67
C ARG B 258 40.25 5.22 1.03
N GLN B 259 40.36 6.27 1.84
CA GLN B 259 40.42 7.62 1.31
C GLN B 259 41.69 7.83 0.50
N THR B 260 41.62 8.74 -0.46
CA THR B 260 42.75 9.05 -1.32
C THR B 260 43.14 10.51 -1.15
N TYR B 261 44.43 10.74 -0.86
CA TYR B 261 45.01 12.07 -0.69
C TYR B 261 45.47 12.65 -2.03
N LEU B 262 45.52 13.97 -2.11
CA LEU B 262 46.14 14.61 -3.27
C LEU B 262 47.60 14.20 -3.37
N PRO B 263 48.06 13.74 -4.53
CA PRO B 263 49.44 13.24 -4.65
C PRO B 263 50.47 14.33 -4.47
N GLN B 264 51.66 13.93 -4.05
CA GLN B 264 52.74 14.88 -3.82
C GLN B 264 53.30 15.46 -5.11
N PRO B 265 53.31 16.78 -5.31
CA PRO B 265 53.85 17.32 -6.55
C PRO B 265 55.33 17.00 -6.70
N ALA B 266 55.74 16.81 -7.94
CA ALA B 266 57.13 16.45 -8.20
C ALA B 266 58.09 17.51 -7.67
N ILE B 267 57.66 18.77 -7.67
CA ILE B 267 58.49 19.88 -7.19
C ILE B 267 58.51 19.95 -5.68
N CYS B 268 57.66 19.18 -5.01
CA CYS B 268 57.44 19.33 -3.57
C CYS B 268 58.42 18.47 -2.80
N PRO B 269 59.26 19.06 -1.93
CA PRO B 269 60.13 18.24 -1.07
C PRO B 269 59.33 17.49 -0.02
N ASP B 270 59.90 16.37 0.44
CA ASP B 270 59.16 15.46 1.33
C ASP B 270 58.60 16.17 2.56
N SER B 271 59.29 17.21 3.04
CA SER B 271 58.91 17.80 4.32
C SER B 271 57.62 18.61 4.21
N VAL B 272 57.49 19.44 3.17
CA VAL B 272 56.26 20.23 3.06
C VAL B 272 55.10 19.43 2.50
N TYR B 273 55.33 18.23 1.94
CA TYR B 273 54.24 17.30 1.68
C TYR B 273 53.82 16.54 2.93
N LYS B 274 54.76 16.25 3.84
CA LYS B 274 54.37 15.82 5.18
C LYS B 274 53.56 16.91 5.88
N LEU B 275 53.86 18.17 5.57
CA LEU B 275 53.04 19.29 6.03
C LEU B 275 51.64 19.26 5.41
N MET B 276 51.56 19.10 4.08
CA MET B 276 50.27 19.03 3.43
C MET B 276 49.41 17.91 4.01
N LEU B 277 50.00 16.73 4.22
CA LEU B 277 49.24 15.63 4.79
C LEU B 277 48.80 15.94 6.22
N SER B 278 49.64 16.66 6.97
CA SER B 278 49.22 17.04 8.31
C SER B 278 47.99 17.92 8.24
N CYS B 279 47.85 18.71 7.16
CA CYS B 279 46.64 19.53 7.03
C CYS B 279 45.37 18.71 6.88
N TRP B 280 45.46 17.47 6.39
CA TRP B 280 44.26 16.66 6.09
C TRP B 280 44.09 15.48 7.05
N ARG B 281 44.67 15.56 8.26
CA ARG B 281 44.41 14.57 9.29
C ARG B 281 42.95 14.66 9.70
N ARG B 282 42.41 13.52 10.16
CA ARG B 282 40.97 13.41 10.39
C ARG B 282 40.48 14.37 11.47
N ASP B 283 41.12 14.37 12.63
CA ASP B 283 40.58 15.12 13.76
C ASP B 283 41.20 16.52 13.84
N THR B 284 40.34 17.52 14.11
CA THR B 284 40.77 18.90 13.95
C THR B 284 41.89 19.27 14.90
N LYS B 285 41.84 18.75 16.14
CA LYS B 285 42.78 19.13 17.19
C LYS B 285 44.21 18.74 16.87
N ASN B 286 44.40 17.78 15.94
CA ASN B 286 45.71 17.37 15.46
C ASN B 286 46.11 18.04 14.14
N ARG B 287 45.43 19.17 13.75
CA ARG B 287 45.94 19.85 12.54
C ARG B 287 46.69 21.13 12.93
N PRO B 288 47.68 21.53 12.15
CA PRO B 288 48.43 22.75 12.47
C PRO B 288 47.58 24.02 12.44
N SER B 289 47.89 24.92 13.36
CA SER B 289 47.50 26.31 13.26
C SER B 289 48.36 26.99 12.20
N PHE B 290 47.84 28.09 11.65
CA PHE B 290 48.58 28.77 10.60
C PHE B 290 49.90 29.33 11.12
N GLN B 291 50.01 29.60 12.42
CA GLN B 291 51.30 30.01 12.99
C GLN B 291 52.34 28.91 12.84
N GLU B 292 51.98 27.68 13.19
CA GLU B 292 52.90 26.56 13.05
C GLU B 292 53.27 26.31 11.59
N ILE B 293 52.30 26.49 10.68
CA ILE B 293 52.54 26.25 9.26
C ILE B 293 53.49 27.30 8.72
N HIS B 294 53.26 28.56 9.10
CA HIS B 294 54.13 29.64 8.69
C HIS B 294 55.56 29.35 9.12
N LEU B 295 55.74 29.06 10.42
CA LEU B 295 57.10 28.83 10.90
C LEU B 295 57.73 27.61 10.25
N LEU B 296 56.94 26.58 9.95
CA LEU B 296 57.53 25.41 9.32
C LEU B 296 57.97 25.72 7.88
N LEU B 297 57.15 26.44 7.13
CA LEU B 297 57.51 26.76 5.74
C LEU B 297 58.73 27.65 5.69
N LEU B 298 58.99 28.41 6.75
CA LEU B 298 60.13 29.31 6.72
C LEU B 298 61.46 28.61 6.98
N GLN B 299 61.48 27.31 7.20
CA GLN B 299 62.76 26.62 7.42
C GLN B 299 63.61 26.53 6.14
N VAL C 1 -73.47 2.67 49.57
CA VAL C 1 -72.15 2.33 49.06
C VAL C 1 -71.50 1.29 50.00
N ALA C 2 -71.53 0.03 49.59
CA ALA C 2 -71.35 -1.09 50.52
C ALA C 2 -70.41 -2.14 49.95
N VAL C 3 -69.85 -2.92 50.87
CA VAL C 3 -68.88 -3.98 50.59
C VAL C 3 -69.02 -5.03 51.68
N GLU C 4 -68.69 -6.28 51.35
CA GLU C 4 -68.88 -7.38 52.29
C GLU C 4 -67.72 -7.44 53.27
N GLU C 5 -68.01 -7.96 54.49
CA GLU C 5 -67.01 -8.31 55.49
C GLU C 5 -66.62 -9.78 55.38
N PHE C 6 -65.33 -10.05 55.50
CA PHE C 6 -64.79 -11.39 55.36
C PHE C 6 -64.20 -11.87 56.68
N PRO C 7 -64.24 -13.19 56.97
CA PRO C 7 -63.70 -13.71 58.24
C PRO C 7 -62.18 -13.73 58.24
N ARG C 8 -61.57 -12.89 59.09
CA ARG C 8 -60.12 -12.80 59.16
C ARG C 8 -59.48 -14.13 59.59
N LYS C 9 -60.23 -14.95 60.33
CA LYS C 9 -59.69 -16.22 60.81
C LYS C 9 -59.34 -17.14 59.64
N LEU C 10 -60.10 -17.08 58.55
CA LEU C 10 -59.81 -17.91 57.38
C LEU C 10 -58.50 -17.49 56.70
N LEU C 11 -58.12 -16.22 56.85
CA LEU C 11 -56.89 -15.72 56.26
C LEU C 11 -55.66 -16.33 56.92
N THR C 12 -54.68 -16.70 56.10
CA THR C 12 -53.44 -17.32 56.57
C THR C 12 -52.26 -16.62 55.91
N PHE C 13 -51.45 -15.94 56.72
CA PHE C 13 -50.30 -15.22 56.20
C PHE C 13 -49.30 -16.18 55.56
N LYS C 14 -48.81 -15.82 54.38
CA LYS C 14 -47.82 -16.60 53.67
C LYS C 14 -46.52 -15.80 53.51
N GLU C 15 -46.52 -14.81 52.62
CA GLU C 15 -45.43 -13.88 52.42
C GLU C 15 -45.89 -12.46 52.77
N LYS C 16 -45.00 -11.51 52.56
CA LYS C 16 -45.30 -10.09 52.70
C LYS C 16 -45.00 -9.42 51.37
N LEU C 17 -46.05 -9.08 50.62
CA LEU C 17 -45.91 -8.51 49.28
C LEU C 17 -45.25 -7.12 49.27
N GLY C 18 -45.38 -6.36 50.35
CA GLY C 18 -44.77 -5.04 50.39
C GLY C 18 -45.07 -4.35 51.70
N GLU C 19 -44.52 -3.14 51.83
CA GLU C 19 -44.64 -2.35 53.05
C GLU C 19 -44.79 -0.87 52.69
N GLY C 20 -45.61 -0.18 53.49
CA GLY C 20 -45.69 1.26 53.47
C GLY C 20 -45.38 1.86 54.82
N GLN C 21 -45.39 3.19 54.87
CA GLN C 21 -45.20 3.86 56.16
C GLN C 21 -46.37 3.59 57.11
N PHE C 22 -47.58 3.43 56.57
CA PHE C 22 -48.78 3.29 57.37
C PHE C 22 -49.64 2.15 56.86
N GLY C 23 -49.04 1.00 56.62
CA GLY C 23 -49.79 -0.17 56.19
C GLY C 23 -48.85 -1.32 55.87
N GLU C 24 -49.45 -2.39 55.37
CA GLU C 24 -48.65 -3.55 54.97
C GLU C 24 -49.51 -4.35 54.02
N VAL C 25 -48.90 -5.01 53.06
CA VAL C 25 -49.65 -5.85 52.11
C VAL C 25 -49.10 -7.27 52.19
N HIS C 26 -49.97 -8.23 52.51
CA HIS C 26 -49.58 -9.62 52.67
C HIS C 26 -50.25 -10.49 51.61
N LEU C 27 -49.53 -11.52 51.17
CA LEU C 27 -50.17 -12.62 50.48
C LEU C 27 -50.74 -13.58 51.51
N CYS C 28 -51.99 -14.02 51.30
CA CYS C 28 -52.68 -14.86 52.27
C CYS C 28 -53.43 -15.99 51.56
N GLU C 29 -53.51 -17.13 52.24
CA GLU C 29 -54.23 -18.30 51.76
C GLU C 29 -55.57 -18.41 52.46
N VAL C 30 -56.58 -18.89 51.73
CA VAL C 30 -57.94 -19.05 52.24
C VAL C 30 -58.27 -20.54 52.30
N GLU C 31 -58.90 -20.95 53.42
CA GLU C 31 -59.01 -22.37 53.79
C GLU C 31 -60.46 -22.84 53.76
N GLY C 32 -60.97 -23.13 52.56
CA GLY C 32 -62.31 -23.66 52.42
C GLY C 32 -62.97 -23.37 51.09
N PRO C 50 -55.45 -23.59 45.15
CA PRO C 50 -54.88 -22.97 46.35
C PRO C 50 -55.33 -21.51 46.52
N VAL C 51 -56.58 -21.29 46.92
CA VAL C 51 -57.20 -19.98 46.82
C VAL C 51 -56.49 -18.99 47.73
N LEU C 52 -55.91 -17.95 47.11
CA LEU C 52 -55.01 -17.04 47.81
C LEU C 52 -55.14 -15.65 47.20
N VAL C 53 -54.88 -14.63 48.02
CA VAL C 53 -55.28 -13.25 47.76
C VAL C 53 -54.30 -12.29 48.43
N ALA C 54 -54.25 -11.07 47.91
CA ALA C 54 -53.52 -10.01 48.56
C ALA C 54 -54.40 -9.31 49.59
N VAL C 55 -53.77 -8.82 50.65
CA VAL C 55 -54.45 -8.12 51.72
C VAL C 55 -53.67 -6.83 52.02
N LYS C 56 -54.39 -5.73 52.19
CA LYS C 56 -53.81 -4.47 52.61
C LYS C 56 -54.33 -4.13 54.01
N MET C 57 -53.42 -4.21 54.99
CA MET C 57 -53.66 -3.90 56.40
C MET C 57 -53.21 -2.49 56.74
N LEU C 58 -53.92 -1.91 57.72
CA LEU C 58 -53.54 -0.68 58.40
C LEU C 58 -52.81 -1.04 59.69
N ARG C 59 -51.66 -0.44 59.92
CA ARG C 59 -50.92 -0.74 61.15
C ARG C 59 -51.68 -0.20 62.36
N ALA C 60 -51.57 -0.92 63.48
CA ALA C 60 -52.32 -0.54 64.67
C ALA C 60 -51.91 0.83 65.16
N ASP C 61 -50.63 1.16 65.01
CA ASP C 61 -50.02 2.41 65.44
C ASP C 61 -50.52 3.61 64.65
N ALA C 62 -51.41 3.41 63.69
CA ALA C 62 -51.86 4.48 62.82
C ALA C 62 -52.59 5.57 63.59
N ASN C 63 -52.24 6.82 63.31
CA ASN C 63 -52.79 8.02 63.93
C ASN C 63 -54.13 8.37 63.28
N LYS C 64 -54.78 9.41 63.81
CA LYS C 64 -56.14 9.74 63.39
C LYS C 64 -56.24 9.94 61.88
N ASN C 65 -55.31 10.71 61.30
CA ASN C 65 -55.34 10.96 59.86
C ASN C 65 -55.02 9.72 59.02
N ALA C 66 -54.17 8.82 59.51
CA ALA C 66 -53.89 7.60 58.75
C ALA C 66 -55.10 6.68 58.70
N ARG C 67 -55.85 6.59 59.81
CA ARG C 67 -57.07 5.81 59.82
C ARG C 67 -58.13 6.43 58.91
N ASN C 68 -58.41 7.74 59.06
CA ASN C 68 -59.42 8.36 58.22
C ASN C 68 -59.05 8.28 56.74
N ASP C 69 -57.76 8.38 56.43
CA ASP C 69 -57.34 8.18 55.05
C ASP C 69 -57.64 6.75 54.60
N PHE C 70 -57.47 5.77 55.49
CA PHE C 70 -57.78 4.39 55.11
C PHE C 70 -59.29 4.20 54.88
N LEU C 71 -60.14 4.93 55.59
CA LEU C 71 -61.56 4.76 55.34
C LEU C 71 -61.96 5.40 54.01
N LYS C 72 -61.44 6.60 53.71
CA LYS C 72 -61.74 7.20 52.40
C LYS C 72 -61.25 6.29 51.28
N GLU C 73 -60.11 5.63 51.47
CA GLU C 73 -59.69 4.66 50.45
C GLU C 73 -60.63 3.47 50.41
N ILE C 74 -61.22 3.09 51.55
CA ILE C 74 -62.15 1.96 51.51
C ILE C 74 -63.39 2.33 50.68
N LYS C 75 -63.93 3.52 50.88
CA LYS C 75 -65.08 3.93 50.07
C LYS C 75 -64.70 4.06 48.61
N ILE C 76 -63.57 4.72 48.32
CA ILE C 76 -63.20 4.94 46.93
C ILE C 76 -63.00 3.63 46.19
N MET C 77 -62.24 2.70 46.77
CA MET C 77 -62.08 1.42 46.08
C MET C 77 -63.40 0.68 45.99
N SER C 78 -64.29 0.87 46.97
CA SER C 78 -65.59 0.20 46.87
C SER C 78 -66.32 0.64 45.61
N ARG C 79 -66.13 1.90 45.20
CA ARG C 79 -66.78 2.41 43.99
C ARG C 79 -66.14 1.95 42.70
N LEU C 80 -64.93 1.36 42.74
CA LEU C 80 -64.19 1.05 41.52
C LEU C 80 -64.54 -0.35 41.02
N LYS C 81 -65.22 -0.41 39.87
CA LYS C 81 -65.57 -1.66 39.18
C LYS C 81 -65.21 -1.54 37.69
N ASP C 82 -63.99 -1.95 37.33
CA ASP C 82 -63.60 -2.25 35.95
C ASP C 82 -62.65 -3.43 35.98
N PRO C 83 -62.67 -4.28 34.96
CA PRO C 83 -61.82 -5.48 34.97
C PRO C 83 -60.32 -5.21 34.94
N ASN C 84 -59.88 -3.96 34.75
CA ASN C 84 -58.46 -3.64 34.74
C ASN C 84 -58.05 -2.68 35.85
N ILE C 85 -58.93 -2.36 36.77
CA ILE C 85 -58.55 -1.67 37.99
C ILE C 85 -58.55 -2.69 39.10
N ILE C 86 -57.66 -2.51 40.07
CA ILE C 86 -57.58 -3.45 41.19
C ILE C 86 -58.95 -3.52 41.85
N HIS C 87 -59.41 -4.73 42.13
CA HIS C 87 -60.78 -4.95 42.58
C HIS C 87 -60.82 -5.32 44.05
N LEU C 88 -61.75 -4.70 44.76
CA LEU C 88 -61.96 -4.91 46.20
C LEU C 88 -62.97 -6.04 46.41
N LEU C 89 -62.50 -7.19 46.89
CA LEU C 89 -63.39 -8.33 47.16
C LEU C 89 -64.07 -8.21 48.51
N ALA C 90 -63.33 -7.77 49.53
CA ALA C 90 -63.82 -7.85 50.89
C ALA C 90 -62.98 -6.94 51.78
N VAL C 91 -63.46 -6.75 53.00
CA VAL C 91 -62.82 -5.86 53.96
C VAL C 91 -62.82 -6.54 55.32
N CYS C 92 -61.95 -6.07 56.20
CA CYS C 92 -61.99 -6.43 57.60
C CYS C 92 -62.03 -5.15 58.42
N ILE C 93 -63.20 -4.84 58.98
CA ILE C 93 -63.47 -3.52 59.53
C ILE C 93 -64.38 -3.65 60.74
N THR C 94 -64.52 -4.87 61.27
CA THR C 94 -65.21 -5.01 62.54
C THR C 94 -64.28 -4.76 63.72
N ASP C 95 -62.98 -5.03 63.55
CA ASP C 95 -61.95 -4.59 64.49
C ASP C 95 -60.63 -4.51 63.74
N ASP C 96 -59.62 -3.95 64.41
CA ASP C 96 -58.31 -3.75 63.80
C ASP C 96 -57.55 -5.07 63.68
N PRO C 97 -56.55 -5.15 62.80
CA PRO C 97 -56.25 -4.25 61.69
C PRO C 97 -57.33 -4.26 60.59
N LEU C 98 -57.63 -3.08 60.07
CA LEU C 98 -58.55 -2.96 58.96
C LEU C 98 -57.89 -3.46 57.68
N CYS C 99 -58.69 -4.09 56.83
CA CYS C 99 -58.15 -4.71 55.62
C CYS C 99 -59.01 -4.43 54.40
N MET C 100 -58.34 -4.27 53.28
CA MET C 100 -58.93 -4.42 51.97
C MET C 100 -58.33 -5.65 51.30
N ILE C 101 -59.17 -6.47 50.68
CA ILE C 101 -58.76 -7.74 50.08
C ILE C 101 -58.87 -7.64 48.55
N THR C 102 -57.85 -8.16 47.85
CA THR C 102 -57.71 -8.02 46.41
C THR C 102 -57.28 -9.34 45.80
N GLU C 103 -57.68 -9.57 44.55
CA GLU C 103 -57.19 -10.74 43.82
C GLU C 103 -55.68 -10.71 43.77
N TYR C 104 -55.07 -11.87 43.95
CA TYR C 104 -53.62 -11.97 43.90
C TYR C 104 -53.20 -12.13 42.44
N MET C 105 -52.29 -11.29 41.98
CA MET C 105 -51.77 -11.31 40.61
C MET C 105 -50.37 -11.93 40.62
N GLU C 106 -50.28 -13.18 40.16
CA GLU C 106 -49.12 -14.02 40.47
C GLU C 106 -47.84 -13.63 39.74
N ASN C 107 -47.92 -12.88 38.64
CA ASN C 107 -46.69 -12.45 37.97
C ASN C 107 -46.17 -11.12 38.50
N GLY C 108 -46.80 -10.55 39.50
CA GLY C 108 -46.22 -9.35 40.06
C GLY C 108 -46.43 -8.14 39.17
N ASP C 109 -45.77 -7.05 39.55
CA ASP C 109 -45.94 -5.79 38.84
C ASP C 109 -45.25 -5.83 37.48
N LEU C 110 -45.79 -5.04 36.54
CA LEU C 110 -45.39 -5.16 35.14
C LEU C 110 -43.94 -4.80 34.91
N ASN C 111 -43.40 -3.86 35.69
CA ASN C 111 -42.00 -3.47 35.50
C ASN C 111 -41.08 -4.64 35.79
N GLN C 112 -41.43 -5.49 36.75
CA GLN C 112 -40.65 -6.69 36.98
C GLN C 112 -40.89 -7.72 35.90
N PHE C 113 -42.16 -7.90 35.52
CA PHE C 113 -42.52 -8.91 34.56
C PHE C 113 -41.76 -8.75 33.26
N LEU C 114 -41.61 -7.50 32.79
CA LEU C 114 -40.87 -7.26 31.55
C LEU C 114 -39.37 -7.44 31.74
N SER C 115 -38.84 -7.00 32.88
CA SER C 115 -37.39 -6.96 33.07
C SER C 115 -36.78 -8.34 33.01
N ARG C 116 -37.58 -9.38 33.25
CA ARG C 116 -37.10 -10.74 33.21
C ARG C 116 -37.25 -11.39 31.84
N HIS C 117 -37.49 -10.63 30.78
CA HIS C 117 -37.86 -11.25 29.51
C HIS C 117 -36.98 -10.89 28.32
N GLU C 118 -36.76 -9.59 28.05
CA GLU C 118 -35.96 -9.11 26.90
C GLU C 118 -36.74 -9.29 25.58
N THR C 129 -38.73 -13.95 25.69
CA THR C 129 -39.26 -12.64 25.29
C THR C 129 -40.78 -12.72 25.27
N VAL C 130 -41.42 -11.60 25.57
CA VAL C 130 -42.86 -11.42 25.39
C VAL C 130 -43.15 -11.01 23.95
N SER C 131 -44.16 -11.60 23.34
CA SER C 131 -44.49 -11.30 21.95
C SER C 131 -45.17 -9.94 21.81
N TYR C 132 -45.01 -9.32 20.63
CA TYR C 132 -45.48 -7.96 20.44
C TYR C 132 -46.98 -7.84 20.64
N THR C 133 -47.75 -8.83 20.17
CA THR C 133 -49.19 -8.78 20.39
C THR C 133 -49.52 -8.92 21.86
N ASN C 134 -48.64 -9.58 22.61
CA ASN C 134 -48.86 -9.65 24.04
C ASN C 134 -48.52 -8.33 24.72
N LEU C 135 -47.44 -7.67 24.27
CA LEU C 135 -47.15 -6.33 24.76
C LEU C 135 -48.34 -5.41 24.51
N LYS C 136 -48.80 -5.38 23.25
CA LYS C 136 -49.91 -4.52 22.88
C LYS C 136 -51.20 -4.92 23.60
N PHE C 137 -51.36 -6.20 23.91
CA PHE C 137 -52.53 -6.60 24.66
C PHE C 137 -52.49 -5.98 26.05
N MET C 138 -51.33 -6.05 26.70
CA MET C 138 -51.19 -5.42 27.99
C MET C 138 -51.40 -3.91 27.89
N ALA C 139 -50.91 -3.31 26.80
CA ALA C 139 -51.01 -1.86 26.66
C ALA C 139 -52.46 -1.41 26.50
N THR C 140 -53.23 -2.15 25.70
CA THR C 140 -54.66 -1.90 25.54
C THR C 140 -55.43 -2.12 26.83
N GLN C 141 -55.06 -3.12 27.61
CA GLN C 141 -55.67 -3.24 28.94
C GLN C 141 -55.42 -1.99 29.76
N ILE C 142 -54.23 -1.42 29.63
CA ILE C 142 -53.94 -0.20 30.38
C ILE C 142 -54.82 0.95 29.87
N ALA C 143 -54.87 1.15 28.56
CA ALA C 143 -55.70 2.24 28.03
C ALA C 143 -57.17 2.06 28.39
N SER C 144 -57.65 0.81 28.48
CA SER C 144 -59.01 0.56 28.96
C SER C 144 -59.19 1.03 30.40
N GLY C 145 -58.30 0.60 31.30
CA GLY C 145 -58.47 0.96 32.69
C GLY C 145 -58.39 2.46 32.91
N MET C 146 -57.50 3.12 32.15
CA MET C 146 -57.42 4.57 32.25
C MET C 146 -58.68 5.24 31.69
N LYS C 147 -59.27 4.70 30.62
CA LYS C 147 -60.51 5.32 30.15
C LYS C 147 -61.61 5.17 31.19
N TYR C 148 -61.57 4.07 31.95
CA TYR C 148 -62.55 3.90 33.03
C TYR C 148 -62.33 4.91 34.14
N LEU C 149 -61.12 5.00 34.69
CA LEU C 149 -60.91 5.96 35.78
C LEU C 149 -61.17 7.38 35.31
N SER C 150 -60.82 7.68 34.05
CA SER C 150 -61.02 9.02 33.53
C SER C 150 -62.49 9.36 33.45
N SER C 151 -63.34 8.35 33.15
CA SER C 151 -64.77 8.57 33.02
C SER C 151 -65.44 8.79 34.37
N LEU C 152 -64.77 8.42 35.47
CA LEU C 152 -65.14 8.81 36.82
C LEU C 152 -64.48 10.11 37.26
N ASN C 153 -63.66 10.73 36.39
CA ASN C 153 -62.86 11.92 36.69
C ASN C 153 -61.86 11.67 37.80
N PHE C 154 -61.39 10.43 37.91
CA PHE C 154 -60.30 10.04 38.79
C PHE C 154 -58.99 10.26 38.04
N VAL C 155 -58.11 11.08 38.60
CA VAL C 155 -56.77 11.27 38.06
C VAL C 155 -55.80 10.42 38.89
N HIS C 156 -54.94 9.67 38.20
CA HIS C 156 -54.10 8.68 38.87
C HIS C 156 -52.82 9.25 39.42
N ARG C 157 -52.24 10.22 38.71
CA ARG C 157 -51.01 10.95 39.05
C ARG C 157 -49.75 10.10 39.15
N ASP C 158 -49.83 8.79 38.96
CA ASP C 158 -48.60 8.00 38.97
C ASP C 158 -48.75 6.74 38.14
N LEU C 159 -49.05 6.90 36.87
CA LEU C 159 -49.18 5.75 35.99
C LEU C 159 -47.81 5.36 35.47
N ALA C 160 -47.48 4.08 35.58
CA ALA C 160 -46.22 3.58 35.07
C ALA C 160 -46.28 2.07 35.18
N THR C 161 -45.35 1.39 34.49
CA THR C 161 -45.37 -0.06 34.54
C THR C 161 -45.20 -0.57 35.96
N ARG C 162 -44.44 0.16 36.77
CA ARG C 162 -44.22 -0.22 38.16
C ARG C 162 -45.52 -0.26 38.96
N ASN C 163 -46.53 0.49 38.55
CA ASN C 163 -47.79 0.55 39.26
C ASN C 163 -48.86 -0.36 38.68
N CYS C 164 -48.50 -1.22 37.73
CA CYS C 164 -49.40 -2.17 37.10
C CYS C 164 -49.10 -3.58 37.59
N LEU C 165 -50.15 -4.34 37.87
CA LEU C 165 -50.06 -5.76 38.22
C LEU C 165 -50.43 -6.64 37.02
N VAL C 166 -49.75 -7.78 36.93
CA VAL C 166 -49.86 -8.71 35.82
C VAL C 166 -50.33 -10.05 36.38
N GLY C 167 -51.45 -10.55 35.85
CA GLY C 167 -52.00 -11.81 36.27
C GLY C 167 -51.71 -12.93 35.29
N LYS C 168 -52.44 -14.02 35.46
CA LYS C 168 -52.28 -15.17 34.59
C LYS C 168 -52.66 -14.80 33.15
N ASN C 169 -51.88 -15.30 32.19
CA ASN C 169 -52.12 -15.06 30.76
C ASN C 169 -52.22 -13.57 30.45
N TYR C 170 -51.24 -12.83 30.94
CA TYR C 170 -51.00 -11.44 30.59
C TYR C 170 -52.15 -10.50 30.95
N THR C 171 -53.01 -10.82 31.91
CA THR C 171 -54.03 -9.85 32.33
C THR C 171 -53.40 -8.71 33.13
N ILE C 172 -53.94 -7.50 32.94
CA ILE C 172 -53.40 -6.27 33.52
C ILE C 172 -54.42 -5.67 34.48
N LYS C 173 -53.93 -5.14 35.58
CA LYS C 173 -54.76 -4.38 36.50
C LYS C 173 -53.93 -3.21 36.99
N ILE C 174 -54.56 -2.05 37.17
CA ILE C 174 -53.86 -0.82 37.47
C ILE C 174 -53.93 -0.59 38.97
N ALA C 175 -52.80 -0.25 39.59
CA ALA C 175 -52.71 -0.04 41.02
C ALA C 175 -52.07 1.31 41.31
N ASP C 176 -51.79 1.59 42.60
CA ASP C 176 -51.15 2.84 43.06
C ASP C 176 -50.33 2.62 44.31
N PHE C 177 -49.19 1.94 44.16
CA PHE C 177 -48.42 1.53 45.31
C PHE C 177 -48.02 2.69 46.19
N GLY C 178 -47.84 3.87 45.61
CA GLY C 178 -47.19 4.93 46.33
C GLY C 178 -45.68 4.73 46.31
N MET C 179 -44.98 5.61 47.03
CA MET C 179 -43.53 5.71 46.96
C MET C 179 -42.81 4.91 48.06
N SER C 180 -43.48 3.90 48.62
CA SER C 180 -42.99 3.07 49.71
C SER C 180 -41.96 2.02 49.29
N ARG C 181 -41.82 1.77 48.00
CA ARG C 181 -40.96 0.70 47.51
C ARG C 181 -39.57 1.27 47.27
N ASN C 182 -38.57 0.72 47.96
CA ASN C 182 -37.20 1.13 47.67
C ASN C 182 -36.84 0.84 46.23
N LEU C 183 -37.43 -0.21 45.67
CA LEU C 183 -37.00 -0.70 44.37
C LEU C 183 -37.14 0.37 43.30
N TYR C 184 -38.13 1.26 43.45
CA TYR C 184 -38.39 2.29 42.46
C TYR C 184 -38.15 3.69 43.02
N SER C 185 -37.36 3.81 44.09
CA SER C 185 -37.11 5.13 44.66
C SER C 185 -36.43 6.07 43.67
N GLY C 186 -35.67 5.53 42.71
CA GLY C 186 -35.08 6.40 41.71
C GLY C 186 -36.02 6.90 40.64
N ASP C 187 -37.19 6.27 40.50
CA ASP C 187 -38.20 6.79 39.59
C ASP C 187 -38.73 8.14 40.04
N TYR C 188 -38.67 8.43 41.34
CA TYR C 188 -39.23 9.63 41.94
C TYR C 188 -38.12 10.59 42.36
N TYR C 189 -38.40 11.89 42.23
CA TYR C 189 -37.46 12.96 42.54
C TYR C 189 -38.21 14.08 43.22
N ARG C 190 -37.52 14.88 44.01
CA ARG C 190 -38.18 15.91 44.82
C ARG C 190 -37.75 17.30 44.36
N ILE C 191 -38.66 18.01 43.69
CA ILE C 191 -38.45 19.42 43.43
C ILE C 191 -38.48 20.17 44.76
N GLN C 192 -37.56 21.13 44.93
CA GLN C 192 -37.28 21.65 46.27
C GLN C 192 -38.51 22.29 46.91
N GLY C 193 -39.36 22.93 46.11
CA GLY C 193 -40.57 23.53 46.65
C GLY C 193 -41.77 22.62 46.72
N ARG C 194 -41.65 21.37 46.24
CA ARG C 194 -42.80 20.49 46.07
C ARG C 194 -42.49 19.12 46.69
N ALA C 195 -43.39 18.15 46.53
CA ALA C 195 -43.17 16.83 47.09
C ALA C 195 -42.48 15.92 46.06
N VAL C 196 -42.24 14.66 46.45
CA VAL C 196 -41.65 13.69 45.54
C VAL C 196 -42.65 13.28 44.47
N LEU C 197 -42.17 13.19 43.23
CA LEU C 197 -43.01 13.01 42.05
C LEU C 197 -42.33 12.11 41.05
N PRO C 198 -43.10 11.41 40.23
CA PRO C 198 -42.50 10.70 39.06
C PRO C 198 -42.32 11.64 37.87
N ILE C 199 -41.28 12.48 37.93
CA ILE C 199 -41.15 13.57 36.96
C ILE C 199 -40.89 13.04 35.56
N ARG C 200 -40.27 11.88 35.43
CA ARG C 200 -40.02 11.30 34.11
C ARG C 200 -41.26 10.70 33.47
N TRP C 201 -42.34 10.54 34.23
CA TRP C 201 -43.64 10.17 33.71
C TRP C 201 -44.63 11.32 33.73
N MET C 202 -44.14 12.56 33.76
CA MET C 202 -45.00 13.69 34.06
C MET C 202 -45.00 14.73 32.94
N SER C 203 -46.20 15.15 32.55
CA SER C 203 -46.39 16.26 31.64
C SER C 203 -45.87 17.55 32.25
N TRP C 204 -45.47 18.49 31.39
CA TRP C 204 -44.87 19.72 31.89
C TRP C 204 -45.82 20.49 32.77
N GLU C 205 -47.12 20.43 32.50
CA GLU C 205 -48.02 21.24 33.32
C GLU C 205 -48.14 20.69 34.73
N SER C 206 -47.86 19.40 34.93
CA SER C 206 -47.90 18.83 36.27
C SER C 206 -46.59 19.08 37.01
N ILE C 207 -45.47 19.02 36.30
CA ILE C 207 -44.18 19.30 36.93
C ILE C 207 -44.06 20.77 37.27
N LEU C 208 -44.28 21.66 36.30
CA LEU C 208 -44.00 23.08 36.49
C LEU C 208 -45.16 23.80 37.17
N LEU C 209 -46.38 23.59 36.69
CA LEU C 209 -47.54 24.23 37.30
C LEU C 209 -48.29 23.32 38.27
N GLY C 210 -47.95 22.04 38.31
CA GLY C 210 -48.57 21.20 39.30
C GLY C 210 -50.02 20.92 39.02
N LYS C 211 -50.43 21.04 37.76
CA LYS C 211 -51.82 20.85 37.37
C LYS C 211 -51.98 19.41 36.86
N PHE C 212 -52.75 18.61 37.60
CA PHE C 212 -52.94 17.19 37.33
C PHE C 212 -54.34 16.94 36.81
N THR C 213 -54.42 16.29 35.66
CA THR C 213 -55.64 16.18 34.87
C THR C 213 -55.58 14.85 34.12
N THR C 214 -56.67 14.48 33.45
CA THR C 214 -56.59 13.30 32.60
C THR C 214 -55.58 13.47 31.48
N ALA C 215 -55.36 14.72 31.02
CA ALA C 215 -54.33 14.94 30.00
C ALA C 215 -52.95 14.55 30.51
N SER C 216 -52.60 14.97 31.74
CA SER C 216 -51.34 14.56 32.31
C SER C 216 -51.25 13.05 32.44
N ASP C 217 -52.37 12.42 32.79
CA ASP C 217 -52.36 10.96 32.85
C ASP C 217 -52.06 10.37 31.48
N VAL C 218 -52.56 11.00 30.42
CA VAL C 218 -52.26 10.51 29.07
C VAL C 218 -50.76 10.60 28.80
N TRP C 219 -50.13 11.69 29.25
CA TRP C 219 -48.68 11.81 29.12
C TRP C 219 -47.99 10.64 29.81
N ALA C 220 -48.44 10.34 31.03
CA ALA C 220 -47.88 9.22 31.77
C ALA C 220 -48.11 7.90 31.05
N PHE C 221 -49.24 7.79 30.36
CA PHE C 221 -49.49 6.59 29.57
C PHE C 221 -48.48 6.50 28.43
N GLY C 222 -48.10 7.63 27.85
CA GLY C 222 -47.10 7.57 26.80
C GLY C 222 -45.80 7.00 27.31
N VAL C 223 -45.35 7.48 28.48
CA VAL C 223 -44.17 6.88 29.06
C VAL C 223 -44.40 5.40 29.34
N THR C 224 -45.62 5.05 29.75
CA THR C 224 -45.89 3.66 30.09
C THR C 224 -45.74 2.77 28.87
N LEU C 225 -46.23 3.24 27.73
CA LEU C 225 -46.07 2.52 26.48
C LEU C 225 -44.60 2.38 26.14
N TRP C 226 -43.84 3.46 26.36
CA TRP C 226 -42.42 3.42 26.03
C TRP C 226 -41.70 2.38 26.86
N GLU C 227 -42.05 2.25 28.14
CA GLU C 227 -41.48 1.18 28.94
C GLU C 227 -41.89 -0.18 28.41
N THR C 228 -43.16 -0.33 28.04
CA THR C 228 -43.65 -1.64 27.66
C THR C 228 -42.99 -2.14 26.40
N PHE C 229 -42.80 -1.27 25.40
CA PHE C 229 -42.13 -1.75 24.20
C PHE C 229 -40.60 -1.74 24.31
N THR C 230 -40.02 -1.12 25.35
CA THR C 230 -38.61 -1.32 25.63
C THR C 230 -38.35 -2.49 26.57
N PHE C 231 -39.41 -3.18 27.02
CA PHE C 231 -39.31 -4.28 27.98
C PHE C 231 -38.79 -3.83 29.34
N CYS C 232 -38.96 -2.55 29.65
CA CYS C 232 -38.52 -1.96 30.91
C CYS C 232 -37.04 -2.21 31.15
N GLN C 233 -36.28 -2.35 30.07
CA GLN C 233 -34.86 -2.66 30.24
C GLN C 233 -34.07 -1.46 30.79
N GLU C 234 -34.53 -0.24 30.54
CA GLU C 234 -33.87 0.94 31.07
C GLU C 234 -34.92 2.01 31.35
N GLN C 235 -34.58 2.87 32.30
CA GLN C 235 -35.47 3.95 32.74
C GLN C 235 -35.64 4.99 31.63
N PRO C 236 -36.85 5.54 31.47
CA PRO C 236 -37.05 6.56 30.43
C PRO C 236 -36.16 7.76 30.64
N TYR C 237 -35.70 8.33 29.52
CA TYR C 237 -34.67 9.37 29.51
C TYR C 237 -33.42 8.86 30.23
N SER C 238 -32.95 7.69 29.79
CA SER C 238 -31.83 7.05 30.47
C SER C 238 -30.60 7.94 30.47
N GLN C 239 -30.43 8.73 29.42
CA GLN C 239 -29.24 9.58 29.27
C GLN C 239 -29.23 10.75 30.26
N LEU C 240 -30.35 11.07 30.88
CA LEU C 240 -30.49 12.30 31.64
C LEU C 240 -30.37 12.08 33.14
N SER C 241 -29.74 13.04 33.81
CA SER C 241 -29.90 13.17 35.26
C SER C 241 -31.24 13.83 35.56
N ASP C 242 -31.70 13.70 36.81
CA ASP C 242 -33.01 14.24 37.17
C ASP C 242 -33.06 15.75 36.97
N GLU C 243 -31.96 16.45 37.25
CA GLU C 243 -31.94 17.89 36.99
C GLU C 243 -32.05 18.17 35.49
N GLN C 244 -31.42 17.32 34.68
CA GLN C 244 -31.57 17.45 33.24
C GLN C 244 -32.99 17.10 32.79
N VAL C 245 -33.68 16.23 33.53
CA VAL C 245 -35.08 15.92 33.24
C VAL C 245 -35.95 17.15 33.50
N ILE C 246 -35.64 17.90 34.56
CA ILE C 246 -36.39 19.13 34.81
C ILE C 246 -36.09 20.15 33.72
N GLU C 247 -34.83 20.20 33.27
CA GLU C 247 -34.48 21.10 32.18
C GLU C 247 -35.24 20.72 30.91
N ASN C 248 -35.28 19.42 30.60
CA ASN C 248 -35.98 18.94 29.42
C ASN C 248 -37.48 19.17 29.52
N THR C 249 -38.03 19.12 30.73
CA THR C 249 -39.41 19.53 30.92
C THR C 249 -39.59 20.98 30.49
N GLY C 250 -38.67 21.83 30.91
CA GLY C 250 -38.75 23.21 30.50
C GLY C 250 -38.65 23.35 29.00
N GLU C 251 -37.95 22.42 28.37
CA GLU C 251 -37.87 22.45 26.90
C GLU C 251 -39.14 21.92 26.24
N PHE C 252 -39.90 21.03 26.91
CA PHE C 252 -41.21 20.67 26.38
C PHE C 252 -42.15 21.85 26.43
N PHE C 253 -42.09 22.63 27.52
CA PHE C 253 -42.97 23.79 27.62
C PHE C 253 -42.53 24.90 26.67
N ARG C 254 -41.24 25.12 26.53
CA ARG C 254 -40.74 26.12 25.61
C ARG C 254 -41.01 25.73 24.17
N ASP C 255 -41.06 24.43 23.89
CA ASP C 255 -41.55 23.88 22.61
C ASP C 255 -40.84 24.51 21.42
N GLN C 256 -39.54 24.69 21.54
CA GLN C 256 -38.77 25.29 20.45
C GLN C 256 -37.77 24.31 19.85
N GLY C 257 -38.06 23.02 19.94
CA GLY C 257 -37.22 22.03 19.30
C GLY C 257 -36.02 21.60 20.11
N ARG C 258 -35.83 22.16 21.31
CA ARG C 258 -34.80 21.69 22.22
C ARG C 258 -35.27 20.55 23.11
N GLN C 259 -36.57 20.27 23.13
CA GLN C 259 -37.08 19.13 23.87
C GLN C 259 -36.66 17.85 23.19
N THR C 260 -36.46 16.80 23.98
CA THR C 260 -36.06 15.50 23.46
C THR C 260 -37.11 14.46 23.81
N TYR C 261 -37.82 13.96 22.79
CA TYR C 261 -38.77 12.88 22.97
C TYR C 261 -38.04 11.55 23.16
N LEU C 262 -38.72 10.61 23.82
CA LEU C 262 -38.16 9.27 24.00
C LEU C 262 -38.00 8.56 22.65
N PRO C 263 -36.93 7.80 22.46
CA PRO C 263 -36.66 7.20 21.14
C PRO C 263 -37.70 6.16 20.77
N GLN C 264 -37.86 5.96 19.47
CA GLN C 264 -38.86 5.00 19.02
C GLN C 264 -38.40 3.57 19.30
N PRO C 265 -39.13 2.80 20.10
CA PRO C 265 -38.68 1.45 20.46
C PRO C 265 -38.59 0.50 19.27
N ALA C 266 -37.64 -0.44 19.36
CA ALA C 266 -37.37 -1.32 18.23
C ALA C 266 -38.63 -2.07 17.81
N ILE C 267 -39.30 -2.70 18.77
CA ILE C 267 -40.52 -3.44 18.46
C ILE C 267 -41.60 -2.47 18.01
N CYS C 268 -41.48 -1.19 18.33
CA CYS C 268 -42.58 -0.26 18.13
C CYS C 268 -42.81 0.01 16.65
N PRO C 269 -44.01 -0.22 16.13
CA PRO C 269 -44.36 0.24 14.78
C PRO C 269 -44.51 1.75 14.73
N ASP C 270 -44.38 2.30 13.52
CA ASP C 270 -44.40 3.75 13.39
C ASP C 270 -45.74 4.36 13.81
N SER C 271 -46.85 3.66 13.61
CA SER C 271 -48.16 4.27 13.89
C SER C 271 -48.38 4.42 15.39
N VAL C 272 -48.11 3.35 16.15
CA VAL C 272 -48.28 3.47 17.59
C VAL C 272 -47.29 4.47 18.15
N TYR C 273 -46.09 4.59 17.55
CA TYR C 273 -45.17 5.63 17.99
C TYR C 273 -45.70 7.01 17.68
N LYS C 274 -46.46 7.15 16.59
CA LYS C 274 -47.16 8.40 16.33
C LYS C 274 -48.17 8.69 17.43
N LEU C 275 -48.77 7.62 18.00
CA LEU C 275 -49.66 7.79 19.16
C LEU C 275 -48.89 8.19 20.41
N MET C 276 -47.73 7.56 20.64
CA MET C 276 -46.87 7.96 21.75
C MET C 276 -46.53 9.45 21.66
N LEU C 277 -46.07 9.89 20.49
CA LEU C 277 -45.75 11.29 20.31
C LEU C 277 -46.96 12.17 20.51
N SER C 278 -48.15 11.68 20.13
CA SER C 278 -49.38 12.43 20.37
C SER C 278 -49.66 12.60 21.86
N CYS C 279 -49.20 11.65 22.68
CA CYS C 279 -49.41 11.77 24.11
C CYS C 279 -48.63 12.92 24.72
N TRP C 280 -47.63 13.45 24.02
CA TRP C 280 -46.68 14.41 24.60
C TRP C 280 -46.75 15.77 23.94
N ARG C 281 -47.80 16.08 23.21
CA ARG C 281 -47.92 17.41 22.60
C ARG C 281 -48.04 18.47 23.68
N ARG C 282 -47.58 19.68 23.35
CA ARG C 282 -47.45 20.71 24.38
C ARG C 282 -48.81 21.13 24.98
N ASP C 283 -49.86 21.18 24.19
CA ASP C 283 -51.12 21.66 24.74
C ASP C 283 -52.07 20.50 24.99
N THR C 284 -52.82 20.58 26.09
CA THR C 284 -53.67 19.47 26.52
C THR C 284 -54.79 19.20 25.52
N LYS C 285 -55.29 20.26 24.87
CA LYS C 285 -56.38 20.17 23.89
C LYS C 285 -55.97 19.36 22.68
N ASN C 286 -54.67 19.20 22.45
CA ASN C 286 -54.14 18.46 21.33
C ASN C 286 -53.61 17.09 21.74
N ARG C 287 -54.00 16.59 22.93
CA ARG C 287 -53.62 15.26 23.39
C ARG C 287 -54.82 14.34 23.38
N PRO C 288 -54.68 13.11 22.84
CA PRO C 288 -55.84 12.20 22.75
C PRO C 288 -56.36 11.77 24.13
N SER C 289 -57.68 11.60 24.21
CA SER C 289 -58.33 10.98 25.36
C SER C 289 -58.18 9.47 25.33
N PHE C 290 -58.25 8.85 26.51
CA PHE C 290 -57.98 7.42 26.61
C PHE C 290 -58.96 6.59 25.79
N GLN C 291 -60.17 7.08 25.57
CA GLN C 291 -61.08 6.36 24.68
C GLN C 291 -60.48 6.24 23.29
N GLU C 292 -60.00 7.36 22.74
CA GLU C 292 -59.40 7.37 21.41
C GLU C 292 -58.13 6.53 21.36
N ILE C 293 -57.32 6.55 22.43
CA ILE C 293 -56.11 5.74 22.45
C ILE C 293 -56.47 4.27 22.45
N HIS C 294 -57.51 3.90 23.20
CA HIS C 294 -57.89 2.49 23.25
C HIS C 294 -58.30 2.01 21.87
N LEU C 295 -59.07 2.84 21.15
CA LEU C 295 -59.49 2.42 19.81
C LEU C 295 -58.30 2.38 18.85
N LEU C 296 -57.41 3.37 18.92
CA LEU C 296 -56.27 3.35 18.02
C LEU C 296 -55.38 2.12 18.27
N LEU C 297 -55.16 1.77 19.53
CA LEU C 297 -54.37 0.59 19.83
C LEU C 297 -55.06 -0.68 19.36
N LEU C 298 -56.40 -0.69 19.30
CA LEU C 298 -57.04 -1.96 18.94
C LEU C 298 -57.03 -2.29 17.46
N GLN C 299 -56.76 -1.34 16.56
CA GLN C 299 -56.80 -1.64 15.11
C GLN C 299 -55.66 -2.55 14.62
N VAL D 1 -10.09 -67.30 47.50
CA VAL D 1 -11.54 -67.46 47.52
C VAL D 1 -11.92 -68.94 47.35
N ALA D 2 -12.45 -69.51 48.44
CA ALA D 2 -12.68 -70.94 48.54
C ALA D 2 -14.05 -71.20 49.16
N VAL D 3 -14.67 -72.27 48.66
CA VAL D 3 -16.00 -72.74 49.07
C VAL D 3 -16.05 -74.21 48.72
N GLU D 4 -17.10 -74.90 49.14
CA GLU D 4 -17.16 -76.34 48.97
C GLU D 4 -18.40 -76.71 48.19
N GLU D 5 -18.24 -77.65 47.27
CA GLU D 5 -19.40 -78.16 46.54
C GLU D 5 -20.28 -78.95 47.50
N PHE D 6 -21.59 -78.84 47.30
CA PHE D 6 -22.55 -79.66 48.02
C PHE D 6 -23.35 -80.51 47.05
N PRO D 7 -23.43 -81.83 47.25
CA PRO D 7 -24.13 -82.69 46.28
C PRO D 7 -25.61 -82.34 46.15
N ARG D 8 -25.97 -81.92 44.93
CA ARG D 8 -27.29 -81.36 44.65
C ARG D 8 -28.42 -82.38 44.88
N LYS D 9 -28.15 -83.66 44.65
CA LYS D 9 -29.18 -84.68 44.83
C LYS D 9 -29.67 -84.69 46.28
N LEU D 10 -28.82 -84.26 47.22
CA LEU D 10 -29.15 -84.29 48.64
C LEU D 10 -30.03 -83.13 49.09
N LEU D 11 -30.21 -82.11 48.27
CA LEU D 11 -31.28 -81.14 48.51
C LEU D 11 -32.62 -81.73 48.03
N THR D 12 -33.72 -81.26 48.64
CA THR D 12 -35.06 -81.70 48.27
C THR D 12 -35.98 -80.48 48.25
N PHE D 13 -36.34 -80.02 47.05
CA PHE D 13 -37.10 -78.78 46.92
C PHE D 13 -38.45 -78.87 47.59
N LYS D 14 -38.78 -77.84 48.38
CA LYS D 14 -40.05 -77.78 49.10
C LYS D 14 -40.88 -76.59 48.64
N GLU D 15 -40.51 -75.37 49.04
CA GLU D 15 -41.17 -74.16 48.60
C GLU D 15 -40.26 -73.32 47.71
N LYS D 16 -40.88 -72.57 46.80
CA LYS D 16 -40.22 -71.49 46.08
C LYS D 16 -40.21 -70.24 46.97
N LEU D 17 -39.04 -69.62 47.12
CA LEU D 17 -38.94 -68.42 47.94
C LEU D 17 -38.98 -67.14 47.13
N GLY D 18 -38.51 -67.15 45.90
CA GLY D 18 -38.52 -65.95 45.11
C GLY D 18 -38.00 -66.24 43.72
N GLU D 19 -38.22 -65.27 42.82
CA GLU D 19 -37.81 -65.35 41.44
C GLU D 19 -37.09 -64.07 41.05
N GLY D 20 -35.89 -64.22 40.49
CA GLY D 20 -35.26 -63.13 39.78
C GLY D 20 -35.58 -63.19 38.30
N GLN D 21 -35.14 -62.15 37.57
CA GLN D 21 -35.27 -62.21 36.13
C GLN D 21 -34.47 -63.35 35.55
N PHE D 22 -33.38 -63.73 36.23
CA PHE D 22 -32.46 -64.74 35.73
C PHE D 22 -32.18 -65.85 36.74
N GLY D 23 -32.98 -65.97 37.80
CA GLY D 23 -32.78 -67.07 38.73
C GLY D 23 -33.89 -67.16 39.75
N GLU D 24 -33.95 -68.32 40.40
CA GLU D 24 -34.98 -68.63 41.37
C GLU D 24 -34.34 -69.01 42.71
N VAL D 25 -35.08 -68.84 43.80
CA VAL D 25 -34.57 -69.17 45.12
C VAL D 25 -35.53 -70.17 45.76
N HIS D 26 -34.99 -71.30 46.22
CA HIS D 26 -35.78 -72.37 46.79
C HIS D 26 -35.42 -72.55 48.26
N LEU D 27 -36.38 -73.07 49.02
CA LEU D 27 -36.12 -73.60 50.34
C LEU D 27 -36.07 -75.13 50.22
N CYS D 28 -35.05 -75.74 50.80
CA CYS D 28 -34.86 -77.18 50.65
C CYS D 28 -34.40 -77.79 51.97
N GLU D 29 -34.78 -79.05 52.16
CA GLU D 29 -34.30 -79.88 53.24
C GLU D 29 -33.01 -80.55 52.79
N VAL D 30 -32.37 -81.31 53.68
CA VAL D 30 -31.12 -81.98 53.28
C VAL D 30 -31.24 -83.50 53.36
N PRO D 50 -34.49 -81.39 61.43
CA PRO D 50 -35.14 -80.64 60.35
C PRO D 50 -34.28 -79.49 59.83
N VAL D 51 -33.24 -79.80 59.06
CA VAL D 51 -32.31 -78.79 58.54
C VAL D 51 -32.82 -78.26 57.21
N LEU D 52 -32.85 -76.94 57.06
CA LEU D 52 -33.28 -76.30 55.82
C LEU D 52 -32.29 -75.21 55.40
N VAL D 53 -32.26 -74.96 54.09
CA VAL D 53 -31.36 -73.97 53.49
C VAL D 53 -32.07 -73.35 52.29
N ALA D 54 -31.82 -72.06 52.08
CA ALA D 54 -32.21 -71.37 50.85
C ALA D 54 -31.13 -71.53 49.79
N VAL D 55 -31.51 -72.01 48.61
CA VAL D 55 -30.64 -72.15 47.44
C VAL D 55 -31.02 -71.10 46.42
N LYS D 56 -30.06 -70.32 45.99
CA LYS D 56 -30.25 -69.39 44.88
C LYS D 56 -29.65 -70.07 43.67
N MET D 57 -30.53 -70.58 42.81
CA MET D 57 -30.13 -71.19 41.56
C MET D 57 -30.19 -70.17 40.43
N LEU D 58 -29.16 -70.20 39.59
CA LEU D 58 -29.23 -69.65 38.25
C LEU D 58 -30.14 -70.52 37.38
N ARG D 59 -30.90 -69.88 36.49
CA ARG D 59 -31.67 -70.68 35.54
C ARG D 59 -30.72 -71.39 34.59
N ALA D 60 -31.06 -72.63 34.22
CA ALA D 60 -30.16 -73.40 33.38
C ALA D 60 -29.95 -72.69 32.05
N ASP D 61 -30.93 -71.89 31.63
CA ASP D 61 -30.89 -71.05 30.45
C ASP D 61 -30.70 -69.61 30.86
N ALA D 62 -29.59 -69.01 30.47
CA ALA D 62 -29.35 -67.62 30.82
C ALA D 62 -28.30 -67.05 29.89
N ASN D 63 -28.37 -65.75 29.69
CA ASN D 63 -27.40 -65.10 28.83
C ASN D 63 -26.01 -65.23 29.44
N LYS D 64 -25.01 -65.20 28.56
CA LYS D 64 -23.61 -65.19 28.98
C LYS D 64 -23.42 -64.24 30.16
N ASN D 65 -24.03 -63.05 30.06
CA ASN D 65 -23.88 -62.03 31.08
C ASN D 65 -24.46 -62.49 32.42
N ALA D 66 -25.60 -63.16 32.41
CA ALA D 66 -26.21 -63.53 33.68
C ALA D 66 -25.36 -64.55 34.41
N ARG D 67 -24.77 -65.50 33.68
CA ARG D 67 -23.91 -66.48 34.32
C ARG D 67 -22.64 -65.82 34.85
N ASN D 68 -22.01 -64.96 34.06
CA ASN D 68 -20.81 -64.28 34.55
C ASN D 68 -21.13 -63.44 35.78
N ASP D 69 -22.32 -62.84 35.80
CA ASP D 69 -22.76 -62.10 36.98
C ASP D 69 -22.95 -63.02 38.16
N PHE D 70 -23.45 -64.23 37.91
CA PHE D 70 -23.62 -65.19 38.98
C PHE D 70 -22.27 -65.63 39.56
N LEU D 71 -21.27 -65.80 38.69
CA LEU D 71 -19.96 -66.20 39.18
C LEU D 71 -19.31 -65.08 39.98
N LYS D 72 -19.46 -63.82 39.53
CA LYS D 72 -18.96 -62.71 40.33
C LYS D 72 -19.68 -62.64 41.67
N GLU D 73 -20.96 -63.00 41.69
CA GLU D 73 -21.71 -63.02 42.94
C GLU D 73 -21.18 -64.11 43.86
N ILE D 74 -20.86 -65.29 43.30
CA ILE D 74 -20.32 -66.38 44.11
C ILE D 74 -19.00 -65.97 44.73
N LYS D 75 -18.17 -65.27 43.94
CA LYS D 75 -16.88 -64.83 44.43
C LYS D 75 -17.04 -63.76 45.52
N ILE D 76 -17.95 -62.81 45.33
CA ILE D 76 -18.13 -61.80 46.39
C ILE D 76 -18.71 -62.45 47.65
N MET D 77 -19.77 -63.25 47.50
CA MET D 77 -20.41 -63.83 48.68
C MET D 77 -19.47 -64.72 49.48
N SER D 78 -18.53 -65.39 48.81
CA SER D 78 -17.64 -66.25 49.56
C SER D 78 -16.73 -65.46 50.49
N ARG D 79 -16.52 -64.17 50.22
CA ARG D 79 -15.69 -63.32 51.05
C ARG D 79 -16.40 -62.67 52.23
N LEU D 80 -17.70 -62.89 52.40
CA LEU D 80 -18.50 -62.21 53.42
C LEU D 80 -18.70 -63.12 54.62
N LYS D 81 -18.06 -62.81 55.75
CA LYS D 81 -18.10 -63.69 56.93
C LYS D 81 -18.43 -62.88 58.20
N ASP D 82 -19.71 -62.52 58.37
CA ASP D 82 -20.20 -61.82 59.57
C ASP D 82 -21.53 -62.44 59.94
N PRO D 83 -21.84 -62.55 61.24
CA PRO D 83 -23.08 -63.23 61.63
C PRO D 83 -24.37 -62.44 61.35
N ASN D 84 -24.27 -61.19 60.90
CA ASN D 84 -25.44 -60.44 60.45
C ASN D 84 -25.42 -60.16 58.95
N ILE D 85 -24.71 -60.96 58.17
CA ILE D 85 -24.71 -60.83 56.72
C ILE D 85 -25.03 -62.20 56.14
N ILE D 86 -25.68 -62.22 54.96
CA ILE D 86 -25.96 -63.49 54.32
C ILE D 86 -24.63 -64.20 54.10
N HIS D 87 -24.57 -65.47 54.48
CA HIS D 87 -23.33 -66.21 54.63
C HIS D 87 -23.36 -67.42 53.73
N LEU D 88 -22.31 -67.62 52.95
CA LEU D 88 -22.29 -68.69 51.95
C LEU D 88 -21.83 -70.00 52.60
N LEU D 89 -22.75 -70.96 52.73
CA LEU D 89 -22.39 -72.27 53.29
C LEU D 89 -21.76 -73.17 52.25
N ALA D 90 -22.33 -73.26 51.06
CA ALA D 90 -21.75 -74.11 50.03
C ALA D 90 -22.28 -73.63 48.68
N VAL D 91 -21.77 -74.26 47.62
CA VAL D 91 -22.09 -73.88 46.25
C VAL D 91 -22.31 -75.14 45.43
N CYS D 92 -23.01 -74.97 44.30
CA CYS D 92 -23.22 -76.04 43.31
C CYS D 92 -22.75 -75.53 41.95
N ILE D 93 -21.51 -75.87 41.56
CA ILE D 93 -20.94 -75.23 40.39
C ILE D 93 -20.37 -76.23 39.40
N THR D 94 -20.28 -77.51 39.78
CA THR D 94 -19.69 -78.47 38.85
C THR D 94 -20.55 -78.65 37.59
N ASP D 95 -21.87 -78.54 37.72
CA ASP D 95 -22.75 -78.56 36.55
C ASP D 95 -24.01 -77.74 36.81
N ASP D 96 -24.68 -77.35 35.72
CA ASP D 96 -25.84 -76.50 35.81
C ASP D 96 -27.04 -77.22 36.41
N PRO D 97 -27.99 -76.48 37.01
CA PRO D 97 -27.92 -75.05 37.35
C PRO D 97 -26.90 -74.72 38.44
N LEU D 98 -26.17 -73.60 38.33
CA LEU D 98 -25.28 -73.19 39.41
C LEU D 98 -26.10 -72.73 40.60
N CYS D 99 -25.55 -72.92 41.81
CA CYS D 99 -26.32 -72.69 43.02
C CYS D 99 -25.47 -72.09 44.11
N MET D 100 -26.12 -71.35 44.99
CA MET D 100 -25.54 -70.93 46.25
C MET D 100 -26.46 -71.35 47.38
N ILE D 101 -25.89 -71.70 48.52
CA ILE D 101 -26.68 -72.23 49.63
C ILE D 101 -26.50 -71.35 50.86
N THR D 102 -27.57 -71.19 51.64
CA THR D 102 -27.66 -70.23 52.73
C THR D 102 -28.62 -70.79 53.78
N GLU D 103 -28.45 -70.35 55.02
CA GLU D 103 -29.36 -70.76 56.09
C GLU D 103 -30.79 -70.29 55.84
N TYR D 104 -31.75 -71.14 56.16
CA TYR D 104 -33.14 -70.71 56.13
C TYR D 104 -33.41 -69.78 57.32
N MET D 105 -33.84 -68.56 57.04
CA MET D 105 -34.43 -67.71 58.06
C MET D 105 -35.94 -67.95 58.02
N GLU D 106 -36.49 -68.43 59.14
CA GLU D 106 -37.86 -68.89 59.06
C GLU D 106 -38.88 -67.77 59.03
N ASN D 107 -38.52 -66.58 59.49
CA ASN D 107 -39.52 -65.53 59.66
C ASN D 107 -39.53 -64.50 58.54
N GLY D 108 -38.91 -64.78 57.41
CA GLY D 108 -39.09 -63.94 56.24
C GLY D 108 -38.37 -62.59 56.32
N ASP D 109 -38.62 -61.74 55.35
CA ASP D 109 -37.95 -60.46 55.36
C ASP D 109 -38.53 -59.59 56.46
N LEU D 110 -37.69 -58.72 57.00
CA LEU D 110 -38.06 -57.94 58.18
C LEU D 110 -39.29 -57.09 57.93
N ASN D 111 -39.50 -56.67 56.67
CA ASN D 111 -40.70 -55.94 56.34
C ASN D 111 -41.94 -56.84 56.42
N GLN D 112 -41.84 -58.07 55.92
CA GLN D 112 -42.93 -59.03 56.06
C GLN D 112 -43.23 -59.30 57.52
N PHE D 113 -42.19 -59.31 58.35
CA PHE D 113 -42.34 -59.74 59.74
C PHE D 113 -42.95 -58.66 60.59
N LEU D 114 -42.48 -57.42 60.45
CA LEU D 114 -43.07 -56.36 61.25
C LEU D 114 -44.51 -56.08 60.85
N SER D 115 -44.85 -56.28 59.57
CA SER D 115 -46.22 -56.03 59.16
C SER D 115 -47.18 -56.99 59.83
N ARG D 116 -46.72 -58.19 60.20
CA ARG D 116 -47.54 -59.13 60.94
C ARG D 116 -47.91 -58.61 62.33
N HIS D 117 -47.19 -57.64 62.85
CA HIS D 117 -47.37 -57.16 64.22
C HIS D 117 -47.91 -55.74 64.19
N GLU D 118 -48.19 -55.22 65.37
CA GLU D 118 -48.72 -53.88 65.53
C GLU D 118 -48.08 -53.20 66.71
N PRO D 119 -48.08 -51.88 66.74
CA PRO D 119 -47.49 -51.17 67.88
C PRO D 119 -48.32 -51.34 69.13
N PRO D 120 -47.72 -51.11 70.31
CA PRO D 120 -48.41 -51.35 71.59
C PRO D 120 -49.64 -50.49 71.82
N ASN D 121 -50.58 -51.07 72.59
CA ASN D 121 -51.89 -50.47 72.88
C ASN D 121 -52.02 -50.06 74.33
N SER D 122 -52.46 -48.83 74.56
CA SER D 122 -52.88 -48.41 75.89
C SER D 122 -54.19 -49.03 76.31
N SER D 123 -54.94 -49.59 75.37
CA SER D 123 -56.39 -49.70 75.49
C SER D 123 -56.96 -51.07 75.18
N SER D 124 -56.20 -52.02 74.66
CA SER D 124 -56.74 -53.34 74.37
C SER D 124 -55.71 -54.41 74.68
N SER D 125 -56.18 -55.53 75.21
CA SER D 125 -55.29 -56.56 75.71
C SER D 125 -54.59 -57.32 74.59
N ASP D 126 -53.35 -57.71 74.86
CA ASP D 126 -52.65 -58.80 74.16
C ASP D 126 -52.68 -58.65 72.65
N VAL D 127 -52.51 -57.42 72.16
CA VAL D 127 -52.28 -57.23 70.74
C VAL D 127 -50.92 -57.81 70.40
N ARG D 128 -50.80 -58.40 69.21
CA ARG D 128 -49.54 -59.03 68.82
C ARG D 128 -48.52 -57.94 68.53
N THR D 129 -47.51 -57.83 69.39
CA THR D 129 -46.52 -56.78 69.31
C THR D 129 -45.14 -57.38 69.45
N VAL D 130 -44.14 -56.61 69.04
CA VAL D 130 -42.75 -56.88 69.38
C VAL D 130 -42.31 -55.84 70.40
N SER D 131 -41.44 -56.26 71.33
CA SER D 131 -40.98 -55.38 72.39
C SER D 131 -39.95 -54.38 71.88
N TYR D 132 -39.92 -53.20 72.50
CA TYR D 132 -38.93 -52.21 72.08
C TYR D 132 -37.51 -52.74 72.18
N THR D 133 -37.24 -53.61 73.16
CA THR D 133 -35.91 -54.19 73.23
C THR D 133 -35.60 -54.99 71.98
N ASN D 134 -36.48 -55.93 71.61
CA ASN D 134 -36.24 -56.79 70.45
C ASN D 134 -36.13 -55.99 69.16
N LEU D 135 -36.94 -54.94 69.00
CA LEU D 135 -36.75 -54.07 67.86
C LEU D 135 -35.34 -53.49 67.86
N LYS D 136 -34.91 -52.95 69.00
CA LYS D 136 -33.57 -52.38 69.04
C LYS D 136 -32.50 -53.46 68.84
N PHE D 137 -32.79 -54.70 69.23
CA PHE D 137 -31.87 -55.81 68.98
C PHE D 137 -31.74 -56.09 67.49
N MET D 138 -32.84 -55.88 66.76
CA MET D 138 -32.75 -56.00 65.31
C MET D 138 -32.00 -54.81 64.72
N ALA D 139 -32.32 -53.60 65.19
CA ALA D 139 -31.66 -52.40 64.68
C ALA D 139 -30.16 -52.50 64.87
N THR D 140 -29.71 -52.99 66.05
CA THR D 140 -28.28 -53.09 66.31
C THR D 140 -27.65 -54.23 65.53
N GLN D 141 -28.37 -55.33 65.31
CA GLN D 141 -27.79 -56.37 64.46
C GLN D 141 -27.57 -55.84 63.04
N ILE D 142 -28.54 -55.06 62.53
CA ILE D 142 -28.38 -54.42 61.23
C ILE D 142 -27.19 -53.49 61.27
N ALA D 143 -27.10 -52.71 62.35
CA ALA D 143 -25.98 -51.78 62.46
C ALA D 143 -24.66 -52.53 62.44
N SER D 144 -24.61 -53.71 63.04
CA SER D 144 -23.34 -54.40 63.16
C SER D 144 -22.92 -55.01 61.83
N GLY D 145 -23.88 -55.58 61.10
CA GLY D 145 -23.55 -56.04 59.76
C GLY D 145 -23.20 -54.89 58.83
N MET D 146 -23.90 -53.77 58.96
CA MET D 146 -23.57 -52.61 58.15
C MET D 146 -22.16 -52.15 58.44
N LYS D 147 -21.75 -52.24 59.70
CA LYS D 147 -20.40 -51.83 60.06
C LYS D 147 -19.38 -52.76 59.45
N TYR D 148 -19.72 -54.05 59.35
CA TYR D 148 -18.80 -54.99 58.71
C TYR D 148 -18.65 -54.70 57.22
N LEU D 149 -19.71 -54.53 56.48
CA LEU D 149 -19.59 -54.22 55.09
C LEU D 149 -18.88 -52.93 54.97
N SER D 150 -19.21 -52.02 55.86
CA SER D 150 -18.60 -50.71 55.85
C SER D 150 -17.09 -50.82 55.90
N SER D 151 -16.59 -51.79 56.68
CA SER D 151 -15.16 -51.98 56.85
C SER D 151 -14.52 -52.71 55.68
N LEU D 152 -15.31 -53.43 54.89
CA LEU D 152 -14.79 -53.98 53.65
C LEU D 152 -14.81 -52.96 52.52
N ASN D 153 -15.32 -51.76 52.77
CA ASN D 153 -15.59 -50.74 51.75
C ASN D 153 -16.54 -51.30 50.69
N PHE D 154 -17.53 -52.10 51.15
CA PHE D 154 -18.64 -52.63 50.38
C PHE D 154 -19.88 -51.79 50.72
N VAL D 155 -20.25 -50.87 49.82
CA VAL D 155 -21.53 -50.19 49.90
C VAL D 155 -22.68 -51.15 49.56
N HIS D 156 -23.79 -51.06 50.33
CA HIS D 156 -24.91 -51.96 50.05
C HIS D 156 -25.81 -51.43 48.94
N ARG D 157 -26.12 -50.14 49.00
CA ARG D 157 -26.89 -49.40 48.00
C ARG D 157 -28.41 -49.59 48.11
N ASP D 158 -28.88 -50.65 48.74
CA ASP D 158 -30.32 -50.82 48.95
C ASP D 158 -30.59 -51.42 50.33
N LEU D 159 -30.25 -50.70 51.37
CA LEU D 159 -30.52 -51.14 52.73
C LEU D 159 -31.93 -50.75 53.12
N ALA D 160 -32.72 -51.74 53.55
CA ALA D 160 -34.04 -51.50 54.12
C ALA D 160 -34.59 -52.82 54.66
N THR D 161 -35.65 -52.70 55.46
CA THR D 161 -36.16 -53.88 56.16
C THR D 161 -36.54 -54.96 55.18
N ARG D 162 -36.95 -54.57 53.97
CA ARG D 162 -37.30 -55.56 52.98
C ARG D 162 -36.09 -56.37 52.53
N ASN D 163 -34.87 -55.88 52.77
CA ASN D 163 -33.63 -56.60 52.48
C ASN D 163 -32.99 -57.24 53.71
N CYS D 164 -33.70 -57.30 54.83
CA CYS D 164 -33.22 -57.97 56.03
C CYS D 164 -34.08 -59.21 56.29
N LEU D 165 -33.44 -60.38 56.29
CA LEU D 165 -34.11 -61.58 56.75
C LEU D 165 -34.15 -61.68 58.28
N VAL D 166 -35.26 -62.23 58.78
CA VAL D 166 -35.43 -62.53 60.20
C VAL D 166 -35.38 -64.04 60.40
N GLY D 167 -34.61 -64.48 61.38
CA GLY D 167 -34.54 -65.87 61.74
C GLY D 167 -35.21 -66.17 63.07
N LYS D 168 -34.80 -67.28 63.68
CA LYS D 168 -35.27 -67.62 65.01
C LYS D 168 -34.73 -66.64 66.03
N ASN D 169 -35.58 -66.30 67.01
CA ASN D 169 -35.19 -65.44 68.14
C ASN D 169 -34.70 -64.07 67.71
N TYR D 170 -35.40 -63.49 66.75
CA TYR D 170 -35.13 -62.13 66.33
C TYR D 170 -33.72 -61.95 65.78
N THR D 171 -33.12 -63.01 65.27
CA THR D 171 -31.85 -62.82 64.57
C THR D 171 -32.10 -62.11 63.24
N ILE D 172 -31.10 -61.37 62.79
CA ILE D 172 -31.19 -60.58 61.58
C ILE D 172 -30.03 -60.98 60.68
N LYS D 173 -30.27 -61.01 59.37
CA LYS D 173 -29.15 -61.03 58.43
C LYS D 173 -29.52 -60.07 57.32
N ILE D 174 -28.64 -59.10 57.05
CA ILE D 174 -28.82 -58.20 55.91
C ILE D 174 -28.66 -58.99 54.62
N ALA D 175 -29.46 -58.63 53.61
CA ALA D 175 -29.46 -59.32 52.31
C ALA D 175 -29.66 -58.28 51.20
N ASP D 176 -29.92 -58.75 49.97
CA ASP D 176 -30.10 -57.88 48.79
C ASP D 176 -30.93 -58.50 47.67
N PHE D 177 -32.25 -58.50 47.81
CA PHE D 177 -33.12 -59.12 46.82
C PHE D 177 -33.11 -58.41 45.46
N GLY D 178 -32.81 -57.11 45.45
CA GLY D 178 -32.55 -56.41 44.20
C GLY D 178 -33.71 -55.99 43.32
N MET D 179 -34.76 -55.39 43.91
CA MET D 179 -35.85 -54.75 43.16
C MET D 179 -36.75 -55.73 42.41
N SER D 180 -36.36 -57.00 42.37
CA SER D 180 -37.10 -58.00 41.59
C SER D 180 -38.51 -58.26 42.13
N ARG D 181 -38.69 -58.20 43.46
CA ARG D 181 -39.97 -58.56 44.04
C ARG D 181 -41.06 -57.59 43.64
N ASN D 182 -42.22 -58.12 43.25
CA ASN D 182 -43.30 -57.26 42.81
C ASN D 182 -44.02 -56.61 43.99
N LEU D 183 -43.94 -57.21 45.17
CA LEU D 183 -44.61 -56.64 46.32
C LEU D 183 -44.05 -55.27 46.71
N TYR D 184 -42.74 -55.04 46.53
CA TYR D 184 -42.12 -53.78 46.94
C TYR D 184 -41.98 -52.79 45.79
N SER D 185 -42.78 -52.96 44.73
CA SER D 185 -42.60 -52.16 43.52
C SER D 185 -42.73 -50.67 43.80
N GLY D 186 -43.57 -50.27 44.75
CA GLY D 186 -43.77 -48.85 45.01
C GLY D 186 -42.63 -48.19 45.75
N ASP D 187 -41.66 -48.96 46.25
CA ASP D 187 -40.53 -48.40 46.96
C ASP D 187 -39.45 -47.90 46.02
N TYR D 188 -39.56 -48.21 44.74
CA TYR D 188 -38.57 -47.87 43.74
C TYR D 188 -39.12 -46.89 42.72
N TYR D 189 -38.21 -46.20 42.02
CA TYR D 189 -38.57 -45.09 41.15
C TYR D 189 -37.42 -44.80 40.22
N ARG D 190 -37.73 -44.45 38.99
CA ARG D 190 -36.73 -44.23 37.95
C ARG D 190 -36.63 -42.72 37.70
N ILE D 191 -35.54 -42.11 38.17
CA ILE D 191 -35.25 -40.71 37.84
C ILE D 191 -34.86 -40.62 36.37
N GLN D 192 -35.15 -39.46 35.76
CA GLN D 192 -35.44 -39.43 34.33
C GLN D 192 -34.30 -40.00 33.50
N GLY D 193 -33.06 -39.87 33.95
CA GLY D 193 -31.94 -40.40 33.19
C GLY D 193 -31.15 -41.52 33.86
N ARG D 194 -31.67 -42.01 34.96
CA ARG D 194 -30.94 -42.93 35.82
C ARG D 194 -31.73 -44.23 35.95
N ALA D 195 -31.21 -45.16 36.74
CA ALA D 195 -31.90 -46.43 36.93
C ALA D 195 -33.00 -46.30 37.99
N VAL D 196 -33.82 -47.35 38.09
CA VAL D 196 -34.86 -47.43 39.10
C VAL D 196 -34.20 -47.48 40.48
N LEU D 197 -34.70 -46.67 41.42
CA LEU D 197 -34.00 -46.45 42.68
C LEU D 197 -34.96 -46.35 43.86
N PRO D 198 -34.52 -46.77 45.04
CA PRO D 198 -35.33 -46.55 46.26
C PRO D 198 -35.19 -45.14 46.82
N ILE D 199 -35.85 -44.16 46.18
CA ILE D 199 -35.57 -42.76 46.52
C ILE D 199 -35.97 -42.40 47.95
N ARG D 200 -36.92 -43.11 48.56
CA ARG D 200 -37.36 -42.74 49.89
C ARG D 200 -36.28 -43.00 50.94
N TRP D 201 -35.39 -43.97 50.70
CA TRP D 201 -34.28 -44.30 51.58
C TRP D 201 -32.99 -43.56 51.26
N MET D 202 -32.92 -42.81 50.17
CA MET D 202 -31.65 -42.31 49.66
C MET D 202 -31.38 -40.87 50.07
N SER D 203 -30.13 -40.59 50.39
CA SER D 203 -29.69 -39.24 50.71
C SER D 203 -29.66 -38.35 49.47
N TRP D 204 -29.74 -37.05 49.70
CA TRP D 204 -29.75 -36.10 48.58
C TRP D 204 -28.49 -36.19 47.75
N GLU D 205 -27.36 -36.51 48.37
CA GLU D 205 -26.12 -36.59 47.59
C GLU D 205 -26.14 -37.78 46.63
N SER D 206 -26.88 -38.84 46.95
CA SER D 206 -26.94 -39.97 46.04
C SER D 206 -28.00 -39.78 44.95
N ILE D 207 -29.05 -39.01 45.24
CA ILE D 207 -30.10 -38.77 44.25
C ILE D 207 -29.65 -37.73 43.23
N LEU D 208 -29.37 -36.51 43.71
CA LEU D 208 -29.00 -35.44 42.79
C LEU D 208 -27.58 -35.63 42.23
N LEU D 209 -26.61 -35.84 43.10
CA LEU D 209 -25.23 -35.96 42.64
C LEU D 209 -24.83 -37.38 42.25
N GLY D 210 -25.61 -38.40 42.62
CA GLY D 210 -25.27 -39.73 42.16
C GLY D 210 -24.08 -40.38 42.84
N LYS D 211 -23.68 -39.91 44.02
CA LYS D 211 -22.55 -40.47 44.74
C LYS D 211 -23.03 -41.39 45.86
N PHE D 212 -22.55 -42.64 45.87
CA PHE D 212 -22.91 -43.67 46.86
C PHE D 212 -21.71 -43.99 47.75
N THR D 213 -21.70 -43.44 48.95
CA THR D 213 -20.68 -43.73 49.95
C THR D 213 -21.31 -44.56 51.04
N THR D 214 -20.51 -45.01 52.01
CA THR D 214 -21.18 -45.59 53.18
C THR D 214 -21.98 -44.53 53.93
N ALA D 215 -21.67 -43.24 53.75
CA ALA D 215 -22.46 -42.22 54.42
C ALA D 215 -23.91 -42.25 53.94
N SER D 216 -24.10 -42.56 52.65
CA SER D 216 -25.45 -42.75 52.12
C SER D 216 -26.10 -44.01 52.71
N ASP D 217 -25.32 -45.09 52.87
CA ASP D 217 -25.85 -46.25 53.59
C ASP D 217 -26.26 -45.90 55.00
N VAL D 218 -25.57 -44.96 55.64
CA VAL D 218 -25.96 -44.54 56.98
C VAL D 218 -27.30 -43.82 56.95
N TRP D 219 -27.51 -42.96 55.95
CA TRP D 219 -28.82 -42.34 55.78
C TRP D 219 -29.91 -43.40 55.57
N ALA D 220 -29.61 -44.42 54.76
CA ALA D 220 -30.54 -45.51 54.56
C ALA D 220 -30.76 -46.31 55.84
N PHE D 221 -29.73 -46.45 56.69
CA PHE D 221 -29.94 -47.11 57.96
C PHE D 221 -30.89 -46.31 58.83
N GLY D 222 -30.76 -44.97 58.83
CA GLY D 222 -31.64 -44.18 59.68
C GLY D 222 -33.08 -44.31 59.24
N VAL D 223 -33.30 -44.40 57.93
CA VAL D 223 -34.63 -44.72 57.43
C VAL D 223 -35.06 -46.13 57.84
N THR D 224 -34.17 -47.13 57.72
CA THR D 224 -34.53 -48.48 58.12
C THR D 224 -34.92 -48.53 59.60
N LEU D 225 -34.21 -47.77 60.44
CA LEU D 225 -34.52 -47.71 61.86
C LEU D 225 -35.89 -47.09 62.08
N TRP D 226 -36.26 -46.12 61.23
CA TRP D 226 -37.60 -45.57 61.31
C TRP D 226 -38.65 -46.60 60.93
N GLU D 227 -38.37 -47.41 59.89
CA GLU D 227 -39.27 -48.51 59.54
C GLU D 227 -39.44 -49.44 60.71
N THR D 228 -38.33 -49.85 61.33
CA THR D 228 -38.41 -50.82 62.40
C THR D 228 -39.19 -50.28 63.59
N PHE D 229 -39.04 -48.99 63.90
CA PHE D 229 -39.71 -48.48 65.08
C PHE D 229 -41.17 -48.11 64.80
N THR D 230 -41.55 -47.91 63.54
CA THR D 230 -42.96 -47.73 63.19
C THR D 230 -43.66 -49.03 62.84
N PHE D 231 -42.96 -50.18 62.94
CA PHE D 231 -43.54 -51.49 62.63
C PHE D 231 -43.97 -51.60 61.16
N CYS D 232 -43.34 -50.84 60.27
CA CYS D 232 -43.62 -50.89 58.82
C CYS D 232 -45.10 -50.68 58.53
N GLN D 233 -45.79 -49.98 59.44
CA GLN D 233 -47.19 -49.68 59.24
C GLN D 233 -47.40 -48.88 57.96
N GLU D 234 -46.49 -47.94 57.69
CA GLU D 234 -46.60 -47.04 56.55
C GLU D 234 -45.22 -46.73 55.97
N GLN D 235 -45.22 -46.43 54.69
CA GLN D 235 -44.01 -46.13 53.92
C GLN D 235 -43.38 -44.82 54.39
N PRO D 236 -42.07 -44.70 54.31
CA PRO D 236 -41.43 -43.44 54.69
C PRO D 236 -41.87 -42.27 53.81
N TYR D 237 -42.13 -41.14 54.45
CA TYR D 237 -42.76 -39.98 53.82
C TYR D 237 -44.02 -40.44 53.09
N SER D 238 -44.92 -41.02 53.88
CA SER D 238 -46.16 -41.57 53.36
C SER D 238 -47.06 -40.50 52.77
N GLN D 239 -46.99 -39.29 53.32
CA GLN D 239 -47.83 -38.19 52.89
C GLN D 239 -47.37 -37.56 51.58
N LEU D 240 -46.21 -37.97 51.06
CA LEU D 240 -45.62 -37.43 49.84
C LEU D 240 -45.66 -38.46 48.72
N SER D 241 -45.86 -37.98 47.49
CA SER D 241 -45.68 -38.80 46.31
C SER D 241 -44.22 -38.77 45.88
N ASP D 242 -43.87 -39.61 44.93
CA ASP D 242 -42.46 -39.70 44.55
C ASP D 242 -41.93 -38.37 44.00
N GLU D 243 -42.77 -37.62 43.28
CA GLU D 243 -42.33 -36.33 42.76
C GLU D 243 -42.06 -35.36 43.91
N GLN D 244 -42.84 -35.48 45.00
CA GLN D 244 -42.67 -34.72 46.24
C GLN D 244 -41.52 -35.23 47.11
N VAL D 245 -41.01 -36.43 46.83
CA VAL D 245 -39.83 -36.93 47.51
C VAL D 245 -38.56 -36.43 46.84
N ILE D 246 -38.55 -36.33 45.49
CA ILE D 246 -37.46 -35.60 44.85
C ILE D 246 -37.53 -34.13 45.21
N GLU D 247 -38.75 -33.58 45.22
CA GLU D 247 -38.95 -32.19 45.59
C GLU D 247 -38.48 -31.96 47.02
N ASN D 248 -38.64 -32.98 47.88
CA ASN D 248 -38.09 -32.92 49.23
C ASN D 248 -36.57 -33.05 49.22
N THR D 249 -36.03 -33.91 48.35
CA THR D 249 -34.60 -34.18 48.35
C THR D 249 -33.82 -32.91 48.06
N GLY D 250 -34.35 -32.09 47.18
CA GLY D 250 -33.71 -30.81 46.92
C GLY D 250 -33.75 -29.89 48.12
N GLU D 251 -34.77 -30.02 48.97
CA GLU D 251 -34.79 -29.21 50.17
C GLU D 251 -33.82 -29.75 51.21
N PHE D 252 -33.62 -31.07 51.21
CA PHE D 252 -32.59 -31.65 52.04
C PHE D 252 -31.21 -31.11 51.66
N PHE D 253 -30.98 -30.86 50.36
CA PHE D 253 -29.73 -30.23 49.92
C PHE D 253 -29.72 -28.76 50.28
N ARG D 254 -30.80 -28.05 49.98
CA ARG D 254 -30.88 -26.63 50.30
C ARG D 254 -30.82 -26.39 51.80
N ASP D 255 -31.30 -27.35 52.60
CA ASP D 255 -31.12 -27.40 54.06
C ASP D 255 -31.50 -26.09 54.74
N GLN D 256 -32.55 -25.43 54.24
CA GLN D 256 -32.95 -24.14 54.80
C GLN D 256 -34.24 -24.24 55.62
N GLY D 257 -34.61 -25.45 56.05
CA GLY D 257 -35.76 -25.67 56.90
C GLY D 257 -37.03 -26.09 56.17
N ARG D 258 -37.04 -26.05 54.85
CA ARG D 258 -38.20 -26.55 54.14
C ARG D 258 -38.22 -28.07 54.02
N GLN D 259 -37.14 -28.74 54.42
CA GLN D 259 -37.11 -30.20 54.43
C GLN D 259 -37.93 -30.74 55.59
N THR D 260 -38.47 -31.94 55.39
CA THR D 260 -39.24 -32.64 56.41
C THR D 260 -38.62 -34.01 56.66
N TYR D 261 -38.20 -34.27 57.88
CA TYR D 261 -37.65 -35.56 58.23
C TYR D 261 -38.78 -36.50 58.59
N LEU D 262 -38.45 -37.78 58.70
CA LEU D 262 -39.45 -38.72 59.19
C LEU D 262 -39.78 -38.42 60.65
N PRO D 263 -41.04 -38.53 61.05
CA PRO D 263 -41.43 -38.11 62.40
C PRO D 263 -40.88 -39.07 63.45
N GLN D 264 -40.85 -38.62 64.69
CA GLN D 264 -40.41 -39.54 65.74
C GLN D 264 -41.46 -40.61 66.04
N PRO D 265 -41.12 -41.89 65.91
CA PRO D 265 -42.07 -42.95 66.23
C PRO D 265 -42.44 -42.92 67.71
N ALA D 266 -43.64 -43.38 68.02
CA ALA D 266 -44.05 -43.40 69.42
C ALA D 266 -43.16 -44.28 70.28
N ILE D 267 -42.67 -45.39 69.72
CA ILE D 267 -41.94 -46.38 70.50
C ILE D 267 -40.49 -45.97 70.76
N CYS D 268 -40.02 -44.90 70.11
CA CYS D 268 -38.66 -44.41 70.01
C CYS D 268 -38.37 -43.39 71.11
N PRO D 269 -37.36 -43.64 71.94
CA PRO D 269 -36.88 -42.61 72.86
C PRO D 269 -36.20 -41.45 72.14
N ASP D 270 -36.18 -40.29 72.80
CA ASP D 270 -35.56 -39.09 72.23
C ASP D 270 -34.09 -39.32 71.84
N SER D 271 -33.36 -40.16 72.58
CA SER D 271 -31.95 -40.39 72.26
C SER D 271 -31.78 -41.08 70.91
N VAL D 272 -32.59 -42.11 70.64
CA VAL D 272 -32.48 -42.83 69.37
C VAL D 272 -32.94 -41.94 68.22
N TYR D 273 -34.04 -41.20 68.42
CA TYR D 273 -34.51 -40.36 67.33
C TYR D 273 -33.51 -39.25 67.02
N LYS D 274 -32.76 -38.80 68.04
CA LYS D 274 -31.62 -37.95 67.78
C LYS D 274 -30.58 -38.69 66.95
N LEU D 275 -30.45 -40.00 67.17
CA LEU D 275 -29.50 -40.75 66.34
C LEU D 275 -29.92 -40.77 64.87
N MET D 276 -31.23 -40.88 64.60
CA MET D 276 -31.70 -40.83 63.21
C MET D 276 -31.46 -39.44 62.61
N LEU D 277 -31.89 -38.40 63.34
CA LEU D 277 -31.70 -37.05 62.82
C LEU D 277 -30.24 -36.83 62.47
N SER D 278 -29.33 -37.40 63.27
CA SER D 278 -27.91 -37.38 62.93
C SER D 278 -27.62 -38.22 61.70
N CYS D 279 -28.43 -39.24 61.45
CA CYS D 279 -28.23 -40.02 60.23
C CYS D 279 -28.55 -39.22 58.97
N TRP D 280 -29.31 -38.12 59.09
CA TRP D 280 -29.76 -37.36 57.93
C TRP D 280 -29.13 -35.96 57.80
N ARG D 281 -27.94 -35.75 58.35
CA ARG D 281 -27.29 -34.43 58.28
C ARG D 281 -26.96 -34.06 56.84
N ARG D 282 -27.00 -32.76 56.55
CA ARG D 282 -26.81 -32.31 55.17
C ARG D 282 -25.45 -32.72 54.63
N ASP D 283 -24.44 -32.77 55.48
CA ASP D 283 -23.10 -33.09 55.02
C ASP D 283 -22.69 -34.48 55.52
N THR D 284 -22.05 -35.24 54.65
CA THR D 284 -21.66 -36.60 54.98
C THR D 284 -20.68 -36.67 56.14
N LYS D 285 -19.92 -35.58 56.36
CA LYS D 285 -18.91 -35.56 57.41
C LYS D 285 -19.50 -35.38 58.81
N ASN D 286 -20.81 -35.12 58.92
CA ASN D 286 -21.47 -35.12 60.22
C ASN D 286 -22.24 -36.41 60.50
N ARG D 287 -22.53 -37.20 59.49
CA ARG D 287 -23.26 -38.43 59.75
C ARG D 287 -22.35 -39.44 60.42
N PRO D 288 -22.87 -40.18 61.40
CA PRO D 288 -22.03 -41.11 62.15
C PRO D 288 -21.54 -42.27 61.29
N SER D 289 -20.44 -42.85 61.74
CA SER D 289 -19.97 -44.13 61.24
C SER D 289 -20.90 -45.25 61.72
N PHE D 290 -20.82 -46.39 61.05
CA PHE D 290 -21.58 -47.53 61.55
C PHE D 290 -21.03 -48.04 62.87
N GLN D 291 -19.74 -47.91 63.09
CA GLN D 291 -19.20 -48.27 64.39
C GLN D 291 -19.85 -47.41 65.47
N GLU D 292 -19.90 -46.10 65.24
CA GLU D 292 -20.49 -45.20 66.23
C GLU D 292 -21.96 -45.53 66.44
N ILE D 293 -22.67 -45.92 65.37
CA ILE D 293 -24.08 -46.24 65.48
C ILE D 293 -24.27 -47.48 66.32
N HIS D 294 -23.48 -48.52 66.05
CA HIS D 294 -23.59 -49.76 66.79
C HIS D 294 -23.31 -49.52 68.26
N LEU D 295 -22.36 -48.64 68.57
CA LEU D 295 -22.06 -48.43 69.98
C LEU D 295 -23.19 -47.69 70.68
N LEU D 296 -23.75 -46.67 70.01
CA LEU D 296 -24.78 -45.88 70.67
C LEU D 296 -26.06 -46.67 70.86
N LEU D 297 -26.33 -47.63 69.98
CA LEU D 297 -27.56 -48.38 70.18
C LEU D 297 -27.46 -49.36 71.35
N LEU D 298 -26.23 -49.72 71.73
CA LEU D 298 -26.04 -50.58 72.87
C LEU D 298 -26.27 -49.89 74.21
N GLN D 299 -26.18 -48.57 74.27
CA GLN D 299 -26.56 -47.88 75.51
C GLN D 299 -28.07 -48.00 75.76
N VAL E 1 -31.17 -44.30 -10.98
CA VAL E 1 -31.47 -42.91 -10.64
C VAL E 1 -30.20 -42.22 -10.10
N ALA E 2 -29.89 -41.06 -10.66
CA ALA E 2 -28.63 -40.40 -10.30
C ALA E 2 -28.69 -38.93 -10.73
N VAL E 3 -27.50 -38.33 -10.86
CA VAL E 3 -27.25 -36.90 -10.77
C VAL E 3 -25.89 -36.66 -11.39
N GLU E 4 -25.46 -35.41 -11.54
CA GLU E 4 -24.18 -35.12 -12.20
C GLU E 4 -23.16 -34.49 -11.25
N GLU E 5 -21.90 -34.89 -11.37
CA GLU E 5 -20.84 -34.24 -10.60
C GLU E 5 -20.55 -32.84 -11.14
N PHE E 6 -20.60 -31.85 -10.26
CA PHE E 6 -20.23 -30.49 -10.62
C PHE E 6 -18.82 -30.22 -10.15
N PRO E 7 -17.89 -29.89 -11.05
CA PRO E 7 -16.48 -29.73 -10.64
C PRO E 7 -16.34 -28.66 -9.57
N ARG E 8 -15.78 -29.06 -8.43
CA ARG E 8 -15.67 -28.19 -7.27
C ARG E 8 -14.73 -27.01 -7.50
N LYS E 9 -13.80 -27.15 -8.45
CA LYS E 9 -12.84 -26.09 -8.73
C LYS E 9 -13.55 -24.80 -9.15
N LEU E 10 -14.75 -24.89 -9.72
CA LEU E 10 -15.48 -23.74 -10.23
C LEU E 10 -16.28 -23.00 -9.16
N LEU E 11 -16.24 -23.46 -7.91
CA LEU E 11 -16.94 -22.83 -6.81
C LEU E 11 -16.11 -21.70 -6.19
N THR E 12 -16.82 -20.76 -5.55
CA THR E 12 -16.19 -19.62 -4.89
C THR E 12 -17.05 -19.30 -3.66
N PHE E 13 -16.57 -19.71 -2.48
CA PHE E 13 -17.32 -19.51 -1.25
C PHE E 13 -17.46 -18.03 -0.95
N LYS E 14 -18.67 -17.62 -0.56
CA LYS E 14 -19.01 -16.22 -0.38
C LYS E 14 -19.59 -15.89 0.99
N GLU E 15 -20.33 -16.82 1.59
CA GLU E 15 -21.05 -16.64 2.84
C GLU E 15 -21.49 -18.01 3.33
N LYS E 16 -21.60 -18.14 4.64
CA LYS E 16 -22.21 -19.31 5.23
C LYS E 16 -23.69 -19.03 5.43
N LEU E 17 -24.54 -19.95 5.00
CA LEU E 17 -25.97 -19.74 5.14
C LEU E 17 -26.51 -20.38 6.39
N GLY E 18 -25.92 -21.49 6.83
CA GLY E 18 -26.35 -22.10 8.08
C GLY E 18 -25.47 -23.29 8.38
N GLU E 19 -25.67 -23.84 9.56
CA GLU E 19 -24.92 -25.01 10.00
C GLU E 19 -25.86 -26.06 10.60
N GLY E 20 -25.57 -27.33 10.29
CA GLY E 20 -25.99 -28.43 11.11
C GLY E 20 -24.93 -28.78 12.14
N GLN E 21 -25.24 -29.81 12.93
CA GLN E 21 -24.18 -30.42 13.71
C GLN E 21 -23.31 -31.31 12.85
N PHE E 22 -23.75 -31.62 11.63
CA PHE E 22 -23.13 -32.63 10.79
C PHE E 22 -22.95 -32.14 9.36
N GLY E 23 -22.83 -30.83 9.19
CA GLY E 23 -22.63 -30.25 7.88
C GLY E 23 -22.77 -28.75 7.94
N GLU E 24 -22.55 -28.11 6.78
CA GLU E 24 -22.64 -26.67 6.64
C GLU E 24 -23.29 -26.34 5.31
N VAL E 25 -23.93 -25.19 5.21
CA VAL E 25 -24.54 -24.72 3.96
C VAL E 25 -23.85 -23.42 3.59
N HIS E 26 -23.44 -23.30 2.32
CA HIS E 26 -22.61 -22.20 1.83
C HIS E 26 -23.20 -21.61 0.57
N LEU E 27 -23.44 -20.30 0.60
CA LEU E 27 -23.65 -19.54 -0.63
C LEU E 27 -22.38 -19.54 -1.45
N CYS E 28 -22.50 -19.76 -2.76
CA CYS E 28 -21.32 -19.92 -3.60
C CYS E 28 -21.57 -19.33 -4.97
N GLU E 29 -20.50 -18.89 -5.61
CA GLU E 29 -20.56 -18.29 -6.93
C GLU E 29 -19.94 -19.25 -7.95
N VAL E 30 -20.57 -19.37 -9.12
CA VAL E 30 -20.19 -20.35 -10.14
C VAL E 30 -19.61 -19.69 -11.37
N GLU E 31 -18.73 -20.42 -12.06
CA GLU E 31 -17.97 -19.86 -13.18
C GLU E 31 -18.20 -20.62 -14.48
N PRO E 50 -22.29 -13.63 -12.48
CA PRO E 50 -22.24 -13.83 -11.02
C PRO E 50 -23.29 -14.83 -10.51
N VAL E 51 -23.43 -15.97 -11.18
CA VAL E 51 -24.43 -16.96 -10.81
C VAL E 51 -24.09 -17.55 -9.44
N LEU E 52 -25.07 -17.56 -8.55
CA LEU E 52 -24.96 -18.04 -7.20
C LEU E 52 -25.87 -19.25 -6.84
N VAL E 53 -25.34 -20.20 -6.09
CA VAL E 53 -26.08 -21.38 -5.69
C VAL E 53 -25.68 -21.75 -4.26
N ALA E 54 -26.52 -22.58 -3.62
CA ALA E 54 -26.31 -23.01 -2.24
C ALA E 54 -25.72 -24.41 -2.24
N VAL E 55 -24.81 -24.66 -1.27
CA VAL E 55 -24.04 -25.90 -1.19
C VAL E 55 -24.23 -26.51 0.20
N LYS E 56 -24.65 -27.77 0.23
CA LYS E 56 -24.82 -28.51 1.46
C LYS E 56 -23.65 -29.49 1.57
N MET E 57 -22.75 -29.20 2.52
CA MET E 57 -21.53 -29.96 2.78
C MET E 57 -21.74 -30.88 3.96
N LEU E 58 -21.29 -32.12 3.81
CA LEU E 58 -21.01 -32.94 4.97
C LEU E 58 -19.75 -32.41 5.67
N ARG E 59 -19.75 -32.37 7.00
CA ARG E 59 -18.52 -32.00 7.68
C ARG E 59 -17.48 -33.11 7.55
N ALA E 60 -16.19 -32.71 7.49
CA ALA E 60 -15.14 -33.69 7.26
C ALA E 60 -15.01 -34.69 8.41
N ASP E 61 -15.31 -34.28 9.64
CA ASP E 61 -15.30 -35.20 10.79
C ASP E 61 -16.68 -35.79 10.96
N ALA E 62 -16.97 -36.84 10.20
CA ALA E 62 -18.30 -37.41 10.14
C ALA E 62 -18.20 -38.91 10.38
N ASN E 63 -18.95 -39.39 11.38
CA ASN E 63 -19.01 -40.81 11.69
C ASN E 63 -19.61 -41.59 10.53
N LYS E 64 -19.51 -42.92 10.64
CA LYS E 64 -20.12 -43.76 9.61
C LYS E 64 -21.57 -43.39 9.42
N ASN E 65 -22.26 -43.04 10.51
CA ASN E 65 -23.69 -42.81 10.42
C ASN E 65 -24.02 -41.47 9.78
N ALA E 66 -23.28 -40.40 10.10
CA ALA E 66 -23.58 -39.14 9.45
C ALA E 66 -23.21 -39.17 7.96
N ARG E 67 -22.23 -40.00 7.60
CA ARG E 67 -21.88 -40.11 6.19
C ARG E 67 -22.90 -40.94 5.44
N ASN E 68 -23.28 -42.10 5.98
CA ASN E 68 -24.32 -42.91 5.34
C ASN E 68 -25.65 -42.18 5.30
N ASP E 69 -25.96 -41.38 6.33
CA ASP E 69 -27.15 -40.54 6.29
C ASP E 69 -27.05 -39.48 5.21
N PHE E 70 -25.83 -38.97 4.95
CA PHE E 70 -25.68 -38.02 3.85
C PHE E 70 -25.89 -38.70 2.50
N LEU E 71 -25.34 -39.90 2.32
CA LEU E 71 -25.54 -40.59 1.06
C LEU E 71 -27.02 -40.90 0.85
N LYS E 72 -27.71 -41.33 1.92
CA LYS E 72 -29.15 -41.53 1.84
C LYS E 72 -29.86 -40.25 1.39
N GLU E 73 -29.42 -39.11 1.93
CA GLU E 73 -30.05 -37.84 1.61
C GLU E 73 -29.80 -37.43 0.16
N ILE E 74 -28.63 -37.78 -0.38
CA ILE E 74 -28.40 -37.50 -1.80
C ILE E 74 -29.34 -38.33 -2.65
N LYS E 75 -29.51 -39.62 -2.33
CA LYS E 75 -30.43 -40.47 -3.08
C LYS E 75 -31.85 -39.92 -3.04
N ILE E 76 -32.36 -39.62 -1.84
CA ILE E 76 -33.72 -39.09 -1.71
C ILE E 76 -33.89 -37.83 -2.56
N MET E 77 -33.00 -36.86 -2.38
CA MET E 77 -33.15 -35.57 -3.06
C MET E 77 -33.00 -35.70 -4.57
N SER E 78 -32.34 -36.76 -5.05
CA SER E 78 -32.16 -36.91 -6.48
C SER E 78 -33.44 -37.37 -7.18
N ARG E 79 -34.49 -37.64 -6.42
CA ARG E 79 -35.80 -37.99 -6.94
C ARG E 79 -36.80 -36.84 -6.96
N LEU E 80 -36.60 -35.81 -6.16
CA LEU E 80 -37.60 -34.76 -6.04
C LEU E 80 -37.43 -33.82 -7.23
N LYS E 81 -38.38 -33.87 -8.15
CA LYS E 81 -38.40 -33.05 -9.35
C LYS E 81 -39.73 -32.29 -9.37
N ASP E 82 -39.81 -31.23 -8.56
CA ASP E 82 -40.98 -30.37 -8.58
C ASP E 82 -40.52 -28.93 -8.42
N PRO E 83 -41.21 -28.00 -9.06
CA PRO E 83 -40.80 -26.59 -9.01
C PRO E 83 -41.01 -25.92 -7.66
N ASN E 84 -41.74 -26.53 -6.73
CA ASN E 84 -41.92 -25.96 -5.41
C ASN E 84 -41.24 -26.77 -4.30
N ILE E 85 -40.28 -27.62 -4.65
CA ILE E 85 -39.50 -28.38 -3.69
C ILE E 85 -38.04 -28.13 -4.02
N ILE E 86 -37.19 -28.10 -2.97
CA ILE E 86 -35.79 -27.83 -3.18
C ILE E 86 -35.25 -28.89 -4.12
N HIS E 87 -34.49 -28.45 -5.13
CA HIS E 87 -34.17 -29.26 -6.28
C HIS E 87 -32.65 -29.34 -6.43
N LEU E 88 -32.16 -30.55 -6.63
CA LEU E 88 -30.74 -30.88 -6.51
C LEU E 88 -30.05 -30.72 -7.86
N LEU E 89 -29.36 -29.59 -8.08
CA LEU E 89 -28.78 -29.32 -9.41
C LEU E 89 -27.64 -30.28 -9.74
N ALA E 90 -26.73 -30.49 -8.80
CA ALA E 90 -25.59 -31.36 -9.01
C ALA E 90 -24.98 -31.72 -7.65
N VAL E 91 -23.98 -32.60 -7.68
CA VAL E 91 -23.35 -33.11 -6.48
C VAL E 91 -21.84 -33.08 -6.66
N CYS E 92 -21.12 -33.06 -5.53
CA CYS E 92 -19.71 -33.45 -5.48
C CYS E 92 -19.60 -34.66 -4.56
N ILE E 93 -19.17 -35.79 -5.13
CA ILE E 93 -19.12 -37.05 -4.41
C ILE E 93 -17.96 -37.86 -4.97
N THR E 94 -17.05 -37.19 -5.66
CA THR E 94 -15.84 -37.82 -6.13
C THR E 94 -14.68 -37.71 -5.15
N ASP E 95 -14.80 -36.87 -4.11
CA ASP E 95 -13.98 -36.92 -2.91
C ASP E 95 -14.59 -36.01 -1.84
N ASP E 96 -14.08 -36.14 -0.62
CA ASP E 96 -14.58 -35.38 0.52
C ASP E 96 -14.22 -33.91 0.37
N PRO E 97 -15.01 -33.01 0.98
CA PRO E 97 -16.37 -33.19 1.50
C PRO E 97 -17.45 -33.47 0.42
N LEU E 98 -18.37 -34.39 0.69
CA LEU E 98 -19.48 -34.58 -0.24
C LEU E 98 -20.38 -33.35 -0.18
N CYS E 99 -20.96 -32.97 -1.33
CA CYS E 99 -21.79 -31.76 -1.39
C CYS E 99 -22.98 -31.94 -2.31
N MET E 100 -24.06 -31.23 -1.99
CA MET E 100 -25.28 -31.13 -2.79
C MET E 100 -25.54 -29.67 -3.15
N ILE E 101 -25.87 -29.40 -4.42
CA ILE E 101 -26.03 -28.01 -4.88
C ILE E 101 -27.49 -27.71 -5.23
N THR E 102 -27.89 -26.44 -5.06
CA THR E 102 -29.29 -26.02 -5.14
C THR E 102 -29.34 -24.57 -5.59
N GLU E 103 -30.43 -24.19 -6.27
CA GLU E 103 -30.62 -22.80 -6.61
C GLU E 103 -30.62 -21.93 -5.35
N TYR E 104 -30.08 -20.74 -5.49
CA TYR E 104 -30.08 -19.78 -4.40
C TYR E 104 -31.39 -19.00 -4.47
N MET E 105 -32.30 -19.28 -3.54
CA MET E 105 -33.46 -18.42 -3.36
C MET E 105 -32.99 -17.12 -2.72
N GLU E 106 -33.14 -16.02 -3.45
CA GLU E 106 -32.37 -14.85 -3.06
C GLU E 106 -33.00 -14.08 -1.90
N ASN E 107 -34.18 -14.44 -1.42
CA ASN E 107 -34.78 -13.72 -0.30
C ASN E 107 -34.75 -14.45 1.05
N GLY E 108 -34.18 -15.66 1.15
CA GLY E 108 -34.10 -16.33 2.43
C GLY E 108 -35.41 -16.99 2.81
N ASP E 109 -35.46 -17.53 4.02
CA ASP E 109 -36.64 -18.30 4.43
C ASP E 109 -37.86 -17.37 4.56
N LEU E 110 -39.04 -17.95 4.34
CA LEU E 110 -40.26 -17.15 4.22
C LEU E 110 -40.64 -16.45 5.52
N ASN E 111 -40.28 -17.03 6.68
CA ASN E 111 -40.56 -16.36 7.94
C ASN E 111 -39.78 -15.06 8.06
N GLN E 112 -38.49 -15.08 7.66
CA GLN E 112 -37.73 -13.83 7.68
C GLN E 112 -38.31 -12.87 6.68
N PHE E 113 -38.77 -13.39 5.54
CA PHE E 113 -39.20 -12.54 4.44
C PHE E 113 -40.47 -11.78 4.79
N LEU E 114 -41.49 -12.48 5.31
CA LEU E 114 -42.70 -11.76 5.69
C LEU E 114 -42.46 -10.90 6.93
N SER E 115 -41.47 -11.24 7.76
CA SER E 115 -41.12 -10.44 8.92
C SER E 115 -40.52 -9.09 8.55
N ARG E 116 -39.89 -8.96 7.39
CA ARG E 116 -39.38 -7.68 6.91
C ARG E 116 -40.43 -6.90 6.12
N HIS E 117 -41.71 -7.13 6.38
CA HIS E 117 -42.78 -6.50 5.61
C HIS E 117 -43.86 -6.02 6.57
N GLU E 118 -45.04 -5.70 5.99
CA GLU E 118 -46.31 -5.36 6.65
C GLU E 118 -47.34 -5.18 5.53
N PRO E 119 -48.67 -5.24 5.79
CA PRO E 119 -49.64 -5.17 4.68
C PRO E 119 -49.89 -3.77 4.10
N ARG E 128 -42.46 -1.78 0.04
CA ARG E 128 -42.23 -2.61 1.21
C ARG E 128 -43.53 -3.13 1.81
N THR E 129 -44.45 -3.59 0.94
CA THR E 129 -45.71 -4.18 1.35
C THR E 129 -46.00 -5.40 0.48
N VAL E 130 -46.66 -6.40 1.07
CA VAL E 130 -47.05 -7.62 0.36
C VAL E 130 -48.57 -7.61 0.21
N SER E 131 -49.05 -7.70 -1.02
CA SER E 131 -50.49 -7.70 -1.27
C SER E 131 -51.09 -9.05 -0.86
N TYR E 132 -52.38 -9.02 -0.55
CA TYR E 132 -53.05 -10.27 -0.18
C TYR E 132 -52.97 -11.30 -1.31
N THR E 133 -52.96 -10.83 -2.56
CA THR E 133 -52.77 -11.75 -3.68
C THR E 133 -51.40 -12.41 -3.61
N ASN E 134 -50.37 -11.66 -3.21
CA ASN E 134 -49.04 -12.25 -3.13
C ASN E 134 -48.94 -13.28 -2.00
N LEU E 135 -49.59 -13.02 -0.86
CA LEU E 135 -49.68 -14.05 0.18
C LEU E 135 -50.39 -15.29 -0.35
N LYS E 136 -51.44 -15.06 -1.14
CA LYS E 136 -52.14 -16.19 -1.75
C LYS E 136 -51.26 -16.94 -2.72
N PHE E 137 -50.37 -16.24 -3.44
CA PHE E 137 -49.54 -16.92 -4.43
C PHE E 137 -48.49 -17.78 -3.76
N MET E 138 -47.91 -17.25 -2.69
CA MET E 138 -46.98 -18.05 -1.90
C MET E 138 -47.70 -19.26 -1.31
N ALA E 139 -48.89 -19.05 -0.74
CA ALA E 139 -49.58 -20.16 -0.09
C ALA E 139 -50.02 -21.23 -1.10
N THR E 140 -50.43 -20.85 -2.31
CA THR E 140 -50.75 -21.90 -3.28
C THR E 140 -49.50 -22.63 -3.72
N GLN E 141 -48.38 -21.92 -3.93
CA GLN E 141 -47.15 -22.63 -4.28
C GLN E 141 -46.81 -23.66 -3.21
N ILE E 142 -46.94 -23.28 -1.94
CA ILE E 142 -46.68 -24.24 -0.85
C ILE E 142 -47.64 -25.42 -0.99
N ALA E 143 -48.90 -25.14 -1.34
CA ALA E 143 -49.89 -26.21 -1.47
C ALA E 143 -49.50 -27.19 -2.57
N SER E 144 -48.91 -26.68 -3.66
CA SER E 144 -48.54 -27.56 -4.76
C SER E 144 -47.32 -28.40 -4.40
N GLY E 145 -46.36 -27.81 -3.68
CA GLY E 145 -45.20 -28.59 -3.28
C GLY E 145 -45.59 -29.71 -2.33
N MET E 146 -46.49 -29.41 -1.40
CA MET E 146 -46.96 -30.46 -0.51
C MET E 146 -47.79 -31.50 -1.24
N LYS E 147 -48.58 -31.13 -2.26
CA LYS E 147 -49.28 -32.20 -2.96
C LYS E 147 -48.33 -33.08 -3.75
N TYR E 148 -47.20 -32.55 -4.23
CA TYR E 148 -46.21 -33.44 -4.83
C TYR E 148 -45.63 -34.38 -3.79
N LEU E 149 -45.31 -33.84 -2.60
CA LEU E 149 -44.74 -34.71 -1.58
C LEU E 149 -45.74 -35.78 -1.20
N SER E 150 -47.01 -35.38 -0.99
CA SER E 150 -48.05 -36.33 -0.62
C SER E 150 -48.18 -37.41 -1.68
N SER E 151 -48.07 -37.04 -2.95
CA SER E 151 -48.15 -38.01 -4.04
C SER E 151 -47.01 -39.00 -3.96
N LEU E 152 -45.89 -38.62 -3.34
CA LEU E 152 -44.82 -39.57 -3.09
C LEU E 152 -44.96 -40.37 -1.81
N ASN E 153 -45.95 -40.08 -0.96
CA ASN E 153 -45.99 -40.57 0.41
C ASN E 153 -44.74 -40.16 1.17
N PHE E 154 -44.29 -38.95 0.90
CA PHE E 154 -43.21 -38.29 1.59
C PHE E 154 -43.83 -37.36 2.62
N VAL E 155 -43.73 -37.74 3.90
CA VAL E 155 -44.28 -36.98 5.00
C VAL E 155 -43.21 -36.02 5.50
N HIS E 156 -43.50 -34.72 5.48
CA HIS E 156 -42.45 -33.72 5.72
C HIS E 156 -42.08 -33.63 7.20
N ARG E 157 -43.09 -33.61 8.08
CA ARG E 157 -42.99 -33.64 9.54
C ARG E 157 -42.70 -32.28 10.21
N ASP E 158 -42.09 -31.33 9.49
CA ASP E 158 -41.77 -30.03 10.07
C ASP E 158 -42.09 -28.91 9.09
N LEU E 159 -43.24 -28.99 8.43
CA LEU E 159 -43.65 -27.89 7.58
C LEU E 159 -43.88 -26.65 8.42
N ALA E 160 -43.36 -25.51 7.94
CA ALA E 160 -43.65 -24.20 8.51
C ALA E 160 -43.02 -23.18 7.59
N THR E 161 -43.37 -21.91 7.81
CA THR E 161 -42.78 -20.84 7.02
C THR E 161 -41.25 -20.81 7.16
N ARG E 162 -40.73 -21.13 8.34
CA ARG E 162 -39.28 -21.11 8.49
C ARG E 162 -38.60 -22.17 7.64
N ASN E 163 -39.35 -23.17 7.15
CA ASN E 163 -38.77 -24.19 6.30
C ASN E 163 -39.00 -23.93 4.81
N CYS E 164 -39.59 -22.79 4.45
CA CYS E 164 -39.82 -22.39 3.06
C CYS E 164 -38.88 -21.27 2.66
N LEU E 165 -38.28 -21.39 1.47
CA LEU E 165 -37.43 -20.37 0.90
C LEU E 165 -38.18 -19.55 -0.14
N VAL E 166 -37.63 -18.35 -0.38
CA VAL E 166 -38.27 -17.34 -1.22
C VAL E 166 -37.25 -16.84 -2.23
N GLY E 167 -37.58 -16.96 -3.51
CA GLY E 167 -36.76 -16.50 -4.62
C GLY E 167 -37.22 -15.17 -5.18
N LYS E 168 -36.95 -14.96 -6.46
CA LYS E 168 -37.49 -13.78 -7.13
C LYS E 168 -39.00 -13.89 -7.33
N ASN E 169 -39.66 -12.73 -7.29
CA ASN E 169 -41.08 -12.62 -7.65
C ASN E 169 -41.95 -13.60 -6.88
N TYR E 170 -41.67 -13.75 -5.60
CA TYR E 170 -42.50 -14.49 -4.66
C TYR E 170 -42.59 -15.97 -4.99
N THR E 171 -41.64 -16.54 -5.72
CA THR E 171 -41.60 -18.00 -5.83
C THR E 171 -41.10 -18.63 -4.52
N ILE E 172 -41.66 -19.79 -4.20
CA ILE E 172 -41.56 -20.41 -2.88
C ILE E 172 -41.12 -21.85 -3.06
N LYS E 173 -39.91 -22.18 -2.67
CA LYS E 173 -39.59 -23.60 -2.59
C LYS E 173 -39.66 -24.08 -1.14
N ILE E 174 -40.05 -25.34 -0.95
CA ILE E 174 -40.21 -25.97 0.36
C ILE E 174 -38.94 -26.74 0.69
N ALA E 175 -38.36 -26.49 1.87
CA ALA E 175 -37.13 -27.16 2.29
C ALA E 175 -37.27 -27.82 3.66
N ASP E 176 -36.14 -28.26 4.28
CA ASP E 176 -36.18 -28.85 5.63
C ASP E 176 -34.83 -28.63 6.31
N PHE E 177 -34.69 -27.44 6.93
CA PHE E 177 -33.45 -27.04 7.63
C PHE E 177 -33.13 -27.91 8.83
N GLY E 178 -34.13 -28.49 9.46
CA GLY E 178 -33.95 -29.13 10.75
C GLY E 178 -34.11 -28.14 11.88
N MET E 179 -33.94 -28.65 13.09
CA MET E 179 -34.17 -27.87 14.30
C MET E 179 -32.94 -27.06 14.72
N SER E 180 -31.87 -27.08 13.93
CA SER E 180 -30.58 -26.53 14.30
C SER E 180 -30.56 -25.01 14.44
N ARG E 181 -31.49 -24.30 13.80
CA ARG E 181 -31.39 -22.85 13.66
C ARG E 181 -31.84 -22.13 14.93
N ASN E 182 -30.94 -21.36 15.54
CA ASN E 182 -31.24 -20.71 16.82
C ASN E 182 -32.33 -19.67 16.69
N LEU E 183 -32.45 -19.05 15.52
CA LEU E 183 -33.48 -18.05 15.33
C LEU E 183 -34.87 -18.63 15.54
N TYR E 184 -35.01 -19.93 15.33
CA TYR E 184 -36.28 -20.63 15.54
C TYR E 184 -36.20 -21.64 16.68
N SER E 185 -35.22 -21.50 17.58
CA SER E 185 -35.08 -22.46 18.67
C SER E 185 -36.34 -22.56 19.51
N GLY E 186 -37.12 -21.49 19.59
CA GLY E 186 -38.34 -21.49 20.38
C GLY E 186 -39.54 -22.12 19.70
N ASP E 187 -39.42 -22.47 18.43
CA ASP E 187 -40.50 -23.15 17.75
C ASP E 187 -40.48 -24.65 18.00
N TYR E 188 -39.54 -25.14 18.81
CA TYR E 188 -39.39 -26.56 19.09
C TYR E 188 -39.40 -26.80 20.59
N TYR E 189 -39.95 -27.96 20.99
CA TYR E 189 -40.20 -28.29 22.39
C TYR E 189 -39.95 -29.77 22.59
N ARG E 190 -39.46 -30.12 23.79
CA ARG E 190 -39.03 -31.48 24.10
C ARG E 190 -39.95 -32.11 25.13
N ILE E 191 -40.93 -32.90 24.65
CA ILE E 191 -41.68 -33.75 25.56
C ILE E 191 -40.71 -34.69 26.23
N GLN E 192 -40.87 -34.90 27.54
CA GLN E 192 -39.77 -35.41 28.34
C GLN E 192 -39.26 -36.75 27.83
N GLY E 193 -40.15 -37.55 27.25
CA GLY E 193 -39.75 -38.85 26.74
C GLY E 193 -39.69 -38.88 25.23
N ARG E 194 -40.50 -38.05 24.60
CA ARG E 194 -40.45 -37.93 23.15
C ARG E 194 -39.28 -37.02 22.76
N ALA E 195 -39.03 -36.92 21.45
CA ALA E 195 -37.99 -36.01 20.97
C ALA E 195 -38.46 -34.55 20.98
N VAL E 196 -37.82 -33.73 20.17
CA VAL E 196 -38.05 -32.31 20.14
C VAL E 196 -38.92 -32.00 18.93
N LEU E 197 -40.03 -31.29 19.16
CA LEU E 197 -41.12 -31.22 18.16
C LEU E 197 -41.66 -29.82 17.93
N PRO E 198 -42.02 -29.47 16.70
CA PRO E 198 -42.66 -28.15 16.48
C PRO E 198 -44.14 -28.18 16.85
N ILE E 199 -44.40 -28.22 18.15
CA ILE E 199 -45.73 -28.58 18.64
C ILE E 199 -46.77 -27.55 18.28
N ARG E 200 -46.39 -26.29 18.12
CA ARG E 200 -47.38 -25.30 17.71
C ARG E 200 -47.99 -25.65 16.35
N TRP E 201 -47.19 -26.29 15.48
CA TRP E 201 -47.58 -26.68 14.14
C TRP E 201 -48.16 -28.09 14.04
N MET E 202 -48.17 -28.85 15.12
CA MET E 202 -48.46 -30.28 15.05
C MET E 202 -49.88 -30.63 15.47
N SER E 203 -50.45 -31.61 14.77
CA SER E 203 -51.77 -32.18 15.07
C SER E 203 -51.73 -32.99 16.36
N TRP E 204 -52.90 -33.11 17.01
CA TRP E 204 -52.96 -33.85 18.27
C TRP E 204 -52.47 -35.28 18.09
N GLU E 205 -52.78 -35.91 16.96
CA GLU E 205 -52.42 -37.31 16.80
C GLU E 205 -50.93 -37.49 16.56
N SER E 206 -50.23 -36.47 16.09
CA SER E 206 -48.80 -36.62 15.96
C SER E 206 -48.10 -36.34 17.29
N ILE E 207 -48.61 -35.37 18.05
CA ILE E 207 -47.98 -35.01 19.31
C ILE E 207 -48.21 -36.08 20.36
N LEU E 208 -49.43 -36.61 20.44
CA LEU E 208 -49.76 -37.52 21.53
C LEU E 208 -49.53 -38.98 21.20
N LEU E 209 -49.60 -39.40 19.94
CA LEU E 209 -49.37 -40.79 19.58
C LEU E 209 -48.20 -40.98 18.63
N GLY E 210 -47.73 -39.92 17.97
CA GLY E 210 -46.60 -40.04 17.08
C GLY E 210 -46.88 -40.76 15.78
N LYS E 211 -48.08 -40.58 15.21
CA LYS E 211 -48.35 -41.04 13.84
C LYS E 211 -48.33 -39.84 12.91
N PHE E 212 -47.24 -39.71 12.15
CA PHE E 212 -47.10 -38.66 11.16
C PHE E 212 -47.60 -39.18 9.82
N THR E 213 -48.44 -38.38 9.18
CA THR E 213 -49.04 -38.74 7.89
C THR E 213 -49.24 -37.45 7.14
N THR E 214 -49.65 -37.57 5.89
CA THR E 214 -49.93 -36.34 5.18
C THR E 214 -51.07 -35.57 5.85
N ALA E 215 -51.94 -36.23 6.61
CA ALA E 215 -52.98 -35.49 7.33
C ALA E 215 -52.39 -34.61 8.42
N SER E 216 -51.34 -35.08 9.11
CA SER E 216 -50.61 -34.21 10.01
C SER E 216 -49.88 -33.12 9.25
N ASP E 217 -49.37 -33.45 8.04
CA ASP E 217 -48.76 -32.44 7.19
C ASP E 217 -49.76 -31.37 6.79
N VAL E 218 -51.00 -31.77 6.55
CA VAL E 218 -52.05 -30.81 6.22
C VAL E 218 -52.36 -29.94 7.41
N TRP E 219 -52.35 -30.50 8.62
CA TRP E 219 -52.55 -29.67 9.80
C TRP E 219 -51.49 -28.59 9.85
N ALA E 220 -50.23 -28.99 9.62
CA ALA E 220 -49.14 -28.02 9.58
C ALA E 220 -49.30 -27.04 8.43
N PHE E 221 -49.88 -27.47 7.31
CA PHE E 221 -50.17 -26.49 6.28
C PHE E 221 -51.20 -25.49 6.76
N GLY E 222 -52.16 -25.92 7.58
CA GLY E 222 -53.15 -24.98 8.09
C GLY E 222 -52.50 -23.95 8.98
N VAL E 223 -51.51 -24.39 9.78
CA VAL E 223 -50.77 -23.43 10.59
C VAL E 223 -49.88 -22.55 9.71
N THR E 224 -49.24 -23.13 8.69
CA THR E 224 -48.33 -22.37 7.83
C THR E 224 -49.09 -21.28 7.08
N LEU E 225 -50.24 -21.64 6.52
CA LEU E 225 -51.07 -20.64 5.88
C LEU E 225 -51.50 -19.60 6.89
N TRP E 226 -51.74 -20.02 8.15
CA TRP E 226 -52.11 -19.02 9.15
C TRP E 226 -50.97 -18.02 9.38
N GLU E 227 -49.72 -18.51 9.41
CA GLU E 227 -48.57 -17.62 9.54
C GLU E 227 -48.50 -16.67 8.37
N THR E 228 -48.69 -17.18 7.16
CA THR E 228 -48.50 -16.31 6.01
C THR E 228 -49.50 -15.18 6.05
N PHE E 229 -50.75 -15.46 6.42
CA PHE E 229 -51.67 -14.35 6.46
C PHE E 229 -51.47 -13.47 7.69
N THR E 230 -50.74 -13.93 8.69
CA THR E 230 -50.39 -13.02 9.77
C THR E 230 -49.15 -12.20 9.47
N PHE E 231 -48.49 -12.42 8.33
CA PHE E 231 -47.22 -11.78 7.99
C PHE E 231 -46.10 -12.19 8.94
N CYS E 232 -46.15 -13.45 9.41
CA CYS E 232 -45.12 -14.01 10.28
C CYS E 232 -44.76 -13.06 11.42
N GLN E 233 -45.72 -12.21 11.77
CA GLN E 233 -45.49 -11.27 12.84
C GLN E 233 -45.40 -11.99 14.18
N GLU E 234 -46.02 -13.16 14.31
CA GLU E 234 -46.25 -13.74 15.62
C GLU E 234 -46.22 -15.26 15.60
N GLN E 235 -45.81 -15.83 16.73
CA GLN E 235 -45.87 -17.27 16.94
C GLN E 235 -47.33 -17.71 16.92
N PRO E 236 -47.60 -18.94 16.47
CA PRO E 236 -48.96 -19.48 16.63
C PRO E 236 -49.32 -19.63 18.11
N TYR E 237 -50.60 -19.41 18.41
CA TYR E 237 -51.11 -19.36 19.79
C TYR E 237 -50.10 -18.69 20.73
N SER E 238 -49.82 -17.41 20.47
CA SER E 238 -48.82 -16.69 21.23
C SER E 238 -49.23 -16.47 22.67
N GLN E 239 -50.53 -16.51 22.95
CA GLN E 239 -51.03 -16.26 24.30
C GLN E 239 -50.75 -17.43 25.24
N LEU E 240 -50.39 -18.59 24.69
CA LEU E 240 -50.15 -19.80 25.45
C LEU E 240 -48.66 -20.14 25.45
N SER E 241 -48.21 -20.73 26.55
CA SER E 241 -46.88 -21.29 26.63
C SER E 241 -46.86 -22.71 26.06
N ASP E 242 -45.64 -23.23 25.86
CA ASP E 242 -45.50 -24.56 25.28
C ASP E 242 -46.21 -25.61 26.11
N GLU E 243 -46.24 -25.42 27.43
CA GLU E 243 -47.00 -26.36 28.26
C GLU E 243 -48.49 -26.20 28.01
N GLN E 244 -48.96 -24.95 27.94
CA GLN E 244 -50.35 -24.67 27.61
C GLN E 244 -50.70 -25.11 26.19
N VAL E 245 -49.73 -25.05 25.27
CA VAL E 245 -50.00 -25.57 23.94
C VAL E 245 -50.20 -27.06 24.00
N ILE E 246 -49.40 -27.77 24.80
CA ILE E 246 -49.61 -29.22 24.95
C ILE E 246 -51.01 -29.49 25.53
N GLU E 247 -51.41 -28.68 26.52
CA GLU E 247 -52.74 -28.85 27.11
C GLU E 247 -53.81 -28.60 26.07
N ASN E 248 -53.61 -27.58 25.23
CA ASN E 248 -54.55 -27.29 24.16
C ASN E 248 -54.61 -28.43 23.14
N THR E 249 -53.49 -29.11 22.92
CA THR E 249 -53.49 -30.29 22.07
C THR E 249 -54.44 -31.32 22.64
N GLY E 250 -54.29 -31.59 23.94
CA GLY E 250 -55.17 -32.56 24.55
C GLY E 250 -56.62 -32.12 24.45
N GLU E 251 -56.86 -30.81 24.37
CA GLU E 251 -58.23 -30.37 24.13
C GLU E 251 -58.67 -30.52 22.67
N PHE E 252 -57.76 -30.40 21.70
CA PHE E 252 -58.10 -30.70 20.31
C PHE E 252 -58.51 -32.15 20.16
N PHE E 253 -57.89 -33.04 20.96
CA PHE E 253 -58.24 -34.45 20.94
C PHE E 253 -59.46 -34.77 21.79
N ARG E 254 -59.68 -34.02 22.86
CA ARG E 254 -60.89 -34.21 23.64
C ARG E 254 -62.13 -33.89 22.79
N ASP E 255 -62.00 -32.89 21.92
CA ASP E 255 -63.03 -32.48 20.96
C ASP E 255 -64.38 -32.22 21.64
N GLN E 256 -64.34 -31.42 22.70
CA GLN E 256 -65.59 -30.96 23.33
C GLN E 256 -65.71 -29.44 23.31
N GLY E 257 -64.95 -28.76 22.47
CA GLY E 257 -65.07 -27.33 22.37
C GLY E 257 -64.21 -26.55 23.33
N ARG E 258 -63.39 -27.20 24.14
CA ARG E 258 -62.43 -26.44 24.91
C ARG E 258 -61.21 -26.05 24.09
N GLN E 259 -61.04 -26.65 22.91
CA GLN E 259 -59.89 -26.31 22.12
C GLN E 259 -60.01 -24.90 21.59
N THR E 260 -58.87 -24.26 21.45
CA THR E 260 -58.80 -22.89 20.98
C THR E 260 -58.12 -22.95 19.62
N TYR E 261 -58.85 -22.58 18.60
CA TYR E 261 -58.34 -22.54 17.25
C TYR E 261 -57.55 -21.26 17.05
N LEU E 262 -56.57 -21.32 16.16
CA LEU E 262 -55.82 -20.12 15.83
C LEU E 262 -56.79 -19.07 15.27
N PRO E 263 -56.70 -17.82 15.73
CA PRO E 263 -57.68 -16.80 15.33
C PRO E 263 -57.59 -16.46 13.85
N GLN E 264 -58.70 -15.98 13.29
CA GLN E 264 -58.76 -15.71 11.85
C GLN E 264 -58.08 -14.39 11.49
N PRO E 265 -57.09 -14.39 10.59
CA PRO E 265 -56.32 -13.16 10.35
C PRO E 265 -57.20 -12.07 9.76
N ALA E 266 -56.84 -10.82 10.05
CA ALA E 266 -57.59 -9.70 9.49
C ALA E 266 -57.51 -9.66 7.97
N ILE E 267 -56.38 -10.10 7.40
CA ILE E 267 -56.23 -10.11 5.94
C ILE E 267 -57.00 -11.24 5.26
N CYS E 268 -57.56 -12.18 6.04
CA CYS E 268 -58.04 -13.45 5.52
C CYS E 268 -59.54 -13.42 5.22
N PRO E 269 -59.97 -13.75 3.99
CA PRO E 269 -61.41 -13.93 3.74
C PRO E 269 -61.92 -15.16 4.44
N ASP E 270 -63.23 -15.19 4.66
CA ASP E 270 -63.87 -16.29 5.38
C ASP E 270 -63.66 -17.64 4.69
N SER E 271 -63.55 -17.66 3.37
CA SER E 271 -63.39 -18.94 2.67
C SER E 271 -62.10 -19.64 3.09
N VAL E 272 -60.97 -18.94 2.97
CA VAL E 272 -59.68 -19.54 3.28
C VAL E 272 -59.53 -19.83 4.78
N TYR E 273 -60.17 -19.03 5.64
CA TYR E 273 -60.15 -19.35 7.07
C TYR E 273 -60.90 -20.65 7.33
N LYS E 274 -62.03 -20.83 6.66
CA LYS E 274 -62.74 -22.09 6.74
C LYS E 274 -61.84 -23.23 6.27
N LEU E 275 -60.96 -22.95 5.31
CA LEU E 275 -60.02 -23.98 4.87
C LEU E 275 -59.05 -24.36 5.99
N MET E 276 -58.49 -23.36 6.69
CA MET E 276 -57.59 -23.67 7.80
C MET E 276 -58.30 -24.53 8.84
N LEU E 277 -59.51 -24.11 9.22
CA LEU E 277 -60.27 -24.88 10.20
C LEU E 277 -60.53 -26.30 9.71
N SER E 278 -60.73 -26.48 8.41
CA SER E 278 -60.84 -27.81 7.86
C SER E 278 -59.56 -28.60 8.03
N CYS E 279 -58.40 -27.92 8.03
CA CYS E 279 -57.17 -28.63 8.32
C CYS E 279 -57.09 -29.07 9.78
N TRP E 280 -57.74 -28.36 10.68
CA TRP E 280 -57.55 -28.65 12.11
C TRP E 280 -58.59 -29.61 12.70
N ARG E 281 -59.35 -30.29 11.88
CA ARG E 281 -60.38 -31.17 12.45
C ARG E 281 -59.72 -32.40 13.05
N ARG E 282 -60.44 -33.00 14.00
CA ARG E 282 -59.83 -34.01 14.87
C ARG E 282 -59.58 -35.31 14.13
N ASP E 283 -60.60 -35.86 13.49
CA ASP E 283 -60.36 -37.04 12.67
C ASP E 283 -59.61 -36.64 11.40
N THR E 284 -58.70 -37.52 10.93
CA THR E 284 -57.97 -37.22 9.70
C THR E 284 -58.82 -37.41 8.45
N LYS E 285 -59.86 -38.24 8.52
CA LYS E 285 -60.69 -38.46 7.34
C LYS E 285 -61.34 -37.16 6.87
N ASN E 286 -61.68 -36.27 7.80
CA ASN E 286 -62.30 -35.00 7.43
C ASN E 286 -61.31 -33.91 7.09
N ARG E 287 -60.00 -34.19 7.10
CA ARG E 287 -59.08 -33.15 6.66
C ARG E 287 -58.96 -33.16 5.13
N PRO E 288 -58.84 -31.99 4.51
CA PRO E 288 -58.68 -31.94 3.05
C PRO E 288 -57.36 -32.58 2.63
N SER E 289 -57.37 -33.14 1.42
CA SER E 289 -56.15 -33.51 0.72
C SER E 289 -55.50 -32.28 0.11
N PHE E 290 -54.19 -32.37 -0.08
CA PHE E 290 -53.46 -31.21 -0.59
C PHE E 290 -53.94 -30.82 -1.99
N GLN E 291 -54.40 -31.80 -2.79
CA GLN E 291 -54.97 -31.49 -4.10
C GLN E 291 -56.22 -30.64 -3.95
N GLU E 292 -57.08 -31.02 -3.01
CA GLU E 292 -58.28 -30.23 -2.71
C GLU E 292 -57.90 -28.83 -2.23
N ILE E 293 -56.85 -28.74 -1.39
CA ILE E 293 -56.47 -27.46 -0.78
C ILE E 293 -55.93 -26.51 -1.83
N HIS E 294 -55.21 -27.07 -2.80
CA HIS E 294 -54.67 -26.28 -3.89
C HIS E 294 -55.79 -25.75 -4.77
N LEU E 295 -56.72 -26.61 -5.16
CA LEU E 295 -57.82 -26.14 -6.00
C LEU E 295 -58.64 -25.07 -5.27
N LEU E 296 -58.80 -25.22 -3.96
CA LEU E 296 -59.59 -24.26 -3.20
C LEU E 296 -58.90 -22.91 -3.17
N LEU E 297 -57.59 -22.89 -2.91
CA LEU E 297 -56.89 -21.62 -2.84
C LEU E 297 -56.87 -20.92 -4.19
N LEU E 298 -56.84 -21.68 -5.30
CA LEU E 298 -56.74 -21.02 -6.60
C LEU E 298 -57.96 -20.18 -6.93
N GLN E 299 -59.12 -20.49 -6.34
CA GLN E 299 -60.30 -19.62 -6.44
C GLN E 299 -60.09 -18.28 -5.73
N VAL F 1 34.31 40.61 -81.79
CA VAL F 1 33.67 39.78 -80.75
C VAL F 1 33.94 40.36 -79.37
N ALA F 2 32.94 40.34 -78.48
CA ALA F 2 32.97 41.21 -77.31
C ALA F 2 32.16 40.60 -76.16
N VAL F 3 31.94 41.42 -75.13
CA VAL F 3 31.41 41.02 -73.83
C VAL F 3 30.81 42.24 -73.15
N GLU F 4 30.14 42.05 -72.02
CA GLU F 4 29.58 43.13 -71.22
C GLU F 4 30.27 43.22 -69.87
N GLU F 5 30.33 44.43 -69.32
CA GLU F 5 31.01 44.68 -68.03
C GLU F 5 30.00 44.49 -66.89
N PHE F 6 30.07 43.35 -66.20
CA PHE F 6 29.27 43.19 -65.00
C PHE F 6 29.81 44.08 -63.88
N PRO F 7 28.96 44.80 -63.14
CA PRO F 7 29.45 45.76 -62.15
C PRO F 7 29.85 45.05 -60.87
N ARG F 8 31.10 45.27 -60.45
CA ARG F 8 31.66 44.49 -59.36
C ARG F 8 30.90 44.69 -58.04
N LYS F 9 30.17 45.80 -57.92
CA LYS F 9 29.43 46.11 -56.70
C LYS F 9 28.39 45.03 -56.39
N LEU F 10 27.79 44.44 -57.43
CA LEU F 10 26.81 43.38 -57.21
C LEU F 10 27.48 42.09 -56.73
N LEU F 11 28.75 41.88 -57.06
CA LEU F 11 29.43 40.66 -56.65
C LEU F 11 29.62 40.63 -55.14
N THR F 12 29.49 39.45 -54.55
CA THR F 12 29.68 39.22 -53.11
C THR F 12 30.34 37.86 -52.93
N PHE F 13 31.58 37.87 -52.45
CA PHE F 13 32.34 36.63 -52.32
C PHE F 13 31.75 35.70 -51.26
N LYS F 14 31.88 34.40 -51.51
CA LYS F 14 31.32 33.40 -50.60
C LYS F 14 32.34 32.32 -50.27
N GLU F 15 32.92 31.71 -51.30
CA GLU F 15 33.79 30.55 -51.13
C GLU F 15 34.84 30.56 -52.23
N LYS F 16 36.10 30.36 -51.87
CA LYS F 16 37.10 30.10 -52.88
C LYS F 16 36.79 28.76 -53.54
N LEU F 17 36.82 28.73 -54.87
CA LEU F 17 36.60 27.51 -55.62
C LEU F 17 37.89 26.89 -56.12
N GLY F 18 38.93 27.70 -56.34
CA GLY F 18 40.23 27.11 -56.58
C GLY F 18 41.28 28.18 -56.70
N GLU F 19 42.54 27.74 -56.78
CA GLU F 19 43.66 28.64 -56.98
C GLU F 19 44.46 28.23 -58.19
N GLY F 20 44.58 29.15 -59.17
CA GLY F 20 45.62 29.06 -60.16
C GLY F 20 46.93 29.63 -59.62
N GLN F 21 48.00 29.42 -60.39
CA GLN F 21 49.28 29.98 -59.99
C GLN F 21 49.27 31.51 -60.06
N PHE F 22 48.45 32.08 -60.96
CA PHE F 22 48.33 33.53 -61.14
C PHE F 22 46.86 33.95 -61.11
N GLY F 23 46.14 33.52 -60.08
CA GLY F 23 44.77 33.95 -59.94
C GLY F 23 43.98 32.96 -59.10
N GLU F 24 42.69 33.24 -59.00
CA GLU F 24 41.80 32.47 -58.14
C GLU F 24 40.46 32.34 -58.84
N VAL F 25 39.65 31.39 -58.37
CA VAL F 25 38.24 31.28 -58.74
C VAL F 25 37.43 31.29 -57.47
N HIS F 26 36.44 32.20 -57.39
CA HIS F 26 35.56 32.36 -56.25
C HIS F 26 34.12 32.10 -56.65
N LEU F 27 33.37 31.50 -55.73
CA LEU F 27 31.93 31.47 -55.81
C LEU F 27 31.37 32.78 -55.24
N CYS F 28 30.51 33.45 -55.99
CA CYS F 28 30.04 34.78 -55.61
C CYS F 28 28.54 34.88 -55.75
N GLU F 29 27.97 35.74 -54.90
CA GLU F 29 26.53 35.92 -54.77
C GLU F 29 26.14 37.26 -55.39
N VAL F 30 25.24 37.23 -56.39
CA VAL F 30 24.86 38.42 -57.14
C VAL F 30 23.60 39.03 -56.53
N GLU F 31 23.60 40.37 -56.42
CA GLU F 31 22.58 41.07 -55.65
C GLU F 31 21.67 41.92 -56.51
N GLY F 32 21.10 41.34 -57.56
CA GLY F 32 20.09 42.03 -58.35
C GLY F 32 19.58 41.21 -59.51
N ASN F 48 13.70 32.41 -50.85
CA ASN F 48 14.67 32.68 -51.91
C ASN F 48 16.07 32.17 -51.55
N GLN F 49 16.84 31.82 -52.58
CA GLN F 49 18.25 31.54 -52.43
C GLN F 49 19.02 32.56 -53.26
N PRO F 50 20.27 32.88 -52.87
CA PRO F 50 21.03 33.86 -53.66
C PRO F 50 21.26 33.35 -55.07
N VAL F 51 21.13 34.24 -56.04
CA VAL F 51 21.66 33.97 -57.38
C VAL F 51 23.17 33.93 -57.29
N LEU F 52 23.76 32.94 -57.89
CA LEU F 52 25.17 32.72 -57.78
C LEU F 52 25.97 32.47 -59.07
N VAL F 53 27.22 32.88 -59.06
CA VAL F 53 28.08 32.69 -60.22
C VAL F 53 29.47 32.31 -59.73
N ALA F 54 30.30 31.88 -60.67
CA ALA F 54 31.69 31.53 -60.41
C ALA F 54 32.55 32.51 -61.18
N VAL F 55 33.21 33.42 -60.47
CA VAL F 55 34.12 34.40 -61.05
C VAL F 55 35.55 33.87 -61.00
N LYS F 56 36.25 33.94 -62.13
CA LYS F 56 37.68 33.67 -62.20
C LYS F 56 38.43 35.00 -62.28
N MET F 57 39.12 35.34 -61.20
CA MET F 57 39.88 36.57 -61.06
C MET F 57 41.36 36.30 -61.28
N LEU F 58 42.05 37.33 -61.77
CA LEU F 58 43.50 37.37 -61.90
C LEU F 58 44.05 38.20 -60.75
N ARG F 59 45.00 37.63 -60.01
CA ARG F 59 45.55 38.33 -58.85
C ARG F 59 46.08 39.69 -59.26
N ALA F 60 45.77 40.71 -58.47
CA ALA F 60 46.12 42.07 -58.84
C ALA F 60 47.63 42.26 -58.97
N ASP F 61 48.44 41.41 -58.32
CA ASP F 61 49.89 41.35 -58.49
C ASP F 61 50.23 40.24 -59.48
N ALA F 62 50.29 40.59 -60.77
CA ALA F 62 50.58 39.61 -61.79
C ALA F 62 51.44 40.26 -62.85
N ASN F 63 52.26 39.43 -63.50
CA ASN F 63 53.27 39.83 -64.46
C ASN F 63 52.66 40.20 -65.81
N LYS F 64 53.47 40.84 -66.66
CA LYS F 64 53.03 41.13 -68.02
C LYS F 64 52.64 39.84 -68.75
N ASN F 65 53.35 38.74 -68.48
CA ASN F 65 52.98 37.50 -69.13
C ASN F 65 51.66 36.96 -68.59
N ALA F 66 51.47 36.99 -67.27
CA ALA F 66 50.23 36.45 -66.70
C ALA F 66 49.02 37.24 -67.15
N ARG F 67 49.12 38.59 -67.11
CA ARG F 67 47.99 39.42 -67.50
C ARG F 67 47.73 39.33 -69.00
N ASN F 68 48.79 39.30 -69.81
CA ASN F 68 48.58 39.21 -71.25
C ASN F 68 47.95 37.87 -71.62
N ASP F 69 48.28 36.81 -70.89
CA ASP F 69 47.62 35.52 -71.11
C ASP F 69 46.17 35.53 -70.65
N PHE F 70 45.87 36.26 -69.57
CA PHE F 70 44.48 36.38 -69.12
C PHE F 70 43.62 37.11 -70.15
N LEU F 71 44.16 38.18 -70.74
CA LEU F 71 43.44 38.84 -71.82
C LEU F 71 43.30 37.91 -73.03
N LYS F 72 44.35 37.19 -73.40
CA LYS F 72 44.18 36.26 -74.52
C LYS F 72 43.11 35.24 -74.19
N GLU F 73 43.02 34.86 -72.92
CA GLU F 73 42.02 33.90 -72.46
C GLU F 73 40.61 34.49 -72.50
N ILE F 74 40.44 35.78 -72.23
CA ILE F 74 39.11 36.40 -72.36
C ILE F 74 38.70 36.44 -73.83
N LYS F 75 39.60 36.90 -74.70
CA LYS F 75 39.27 36.94 -76.11
C LYS F 75 38.97 35.55 -76.64
N ILE F 76 39.57 34.50 -76.06
CA ILE F 76 39.28 33.14 -76.51
C ILE F 76 37.93 32.66 -75.97
N MET F 77 37.70 32.83 -74.67
CA MET F 77 36.48 32.34 -74.05
C MET F 77 35.25 32.99 -74.64
N SER F 78 35.36 34.26 -75.04
CA SER F 78 34.18 34.95 -75.52
C SER F 78 33.65 34.33 -76.79
N ARG F 79 34.49 33.58 -77.52
CA ARG F 79 34.07 32.93 -78.75
C ARG F 79 33.35 31.59 -78.54
N LEU F 80 33.31 31.06 -77.32
CA LEU F 80 32.72 29.74 -77.07
C LEU F 80 31.24 29.89 -76.74
N LYS F 81 30.37 29.24 -77.53
CA LYS F 81 28.94 29.44 -77.44
C LYS F 81 28.19 28.13 -77.72
N ASP F 82 28.45 27.12 -76.92
CA ASP F 82 27.74 25.84 -76.88
C ASP F 82 27.22 25.64 -75.47
N PRO F 83 26.07 25.00 -75.30
CA PRO F 83 25.55 24.82 -73.95
C PRO F 83 26.24 23.73 -73.15
N ASN F 84 27.28 23.08 -73.68
CA ASN F 84 28.12 22.15 -72.91
C ASN F 84 29.60 22.57 -72.86
N ILE F 85 29.90 23.81 -73.22
CA ILE F 85 31.22 24.40 -73.04
C ILE F 85 31.05 25.51 -72.04
N ILE F 86 32.09 25.75 -71.23
CA ILE F 86 31.95 26.80 -70.22
C ILE F 86 31.65 28.09 -70.95
N HIS F 87 30.66 28.81 -70.46
CA HIS F 87 30.10 29.94 -71.19
C HIS F 87 30.39 31.23 -70.43
N LEU F 88 30.93 32.22 -71.13
CA LEU F 88 31.41 33.44 -70.47
C LEU F 88 30.28 34.44 -70.34
N LEU F 89 29.65 34.50 -69.16
CA LEU F 89 28.49 35.38 -68.99
C LEU F 89 28.88 36.86 -69.05
N ALA F 90 29.98 37.23 -68.42
CA ALA F 90 30.37 38.63 -68.36
C ALA F 90 31.81 38.73 -67.92
N VAL F 91 32.34 39.97 -67.96
CA VAL F 91 33.73 40.23 -67.61
C VAL F 91 33.80 41.54 -66.83
N CYS F 92 34.89 41.69 -66.05
CA CYS F 92 35.23 42.92 -65.32
C CYS F 92 36.62 43.34 -65.76
N ILE F 93 36.71 44.38 -66.60
CA ILE F 93 38.01 44.72 -67.16
C ILE F 93 38.24 46.22 -67.11
N THR F 94 37.26 46.98 -66.60
CA THR F 94 37.42 48.43 -66.51
C THR F 94 38.55 48.81 -65.55
N ASP F 95 38.82 47.98 -64.55
CA ASP F 95 39.88 48.23 -63.59
C ASP F 95 40.28 46.91 -62.96
N ASP F 96 41.45 46.91 -62.32
CA ASP F 96 41.98 45.71 -61.72
C ASP F 96 41.26 45.40 -60.41
N PRO F 97 41.22 44.11 -60.00
CA PRO F 97 41.54 42.87 -60.73
C PRO F 97 40.53 42.52 -61.84
N LEU F 98 41.01 41.93 -62.94
CA LEU F 98 40.15 41.53 -64.05
C LEU F 98 39.35 40.28 -63.68
N CYS F 99 38.22 40.09 -64.33
CA CYS F 99 37.36 38.98 -63.98
C CYS F 99 36.66 38.40 -65.20
N MET F 100 36.50 37.08 -65.17
CA MET F 100 35.50 36.40 -65.99
C MET F 100 34.45 35.84 -65.05
N ILE F 101 33.22 35.72 -65.53
CA ILE F 101 32.13 35.26 -64.70
C ILE F 101 31.36 34.16 -65.44
N THR F 102 31.04 33.09 -64.72
CA THR F 102 30.53 31.86 -65.32
C THR F 102 29.36 31.36 -64.47
N GLU F 103 28.47 30.58 -65.08
CA GLU F 103 27.42 29.95 -64.28
C GLU F 103 28.06 29.02 -63.24
N TYR F 104 27.47 28.98 -62.05
CA TYR F 104 28.03 28.10 -61.02
C TYR F 104 27.48 26.69 -61.23
N MET F 105 28.37 25.73 -61.43
CA MET F 105 28.00 24.31 -61.51
C MET F 105 28.02 23.71 -60.11
N GLU F 106 26.84 23.39 -59.58
CA GLU F 106 26.75 23.22 -58.13
C GLU F 106 27.20 21.84 -57.66
N ASN F 107 27.59 20.94 -58.57
CA ASN F 107 28.13 19.64 -58.17
C ASN F 107 29.62 19.45 -58.41
N GLY F 108 30.34 20.48 -58.87
CA GLY F 108 31.78 20.36 -58.98
C GLY F 108 32.21 19.49 -60.15
N ASP F 109 33.51 19.17 -60.18
CA ASP F 109 34.05 18.45 -61.31
C ASP F 109 33.53 17.01 -61.32
N LEU F 110 33.44 16.43 -62.52
CA LEU F 110 32.79 15.15 -62.69
C LEU F 110 33.54 14.04 -61.97
N ASN F 111 34.86 14.17 -61.82
CA ASN F 111 35.62 13.20 -61.03
C ASN F 111 35.23 13.27 -59.56
N GLN F 112 35.10 14.49 -59.02
CA GLN F 112 34.65 14.63 -57.65
C GLN F 112 33.22 14.14 -57.48
N PHE F 113 32.39 14.30 -58.51
CA PHE F 113 30.98 13.93 -58.42
C PHE F 113 30.78 12.42 -58.41
N LEU F 114 31.38 11.71 -59.38
CA LEU F 114 31.21 10.26 -59.43
C LEU F 114 31.94 9.56 -58.27
N SER F 115 33.02 10.16 -57.78
CA SER F 115 33.74 9.49 -56.69
C SER F 115 32.90 9.40 -55.42
N ARG F 116 31.99 10.36 -55.21
CA ARG F 116 31.02 10.25 -54.12
C ARG F 116 30.04 9.11 -54.32
N HIS F 117 29.72 8.80 -55.57
CA HIS F 117 28.68 7.82 -55.84
C HIS F 117 29.23 6.39 -55.81
N GLU F 118 28.32 5.45 -56.00
CA GLU F 118 28.54 4.03 -56.10
C GLU F 118 27.56 3.57 -57.21
N PRO F 119 27.86 2.47 -57.92
CA PRO F 119 26.88 1.99 -58.89
C PRO F 119 25.53 1.66 -58.26
N THR F 129 23.87 6.78 -56.32
CA THR F 129 23.55 5.94 -57.47
C THR F 129 23.26 6.76 -58.74
N VAL F 130 24.00 6.44 -59.80
CA VAL F 130 23.84 7.07 -61.11
C VAL F 130 23.32 6.00 -62.06
N SER F 131 22.06 6.09 -62.46
CA SER F 131 21.54 5.12 -63.42
C SER F 131 22.32 5.21 -64.71
N TYR F 132 22.55 4.06 -65.34
CA TYR F 132 23.36 4.06 -66.56
C TYR F 132 22.77 5.00 -67.60
N THR F 133 21.46 5.23 -67.54
CA THR F 133 20.84 6.27 -68.36
C THR F 133 21.54 7.60 -68.15
N ASN F 134 21.69 7.99 -66.89
CA ASN F 134 22.34 9.26 -66.57
C ASN F 134 23.82 9.25 -66.92
N LEU F 135 24.50 8.11 -66.79
CA LEU F 135 25.90 8.07 -67.16
C LEU F 135 26.05 8.29 -68.66
N LYS F 136 25.15 7.70 -69.45
CA LYS F 136 25.12 7.94 -70.89
C LYS F 136 24.74 9.38 -71.21
N PHE F 137 23.85 9.98 -70.43
CA PHE F 137 23.52 11.37 -70.67
C PHE F 137 24.74 12.25 -70.51
N MET F 138 25.48 12.08 -69.39
CA MET F 138 26.65 12.91 -69.14
C MET F 138 27.72 12.67 -70.19
N ALA F 139 27.87 11.42 -70.63
CA ALA F 139 28.88 11.14 -71.64
C ALA F 139 28.51 11.78 -72.98
N THR F 140 27.26 11.60 -73.45
CA THR F 140 26.89 12.21 -74.74
C THR F 140 27.00 13.71 -74.67
N GLN F 141 26.73 14.31 -73.50
CA GLN F 141 26.92 15.75 -73.37
C GLN F 141 28.38 16.14 -73.58
N ILE F 142 29.30 15.33 -73.04
CA ILE F 142 30.71 15.57 -73.32
C ILE F 142 30.97 15.45 -74.82
N ALA F 143 30.34 14.49 -75.47
CA ALA F 143 30.54 14.34 -76.91
C ALA F 143 30.00 15.54 -77.70
N SER F 144 28.89 16.15 -77.26
CA SER F 144 28.36 17.29 -78.00
C SER F 144 29.23 18.53 -77.80
N GLY F 145 29.69 18.77 -76.57
CA GLY F 145 30.58 19.91 -76.35
C GLY F 145 31.88 19.74 -77.10
N MET F 146 32.38 18.50 -77.15
CA MET F 146 33.58 18.22 -77.89
C MET F 146 33.38 18.52 -79.36
N LYS F 147 32.28 18.03 -79.96
CA LYS F 147 32.09 18.27 -81.38
C LYS F 147 31.95 19.77 -81.67
N TYR F 148 31.42 20.56 -80.75
CA TYR F 148 31.46 22.01 -80.96
C TYR F 148 32.91 22.50 -81.05
N LEU F 149 33.75 22.10 -80.08
CA LEU F 149 35.15 22.53 -80.13
C LEU F 149 35.82 22.01 -81.38
N SER F 150 35.53 20.77 -81.75
CA SER F 150 36.10 20.15 -82.93
C SER F 150 35.73 20.93 -84.19
N SER F 151 34.49 21.45 -84.24
CA SER F 151 34.06 22.28 -85.36
C SER F 151 34.80 23.60 -85.42
N LEU F 152 35.18 24.14 -84.24
CA LEU F 152 35.94 25.38 -84.22
C LEU F 152 37.43 25.17 -84.47
N ASN F 153 37.88 23.94 -84.73
CA ASN F 153 39.30 23.63 -84.91
C ASN F 153 40.09 24.01 -83.67
N PHE F 154 39.51 23.66 -82.54
CA PHE F 154 40.01 23.91 -81.19
C PHE F 154 40.34 22.54 -80.61
N VAL F 155 41.62 22.27 -80.40
CA VAL F 155 42.06 21.04 -79.75
C VAL F 155 42.16 21.30 -78.26
N HIS F 156 41.40 20.55 -77.47
CA HIS F 156 41.34 20.81 -76.03
C HIS F 156 42.68 20.51 -75.34
N ARG F 157 43.19 19.30 -75.54
CA ARG F 157 44.42 18.71 -74.99
C ARG F 157 44.35 18.23 -73.54
N ASP F 158 43.17 17.98 -72.98
CA ASP F 158 43.12 17.60 -71.57
C ASP F 158 41.71 17.21 -71.19
N LEU F 159 40.95 16.71 -72.15
CA LEU F 159 39.62 16.22 -71.82
C LEU F 159 39.74 15.05 -70.85
N ALA F 160 39.19 15.21 -69.66
CA ALA F 160 39.12 14.15 -68.66
C ALA F 160 38.11 14.57 -67.60
N THR F 161 37.65 13.60 -66.82
CA THR F 161 36.51 13.88 -65.94
C THR F 161 36.78 15.05 -65.04
N ARG F 162 38.03 15.22 -64.60
CA ARG F 162 38.37 16.32 -63.72
C ARG F 162 38.11 17.66 -64.37
N ASN F 163 38.09 17.72 -65.69
CA ASN F 163 37.90 18.98 -66.39
C ASN F 163 36.47 19.24 -66.85
N CYS F 164 35.51 18.46 -66.38
CA CYS F 164 34.10 18.75 -66.68
C CYS F 164 33.39 19.08 -65.36
N LEU F 165 32.75 20.24 -65.33
CA LEU F 165 31.83 20.55 -64.24
C LEU F 165 30.48 19.85 -64.44
N VAL F 166 29.84 19.52 -63.32
CA VAL F 166 28.55 18.84 -63.28
C VAL F 166 27.55 19.79 -62.63
N GLY F 167 26.50 20.12 -63.36
CA GLY F 167 25.48 21.03 -62.88
C GLY F 167 24.26 20.35 -62.28
N LYS F 168 23.20 21.15 -62.17
CA LYS F 168 21.90 20.65 -61.75
C LYS F 168 21.37 19.63 -62.75
N ASN F 169 20.73 18.57 -62.22
CA ASN F 169 20.11 17.53 -63.05
C ASN F 169 21.07 16.93 -64.08
N TYR F 170 22.24 16.49 -63.59
CA TYR F 170 23.25 15.75 -64.38
C TYR F 170 23.70 16.49 -65.65
N THR F 171 23.61 17.82 -65.69
CA THR F 171 24.16 18.56 -66.82
C THR F 171 25.68 18.63 -66.74
N ILE F 172 26.32 18.67 -67.91
CA ILE F 172 27.77 18.63 -68.03
C ILE F 172 28.24 19.85 -68.80
N LYS F 173 29.36 20.43 -68.38
CA LYS F 173 30.06 21.45 -69.18
C LYS F 173 31.55 21.14 -69.16
N ILE F 174 32.20 21.27 -70.33
CA ILE F 174 33.63 21.02 -70.43
C ILE F 174 34.39 22.27 -70.03
N ALA F 175 35.51 22.10 -69.32
CA ALA F 175 36.28 23.21 -68.77
C ALA F 175 37.76 22.89 -68.90
N ASP F 176 38.62 23.82 -68.42
CA ASP F 176 40.06 23.60 -68.41
C ASP F 176 40.66 24.21 -67.14
N PHE F 177 40.96 23.36 -66.15
CA PHE F 177 41.42 23.83 -64.85
C PHE F 177 42.91 24.13 -64.85
N GLY F 178 43.71 23.37 -65.59
CA GLY F 178 45.14 23.44 -65.49
C GLY F 178 45.71 22.30 -64.65
N MET F 179 47.02 22.38 -64.41
CA MET F 179 47.74 21.47 -63.52
C MET F 179 47.96 22.07 -62.14
N SER F 180 47.34 23.21 -61.84
CA SER F 180 47.47 23.84 -60.52
C SER F 180 46.79 23.05 -59.41
N ARG F 181 45.83 22.19 -59.75
CA ARG F 181 45.01 21.51 -58.74
C ARG F 181 45.76 20.33 -58.13
N ASN F 182 46.04 20.41 -56.84
CA ASN F 182 46.90 19.44 -56.18
C ASN F 182 46.17 18.13 -55.86
N LEU F 183 44.84 18.08 -56.02
CA LEU F 183 44.12 16.82 -55.95
C LEU F 183 44.32 15.95 -57.18
N TYR F 184 44.77 16.52 -58.30
CA TYR F 184 45.00 15.71 -59.48
C TYR F 184 46.45 15.77 -59.94
N SER F 185 47.37 16.09 -59.02
CA SER F 185 48.77 16.22 -59.41
C SER F 185 49.32 14.92 -59.99
N GLY F 186 48.79 13.78 -59.56
CA GLY F 186 49.25 12.48 -60.00
C GLY F 186 48.70 12.05 -61.34
N ASP F 187 47.79 12.84 -61.89
CA ASP F 187 47.28 12.63 -63.24
C ASP F 187 48.24 13.10 -64.31
N TYR F 188 49.35 13.73 -63.93
CA TYR F 188 50.28 14.34 -64.87
C TYR F 188 51.71 13.94 -64.53
N TYR F 189 52.55 14.01 -65.55
CA TYR F 189 53.89 13.45 -65.52
C TYR F 189 54.68 14.13 -66.61
N ARG F 190 55.94 14.45 -66.31
CA ARG F 190 56.78 15.14 -67.29
C ARG F 190 57.56 14.10 -68.09
N ILE F 191 57.34 14.09 -69.41
CA ILE F 191 58.29 13.41 -70.29
C ILE F 191 59.54 14.26 -70.41
N GLN F 192 60.71 13.61 -70.49
CA GLN F 192 61.94 14.29 -70.10
C GLN F 192 62.18 15.54 -70.94
N GLY F 193 61.92 15.47 -72.24
CA GLY F 193 62.04 16.67 -73.03
C GLY F 193 60.81 17.55 -73.08
N ARG F 194 59.72 17.12 -72.46
CA ARG F 194 58.39 17.64 -72.68
C ARG F 194 57.84 18.20 -71.37
N ALA F 195 56.65 18.79 -71.44
CA ALA F 195 55.98 19.34 -70.26
C ALA F 195 55.28 18.22 -69.47
N VAL F 196 54.78 18.59 -68.28
CA VAL F 196 53.92 17.66 -67.56
C VAL F 196 52.66 17.44 -68.38
N LEU F 197 52.26 16.18 -68.54
CA LEU F 197 51.16 15.82 -69.42
C LEU F 197 50.34 14.67 -68.85
N PRO F 198 49.00 14.65 -69.10
CA PRO F 198 48.19 13.51 -68.66
C PRO F 198 48.47 12.30 -69.51
N ILE F 199 49.46 11.48 -69.14
CA ILE F 199 49.88 10.45 -70.07
C ILE F 199 48.79 9.43 -70.26
N ARG F 200 48.01 9.13 -69.22
CA ARG F 200 47.01 8.07 -69.31
C ARG F 200 45.82 8.46 -70.22
N TRP F 201 45.60 9.75 -70.45
CA TRP F 201 44.57 10.19 -71.37
C TRP F 201 45.07 10.41 -72.80
N MET F 202 46.37 10.50 -73.03
CA MET F 202 46.91 10.91 -74.33
C MET F 202 47.26 9.73 -75.22
N SER F 203 46.96 9.89 -76.50
CA SER F 203 47.24 8.95 -77.57
C SER F 203 48.72 8.98 -77.93
N TRP F 204 49.18 7.89 -78.54
CA TRP F 204 50.60 7.68 -78.76
C TRP F 204 51.27 8.81 -79.55
N GLU F 205 50.57 9.44 -80.49
CA GLU F 205 51.27 10.46 -81.28
C GLU F 205 51.46 11.74 -80.48
N SER F 206 50.57 12.04 -79.53
CA SER F 206 50.79 13.19 -78.66
C SER F 206 51.89 12.94 -77.64
N ILE F 207 52.09 11.69 -77.24
CA ILE F 207 53.14 11.39 -76.27
C ILE F 207 54.49 11.32 -76.97
N LEU F 208 54.55 10.58 -78.06
CA LEU F 208 55.81 10.33 -78.75
C LEU F 208 56.14 11.34 -79.84
N LEU F 209 55.14 11.85 -80.56
CA LEU F 209 55.43 12.87 -81.58
C LEU F 209 55.02 14.27 -81.16
N GLY F 210 54.20 14.42 -80.13
CA GLY F 210 53.83 15.75 -79.76
C GLY F 210 52.85 16.42 -80.69
N LYS F 211 52.19 15.65 -81.56
CA LYS F 211 51.13 16.20 -82.41
C LYS F 211 49.79 16.02 -81.71
N PHE F 212 49.07 17.13 -81.56
CA PHE F 212 47.74 17.12 -81.00
C PHE F 212 46.76 17.50 -82.09
N THR F 213 45.72 16.68 -82.26
CA THR F 213 44.63 16.95 -83.19
C THR F 213 43.34 16.69 -82.45
N THR F 214 42.21 16.89 -83.13
CA THR F 214 40.94 16.44 -82.55
C THR F 214 40.92 14.92 -82.43
N ALA F 215 41.72 14.23 -83.24
CA ALA F 215 41.86 12.78 -83.07
C ALA F 215 42.43 12.44 -81.71
N SER F 216 43.43 13.21 -81.24
CA SER F 216 43.99 12.96 -79.91
C SER F 216 42.96 13.25 -78.82
N ASP F 217 42.15 14.29 -79.02
CA ASP F 217 41.03 14.53 -78.11
C ASP F 217 40.05 13.38 -78.17
N VAL F 218 39.96 12.70 -79.30
CA VAL F 218 39.04 11.58 -79.38
C VAL F 218 39.53 10.44 -78.50
N TRP F 219 40.84 10.20 -78.50
CA TRP F 219 41.40 9.17 -77.64
C TRP F 219 41.16 9.52 -76.18
N ALA F 220 41.40 10.78 -75.82
CA ALA F 220 41.11 11.21 -74.47
C ALA F 220 39.61 11.17 -74.16
N PHE F 221 38.75 11.26 -75.18
CA PHE F 221 37.32 11.05 -74.92
C PHE F 221 37.06 9.60 -74.56
N GLY F 222 37.73 8.67 -75.25
CA GLY F 222 37.58 7.29 -74.86
C GLY F 222 37.94 7.07 -73.41
N VAL F 223 39.10 7.60 -73.00
CA VAL F 223 39.46 7.42 -71.60
C VAL F 223 38.45 8.12 -70.69
N THR F 224 37.92 9.30 -71.11
CA THR F 224 36.96 9.97 -70.24
C THR F 224 35.68 9.16 -70.07
N LEU F 225 35.27 8.46 -71.12
CA LEU F 225 34.10 7.61 -71.02
C LEU F 225 34.36 6.47 -70.06
N TRP F 226 35.56 5.89 -70.14
CA TRP F 226 35.93 4.79 -69.25
C TRP F 226 35.96 5.25 -67.80
N GLU F 227 36.35 6.50 -67.54
CA GLU F 227 36.26 7.05 -66.20
C GLU F 227 34.80 7.11 -65.76
N THR F 228 33.94 7.70 -66.59
CA THR F 228 32.53 7.85 -66.27
C THR F 228 31.87 6.50 -65.93
N PHE F 229 32.08 5.49 -66.78
CA PHE F 229 31.42 4.21 -66.59
C PHE F 229 32.11 3.33 -65.56
N THR F 230 33.33 3.65 -65.14
CA THR F 230 33.89 3.04 -63.94
C THR F 230 33.71 3.91 -62.70
N PHE F 231 32.82 4.92 -62.78
CA PHE F 231 32.51 5.80 -61.67
C PHE F 231 33.77 6.43 -61.11
N CYS F 232 34.75 6.65 -61.98
CA CYS F 232 35.99 7.34 -61.63
C CYS F 232 36.68 6.72 -60.41
N GLN F 233 36.32 5.49 -60.05
CA GLN F 233 36.82 4.92 -58.81
C GLN F 233 38.32 4.72 -58.86
N GLU F 234 38.87 4.33 -60.00
CA GLU F 234 40.29 4.04 -60.08
C GLU F 234 40.88 4.67 -61.33
N GLN F 235 42.16 5.01 -61.23
CA GLN F 235 42.86 5.75 -62.26
C GLN F 235 43.07 4.85 -63.48
N PRO F 236 42.95 5.38 -64.70
CA PRO F 236 43.10 4.53 -65.88
C PRO F 236 44.49 3.92 -65.93
N TYR F 237 44.56 2.68 -66.38
CA TYR F 237 45.78 1.88 -66.29
C TYR F 237 46.31 1.89 -64.86
N SER F 238 45.44 1.55 -63.91
CA SER F 238 45.82 1.54 -62.51
C SER F 238 46.94 0.55 -62.23
N GLN F 239 47.00 -0.55 -63.00
CA GLN F 239 48.01 -1.57 -62.76
C GLN F 239 49.40 -1.12 -63.17
N LEU F 240 49.50 -0.01 -63.88
CA LEU F 240 50.76 0.46 -64.45
C LEU F 240 51.32 1.65 -63.67
N SER F 241 52.63 1.79 -63.71
CA SER F 241 53.26 3.02 -63.28
C SER F 241 53.30 4.01 -64.44
N ASP F 242 53.68 5.25 -64.15
CA ASP F 242 53.87 6.21 -65.23
C ASP F 242 54.81 5.64 -66.28
N GLU F 243 55.93 5.07 -65.84
CA GLU F 243 56.91 4.51 -66.77
C GLU F 243 56.32 3.35 -67.56
N GLN F 244 55.57 2.48 -66.88
CA GLN F 244 54.87 1.41 -67.59
C GLN F 244 53.80 1.95 -68.53
N VAL F 245 53.23 3.11 -68.20
CA VAL F 245 52.26 3.75 -69.09
C VAL F 245 52.95 4.22 -70.35
N ILE F 246 54.17 4.74 -70.24
CA ILE F 246 54.94 5.11 -71.44
C ILE F 246 55.22 3.87 -72.28
N GLU F 247 55.52 2.76 -71.63
CA GLU F 247 55.78 1.52 -72.37
C GLU F 247 54.51 0.99 -73.05
N ASN F 248 53.35 1.17 -72.43
CA ASN F 248 52.09 0.83 -73.10
C ASN F 248 51.87 1.72 -74.31
N THR F 249 52.11 3.03 -74.16
CA THR F 249 52.00 3.94 -75.29
C THR F 249 52.88 3.48 -76.44
N GLY F 250 54.06 2.98 -76.11
CA GLY F 250 54.95 2.48 -77.14
C GLY F 250 54.40 1.23 -77.81
N GLU F 251 53.75 0.35 -77.06
CA GLU F 251 53.11 -0.79 -77.70
C GLU F 251 51.92 -0.37 -78.56
N PHE F 252 51.20 0.69 -78.15
CA PHE F 252 50.11 1.21 -78.96
C PHE F 252 50.62 1.62 -80.32
N PHE F 253 51.70 2.40 -80.32
CA PHE F 253 52.31 2.79 -81.58
C PHE F 253 52.78 1.57 -82.36
N ARG F 254 53.40 0.61 -81.68
CA ARG F 254 53.92 -0.56 -82.39
C ARG F 254 52.78 -1.41 -82.96
N ASP F 255 51.62 -1.44 -82.30
CA ASP F 255 50.41 -2.15 -82.76
C ASP F 255 50.68 -3.61 -83.15
N GLN F 256 51.58 -4.26 -82.40
CA GLN F 256 51.81 -5.69 -82.58
C GLN F 256 51.02 -6.53 -81.57
N GLY F 257 50.03 -5.94 -80.90
CA GLY F 257 49.12 -6.69 -80.08
C GLY F 257 49.49 -6.76 -78.61
N ARG F 258 50.67 -6.29 -78.23
CA ARG F 258 51.10 -6.35 -76.85
C ARG F 258 50.69 -5.11 -76.04
N GLN F 259 50.09 -4.11 -76.68
CA GLN F 259 49.44 -3.04 -75.93
C GLN F 259 48.23 -3.59 -75.20
N THR F 260 47.90 -2.96 -74.08
CA THR F 260 46.74 -3.36 -73.30
C THR F 260 45.75 -2.20 -73.25
N TYR F 261 44.54 -2.43 -73.77
CA TYR F 261 43.46 -1.45 -73.72
C TYR F 261 42.77 -1.49 -72.37
N LEU F 262 42.19 -0.35 -71.99
CA LEU F 262 41.43 -0.29 -70.75
C LEU F 262 40.29 -1.32 -70.78
N PRO F 263 40.04 -2.00 -69.66
CA PRO F 263 39.02 -3.05 -69.63
C PRO F 263 37.60 -2.51 -69.77
N GLN F 264 36.73 -3.37 -70.25
CA GLN F 264 35.33 -2.99 -70.37
C GLN F 264 34.72 -2.79 -68.99
N PRO F 265 34.12 -1.63 -68.69
CA PRO F 265 33.46 -1.46 -67.40
C PRO F 265 32.27 -2.38 -67.28
N ALA F 266 31.91 -2.68 -66.04
CA ALA F 266 30.80 -3.60 -65.83
C ALA F 266 29.48 -3.02 -66.36
N ILE F 267 29.26 -1.71 -66.20
CA ILE F 267 27.98 -1.09 -66.57
C ILE F 267 27.89 -0.84 -68.06
N CYS F 268 28.98 -1.09 -68.78
CA CYS F 268 29.14 -0.62 -70.14
C CYS F 268 28.69 -1.69 -71.13
N PRO F 269 27.68 -1.41 -71.96
CA PRO F 269 27.28 -2.36 -73.00
C PRO F 269 28.41 -2.60 -73.98
N ASP F 270 28.44 -3.82 -74.55
CA ASP F 270 29.55 -4.17 -75.44
C ASP F 270 29.67 -3.20 -76.60
N SER F 271 28.55 -2.57 -77.00
CA SER F 271 28.54 -1.70 -78.17
C SER F 271 29.21 -0.36 -77.91
N VAL F 272 28.93 0.24 -76.75
CA VAL F 272 29.66 1.45 -76.36
C VAL F 272 31.11 1.13 -76.11
N TYR F 273 31.41 -0.08 -75.65
CA TYR F 273 32.82 -0.47 -75.48
C TYR F 273 33.53 -0.65 -76.80
N LYS F 274 32.79 -1.09 -77.83
CA LYS F 274 33.33 -1.11 -79.19
C LYS F 274 33.62 0.30 -79.65
N LEU F 275 32.79 1.26 -79.23
CA LEU F 275 33.07 2.67 -79.50
C LEU F 275 34.36 3.11 -78.81
N MET F 276 34.52 2.69 -77.56
CA MET F 276 35.73 3.03 -76.82
C MET F 276 36.95 2.50 -77.53
N LEU F 277 36.92 1.22 -77.90
CA LEU F 277 38.08 0.65 -78.58
C LEU F 277 38.35 1.36 -79.88
N SER F 278 37.30 1.89 -80.53
CA SER F 278 37.51 2.65 -81.75
C SER F 278 38.16 3.98 -81.47
N CYS F 279 38.02 4.53 -80.26
CA CYS F 279 38.74 5.77 -79.95
C CYS F 279 40.25 5.57 -79.86
N TRP F 280 40.69 4.35 -79.55
CA TRP F 280 42.11 4.07 -79.29
C TRP F 280 42.76 3.31 -80.44
N ARG F 281 42.24 3.46 -81.65
CA ARG F 281 42.85 2.84 -82.83
C ARG F 281 44.15 3.54 -83.17
N ARG F 282 45.08 2.78 -83.76
CA ARG F 282 46.42 3.29 -83.97
C ARG F 282 46.41 4.47 -84.91
N ASP F 283 45.89 4.29 -86.12
CA ASP F 283 45.83 5.40 -87.05
C ASP F 283 44.63 6.31 -86.74
N THR F 284 44.83 7.62 -86.91
CA THR F 284 43.78 8.59 -86.59
C THR F 284 42.74 8.75 -87.71
N LYS F 285 43.03 8.28 -88.92
CA LYS F 285 41.98 8.21 -89.93
C LYS F 285 40.89 7.25 -89.50
N ASN F 286 41.23 6.24 -88.71
CA ASN F 286 40.28 5.23 -88.23
C ASN F 286 39.58 5.59 -86.92
N ARG F 287 39.96 6.66 -86.26
CA ARG F 287 39.18 7.03 -85.10
C ARG F 287 37.93 7.77 -85.54
N PRO F 288 36.80 7.52 -84.89
CA PRO F 288 35.57 8.23 -85.26
C PRO F 288 35.67 9.74 -84.96
N SER F 289 34.95 10.51 -85.76
CA SER F 289 34.78 11.94 -85.50
C SER F 289 33.83 12.11 -84.32
N PHE F 290 33.88 13.29 -83.68
CA PHE F 290 32.97 13.48 -82.56
C PHE F 290 31.51 13.44 -82.99
N GLN F 291 31.18 13.97 -84.16
CA GLN F 291 29.76 13.97 -84.56
C GLN F 291 29.21 12.55 -84.62
N GLU F 292 30.01 11.61 -85.10
CA GLU F 292 29.62 10.21 -85.12
C GLU F 292 29.57 9.62 -83.72
N ILE F 293 30.48 10.02 -82.82
CA ILE F 293 30.43 9.55 -81.43
C ILE F 293 29.13 10.01 -80.77
N HIS F 294 28.83 11.30 -80.89
CA HIS F 294 27.62 11.86 -80.30
C HIS F 294 26.37 11.26 -80.91
N LEU F 295 26.40 10.88 -82.20
CA LEU F 295 25.21 10.22 -82.74
C LEU F 295 25.11 8.79 -82.25
N LEU F 296 26.25 8.10 -82.16
CA LEU F 296 26.22 6.69 -81.80
C LEU F 296 25.76 6.50 -80.37
N LEU F 297 26.09 7.44 -79.49
CA LEU F 297 25.62 7.28 -78.12
C LEU F 297 24.15 7.63 -77.97
N LEU F 298 23.55 8.29 -78.95
CA LEU F 298 22.16 8.70 -78.84
C LEU F 298 21.17 7.61 -79.28
N GLN F 299 21.67 6.42 -79.59
CA GLN F 299 20.80 5.27 -79.77
C GLN F 299 20.27 4.72 -78.41
N VAL G 1 18.45 -49.79 -29.85
CA VAL G 1 18.18 -48.35 -29.89
C VAL G 1 16.79 -48.09 -30.48
N ALA G 2 15.89 -47.55 -29.66
CA ALA G 2 14.54 -47.22 -30.11
C ALA G 2 13.67 -46.49 -29.08
N VAL G 3 12.35 -46.57 -29.28
CA VAL G 3 11.34 -45.78 -28.57
C VAL G 3 10.27 -46.65 -27.92
N GLU G 4 9.05 -46.10 -27.82
CA GLU G 4 7.99 -46.74 -27.03
C GLU G 4 6.62 -46.44 -27.63
N GLU G 5 5.70 -47.41 -27.53
CA GLU G 5 4.39 -47.30 -28.18
C GLU G 5 3.44 -46.53 -27.28
N PHE G 6 2.96 -45.41 -27.77
CA PHE G 6 1.80 -44.75 -27.19
C PHE G 6 0.54 -45.44 -27.70
N PRO G 7 -0.39 -45.83 -26.82
CA PRO G 7 -1.60 -46.49 -27.30
C PRO G 7 -2.38 -45.57 -28.23
N ARG G 8 -2.85 -46.12 -29.35
CA ARG G 8 -3.54 -45.27 -30.30
C ARG G 8 -4.96 -44.95 -29.87
N LYS G 9 -5.61 -45.87 -29.14
CA LYS G 9 -7.02 -45.68 -28.81
C LYS G 9 -7.21 -44.41 -27.99
N LEU G 10 -6.17 -43.97 -27.28
CA LEU G 10 -6.30 -42.83 -26.37
C LEU G 10 -6.17 -41.47 -27.07
N LEU G 11 -5.82 -41.43 -28.35
CA LEU G 11 -5.69 -40.17 -29.07
C LEU G 11 -7.04 -39.72 -29.62
N THR G 12 -7.39 -38.45 -29.38
CA THR G 12 -8.62 -37.86 -29.90
C THR G 12 -8.24 -36.64 -30.75
N PHE G 13 -8.48 -36.76 -32.05
CA PHE G 13 -8.22 -35.64 -32.96
C PHE G 13 -9.02 -34.42 -32.52
N LYS G 14 -8.36 -33.28 -32.51
CA LYS G 14 -8.99 -31.98 -32.30
C LYS G 14 -8.88 -31.10 -33.53
N GLU G 15 -7.68 -30.93 -34.09
CA GLU G 15 -7.53 -30.11 -35.28
C GLU G 15 -6.44 -30.67 -36.17
N LYS G 16 -6.43 -30.20 -37.41
CA LYS G 16 -5.34 -30.48 -38.33
C LYS G 16 -4.36 -29.32 -38.24
N LEU G 17 -3.10 -29.62 -37.91
CA LEU G 17 -2.07 -28.59 -37.75
C LEU G 17 -1.19 -28.39 -38.97
N GLY G 18 -1.23 -29.30 -39.92
CA GLY G 18 -0.49 -29.10 -41.16
C GLY G 18 -0.57 -30.33 -42.04
N GLU G 19 -0.09 -30.17 -43.27
CA GLU G 19 -0.05 -31.24 -44.25
C GLU G 19 1.31 -31.32 -44.90
N GLY G 20 1.67 -32.55 -45.29
CA GLY G 20 2.73 -32.78 -46.25
C GLY G 20 2.15 -33.37 -47.53
N GLN G 21 3.04 -33.67 -48.47
CA GLN G 21 2.62 -34.47 -49.60
C GLN G 21 2.22 -35.87 -49.15
N PHE G 22 2.82 -36.36 -48.05
CA PHE G 22 2.70 -37.75 -47.65
C PHE G 22 2.31 -37.91 -46.17
N GLY G 23 1.69 -36.90 -45.56
CA GLY G 23 1.25 -37.08 -44.19
C GLY G 23 0.50 -35.86 -43.70
N GLU G 24 0.07 -35.95 -42.44
CA GLU G 24 -0.66 -34.86 -41.80
C GLU G 24 -0.18 -34.72 -40.35
N VAL G 25 -0.46 -33.57 -39.75
CA VAL G 25 -0.05 -33.30 -38.38
C VAL G 25 -1.28 -32.84 -37.63
N HIS G 26 -1.82 -33.71 -36.79
CA HIS G 26 -2.99 -33.38 -35.98
C HIS G 26 -2.62 -32.94 -34.57
N LEU G 27 -3.46 -32.05 -34.03
CA LEU G 27 -3.52 -31.80 -32.61
C LEU G 27 -4.57 -32.71 -31.99
N CYS G 28 -4.16 -33.46 -30.97
CA CYS G 28 -4.99 -34.44 -30.25
C CYS G 28 -4.87 -34.25 -28.74
N GLU G 29 -6.01 -34.18 -28.04
CA GLU G 29 -6.04 -34.33 -26.60
C GLU G 29 -5.87 -35.80 -26.22
N VAL G 30 -5.24 -36.05 -25.07
CA VAL G 30 -5.03 -37.41 -24.59
C VAL G 30 -5.96 -37.73 -23.44
N GLU G 31 -6.76 -38.79 -23.60
CA GLU G 31 -7.68 -39.27 -22.59
C GLU G 31 -7.05 -40.43 -21.83
N GLY G 32 -7.21 -40.44 -20.51
CA GLY G 32 -6.67 -41.52 -19.69
C GLY G 32 -6.54 -41.18 -18.22
N PRO G 50 -7.17 -31.06 -19.80
CA PRO G 50 -6.63 -31.59 -21.05
C PRO G 50 -5.12 -31.77 -21.03
N VAL G 51 -4.65 -32.80 -21.73
CA VAL G 51 -3.25 -32.92 -22.14
C VAL G 51 -3.24 -33.10 -23.65
N LEU G 52 -2.56 -32.22 -24.36
CA LEU G 52 -2.64 -32.25 -25.81
C LEU G 52 -1.26 -32.39 -26.44
N VAL G 53 -1.20 -33.14 -27.54
CA VAL G 53 0.03 -33.49 -28.23
C VAL G 53 -0.18 -33.37 -29.73
N ALA G 54 0.93 -33.29 -30.44
CA ALA G 54 0.95 -33.23 -31.88
C ALA G 54 1.34 -34.60 -32.43
N VAL G 55 0.54 -35.12 -33.34
CA VAL G 55 0.79 -36.41 -33.99
C VAL G 55 1.13 -36.12 -35.45
N LYS G 56 2.25 -36.68 -35.91
CA LYS G 56 2.67 -36.64 -37.30
C LYS G 56 2.36 -38.02 -37.88
N MET G 57 1.30 -38.08 -38.68
CA MET G 57 0.78 -39.32 -39.24
C MET G 57 1.28 -39.52 -40.66
N LEU G 58 1.76 -40.72 -40.97
CA LEU G 58 1.97 -41.13 -42.35
C LEU G 58 0.64 -41.35 -43.06
N ARG G 59 0.56 -40.91 -44.31
CA ARG G 59 -0.65 -41.11 -45.08
C ARG G 59 -0.94 -42.59 -45.26
N ALA G 60 -2.23 -42.92 -45.37
CA ALA G 60 -2.61 -44.32 -45.60
C ALA G 60 -2.08 -44.80 -46.93
N ASP G 61 -2.23 -43.99 -47.97
CA ASP G 61 -1.72 -44.26 -49.32
C ASP G 61 -0.27 -43.80 -49.36
N ALA G 62 0.65 -44.66 -48.95
CA ALA G 62 2.06 -44.31 -49.00
C ALA G 62 2.80 -45.38 -49.78
N ASN G 63 3.49 -44.96 -50.83
CA ASN G 63 4.36 -45.84 -51.59
C ASN G 63 5.58 -46.21 -50.76
N LYS G 64 6.37 -47.15 -51.29
CA LYS G 64 7.47 -47.75 -50.54
C LYS G 64 8.45 -46.68 -50.05
N ASN G 65 8.63 -45.61 -50.81
CA ASN G 65 9.60 -44.60 -50.43
C ASN G 65 9.10 -43.71 -49.30
N ALA G 66 7.82 -43.31 -49.32
CA ALA G 66 7.34 -42.49 -48.20
C ALA G 66 7.35 -43.26 -46.90
N ARG G 67 7.08 -44.57 -46.97
CA ARG G 67 7.07 -45.38 -45.75
C ARG G 67 8.49 -45.59 -45.24
N ASN G 68 9.42 -46.02 -46.12
CA ASN G 68 10.78 -46.19 -45.66
C ASN G 68 11.34 -44.87 -45.13
N ASP G 69 11.04 -43.76 -45.81
CA ASP G 69 11.46 -42.45 -45.32
C ASP G 69 10.86 -42.15 -43.96
N PHE G 70 9.67 -42.68 -43.68
CA PHE G 70 9.04 -42.39 -42.39
C PHE G 70 9.68 -43.20 -41.28
N LEU G 71 10.06 -44.44 -41.58
CA LEU G 71 10.81 -45.20 -40.58
C LEU G 71 12.18 -44.56 -40.34
N LYS G 72 12.87 -44.14 -41.41
CA LYS G 72 14.17 -43.52 -41.23
C LYS G 72 14.06 -42.27 -40.38
N GLU G 73 12.98 -41.50 -40.57
CA GLU G 73 12.80 -40.33 -39.74
C GLU G 73 12.49 -40.70 -38.30
N ILE G 74 11.75 -41.79 -38.06
CA ILE G 74 11.51 -42.19 -36.67
C ILE G 74 12.84 -42.54 -36.00
N LYS G 75 13.68 -43.31 -36.71
CA LYS G 75 14.98 -43.68 -36.18
C LYS G 75 15.87 -42.46 -35.95
N ILE G 76 15.78 -41.44 -36.80
CA ILE G 76 16.63 -40.26 -36.64
C ILE G 76 16.11 -39.38 -35.51
N MET G 77 14.79 -39.17 -35.46
CA MET G 77 14.20 -38.32 -34.45
C MET G 77 14.36 -38.89 -33.05
N SER G 78 14.37 -40.22 -32.95
CA SER G 78 14.57 -40.85 -31.65
C SER G 78 15.95 -40.55 -31.07
N ARG G 79 16.90 -40.13 -31.91
CA ARG G 79 18.27 -39.84 -31.51
C ARG G 79 18.49 -38.41 -31.00
N LEU G 80 17.47 -37.54 -31.03
CA LEU G 80 17.61 -36.13 -30.68
C LEU G 80 17.16 -35.90 -29.26
N LYS G 81 18.09 -35.61 -28.36
CA LYS G 81 17.75 -35.35 -26.96
C LYS G 81 18.37 -34.01 -26.54
N ASP G 82 17.72 -32.92 -26.93
CA ASP G 82 18.02 -31.55 -26.53
C ASP G 82 16.70 -30.82 -26.32
N PRO G 83 16.63 -29.89 -25.37
CA PRO G 83 15.35 -29.23 -25.09
C PRO G 83 15.02 -28.05 -25.98
N ASN G 84 15.66 -27.92 -27.15
CA ASN G 84 15.30 -26.90 -28.15
C ASN G 84 15.18 -27.52 -29.55
N ILE G 85 15.10 -28.84 -29.62
CA ILE G 85 14.86 -29.61 -30.84
C ILE G 85 13.71 -30.56 -30.54
N ILE G 86 12.85 -30.79 -31.53
CA ILE G 86 11.63 -31.56 -31.31
C ILE G 86 11.98 -32.84 -30.59
N HIS G 87 11.26 -33.14 -29.52
CA HIS G 87 11.42 -34.41 -28.81
C HIS G 87 10.32 -35.37 -29.24
N LEU G 88 10.72 -36.58 -29.58
CA LEU G 88 9.79 -37.65 -29.95
C LEU G 88 9.37 -38.38 -28.67
N LEU G 89 8.22 -37.97 -28.10
CA LEU G 89 7.70 -38.61 -26.91
C LEU G 89 7.41 -40.09 -27.13
N ALA G 90 6.70 -40.41 -28.21
CA ALA G 90 6.30 -41.79 -28.44
C ALA G 90 5.95 -41.98 -29.90
N VAL G 91 5.76 -43.23 -30.30
CA VAL G 91 5.44 -43.61 -31.67
C VAL G 91 4.15 -44.43 -31.69
N CYS G 92 3.59 -44.56 -32.88
CA CYS G 92 2.48 -45.49 -33.13
C CYS G 92 2.89 -46.32 -34.32
N ILE G 93 3.47 -47.51 -34.09
CA ILE G 93 4.04 -48.30 -35.17
C ILE G 93 3.52 -49.72 -35.23
N THR G 94 2.62 -50.14 -34.32
CA THR G 94 2.21 -51.55 -34.35
C THR G 94 1.36 -51.90 -35.54
N ASP G 95 0.68 -50.92 -36.14
CA ASP G 95 -0.05 -51.07 -37.40
C ASP G 95 -0.37 -49.67 -37.90
N ASP G 96 -0.82 -49.58 -39.15
CA ASP G 96 -1.00 -48.30 -39.81
C ASP G 96 -2.19 -47.52 -39.23
N PRO G 97 -2.20 -46.17 -39.40
CA PRO G 97 -1.14 -45.30 -39.90
C PRO G 97 0.06 -45.25 -38.95
N LEU G 98 1.27 -45.13 -39.49
CA LEU G 98 2.41 -44.89 -38.62
C LEU G 98 2.34 -43.47 -38.07
N CYS G 99 2.71 -43.27 -36.79
CA CYS G 99 2.57 -41.97 -36.13
C CYS G 99 3.77 -41.63 -35.24
N MET G 100 3.96 -40.32 -35.05
CA MET G 100 5.00 -39.78 -34.18
C MET G 100 4.42 -38.69 -33.28
N ILE G 101 4.70 -38.75 -31.97
CA ILE G 101 4.09 -37.82 -31.01
C ILE G 101 5.12 -36.85 -30.42
N THR G 102 4.65 -35.63 -30.13
CA THR G 102 5.46 -34.45 -29.80
C THR G 102 4.62 -33.53 -28.94
N GLU G 103 5.26 -32.77 -28.08
CA GLU G 103 4.51 -31.82 -27.25
C GLU G 103 3.84 -30.77 -28.13
N TYR G 104 2.63 -30.38 -27.73
CA TYR G 104 1.95 -29.27 -28.40
C TYR G 104 2.57 -27.95 -27.97
N MET G 105 3.04 -27.18 -28.94
CA MET G 105 3.57 -25.84 -28.71
C MET G 105 2.48 -24.84 -29.07
N GLU G 106 1.85 -24.26 -28.04
CA GLU G 106 0.59 -23.58 -28.21
C GLU G 106 0.68 -22.26 -28.97
N ASN G 107 1.87 -21.71 -29.17
CA ASN G 107 1.99 -20.44 -29.86
C ASN G 107 2.42 -20.58 -31.32
N GLY G 108 2.60 -21.80 -31.82
CA GLY G 108 2.84 -22.01 -33.25
C GLY G 108 4.24 -21.56 -33.69
N ASP G 109 4.46 -21.63 -35.00
CA ASP G 109 5.77 -21.31 -35.53
C ASP G 109 6.11 -19.84 -35.29
N LEU G 110 7.41 -19.58 -35.18
CA LEU G 110 7.90 -18.27 -34.77
C LEU G 110 7.55 -17.19 -35.77
N ASN G 111 7.42 -17.55 -37.04
CA ASN G 111 7.06 -16.57 -38.04
C ASN G 111 5.62 -16.06 -37.84
N GLN G 112 4.69 -16.96 -37.50
CA GLN G 112 3.36 -16.50 -37.09
C GLN G 112 3.40 -15.74 -35.78
N PHE G 113 4.18 -16.24 -34.82
CA PHE G 113 4.21 -15.58 -33.51
C PHE G 113 4.71 -14.15 -33.63
N LEU G 114 5.84 -13.94 -34.30
CA LEU G 114 6.35 -12.58 -34.41
C LEU G 114 5.47 -11.72 -35.26
N SER G 115 4.79 -12.30 -36.25
CA SER G 115 3.98 -11.50 -37.15
C SER G 115 2.75 -10.92 -36.44
N ARG G 116 2.25 -11.60 -35.42
CA ARG G 116 1.11 -11.12 -34.65
C ARG G 116 1.49 -10.01 -33.67
N HIS G 117 2.68 -9.41 -33.81
CA HIS G 117 3.16 -8.39 -32.89
C HIS G 117 3.66 -7.13 -33.61
N GLU G 118 4.73 -6.51 -33.08
CA GLU G 118 5.29 -5.29 -33.71
C GLU G 118 6.69 -4.99 -33.27
N ARG G 128 0.39 -5.04 -28.43
CA ARG G 128 1.04 -6.33 -28.14
C ARG G 128 2.43 -6.42 -28.79
N THR G 129 3.47 -6.31 -27.99
CA THR G 129 4.84 -6.35 -28.49
C THR G 129 5.63 -7.35 -27.69
N VAL G 130 6.72 -7.83 -28.30
CA VAL G 130 7.70 -8.67 -27.62
C VAL G 130 8.89 -7.79 -27.25
N SER G 131 9.36 -7.94 -26.02
CA SER G 131 10.47 -7.14 -25.54
C SER G 131 11.77 -7.59 -26.18
N TYR G 132 12.79 -6.74 -26.10
CA TYR G 132 14.09 -7.14 -26.62
C TYR G 132 14.64 -8.33 -25.86
N THR G 133 14.35 -8.41 -24.56
CA THR G 133 14.87 -9.54 -23.80
C THR G 133 14.23 -10.84 -24.27
N ASN G 134 12.92 -10.84 -24.50
CA ASN G 134 12.28 -12.05 -24.98
C ASN G 134 12.76 -12.41 -26.40
N LEU G 135 13.11 -11.42 -27.21
CA LEU G 135 13.71 -11.71 -28.51
C LEU G 135 15.06 -12.37 -28.36
N LYS G 136 15.92 -11.82 -27.48
CA LYS G 136 17.22 -12.43 -27.26
C LYS G 136 17.10 -13.80 -26.60
N PHE G 137 16.03 -14.04 -25.85
CA PHE G 137 15.82 -15.36 -25.28
C PHE G 137 15.46 -16.37 -26.36
N MET G 138 14.60 -15.97 -27.30
CA MET G 138 14.30 -16.86 -28.41
C MET G 138 15.53 -17.08 -29.30
N ALA G 139 16.30 -16.02 -29.51
CA ALA G 139 17.50 -16.14 -30.31
C ALA G 139 18.51 -17.08 -29.67
N THR G 140 18.77 -16.90 -28.37
CA THR G 140 19.69 -17.77 -27.65
C THR G 140 19.22 -19.22 -27.65
N GLN G 141 17.90 -19.44 -27.49
CA GLN G 141 17.39 -20.81 -27.49
C GLN G 141 17.64 -21.48 -28.84
N ILE G 142 17.44 -20.72 -29.93
CA ILE G 142 17.78 -21.22 -31.26
C ILE G 142 19.28 -21.49 -31.36
N ALA G 143 20.08 -20.64 -30.71
CA ALA G 143 21.51 -20.89 -30.65
C ALA G 143 21.82 -22.21 -29.96
N SER G 144 21.12 -22.50 -28.87
CA SER G 144 21.42 -23.74 -28.15
C SER G 144 21.01 -24.95 -28.99
N GLY G 145 19.84 -24.90 -29.62
CA GLY G 145 19.42 -26.02 -30.45
C GLY G 145 20.32 -26.21 -31.65
N MET G 146 20.78 -25.12 -32.26
CA MET G 146 21.69 -25.28 -33.39
C MET G 146 23.00 -25.89 -32.93
N LYS G 147 23.53 -25.46 -31.77
CA LYS G 147 24.76 -26.03 -31.26
C LYS G 147 24.62 -27.53 -31.01
N TYR G 148 23.44 -27.98 -30.56
CA TYR G 148 23.27 -29.41 -30.38
C TYR G 148 23.35 -30.16 -31.71
N LEU G 149 22.57 -29.71 -32.70
CA LEU G 149 22.60 -30.42 -33.97
C LEU G 149 23.99 -30.39 -34.56
N SER G 150 24.71 -29.28 -34.36
CA SER G 150 26.09 -29.18 -34.80
C SER G 150 26.97 -30.20 -34.10
N SER G 151 26.70 -30.45 -32.82
CA SER G 151 27.40 -31.48 -32.07
C SER G 151 27.15 -32.86 -32.64
N LEU G 152 26.01 -33.08 -33.29
CA LEU G 152 25.74 -34.38 -33.86
C LEU G 152 26.15 -34.52 -35.32
N ASN G 153 26.77 -33.50 -35.92
CA ASN G 153 27.04 -33.46 -37.37
C ASN G 153 25.76 -33.64 -38.16
N PHE G 154 24.67 -33.14 -37.59
CA PHE G 154 23.35 -33.09 -38.21
C PHE G 154 23.25 -31.68 -38.77
N VAL G 155 23.57 -31.51 -40.06
CA VAL G 155 23.26 -30.26 -40.75
C VAL G 155 21.77 -30.20 -41.04
N HIS G 156 21.20 -29.00 -41.02
CA HIS G 156 19.74 -28.83 -41.01
C HIS G 156 19.19 -28.36 -42.34
N ARG G 157 19.89 -27.40 -42.96
CA ARG G 157 19.71 -26.92 -44.33
C ARG G 157 18.45 -26.08 -44.54
N ASP G 158 17.71 -25.72 -43.50
CA ASP G 158 16.50 -24.92 -43.70
C ASP G 158 16.10 -24.17 -42.44
N LEU G 159 17.06 -23.57 -41.79
CA LEU G 159 16.78 -22.85 -40.55
C LEU G 159 16.07 -21.52 -40.84
N ALA G 160 14.94 -21.29 -40.21
CA ALA G 160 14.34 -19.96 -40.22
C ALA G 160 13.25 -19.91 -39.17
N THR G 161 12.75 -18.69 -38.91
CA THR G 161 11.73 -18.58 -37.89
C THR G 161 10.51 -19.43 -38.22
N ARG G 162 10.23 -19.61 -39.50
CA ARG G 162 9.10 -20.45 -39.88
C ARG G 162 9.36 -21.93 -39.55
N ASN G 163 10.61 -22.32 -39.32
CA ASN G 163 10.90 -23.68 -38.87
C ASN G 163 11.15 -23.79 -37.37
N CYS G 164 10.73 -22.80 -36.58
CA CYS G 164 10.92 -22.77 -35.13
C CYS G 164 9.58 -22.66 -34.43
N LEU G 165 9.14 -23.74 -33.79
CA LEU G 165 7.97 -23.71 -32.92
C LEU G 165 8.22 -22.91 -31.63
N VAL G 166 7.20 -22.15 -31.22
CA VAL G 166 7.20 -21.29 -30.04
C VAL G 166 6.15 -21.81 -29.09
N GLY G 167 6.58 -22.18 -27.88
CA GLY G 167 5.68 -22.68 -26.87
C GLY G 167 5.24 -21.60 -25.89
N LYS G 168 4.81 -22.05 -24.72
CA LYS G 168 4.49 -21.15 -23.61
C LYS G 168 5.73 -20.41 -23.14
N ASN G 169 5.55 -19.14 -22.77
CA ASN G 169 6.63 -18.29 -22.23
C ASN G 169 7.86 -18.27 -23.13
N TYR G 170 7.61 -18.08 -24.42
CA TYR G 170 8.64 -17.81 -25.42
C TYR G 170 9.67 -18.93 -25.57
N THR G 171 9.37 -20.16 -25.18
CA THR G 171 10.31 -21.24 -25.43
C THR G 171 10.28 -21.72 -26.91
N ILE G 172 11.43 -22.17 -27.39
CA ILE G 172 11.65 -22.45 -28.79
C ILE G 172 12.09 -23.90 -28.96
N LYS G 173 11.52 -24.58 -29.94
CA LYS G 173 12.01 -25.86 -30.42
C LYS G 173 12.15 -25.79 -31.93
N ILE G 174 13.35 -26.05 -32.43
CA ILE G 174 13.60 -26.07 -33.86
C ILE G 174 12.96 -27.31 -34.48
N ALA G 175 12.39 -27.13 -35.68
CA ALA G 175 11.76 -28.24 -36.41
C ALA G 175 12.21 -28.18 -37.86
N ASP G 176 11.49 -28.93 -38.71
CA ASP G 176 11.68 -28.91 -40.17
C ASP G 176 10.34 -29.34 -40.78
N PHE G 177 9.48 -28.37 -41.10
CA PHE G 177 8.19 -28.65 -41.73
C PHE G 177 8.35 -29.20 -43.14
N GLY G 178 9.41 -28.83 -43.83
CA GLY G 178 9.49 -29.03 -45.26
C GLY G 178 9.06 -27.77 -46.00
N MET G 179 9.34 -27.80 -47.30
CA MET G 179 9.06 -26.67 -48.17
C MET G 179 7.61 -26.64 -48.64
N SER G 180 6.76 -27.46 -48.00
CA SER G 180 5.43 -27.77 -48.49
C SER G 180 4.45 -26.62 -48.28
N ARG G 181 4.43 -26.03 -47.09
CA ARG G 181 3.33 -25.16 -46.70
C ARG G 181 3.23 -23.94 -47.60
N ASN G 182 2.01 -23.66 -48.05
CA ASN G 182 1.80 -22.59 -49.02
C ASN G 182 2.12 -21.23 -48.43
N LEU G 183 2.01 -21.04 -47.14
CA LEU G 183 2.21 -19.71 -46.60
C LEU G 183 3.54 -19.22 -46.90
N TYR G 184 4.47 -20.15 -46.97
CA TYR G 184 5.86 -19.76 -47.14
C TYR G 184 6.41 -20.17 -48.49
N SER G 185 5.54 -20.38 -49.49
CA SER G 185 6.01 -20.82 -50.81
C SER G 185 6.88 -19.78 -51.51
N GLY G 186 6.77 -18.50 -51.13
CA GLY G 186 7.66 -17.47 -51.61
C GLY G 186 9.02 -17.39 -50.95
N ASP G 187 9.27 -18.16 -49.89
CA ASP G 187 10.60 -18.25 -49.31
C ASP G 187 11.48 -19.27 -50.03
N TYR G 188 10.89 -20.07 -50.92
CA TYR G 188 11.60 -21.11 -51.67
C TYR G 188 11.63 -20.73 -53.14
N TYR G 189 12.76 -21.05 -53.79
CA TYR G 189 13.06 -20.62 -55.15
C TYR G 189 13.50 -21.83 -55.98
N ARG G 190 12.76 -22.10 -57.04
CA ARG G 190 13.00 -23.28 -57.89
C ARG G 190 14.04 -22.96 -58.95
N ILE G 191 15.31 -23.24 -58.62
CA ILE G 191 16.40 -23.05 -59.56
C ILE G 191 16.20 -23.97 -60.76
N GLN G 192 16.59 -23.49 -61.95
CA GLN G 192 16.35 -24.25 -63.19
C GLN G 192 16.98 -25.64 -63.11
N GLY G 193 18.25 -25.71 -62.73
CA GLY G 193 18.95 -26.97 -62.65
C GLY G 193 19.01 -27.62 -61.28
N ARG G 194 18.67 -26.87 -60.24
CA ARG G 194 18.79 -27.38 -58.89
C ARG G 194 17.39 -27.70 -58.35
N ALA G 195 17.32 -27.94 -57.04
CA ALA G 195 16.05 -28.14 -56.35
C ALA G 195 15.58 -26.84 -55.73
N VAL G 196 14.34 -26.84 -55.23
CA VAL G 196 13.79 -25.66 -54.57
C VAL G 196 14.56 -25.38 -53.29
N LEU G 197 14.91 -24.12 -53.07
CA LEU G 197 15.80 -23.76 -51.98
C LEU G 197 15.31 -22.51 -51.27
N PRO G 198 15.62 -22.36 -49.99
CA PRO G 198 15.43 -21.07 -49.30
C PRO G 198 16.61 -20.13 -49.51
N ILE G 199 16.70 -19.61 -50.74
CA ILE G 199 17.89 -18.89 -51.22
C ILE G 199 18.17 -17.63 -50.40
N ARG G 200 17.14 -17.02 -49.81
CA ARG G 200 17.39 -15.86 -48.96
C ARG G 200 17.97 -16.24 -47.60
N TRP G 201 18.06 -17.53 -47.29
CA TRP G 201 18.66 -17.97 -46.05
C TRP G 201 20.04 -18.57 -46.24
N MET G 202 20.49 -18.72 -47.49
CA MET G 202 21.58 -19.65 -47.82
C MET G 202 22.88 -18.95 -48.15
N SER G 203 23.96 -19.48 -47.59
CA SER G 203 25.30 -18.99 -47.84
C SER G 203 25.68 -19.23 -49.29
N TRP G 204 26.59 -18.39 -49.81
CA TRP G 204 26.93 -18.47 -51.23
C TRP G 204 27.38 -19.87 -51.59
N GLU G 205 28.15 -20.51 -50.71
CA GLU G 205 28.72 -21.80 -51.07
C GLU G 205 27.71 -22.94 -51.02
N SER G 206 26.57 -22.76 -50.35
CA SER G 206 25.51 -23.75 -50.43
C SER G 206 24.62 -23.56 -51.65
N ILE G 207 24.46 -22.32 -52.13
CA ILE G 207 23.68 -22.08 -53.34
C ILE G 207 24.47 -22.45 -54.57
N LEU G 208 25.57 -21.73 -54.81
CA LEU G 208 26.30 -21.85 -56.06
C LEU G 208 27.04 -23.15 -56.22
N LEU G 209 27.48 -23.78 -55.12
CA LEU G 209 28.22 -25.02 -55.20
C LEU G 209 27.51 -26.19 -54.52
N GLY G 210 26.46 -25.94 -53.77
CA GLY G 210 25.73 -27.03 -53.15
C GLY G 210 26.54 -27.75 -52.09
N LYS G 211 27.43 -27.00 -51.41
CA LYS G 211 28.20 -27.48 -50.25
C LYS G 211 27.45 -27.02 -49.01
N PHE G 212 26.73 -27.94 -48.36
CA PHE G 212 25.97 -27.66 -47.15
C PHE G 212 26.80 -28.10 -45.94
N THR G 213 26.86 -27.23 -44.94
CA THR G 213 27.72 -27.41 -43.78
C THR G 213 27.05 -26.71 -42.62
N THR G 214 27.56 -26.94 -41.41
CA THR G 214 27.08 -26.16 -40.27
C THR G 214 27.50 -24.70 -40.37
N ALA G 215 28.54 -24.38 -41.15
CA ALA G 215 28.81 -22.98 -41.48
C ALA G 215 27.67 -22.37 -42.27
N SER G 216 27.15 -23.09 -43.28
CA SER G 216 25.98 -22.62 -44.02
C SER G 216 24.77 -22.51 -43.10
N ASP G 217 24.61 -23.46 -42.17
CA ASP G 217 23.55 -23.34 -41.19
C ASP G 217 23.74 -22.08 -40.36
N VAL G 218 25.00 -21.70 -40.08
CA VAL G 218 25.27 -20.49 -39.31
C VAL G 218 24.89 -19.25 -40.11
N TRP G 219 25.16 -19.25 -41.41
CA TRP G 219 24.65 -18.18 -42.27
C TRP G 219 23.12 -18.09 -42.18
N ALA G 220 22.46 -19.24 -42.19
CA ALA G 220 21.02 -19.23 -41.98
C ALA G 220 20.66 -18.76 -40.57
N PHE G 221 21.50 -19.03 -39.55
CA PHE G 221 21.17 -18.52 -38.23
C PHE G 221 21.25 -17.01 -38.22
N GLY G 222 22.15 -16.44 -39.03
CA GLY G 222 22.21 -14.99 -39.12
C GLY G 222 20.93 -14.44 -39.69
N VAL G 223 20.46 -15.02 -40.80
CA VAL G 223 19.20 -14.56 -41.38
C VAL G 223 18.04 -14.78 -40.41
N THR G 224 18.03 -15.91 -39.68
CA THR G 224 16.95 -16.19 -38.72
C THR G 224 16.92 -15.16 -37.60
N LEU G 225 18.12 -14.71 -37.17
CA LEU G 225 18.22 -13.64 -36.18
C LEU G 225 17.72 -12.32 -36.73
N TRP G 226 18.06 -11.98 -37.98
CA TRP G 226 17.55 -10.75 -38.58
C TRP G 226 16.02 -10.79 -38.70
N GLU G 227 15.46 -11.95 -39.04
CA GLU G 227 14.02 -12.12 -38.95
C GLU G 227 13.53 -11.83 -37.54
N THR G 228 14.15 -12.47 -36.55
CA THR G 228 13.65 -12.38 -35.18
C THR G 228 13.66 -10.94 -34.67
N PHE G 229 14.74 -10.19 -34.92
CA PHE G 229 14.83 -8.82 -34.42
C PHE G 229 14.05 -7.83 -35.27
N THR G 230 13.62 -8.19 -36.48
CA THR G 230 12.73 -7.32 -37.25
C THR G 230 11.27 -7.69 -37.11
N PHE G 231 10.96 -8.73 -36.34
CA PHE G 231 9.60 -9.23 -36.12
C PHE G 231 8.96 -9.81 -37.38
N CYS G 232 9.77 -10.42 -38.25
CA CYS G 232 9.31 -11.08 -39.47
C CYS G 232 8.37 -10.20 -40.28
N GLN G 233 8.60 -8.88 -40.19
CA GLN G 233 7.76 -7.94 -40.91
C GLN G 233 7.87 -8.12 -42.42
N GLU G 234 9.10 -8.32 -42.91
CA GLU G 234 9.42 -8.39 -44.32
C GLU G 234 10.47 -9.47 -44.56
N GLN G 235 10.44 -10.01 -45.77
CA GLN G 235 11.37 -11.03 -46.19
C GLN G 235 12.78 -10.45 -46.22
N PRO G 236 13.80 -11.27 -46.00
CA PRO G 236 15.16 -10.78 -46.17
C PRO G 236 15.39 -10.33 -47.60
N TYR G 237 16.14 -9.24 -47.74
CA TYR G 237 16.34 -8.58 -49.04
C TYR G 237 15.00 -8.30 -49.69
N SER G 238 14.12 -7.65 -48.93
CA SER G 238 12.76 -7.41 -49.39
C SER G 238 12.75 -6.59 -50.67
N GLN G 239 13.78 -5.76 -50.85
CA GLN G 239 13.89 -4.92 -52.03
C GLN G 239 14.18 -5.72 -53.29
N LEU G 240 14.59 -6.98 -53.17
CA LEU G 240 15.12 -7.75 -54.29
C LEU G 240 14.28 -8.98 -54.58
N SER G 241 14.16 -9.30 -55.86
CA SER G 241 13.52 -10.49 -56.38
C SER G 241 14.40 -11.72 -56.21
N ASP G 242 13.82 -12.89 -56.39
CA ASP G 242 14.60 -14.11 -56.28
C ASP G 242 15.75 -14.11 -57.27
N GLU G 243 15.54 -13.55 -58.46
CA GLU G 243 16.64 -13.41 -59.41
C GLU G 243 17.70 -12.46 -58.86
N GLN G 244 17.27 -11.31 -58.34
CA GLN G 244 18.17 -10.36 -57.69
C GLN G 244 18.81 -10.96 -56.44
N VAL G 245 18.16 -11.94 -55.80
CA VAL G 245 18.83 -12.61 -54.70
C VAL G 245 19.94 -13.52 -55.21
N ILE G 246 19.73 -14.20 -56.34
CA ILE G 246 20.82 -15.02 -56.88
C ILE G 246 22.00 -14.16 -57.29
N GLU G 247 21.71 -12.95 -57.78
CA GLU G 247 22.78 -12.02 -58.12
C GLU G 247 23.53 -11.54 -56.88
N ASN G 248 22.80 -11.22 -55.81
CA ASN G 248 23.47 -10.84 -54.56
C ASN G 248 24.31 -11.99 -54.01
N THR G 249 23.83 -13.23 -54.18
CA THR G 249 24.62 -14.38 -53.76
C THR G 249 25.95 -14.38 -54.49
N GLY G 250 25.89 -14.14 -55.81
CA GLY G 250 27.13 -14.09 -56.57
C GLY G 250 28.09 -12.99 -56.11
N GLU G 251 27.56 -11.85 -55.66
CA GLU G 251 28.47 -10.84 -55.13
C GLU G 251 28.98 -11.18 -53.74
N PHE G 252 28.24 -11.96 -52.95
CA PHE G 252 28.82 -12.51 -51.72
C PHE G 252 30.04 -13.37 -52.04
N PHE G 253 29.91 -14.22 -53.06
CA PHE G 253 31.05 -15.06 -53.45
C PHE G 253 32.21 -14.22 -53.97
N ARG G 254 31.91 -13.17 -54.73
CA ARG G 254 32.97 -12.36 -55.30
C ARG G 254 33.70 -11.58 -54.22
N ASP G 255 32.96 -11.11 -53.21
CA ASP G 255 33.50 -10.38 -52.06
C ASP G 255 34.32 -9.17 -52.50
N GLN G 256 33.62 -8.22 -53.13
CA GLN G 256 34.26 -6.99 -53.58
C GLN G 256 33.38 -5.76 -53.38
N GLY G 257 32.49 -5.82 -52.38
CA GLY G 257 31.77 -4.65 -51.90
C GLY G 257 30.41 -4.43 -52.53
N ARG G 258 30.10 -5.13 -53.62
CA ARG G 258 28.80 -5.03 -54.25
C ARG G 258 27.76 -5.94 -53.60
N GLN G 259 28.17 -6.81 -52.68
CA GLN G 259 27.22 -7.57 -51.89
C GLN G 259 26.38 -6.62 -51.05
N THR G 260 25.16 -7.03 -50.73
CA THR G 260 24.31 -6.21 -49.87
C THR G 260 23.92 -7.02 -48.64
N TYR G 261 24.40 -6.58 -47.49
CA TYR G 261 24.07 -7.25 -46.26
C TYR G 261 22.66 -6.86 -45.80
N LEU G 262 22.05 -7.76 -45.02
CA LEU G 262 20.75 -7.44 -44.43
C LEU G 262 20.93 -6.28 -43.44
N PRO G 263 20.10 -5.23 -43.52
CA PRO G 263 20.32 -4.06 -42.67
C PRO G 263 20.16 -4.39 -41.21
N GLN G 264 20.89 -3.64 -40.39
CA GLN G 264 20.80 -3.85 -38.95
C GLN G 264 19.41 -3.50 -38.43
N PRO G 265 18.75 -4.42 -37.73
CA PRO G 265 17.42 -4.14 -37.19
C PRO G 265 17.45 -3.00 -36.18
N ALA G 266 16.35 -2.24 -36.12
CA ALA G 266 16.33 -1.08 -35.23
C ALA G 266 16.49 -1.48 -33.77
N ILE G 267 16.01 -2.66 -33.36
CA ILE G 267 16.12 -3.12 -31.97
C ILE G 267 17.50 -3.67 -31.66
N CYS G 268 18.38 -3.77 -32.67
CA CYS G 268 19.55 -4.63 -32.59
C CYS G 268 20.77 -3.86 -32.10
N PRO G 269 21.41 -4.29 -31.02
CA PRO G 269 22.66 -3.66 -30.57
C PRO G 269 23.79 -3.88 -31.57
N ASP G 270 24.75 -2.97 -31.55
CA ASP G 270 25.83 -3.06 -32.53
C ASP G 270 26.64 -4.33 -32.39
N SER G 271 26.60 -4.96 -31.21
CA SER G 271 27.41 -6.15 -31.00
C SER G 271 26.74 -7.39 -31.58
N VAL G 272 25.44 -7.56 -31.36
CA VAL G 272 24.81 -8.70 -32.01
C VAL G 272 24.64 -8.45 -33.51
N TYR G 273 24.66 -7.18 -33.94
CA TYR G 273 24.76 -6.92 -35.37
C TYR G 273 26.13 -7.31 -35.92
N LYS G 274 27.19 -7.08 -35.15
CA LYS G 274 28.49 -7.58 -35.58
C LYS G 274 28.48 -9.10 -35.66
N LEU G 275 27.76 -9.76 -34.76
CA LEU G 275 27.66 -11.21 -34.79
C LEU G 275 26.94 -11.69 -36.04
N MET G 276 25.82 -11.04 -36.38
CA MET G 276 25.15 -11.38 -37.64
C MET G 276 26.10 -11.18 -38.81
N LEU G 277 26.83 -10.06 -38.81
CA LEU G 277 27.67 -9.77 -39.97
C LEU G 277 28.72 -10.84 -40.11
N SER G 278 29.24 -11.35 -38.99
CA SER G 278 30.24 -12.42 -39.03
C SER G 278 29.64 -13.75 -39.44
N CYS G 279 28.32 -13.88 -39.33
CA CYS G 279 27.66 -15.06 -39.89
C CYS G 279 27.74 -15.11 -41.41
N TRP G 280 27.92 -13.98 -42.10
CA TRP G 280 27.82 -13.92 -43.56
C TRP G 280 29.18 -13.75 -44.24
N ARG G 281 30.25 -14.21 -43.61
CA ARG G 281 31.56 -14.02 -44.21
C ARG G 281 31.80 -15.00 -45.35
N ARG G 282 32.59 -14.54 -46.33
CA ARG G 282 32.79 -15.31 -47.55
C ARG G 282 33.49 -16.64 -47.28
N ASP G 283 34.35 -16.69 -46.27
CA ASP G 283 35.09 -17.92 -45.99
C ASP G 283 34.50 -18.60 -44.76
N THR G 284 34.19 -19.89 -44.87
CA THR G 284 33.50 -20.57 -43.78
C THR G 284 34.37 -20.61 -42.52
N LYS G 285 35.70 -20.65 -42.69
CA LYS G 285 36.60 -20.70 -41.54
C LYS G 285 36.50 -19.45 -40.69
N ASN G 286 36.00 -18.37 -41.25
CA ASN G 286 35.78 -17.13 -40.54
C ASN G 286 34.42 -17.07 -39.87
N ARG G 287 33.55 -18.06 -40.11
CA ARG G 287 32.26 -17.86 -39.46
C ARG G 287 32.25 -18.54 -38.10
N PRO G 288 31.60 -17.88 -37.14
CA PRO G 288 31.52 -18.40 -35.78
C PRO G 288 30.79 -19.72 -35.69
N SER G 289 31.25 -20.57 -34.79
CA SER G 289 30.56 -21.77 -34.34
C SER G 289 29.33 -21.41 -33.52
N PHE G 290 28.38 -22.34 -33.45
CA PHE G 290 27.21 -22.07 -32.62
C PHE G 290 27.56 -22.00 -31.12
N GLN G 291 28.57 -22.73 -30.65
CA GLN G 291 28.96 -22.57 -29.25
C GLN G 291 29.36 -21.11 -28.96
N GLU G 292 30.26 -20.56 -29.81
CA GLU G 292 30.65 -19.17 -29.68
C GLU G 292 29.46 -18.24 -29.77
N ILE G 293 28.50 -18.52 -30.67
CA ILE G 293 27.34 -17.65 -30.87
C ILE G 293 26.44 -17.65 -29.64
N HIS G 294 26.15 -18.83 -29.09
CA HIS G 294 25.29 -18.90 -27.91
C HIS G 294 25.92 -18.19 -26.73
N LEU G 295 27.23 -18.39 -26.53
CA LEU G 295 27.87 -17.66 -25.43
C LEU G 295 27.80 -16.17 -25.67
N LEU G 296 28.04 -15.73 -26.91
CA LEU G 296 28.05 -14.30 -27.19
C LEU G 296 26.68 -13.69 -26.98
N LEU G 297 25.62 -14.43 -27.29
CA LEU G 297 24.28 -13.88 -27.09
C LEU G 297 23.93 -13.82 -25.61
N LEU G 298 24.51 -14.67 -24.77
CA LEU G 298 24.13 -14.63 -23.36
C LEU G 298 24.83 -13.50 -22.58
N GLN G 299 25.18 -12.42 -23.27
CA GLN G 299 25.80 -11.29 -22.60
C GLN G 299 24.90 -10.05 -22.59
N VAL H 1 -22.12 27.40 -3.53
CA VAL H 1 -21.83 25.97 -3.36
C VAL H 1 -21.81 25.65 -1.87
N ALA H 2 -22.60 24.65 -1.46
CA ALA H 2 -22.88 24.48 -0.05
C ALA H 2 -23.17 23.03 0.27
N VAL H 3 -23.06 22.72 1.56
CA VAL H 3 -23.37 21.42 2.14
C VAL H 3 -23.99 21.69 3.50
N GLU H 4 -24.21 20.65 4.29
CA GLU H 4 -25.00 20.76 5.50
C GLU H 4 -24.14 20.51 6.74
N GLU H 5 -24.35 21.33 7.77
CA GLU H 5 -23.74 21.12 9.08
C GLU H 5 -24.45 20.01 9.85
N PHE H 6 -23.67 19.30 10.67
CA PHE H 6 -24.12 18.19 11.50
C PHE H 6 -23.84 18.53 12.96
N PRO H 7 -24.67 18.04 13.89
CA PRO H 7 -24.31 18.18 15.32
C PRO H 7 -23.20 17.22 15.72
N ARG H 8 -22.02 17.76 16.03
CA ARG H 8 -20.93 16.95 16.56
C ARG H 8 -21.37 16.23 17.82
N LYS H 9 -22.31 16.85 18.55
CA LYS H 9 -22.84 16.32 19.80
C LYS H 9 -23.44 14.92 19.61
N LEU H 10 -24.01 14.66 18.44
CA LEU H 10 -24.60 13.35 18.13
C LEU H 10 -23.58 12.36 17.58
N LEU H 11 -22.30 12.73 17.56
CA LEU H 11 -21.25 11.79 17.20
C LEU H 11 -20.77 11.04 18.43
N THR H 12 -20.16 9.88 18.19
CA THR H 12 -19.75 8.97 19.26
C THR H 12 -18.53 8.22 18.74
N PHE H 13 -17.34 8.70 19.09
CA PHE H 13 -16.11 8.14 18.57
C PHE H 13 -15.97 6.69 19.02
N LYS H 14 -15.47 5.84 18.11
CA LYS H 14 -15.30 4.42 18.41
C LYS H 14 -13.88 3.95 18.14
N GLU H 15 -13.51 3.87 16.86
CA GLU H 15 -12.18 3.45 16.42
C GLU H 15 -11.50 4.56 15.65
N LYS H 16 -10.18 4.66 15.82
CA LYS H 16 -9.37 5.54 14.98
C LYS H 16 -9.13 4.88 13.62
N LEU H 17 -9.47 5.57 12.53
CA LEU H 17 -9.24 5.04 11.20
C LEU H 17 -7.94 5.49 10.53
N GLY H 18 -7.31 6.58 10.96
CA GLY H 18 -6.02 6.92 10.39
C GLY H 18 -5.49 8.26 10.85
N GLU H 19 -4.23 8.51 10.50
CA GLU H 19 -3.49 9.69 10.93
C GLU H 19 -2.86 10.40 9.75
N GLY H 20 -2.87 11.73 9.82
CA GLY H 20 -2.02 12.56 9.01
C GLY H 20 -1.25 13.51 9.91
N GLN H 21 -0.29 14.23 9.32
CA GLN H 21 0.46 15.18 10.11
C GLN H 21 -0.42 16.28 10.66
N PHE H 22 -1.57 16.53 10.01
CA PHE H 22 -2.44 17.62 10.40
C PHE H 22 -3.91 17.18 10.32
N GLY H 23 -4.21 16.01 10.87
CA GLY H 23 -5.59 15.57 10.95
C GLY H 23 -5.67 14.12 11.34
N GLU H 24 -6.89 13.71 11.68
CA GLU H 24 -7.14 12.32 12.02
C GLU H 24 -8.46 11.93 11.38
N VAL H 25 -8.65 10.63 11.16
CA VAL H 25 -9.87 10.10 10.57
C VAL H 25 -10.41 9.07 11.55
N HIS H 26 -11.49 9.41 12.23
CA HIS H 26 -12.15 8.55 13.20
C HIS H 26 -13.34 7.80 12.59
N LEU H 27 -13.73 6.70 13.24
CA LEU H 27 -14.99 6.02 12.96
C LEU H 27 -15.99 6.30 14.08
N CYS H 28 -17.21 6.74 13.72
CA CYS H 28 -18.18 7.14 14.73
C CYS H 28 -19.56 6.55 14.46
N GLU H 29 -20.25 6.16 15.51
CA GLU H 29 -21.64 5.73 15.44
C GLU H 29 -22.52 6.92 15.81
N VAL H 30 -23.59 7.14 15.05
CA VAL H 30 -24.43 8.30 15.32
C VAL H 30 -25.48 8.01 16.39
N PRO H 50 -26.39 -0.50 13.91
CA PRO H 50 -25.79 0.82 14.12
C PRO H 50 -25.57 1.60 12.84
N VAL H 51 -25.81 2.91 12.86
CA VAL H 51 -25.43 3.80 11.77
C VAL H 51 -24.04 4.33 12.08
N LEU H 52 -23.12 4.18 11.13
CA LEU H 52 -21.74 4.56 11.43
C LEU H 52 -21.07 5.16 10.20
N VAL H 53 -20.30 6.23 10.47
CA VAL H 53 -19.74 7.11 9.47
C VAL H 53 -18.27 7.36 9.76
N ALA H 54 -17.53 7.71 8.72
CA ALA H 54 -16.15 8.11 8.85
C ALA H 54 -16.08 9.63 8.97
N VAL H 55 -15.22 10.11 9.87
CA VAL H 55 -15.05 11.55 10.05
C VAL H 55 -13.59 11.92 9.84
N LYS H 56 -13.36 13.03 9.14
CA LYS H 56 -12.04 13.60 8.94
C LYS H 56 -11.97 14.93 9.70
N MET H 57 -11.09 14.98 10.70
CA MET H 57 -10.92 16.14 11.56
C MET H 57 -9.56 16.77 11.35
N LEU H 58 -9.50 18.07 11.65
CA LEU H 58 -8.28 18.86 11.65
C LEU H 58 -7.83 19.07 13.08
N ARG H 59 -6.56 18.74 13.36
CA ARG H 59 -6.06 18.92 14.72
C ARG H 59 -6.15 20.38 15.12
N ALA H 60 -6.39 20.61 16.41
CA ALA H 60 -6.49 21.99 16.88
C ALA H 60 -5.16 22.73 16.72
N ASP H 61 -4.04 22.00 16.79
CA ASP H 61 -2.70 22.58 16.66
C ASP H 61 -2.29 22.61 15.18
N ALA H 62 -2.93 23.49 14.42
CA ALA H 62 -2.78 23.49 12.98
C ALA H 62 -2.42 24.89 12.49
N ASN H 63 -1.52 24.94 11.51
CA ASN H 63 -1.00 26.20 10.99
C ASN H 63 -2.08 26.91 10.17
N LYS H 64 -1.75 28.15 9.77
CA LYS H 64 -2.57 28.84 8.78
C LYS H 64 -2.75 27.94 7.57
N ASN H 65 -1.65 27.43 7.02
CA ASN H 65 -1.71 26.67 5.78
C ASN H 65 -2.54 25.40 5.93
N ALA H 66 -2.43 24.73 7.08
CA ALA H 66 -3.14 23.47 7.23
C ALA H 66 -4.65 23.69 7.29
N ARG H 67 -5.07 24.72 8.03
CA ARG H 67 -6.48 25.05 8.08
C ARG H 67 -6.98 25.52 6.72
N ASN H 68 -6.21 26.38 6.07
CA ASN H 68 -6.66 26.88 4.77
C ASN H 68 -6.84 25.72 3.81
N ASP H 69 -5.91 24.76 3.84
CA ASP H 69 -6.06 23.60 2.96
C ASP H 69 -7.23 22.73 3.38
N PHE H 70 -7.55 22.66 4.68
CA PHE H 70 -8.77 21.94 5.05
C PHE H 70 -10.02 22.64 4.52
N LEU H 71 -9.98 23.97 4.42
CA LEU H 71 -11.10 24.72 3.85
C LEU H 71 -11.22 24.48 2.34
N LYS H 72 -10.11 24.60 1.61
CA LYS H 72 -10.15 24.34 0.17
C LYS H 72 -10.60 22.91 -0.09
N GLU H 73 -10.19 21.98 0.77
CA GLU H 73 -10.58 20.58 0.65
C GLU H 73 -12.06 20.37 0.93
N ILE H 74 -12.64 21.12 1.87
CA ILE H 74 -14.08 21.02 2.03
C ILE H 74 -14.77 21.50 0.76
N LYS H 75 -14.32 22.63 0.23
CA LYS H 75 -14.95 23.18 -0.96
C LYS H 75 -14.91 22.19 -2.11
N ILE H 76 -13.75 21.55 -2.32
CA ILE H 76 -13.66 20.60 -3.42
C ILE H 76 -14.54 19.40 -3.15
N MET H 77 -14.53 18.88 -1.91
CA MET H 77 -15.28 17.66 -1.69
C MET H 77 -16.77 17.85 -1.92
N SER H 78 -17.28 19.05 -1.62
CA SER H 78 -18.70 19.29 -1.82
C SER H 78 -19.09 19.12 -3.28
N ARG H 79 -18.16 19.41 -4.19
CA ARG H 79 -18.47 19.38 -5.61
C ARG H 79 -18.64 17.98 -6.18
N LEU H 80 -18.13 16.96 -5.50
CA LEU H 80 -18.06 15.64 -6.08
C LEU H 80 -19.34 14.85 -5.79
N LYS H 81 -20.06 14.44 -6.86
CA LYS H 81 -21.31 13.68 -6.75
C LYS H 81 -21.35 12.56 -7.81
N ASP H 82 -20.55 11.53 -7.57
CA ASP H 82 -20.63 10.27 -8.28
C ASP H 82 -20.68 9.15 -7.24
N PRO H 83 -21.34 8.04 -7.56
CA PRO H 83 -21.46 6.98 -6.57
C PRO H 83 -20.19 6.19 -6.32
N ASN H 84 -19.13 6.37 -7.10
CA ASN H 84 -17.86 5.71 -6.84
C ASN H 84 -16.79 6.66 -6.29
N ILE H 85 -17.16 7.86 -5.88
CA ILE H 85 -16.23 8.84 -5.36
C ILE H 85 -16.67 9.21 -3.94
N ILE H 86 -15.68 9.46 -3.08
CA ILE H 86 -15.97 9.70 -1.67
C ILE H 86 -16.95 10.86 -1.58
N HIS H 87 -18.10 10.61 -0.98
CA HIS H 87 -19.20 11.57 -1.00
C HIS H 87 -19.30 12.21 0.37
N LEU H 88 -19.48 13.53 0.37
CA LEU H 88 -19.43 14.32 1.58
C LEU H 88 -20.84 14.48 2.14
N LEU H 89 -21.14 13.79 3.26
CA LEU H 89 -22.48 13.81 3.85
C LEU H 89 -22.78 15.09 4.63
N ALA H 90 -21.81 15.57 5.40
CA ALA H 90 -21.99 16.78 6.20
C ALA H 90 -20.64 17.24 6.72
N VAL H 91 -20.62 18.43 7.33
CA VAL H 91 -19.41 18.98 7.91
C VAL H 91 -19.75 19.52 9.28
N CYS H 92 -18.70 19.78 10.06
CA CYS H 92 -18.79 20.59 11.27
C CYS H 92 -17.78 21.72 11.10
N ILE H 93 -18.26 22.95 11.03
CA ILE H 93 -17.37 24.08 10.79
C ILE H 93 -17.78 25.29 11.61
N THR H 94 -18.72 25.09 12.55
CA THR H 94 -19.16 26.16 13.44
C THR H 94 -18.25 26.36 14.65
N ASP H 95 -17.33 25.43 14.88
CA ASP H 95 -16.34 25.51 15.94
C ASP H 95 -15.30 24.42 15.69
N ASP H 96 -14.08 24.64 16.18
CA ASP H 96 -13.03 23.65 16.04
C ASP H 96 -13.41 22.40 16.84
N PRO H 97 -12.93 21.21 16.42
CA PRO H 97 -12.25 20.85 15.17
C PRO H 97 -13.18 20.98 13.99
N LEU H 98 -12.67 21.38 12.83
CA LEU H 98 -13.45 21.25 11.61
C LEU H 98 -13.48 19.79 11.17
N CYS H 99 -14.62 19.37 10.60
CA CYS H 99 -14.72 17.97 10.19
C CYS H 99 -15.56 17.84 8.93
N MET H 100 -15.24 16.79 8.20
CA MET H 100 -16.04 16.29 7.09
C MET H 100 -16.49 14.88 7.46
N ILE H 101 -17.64 14.45 6.93
CA ILE H 101 -18.17 13.13 7.25
C ILE H 101 -18.50 12.37 5.97
N THR H 102 -18.44 11.04 6.03
CA THR H 102 -18.51 10.15 4.87
C THR H 102 -19.12 8.83 5.30
N GLU H 103 -19.57 8.04 4.33
CA GLU H 103 -20.05 6.70 4.62
C GLU H 103 -18.91 5.76 5.04
N TYR H 104 -19.21 4.88 6.00
CA TYR H 104 -18.22 3.92 6.48
C TYR H 104 -18.18 2.70 5.56
N MET H 105 -17.03 2.48 4.94
CA MET H 105 -16.83 1.36 4.01
C MET H 105 -16.20 0.20 4.77
N GLU H 106 -17.03 -0.77 5.14
CA GLU H 106 -16.67 -1.70 6.20
C GLU H 106 -15.48 -2.58 5.85
N ASN H 107 -15.15 -2.75 4.58
CA ASN H 107 -14.06 -3.65 4.21
C ASN H 107 -12.73 -2.92 3.96
N GLY H 108 -12.63 -1.64 4.29
CA GLY H 108 -11.33 -0.99 4.24
C GLY H 108 -10.86 -0.70 2.82
N ASP H 109 -9.55 -0.41 2.71
CA ASP H 109 -8.97 -0.09 1.40
C ASP H 109 -8.78 -1.36 0.58
N LEU H 110 -8.76 -1.18 -0.75
CA LEU H 110 -8.73 -2.32 -1.64
C LEU H 110 -7.45 -3.14 -1.51
N ASN H 111 -6.32 -2.48 -1.21
CA ASN H 111 -5.09 -3.24 -1.08
C ASN H 111 -5.19 -4.22 0.07
N GLN H 112 -5.64 -3.74 1.25
CA GLN H 112 -5.84 -4.63 2.39
C GLN H 112 -6.90 -5.68 2.10
N PHE H 113 -7.96 -5.30 1.38
CA PHE H 113 -9.06 -6.23 1.17
C PHE H 113 -8.62 -7.40 0.31
N LEU H 114 -7.99 -7.12 -0.82
CA LEU H 114 -7.59 -8.24 -1.65
C LEU H 114 -6.50 -9.08 -1.00
N SER H 115 -5.60 -8.45 -0.24
CA SER H 115 -4.39 -9.16 0.19
C SER H 115 -4.69 -10.29 1.16
N ARG H 116 -5.70 -10.14 2.01
CA ARG H 116 -6.07 -11.26 2.87
C ARG H 116 -6.63 -12.42 2.05
N HIS H 117 -7.25 -12.15 0.91
CA HIS H 117 -7.67 -13.20 -0.01
C HIS H 117 -6.47 -13.74 -0.80
N GLU H 118 -6.53 -15.04 -1.10
CA GLU H 118 -5.37 -15.72 -1.77
C GLU H 118 -5.87 -16.59 -2.89
N PRO H 119 -5.78 -16.08 -4.12
CA PRO H 119 -6.28 -16.61 -5.40
C PRO H 119 -6.48 -18.12 -5.47
N ARG H 128 -11.42 -15.62 2.28
CA ARG H 128 -12.29 -16.32 1.34
C ARG H 128 -11.70 -16.34 -0.06
N THR H 129 -12.35 -17.08 -0.96
CA THR H 129 -12.07 -16.93 -2.38
C THR H 129 -12.74 -15.65 -2.88
N VAL H 130 -12.19 -15.05 -3.93
CA VAL H 130 -12.85 -13.98 -4.64
C VAL H 130 -12.82 -14.34 -6.11
N SER H 131 -14.01 -14.35 -6.72
CA SER H 131 -14.21 -14.75 -8.11
C SER H 131 -13.69 -13.69 -9.05
N TYR H 132 -13.43 -14.11 -10.29
CA TYR H 132 -13.02 -13.13 -11.28
C TYR H 132 -14.09 -12.07 -11.46
N THR H 133 -15.38 -12.44 -11.35
CA THR H 133 -16.47 -11.49 -11.57
C THR H 133 -16.42 -10.34 -10.58
N ASN H 134 -16.06 -10.64 -9.34
CA ASN H 134 -15.95 -9.58 -8.35
C ASN H 134 -14.78 -8.65 -8.66
N LEU H 135 -13.63 -9.21 -9.05
CA LEU H 135 -12.50 -8.35 -9.38
C LEU H 135 -12.85 -7.46 -10.56
N LYS H 136 -13.62 -7.99 -11.52
CA LYS H 136 -14.02 -7.16 -12.65
C LYS H 136 -14.99 -6.06 -12.22
N PHE H 137 -15.95 -6.41 -11.35
CA PHE H 137 -16.93 -5.42 -10.93
C PHE H 137 -16.30 -4.30 -10.11
N MET H 138 -15.26 -4.62 -9.33
CA MET H 138 -14.52 -3.54 -8.67
C MET H 138 -13.75 -2.74 -9.70
N ALA H 139 -13.14 -3.40 -10.69
CA ALA H 139 -12.46 -2.66 -11.76
C ALA H 139 -13.40 -1.67 -12.43
N THR H 140 -14.56 -2.13 -12.90
CA THR H 140 -15.46 -1.23 -13.63
C THR H 140 -15.98 -0.11 -12.74
N GLN H 141 -16.20 -0.37 -11.45
CA GLN H 141 -16.54 0.76 -10.60
C GLN H 141 -15.40 1.77 -10.50
N ILE H 142 -14.16 1.31 -10.39
CA ILE H 142 -13.06 2.27 -10.36
C ILE H 142 -13.05 3.09 -11.65
N ALA H 143 -13.27 2.42 -12.78
CA ALA H 143 -13.27 3.16 -14.04
C ALA H 143 -14.38 4.21 -14.04
N SER H 144 -15.60 3.85 -13.61
CA SER H 144 -16.69 4.82 -13.64
C SER H 144 -16.39 6.02 -12.75
N GLY H 145 -15.74 5.80 -11.61
CA GLY H 145 -15.35 6.95 -10.81
C GLY H 145 -14.33 7.80 -11.54
N MET H 146 -13.42 7.15 -12.27
CA MET H 146 -12.44 7.94 -12.99
C MET H 146 -13.07 8.75 -14.10
N LYS H 147 -14.10 8.22 -14.76
CA LYS H 147 -14.73 9.01 -15.79
C LYS H 147 -15.44 10.21 -15.19
N TYR H 148 -15.93 10.09 -13.94
CA TYR H 148 -16.49 11.28 -13.33
C TYR H 148 -15.43 12.33 -13.08
N LEU H 149 -14.32 11.93 -12.44
CA LEU H 149 -13.31 12.96 -12.16
C LEU H 149 -12.78 13.52 -13.46
N SER H 150 -12.67 12.67 -14.49
CA SER H 150 -12.17 13.09 -15.78
C SER H 150 -13.07 14.13 -16.41
N SER H 151 -14.39 13.93 -16.29
CA SER H 151 -15.34 14.88 -16.83
C SER H 151 -15.22 16.24 -16.15
N LEU H 152 -14.67 16.27 -14.94
CA LEU H 152 -14.48 17.52 -14.22
C LEU H 152 -13.09 18.12 -14.41
N ASN H 153 -12.25 17.51 -15.24
CA ASN H 153 -10.84 17.86 -15.30
C ASN H 153 -10.23 17.84 -13.91
N PHE H 154 -10.54 16.77 -13.18
CA PHE H 154 -9.94 16.49 -11.88
C PHE H 154 -8.90 15.40 -12.08
N VAL H 155 -7.68 15.65 -11.65
CA VAL H 155 -6.57 14.72 -11.82
C VAL H 155 -6.16 14.16 -10.47
N HIS H 156 -6.31 12.86 -10.29
CA HIS H 156 -6.07 12.26 -8.96
C HIS H 156 -4.58 12.19 -8.60
N ARG H 157 -3.74 11.81 -9.56
CA ARG H 157 -2.30 11.66 -9.43
C ARG H 157 -1.89 10.43 -8.61
N ASP H 158 -2.76 9.92 -7.77
CA ASP H 158 -2.40 8.79 -6.91
C ASP H 158 -3.52 7.74 -6.95
N LEU H 159 -3.75 7.17 -8.11
CA LEU H 159 -4.71 6.09 -8.25
C LEU H 159 -4.02 4.79 -7.96
N ALA H 160 -4.57 4.02 -7.02
CA ALA H 160 -4.15 2.64 -6.79
C ALA H 160 -5.18 2.00 -5.89
N THR H 161 -5.06 0.69 -5.76
CA THR H 161 -5.91 0.01 -4.78
C THR H 161 -5.69 0.61 -3.41
N ARG H 162 -4.45 0.99 -3.11
CA ARG H 162 -4.17 1.48 -1.78
C ARG H 162 -5.05 2.70 -1.46
N ASN H 163 -5.59 3.36 -2.49
CA ASN H 163 -6.46 4.52 -2.31
C ASN H 163 -7.93 4.23 -2.55
N CYS H 164 -8.37 2.99 -2.55
CA CYS H 164 -9.77 2.69 -2.81
C CYS H 164 -10.44 2.07 -1.60
N LEU H 165 -11.67 2.49 -1.33
CA LEU H 165 -12.47 1.93 -0.26
C LEU H 165 -13.41 0.85 -0.79
N VAL H 166 -13.42 -0.31 -0.13
CA VAL H 166 -14.30 -1.44 -0.48
C VAL H 166 -15.48 -1.49 0.49
N GLY H 167 -16.66 -1.25 -0.01
CA GLY H 167 -17.85 -1.26 0.82
C GLY H 167 -18.54 -2.61 0.91
N LYS H 168 -19.80 -2.56 1.33
CA LYS H 168 -20.63 -3.75 1.39
C LYS H 168 -20.90 -4.29 -0.02
N ASN H 169 -20.75 -5.62 -0.16
CA ASN H 169 -21.01 -6.31 -1.43
C ASN H 169 -20.18 -5.73 -2.58
N TYR H 170 -18.91 -5.47 -2.32
CA TYR H 170 -17.90 -5.10 -3.32
C TYR H 170 -18.17 -3.75 -3.99
N THR H 171 -18.86 -2.82 -3.32
CA THR H 171 -18.90 -1.45 -3.86
C THR H 171 -17.54 -0.78 -3.62
N ILE H 172 -17.22 0.18 -4.49
CA ILE H 172 -15.90 0.80 -4.49
C ILE H 172 -16.03 2.30 -4.48
N LYS H 173 -15.17 2.97 -3.72
CA LYS H 173 -15.11 4.42 -3.76
C LYS H 173 -13.65 4.84 -3.82
N ILE H 174 -13.30 5.58 -4.87
CA ILE H 174 -12.00 6.22 -5.01
C ILE H 174 -11.83 7.33 -3.97
N ALA H 175 -10.65 7.37 -3.34
CA ALA H 175 -10.32 8.33 -2.31
C ALA H 175 -8.86 8.71 -2.49
N ASP H 176 -8.42 9.76 -1.79
CA ASP H 176 -6.99 10.08 -1.72
C ASP H 176 -6.50 10.11 -0.26
N PHE H 177 -5.86 9.01 0.18
CA PHE H 177 -5.26 8.99 1.50
C PHE H 177 -4.04 9.90 1.58
N GLY H 178 -3.28 9.97 0.50
CA GLY H 178 -1.98 10.60 0.55
C GLY H 178 -0.88 9.63 0.96
N MET H 179 0.35 10.16 0.97
CA MET H 179 1.55 9.35 1.07
C MET H 179 2.00 9.09 2.52
N SER H 180 1.18 9.44 3.51
CA SER H 180 1.60 9.42 4.90
C SER H 180 1.51 8.03 5.53
N ARG H 181 0.58 7.18 5.10
CA ARG H 181 0.37 5.91 5.78
C ARG H 181 1.60 5.01 5.71
N ASN H 182 1.99 4.47 6.87
CA ASN H 182 3.24 3.72 6.94
C ASN H 182 3.16 2.45 6.12
N LEU H 183 1.97 1.84 6.07
CA LEU H 183 1.83 0.55 5.42
C LEU H 183 2.22 0.64 3.95
N TYR H 184 1.99 1.78 3.33
CA TYR H 184 2.28 1.94 1.91
C TYR H 184 3.50 2.79 1.66
N SER H 185 4.40 2.93 2.65
CA SER H 185 5.54 3.80 2.46
C SER H 185 6.45 3.32 1.33
N GLY H 186 6.38 2.04 0.98
CA GLY H 186 7.15 1.56 -0.14
C GLY H 186 6.60 1.91 -1.51
N ASP H 187 5.40 2.47 -1.57
CA ASP H 187 4.83 2.88 -2.85
C ASP H 187 5.19 4.31 -3.21
N TYR H 188 5.90 5.01 -2.33
CA TYR H 188 6.29 6.39 -2.59
C TYR H 188 7.80 6.53 -2.48
N TYR H 189 8.35 7.44 -3.29
CA TYR H 189 9.77 7.48 -3.64
C TYR H 189 10.14 8.89 -4.02
N ARG H 190 11.40 9.26 -3.80
CA ARG H 190 11.84 10.64 -3.97
C ARG H 190 12.86 10.79 -5.11
N ILE H 191 12.38 11.18 -6.30
CA ILE H 191 13.27 11.67 -7.34
C ILE H 191 13.90 12.98 -6.90
N GLN H 192 15.22 13.11 -7.06
CA GLN H 192 15.99 13.97 -6.16
C GLN H 192 15.59 15.43 -6.25
N GLY H 193 15.30 15.92 -7.45
CA GLY H 193 14.90 17.31 -7.60
C GLY H 193 13.44 17.58 -7.43
N ARG H 194 12.64 16.54 -7.17
CA ARG H 194 11.19 16.61 -7.13
C ARG H 194 10.70 15.96 -5.83
N ALA H 195 9.38 15.96 -5.62
CA ALA H 195 8.82 15.50 -4.36
C ALA H 195 8.71 13.97 -4.33
N VAL H 196 8.03 13.44 -3.31
CA VAL H 196 7.84 12.00 -3.19
C VAL H 196 6.69 11.58 -4.08
N LEU H 197 6.86 10.47 -4.80
CA LEU H 197 5.96 10.10 -5.88
C LEU H 197 5.68 8.61 -5.99
N PRO H 198 4.46 8.20 -6.39
CA PRO H 198 4.16 6.77 -6.62
C PRO H 198 4.64 6.28 -7.99
N ILE H 199 5.96 6.14 -8.12
CA ILE H 199 6.56 5.97 -9.45
C ILE H 199 6.12 4.67 -10.13
N ARG H 200 5.80 3.64 -9.36
CA ARG H 200 5.44 2.39 -10.02
C ARG H 200 4.08 2.47 -10.69
N TRP H 201 3.29 3.46 -10.30
CA TRP H 201 1.98 3.77 -10.86
C TRP H 201 2.00 4.87 -11.92
N MET H 202 3.16 5.45 -12.20
CA MET H 202 3.23 6.74 -12.86
C MET H 202 3.70 6.60 -14.30
N SER H 203 2.99 7.28 -15.20
CA SER H 203 3.37 7.27 -16.60
C SER H 203 4.69 8.01 -16.76
N TRP H 204 5.41 7.67 -17.83
CA TRP H 204 6.71 8.26 -18.03
C TRP H 204 6.65 9.79 -18.10
N GLU H 205 5.58 10.37 -18.60
CA GLU H 205 5.64 11.82 -18.71
C GLU H 205 5.31 12.53 -17.40
N SER H 206 4.76 11.82 -16.41
CA SER H 206 4.57 12.46 -15.10
C SER H 206 5.84 12.37 -14.24
N ILE H 207 6.57 11.26 -14.33
CA ILE H 207 7.88 11.17 -13.70
C ILE H 207 8.88 12.07 -14.41
N LEU H 208 9.10 11.82 -15.71
CA LEU H 208 10.19 12.47 -16.43
C LEU H 208 9.93 13.93 -16.73
N LEU H 209 8.67 14.36 -16.82
CA LEU H 209 8.44 15.77 -17.10
C LEU H 209 7.52 16.46 -16.11
N GLY H 210 6.89 15.73 -15.20
CA GLY H 210 6.04 16.39 -14.24
C GLY H 210 4.75 16.93 -14.83
N LYS H 211 4.28 16.36 -15.93
CA LYS H 211 2.96 16.71 -16.44
C LYS H 211 1.98 15.61 -16.09
N PHE H 212 0.83 16.02 -15.57
CA PHE H 212 -0.19 15.19 -14.93
C PHE H 212 -1.52 15.45 -15.61
N THR H 213 -2.07 14.44 -16.23
CA THR H 213 -3.23 14.59 -17.10
C THR H 213 -4.03 13.30 -16.99
N THR H 214 -5.30 13.34 -17.33
CA THR H 214 -6.05 12.10 -17.18
C THR H 214 -5.44 10.97 -17.99
N ALA H 215 -4.54 11.27 -18.93
CA ALA H 215 -3.75 10.20 -19.52
C ALA H 215 -2.83 9.53 -18.50
N SER H 216 -2.19 10.32 -17.63
CA SER H 216 -1.40 9.69 -16.57
C SER H 216 -2.30 8.93 -15.59
N ASP H 217 -3.51 9.44 -15.32
CA ASP H 217 -4.43 8.67 -14.51
C ASP H 217 -4.84 7.37 -15.21
N VAL H 218 -4.93 7.40 -16.54
CA VAL H 218 -5.26 6.17 -17.24
C VAL H 218 -4.13 5.15 -17.10
N TRP H 219 -2.87 5.61 -17.21
CA TRP H 219 -1.75 4.70 -16.98
C TRP H 219 -1.81 4.10 -15.58
N ALA H 220 -2.09 4.94 -14.59
CA ALA H 220 -2.19 4.43 -13.23
C ALA H 220 -3.33 3.43 -13.12
N PHE H 221 -4.47 3.71 -13.78
CA PHE H 221 -5.60 2.79 -13.70
C PHE H 221 -5.27 1.46 -14.33
N GLY H 222 -4.42 1.45 -15.34
CA GLY H 222 -3.96 0.17 -15.85
C GLY H 222 -3.21 -0.60 -14.79
N VAL H 223 -2.30 0.08 -14.07
CA VAL H 223 -1.56 -0.58 -13.00
C VAL H 223 -2.48 -0.98 -11.84
N THR H 224 -3.47 -0.14 -11.49
CA THR H 224 -4.46 -0.50 -10.49
C THR H 224 -5.17 -1.79 -10.88
N LEU H 225 -5.53 -1.90 -12.15
CA LEU H 225 -6.08 -3.15 -12.66
C LEU H 225 -5.10 -4.29 -12.45
N TRP H 226 -3.79 -4.03 -12.66
CA TRP H 226 -2.81 -5.10 -12.50
C TRP H 226 -2.76 -5.62 -11.06
N GLU H 227 -2.88 -4.70 -10.08
CA GLU H 227 -2.99 -5.13 -8.70
C GLU H 227 -4.25 -5.95 -8.51
N THR H 228 -5.38 -5.41 -8.95
CA THR H 228 -6.67 -5.99 -8.62
C THR H 228 -6.80 -7.40 -9.17
N PHE H 229 -6.26 -7.64 -10.35
CA PHE H 229 -6.28 -8.98 -10.90
C PHE H 229 -5.17 -9.86 -10.33
N THR H 230 -4.14 -9.28 -9.71
CA THR H 230 -3.12 -10.07 -9.03
C THR H 230 -3.39 -10.23 -7.55
N PHE H 231 -4.52 -9.74 -7.06
CA PHE H 231 -4.89 -9.78 -5.64
C PHE H 231 -3.89 -9.00 -4.78
N CYS H 232 -3.30 -7.94 -5.33
CA CYS H 232 -2.42 -7.06 -4.56
C CYS H 232 -1.33 -7.83 -3.84
N GLN H 233 -0.97 -8.99 -4.39
CA GLN H 233 -0.10 -9.90 -3.67
C GLN H 233 1.33 -9.40 -3.62
N GLU H 234 1.78 -8.70 -4.64
CA GLU H 234 3.11 -8.13 -4.64
C GLU H 234 3.04 -6.77 -5.32
N GLN H 235 4.09 -5.99 -5.13
CA GLN H 235 4.16 -4.66 -5.72
C GLN H 235 4.30 -4.76 -7.23
N PRO H 236 3.73 -3.83 -7.97
CA PRO H 236 3.96 -3.82 -9.42
C PRO H 236 5.44 -3.60 -9.70
N TYR H 237 5.97 -4.23 -10.74
CA TYR H 237 7.41 -4.30 -11.02
C TYR H 237 8.17 -4.70 -9.76
N SER H 238 7.78 -5.83 -9.18
CA SER H 238 8.45 -6.29 -7.98
C SER H 238 9.86 -6.78 -8.30
N GLN H 239 10.16 -7.04 -9.57
CA GLN H 239 11.51 -7.40 -9.96
C GLN H 239 12.50 -6.24 -9.78
N LEU H 240 12.02 -5.01 -9.88
CA LEU H 240 12.87 -3.84 -10.04
C LEU H 240 12.92 -3.04 -8.73
N SER H 241 14.10 -2.54 -8.41
CA SER H 241 14.27 -1.56 -7.34
C SER H 241 13.77 -0.19 -7.78
N ASP H 242 13.54 0.71 -6.81
CA ASP H 242 13.01 2.02 -7.15
C ASP H 242 13.89 2.72 -8.16
N GLU H 243 15.20 2.58 -8.03
CA GLU H 243 16.11 3.13 -9.01
C GLU H 243 15.91 2.46 -10.36
N GLN H 244 15.66 1.15 -10.35
CA GLN H 244 15.43 0.41 -11.58
C GLN H 244 14.08 0.71 -12.21
N VAL H 245 13.08 1.08 -11.40
CA VAL H 245 11.85 1.58 -11.97
C VAL H 245 12.09 2.91 -12.66
N ILE H 246 12.93 3.77 -12.07
CA ILE H 246 13.23 5.04 -12.75
C ILE H 246 13.92 4.75 -14.08
N GLU H 247 14.84 3.79 -14.09
CA GLU H 247 15.50 3.40 -15.32
C GLU H 247 14.49 2.90 -16.35
N ASN H 248 13.63 1.97 -15.94
CA ASN H 248 12.67 1.36 -16.84
C ASN H 248 11.67 2.37 -17.36
N THR H 249 11.30 3.34 -16.50
CA THR H 249 10.48 4.45 -16.94
C THR H 249 11.17 5.22 -18.04
N GLY H 250 12.48 5.45 -17.88
CA GLY H 250 13.21 6.05 -18.96
C GLY H 250 13.09 5.23 -20.24
N GLU H 251 13.11 3.91 -20.10
CA GLU H 251 13.05 3.05 -21.28
C GLU H 251 11.67 3.10 -21.92
N PHE H 252 10.60 3.29 -21.13
CA PHE H 252 9.29 3.53 -21.71
C PHE H 252 9.31 4.76 -22.60
N PHE H 253 9.94 5.84 -22.13
CA PHE H 253 10.04 7.05 -22.94
C PHE H 253 10.92 6.84 -24.17
N ARG H 254 11.91 5.97 -24.09
CA ARG H 254 12.75 5.70 -25.26
C ARG H 254 12.01 4.86 -26.32
N ASP H 255 10.94 4.15 -25.92
CA ASP H 255 10.13 3.21 -26.71
C ASP H 255 10.92 2.46 -27.78
N GLN H 256 11.84 1.59 -27.38
CA GLN H 256 12.58 0.77 -28.32
C GLN H 256 12.69 -0.67 -27.83
N GLY H 257 11.69 -1.13 -27.08
CA GLY H 257 11.56 -2.54 -26.80
C GLY H 257 12.37 -3.06 -25.63
N ARG H 258 13.19 -2.21 -25.00
CA ARG H 258 13.85 -2.61 -23.76
C ARG H 258 13.04 -2.28 -22.52
N GLN H 259 11.99 -1.45 -22.65
CA GLN H 259 11.03 -1.28 -21.56
C GLN H 259 10.28 -2.58 -21.32
N THR H 260 9.97 -2.85 -20.05
CA THR H 260 9.26 -4.07 -19.70
C THR H 260 7.99 -3.71 -18.95
N TYR H 261 6.92 -4.42 -19.28
CA TYR H 261 5.58 -4.17 -18.76
C TYR H 261 5.26 -5.17 -17.66
N LEU H 262 4.20 -4.86 -16.92
CA LEU H 262 3.64 -5.84 -15.98
C LEU H 262 3.15 -7.06 -16.72
N PRO H 263 3.46 -8.27 -16.25
CA PRO H 263 3.00 -9.48 -16.96
C PRO H 263 1.49 -9.65 -16.84
N GLN H 264 0.94 -10.45 -17.73
CA GLN H 264 -0.52 -10.67 -17.69
C GLN H 264 -0.92 -11.49 -16.48
N PRO H 265 -1.82 -10.99 -15.63
CA PRO H 265 -2.25 -11.77 -14.46
C PRO H 265 -2.96 -13.05 -14.87
N ALA H 266 -2.81 -14.11 -14.05
CA ALA H 266 -3.35 -15.42 -14.42
C ALA H 266 -4.86 -15.39 -14.56
N ILE H 267 -5.54 -14.65 -13.68
CA ILE H 267 -6.99 -14.57 -13.74
C ILE H 267 -7.46 -13.71 -14.90
N CYS H 268 -6.54 -13.00 -15.54
CA CYS H 268 -6.88 -11.93 -16.47
C CYS H 268 -7.07 -12.48 -17.87
N PRO H 269 -8.24 -12.29 -18.48
CA PRO H 269 -8.44 -12.66 -19.89
C PRO H 269 -7.66 -11.77 -20.86
N ASP H 270 -7.41 -12.32 -22.06
CA ASP H 270 -6.58 -11.62 -23.04
C ASP H 270 -7.16 -10.25 -23.41
N SER H 271 -8.49 -10.14 -23.46
CA SER H 271 -9.10 -8.86 -23.75
C SER H 271 -8.67 -7.82 -22.73
N VAL H 272 -8.91 -8.11 -21.45
CA VAL H 272 -8.67 -7.12 -20.40
C VAL H 272 -7.18 -6.79 -20.29
N TYR H 273 -6.30 -7.77 -20.55
CA TYR H 273 -4.87 -7.46 -20.60
C TYR H 273 -4.53 -6.54 -21.78
N LYS H 274 -5.21 -6.71 -22.91
CA LYS H 274 -5.02 -5.77 -24.02
C LYS H 274 -5.45 -4.38 -23.62
N LEU H 275 -6.48 -4.29 -22.78
CA LEU H 275 -6.90 -3.00 -22.25
C LEU H 275 -5.83 -2.42 -21.33
N MET H 276 -5.25 -3.27 -20.49
CA MET H 276 -4.12 -2.84 -19.67
C MET H 276 -3.02 -2.25 -20.54
N LEU H 277 -2.59 -2.98 -21.59
CA LEU H 277 -1.50 -2.51 -22.42
C LEU H 277 -1.84 -1.20 -23.10
N SER H 278 -3.10 -1.05 -23.50
CA SER H 278 -3.51 0.21 -24.10
C SER H 278 -3.33 1.36 -23.12
N CYS H 279 -3.49 1.11 -21.82
CA CYS H 279 -3.30 2.21 -20.87
C CYS H 279 -1.85 2.68 -20.79
N TRP H 280 -0.88 1.85 -21.20
CA TRP H 280 0.52 2.17 -21.05
C TRP H 280 1.21 2.58 -22.36
N ARG H 281 0.43 2.95 -23.39
CA ARG H 281 1.02 3.37 -24.64
C ARG H 281 1.89 4.60 -24.41
N ARG H 282 3.00 4.68 -25.16
CA ARG H 282 3.95 5.77 -24.94
C ARG H 282 3.37 7.12 -25.29
N ASP H 283 2.54 7.21 -26.32
CA ASP H 283 1.94 8.49 -26.63
C ASP H 283 0.57 8.61 -25.98
N THR H 284 0.27 9.76 -25.38
CA THR H 284 -0.96 9.84 -24.60
C THR H 284 -2.20 9.79 -25.48
N LYS H 285 -2.11 10.32 -26.72
CA LYS H 285 -3.26 10.36 -27.62
C LYS H 285 -3.73 8.97 -28.01
N ASN H 286 -2.87 7.95 -27.89
CA ASN H 286 -3.27 6.59 -28.16
C ASN H 286 -3.79 5.84 -26.93
N ARG H 287 -3.80 6.48 -25.75
CA ARG H 287 -4.30 5.74 -24.60
C ARG H 287 -5.81 5.86 -24.51
N PRO H 288 -6.49 4.81 -24.06
CA PRO H 288 -7.95 4.87 -23.91
C PRO H 288 -8.37 5.92 -22.88
N SER H 289 -9.52 6.51 -23.14
CA SER H 289 -10.24 7.35 -22.20
C SER H 289 -10.98 6.51 -21.15
N PHE H 290 -11.35 7.15 -20.04
CA PHE H 290 -12.02 6.39 -18.99
C PHE H 290 -13.41 5.93 -19.42
N GLN H 291 -14.07 6.70 -20.29
CA GLN H 291 -15.37 6.25 -20.81
C GLN H 291 -15.22 5.00 -21.66
N GLU H 292 -14.23 5.00 -22.55
CA GLU H 292 -14.02 3.85 -23.42
C GLU H 292 -13.57 2.64 -22.61
N ILE H 293 -12.79 2.86 -21.54
CA ILE H 293 -12.35 1.77 -20.68
C ILE H 293 -13.52 1.16 -19.90
N HIS H 294 -14.44 2.01 -19.42
CA HIS H 294 -15.63 1.50 -18.76
C HIS H 294 -16.46 0.65 -19.71
N LEU H 295 -16.67 1.14 -20.93
CA LEU H 295 -17.47 0.37 -21.87
C LEU H 295 -16.79 -0.93 -22.23
N LEU H 296 -15.47 -0.91 -22.42
CA LEU H 296 -14.77 -2.15 -22.76
C LEU H 296 -14.75 -3.12 -21.59
N LEU H 297 -14.76 -2.63 -20.35
CA LEU H 297 -14.85 -3.55 -19.23
C LEU H 297 -16.23 -4.16 -19.15
N LEU H 298 -17.26 -3.44 -19.60
CA LEU H 298 -18.61 -3.95 -19.41
C LEU H 298 -18.97 -5.08 -20.37
N GLN H 299 -18.16 -5.35 -21.38
CA GLN H 299 -18.29 -6.57 -22.16
C GLN H 299 -18.06 -7.84 -21.33
N VAL I 3 -21.02 -29.17 46.02
CA VAL I 3 -21.52 -27.97 45.32
C VAL I 3 -22.67 -27.35 46.09
N GLU I 4 -23.07 -26.14 45.69
CA GLU I 4 -24.27 -25.48 46.20
C GLU I 4 -25.29 -25.31 45.06
N GLU I 5 -26.57 -25.31 45.42
CA GLU I 5 -27.66 -25.20 44.44
C GLU I 5 -28.16 -23.75 44.43
N PHE I 6 -27.64 -22.96 43.51
CA PHE I 6 -28.11 -21.59 43.36
C PHE I 6 -29.47 -21.57 42.68
N PRO I 7 -30.48 -20.94 43.28
CA PRO I 7 -31.83 -20.99 42.69
C PRO I 7 -31.88 -20.39 41.29
N ARG I 8 -32.66 -21.04 40.40
CA ARG I 8 -32.76 -20.65 38.99
C ARG I 8 -33.77 -19.52 38.76
N LYS I 9 -34.63 -19.25 39.74
CA LYS I 9 -35.52 -18.09 39.67
C LYS I 9 -34.72 -16.80 39.58
N LEU I 10 -33.56 -16.77 40.25
CA LEU I 10 -32.62 -15.65 40.16
C LEU I 10 -31.80 -15.66 38.88
N LEU I 11 -31.81 -16.76 38.11
CA LEU I 11 -31.19 -16.72 36.79
C LEU I 11 -32.06 -15.93 35.83
N THR I 12 -31.41 -15.22 34.92
CA THR I 12 -32.09 -14.47 33.87
C THR I 12 -31.22 -14.56 32.62
N PHE I 13 -31.65 -15.37 31.66
CA PHE I 13 -30.87 -15.65 30.45
C PHE I 13 -30.62 -14.37 29.66
N LYS I 14 -29.43 -14.27 29.05
CA LYS I 14 -29.04 -13.10 28.27
C LYS I 14 -28.42 -13.44 26.91
N GLU I 15 -27.60 -14.48 26.83
CA GLU I 15 -26.85 -14.76 25.60
C GLU I 15 -26.60 -16.26 25.47
N LYS I 16 -26.37 -16.69 24.22
CA LYS I 16 -25.97 -18.05 23.90
C LYS I 16 -24.48 -18.08 23.59
N LEU I 17 -23.72 -18.87 24.37
CA LEU I 17 -22.25 -18.79 24.40
C LEU I 17 -21.57 -19.99 23.74
N GLY I 18 -22.20 -20.63 22.77
CA GLY I 18 -21.67 -21.85 22.18
C GLY I 18 -22.57 -23.05 22.45
N GLU I 19 -22.33 -24.09 21.67
CA GLU I 19 -23.26 -25.21 21.69
C GLU I 19 -22.54 -26.53 21.51
N GLY I 20 -22.97 -27.53 22.29
CA GLY I 20 -22.53 -28.90 22.13
C GLY I 20 -23.67 -29.79 21.66
N GLN I 21 -23.31 -31.05 21.39
CA GLN I 21 -24.29 -32.03 20.93
C GLN I 21 -25.28 -32.41 22.02
N PHE I 22 -24.92 -32.25 23.30
CA PHE I 22 -25.84 -32.59 24.37
C PHE I 22 -25.82 -31.54 25.47
N GLY I 23 -25.58 -30.28 25.10
CA GLY I 23 -25.73 -29.16 25.99
C GLY I 23 -25.40 -27.83 25.35
N GLU I 24 -26.19 -26.80 25.71
CA GLU I 24 -25.93 -25.41 25.37
C GLU I 24 -25.08 -24.75 26.46
N VAL I 25 -24.69 -23.51 26.22
CA VAL I 25 -23.99 -22.71 27.22
C VAL I 25 -24.58 -21.31 27.24
N HIS I 26 -25.37 -21.02 28.26
CA HIS I 26 -26.07 -19.76 28.41
C HIS I 26 -25.24 -18.78 29.23
N LEU I 27 -25.64 -17.51 29.17
CA LEU I 27 -25.14 -16.50 30.10
C LEU I 27 -26.32 -15.96 30.90
N CYS I 28 -26.07 -15.61 32.17
CA CYS I 28 -27.16 -15.22 33.07
C CYS I 28 -26.73 -14.08 33.97
N GLU I 29 -27.66 -13.15 34.20
CA GLU I 29 -27.58 -12.21 35.31
C GLU I 29 -28.12 -12.89 36.58
N VAL I 30 -27.70 -12.39 37.74
CA VAL I 30 -28.11 -13.01 39.01
C VAL I 30 -29.40 -12.38 39.58
N VAL I 51 -23.80 -7.85 38.20
CA VAL I 51 -23.22 -9.17 38.39
C VAL I 51 -23.76 -10.11 37.33
N LEU I 52 -22.91 -10.99 36.81
CA LEU I 52 -23.28 -11.88 35.72
C LEU I 52 -22.33 -13.08 35.71
N VAL I 53 -22.82 -14.20 35.17
CA VAL I 53 -22.14 -15.50 35.27
C VAL I 53 -22.49 -16.35 34.05
N ALA I 54 -21.61 -17.32 33.76
CA ALA I 54 -21.83 -18.27 32.66
C ALA I 54 -22.51 -19.54 33.16
N VAL I 55 -23.02 -20.33 32.22
CA VAL I 55 -23.80 -21.54 32.52
C VAL I 55 -23.57 -22.56 31.40
N LYS I 56 -23.43 -23.84 31.77
CA LYS I 56 -23.55 -24.94 30.82
C LYS I 56 -24.83 -25.72 31.12
N MET I 57 -25.76 -25.72 30.18
CA MET I 57 -27.04 -26.39 30.33
C MET I 57 -27.02 -27.76 29.64
N LEU I 58 -27.32 -28.80 30.41
CA LEU I 58 -27.68 -30.09 29.82
C LEU I 58 -29.15 -30.07 29.43
N ARG I 59 -29.43 -30.30 28.16
CA ARG I 59 -30.80 -30.48 27.74
C ARG I 59 -31.37 -31.74 28.37
N ALA I 60 -32.65 -31.67 28.78
CA ALA I 60 -33.30 -32.79 29.47
C ALA I 60 -33.71 -33.92 28.54
N ASP I 61 -33.57 -33.73 27.22
CA ASP I 61 -33.74 -34.76 26.20
C ASP I 61 -32.51 -35.66 26.06
N ALA I 62 -31.53 -35.53 26.95
CA ALA I 62 -30.28 -36.28 26.85
C ALA I 62 -30.47 -37.74 27.26
N ASN I 63 -29.66 -38.60 26.63
CA ASN I 63 -29.81 -40.05 26.66
C ASN I 63 -29.48 -40.61 28.03
N LYS I 64 -29.13 -41.89 28.10
CA LYS I 64 -28.60 -42.42 29.36
C LYS I 64 -27.17 -41.93 29.57
N ASN I 65 -26.31 -42.12 28.57
CA ASN I 65 -24.90 -41.75 28.71
C ASN I 65 -24.66 -40.26 28.61
N ALA I 66 -25.60 -39.51 27.99
CA ALA I 66 -25.48 -38.06 27.83
C ALA I 66 -25.95 -37.29 29.07
N ARG I 67 -26.62 -37.94 30.02
CA ARG I 67 -26.92 -37.38 31.33
C ARG I 67 -26.08 -37.99 32.45
N ASN I 68 -25.80 -39.31 32.39
CA ASN I 68 -24.90 -39.91 33.37
C ASN I 68 -23.47 -39.43 33.18
N ASP I 69 -23.05 -39.23 31.93
CA ASP I 69 -21.74 -38.62 31.68
C ASP I 69 -21.72 -37.17 32.18
N PHE I 70 -22.84 -36.46 32.07
CA PHE I 70 -22.96 -35.14 32.67
C PHE I 70 -22.80 -35.22 34.18
N LEU I 71 -23.26 -36.32 34.79
CA LEU I 71 -23.13 -36.47 36.23
C LEU I 71 -21.70 -36.77 36.65
N LYS I 72 -21.01 -37.67 35.94
CA LYS I 72 -19.59 -37.86 36.22
C LYS I 72 -18.80 -36.59 35.98
N GLU I 73 -19.24 -35.76 35.03
CA GLU I 73 -18.64 -34.44 34.90
C GLU I 73 -18.87 -33.61 36.14
N ILE I 74 -20.05 -33.75 36.77
CA ILE I 74 -20.26 -33.01 38.01
C ILE I 74 -19.33 -33.52 39.12
N LYS I 75 -19.18 -34.85 39.25
CA LYS I 75 -18.35 -35.41 40.30
C LYS I 75 -16.88 -35.07 40.10
N ILE I 76 -16.42 -34.94 38.87
CA ILE I 76 -15.02 -34.60 38.66
C ILE I 76 -14.81 -33.10 38.81
N MET I 77 -15.70 -32.30 38.21
CA MET I 77 -15.57 -30.84 38.32
C MET I 77 -15.69 -30.35 39.76
N SER I 78 -16.47 -31.05 40.59
CA SER I 78 -16.61 -30.59 41.97
C SER I 78 -15.31 -30.71 42.74
N ARG I 79 -14.50 -31.73 42.46
CA ARG I 79 -13.24 -31.87 43.18
C ARG I 79 -12.25 -30.79 42.79
N LEU I 80 -12.29 -30.31 41.55
CA LEU I 80 -11.28 -29.36 41.06
C LEU I 80 -11.40 -28.02 41.76
N LYS I 81 -10.25 -27.45 42.12
CA LYS I 81 -10.22 -26.22 42.89
C LYS I 81 -8.92 -25.48 42.57
N ASP I 82 -9.00 -24.55 41.61
CA ASP I 82 -7.81 -23.80 41.23
C ASP I 82 -8.19 -22.53 40.51
N PRO I 83 -7.54 -21.42 40.81
CA PRO I 83 -7.92 -20.14 40.18
C PRO I 83 -7.80 -20.12 38.65
N ASN I 84 -6.92 -20.94 38.07
CA ASN I 84 -6.79 -20.99 36.62
C ASN I 84 -7.47 -22.20 35.98
N ILE I 85 -8.28 -22.93 36.73
CA ILE I 85 -9.18 -23.95 36.18
C ILE I 85 -10.61 -23.42 36.26
N ILE I 86 -11.49 -23.94 35.40
CA ILE I 86 -12.89 -23.49 35.40
C ILE I 86 -13.51 -23.84 36.74
N HIS I 87 -13.72 -22.82 37.57
CA HIS I 87 -14.22 -23.01 38.92
C HIS I 87 -15.74 -23.09 38.90
N LEU I 88 -16.29 -24.23 39.33
CA LEU I 88 -17.73 -24.45 39.36
C LEU I 88 -18.35 -23.74 40.55
N LEU I 89 -19.22 -22.74 40.28
CA LEU I 89 -19.83 -21.91 41.32
C LEU I 89 -21.07 -22.56 41.91
N ALA I 90 -21.82 -23.31 41.12
CA ALA I 90 -23.06 -23.93 41.58
C ALA I 90 -23.52 -24.93 40.53
N VAL I 91 -24.45 -25.78 40.93
CA VAL I 91 -25.19 -26.62 40.01
C VAL I 91 -26.65 -26.50 40.39
N CYS I 92 -27.51 -26.45 39.36
CA CYS I 92 -28.96 -26.50 39.53
C CYS I 92 -29.39 -27.94 39.31
N ILE I 93 -29.77 -28.64 40.38
CA ILE I 93 -29.95 -30.07 40.20
C ILE I 93 -31.21 -30.62 40.89
N THR I 94 -32.02 -29.76 41.49
CA THR I 94 -33.29 -30.25 42.02
C THR I 94 -34.23 -30.70 40.90
N ASP I 95 -34.08 -30.13 39.71
CA ASP I 95 -34.97 -30.41 38.61
C ASP I 95 -34.30 -29.97 37.32
N ASP I 96 -34.87 -30.42 36.20
CA ASP I 96 -34.30 -30.17 34.88
C ASP I 96 -34.48 -28.70 34.47
N PRO I 97 -33.64 -28.20 33.52
CA PRO I 97 -32.41 -28.77 32.96
C PRO I 97 -31.29 -28.88 34.01
N LEU I 98 -30.43 -29.89 33.97
CA LEU I 98 -29.30 -29.95 34.91
C LEU I 98 -28.17 -29.07 34.40
N CYS I 99 -27.81 -28.07 35.20
CA CYS I 99 -26.98 -26.95 34.78
C CYS I 99 -25.75 -26.81 35.67
N MET I 100 -24.66 -26.35 35.06
CA MET I 100 -23.46 -25.98 35.80
C MET I 100 -23.28 -24.47 35.66
N ILE I 101 -22.62 -23.86 36.66
CA ILE I 101 -22.44 -22.41 36.70
C ILE I 101 -20.96 -22.08 36.82
N THR I 102 -20.50 -21.09 36.05
CA THR I 102 -19.10 -20.72 35.95
C THR I 102 -18.95 -19.22 36.07
N GLU I 103 -17.76 -18.77 36.47
CA GLU I 103 -17.47 -17.35 36.35
C GLU I 103 -17.45 -16.94 34.88
N TYR I 104 -18.00 -15.75 34.60
CA TYR I 104 -18.13 -15.24 33.24
C TYR I 104 -16.85 -14.53 32.86
N MET I 105 -16.03 -15.20 32.05
CA MET I 105 -14.84 -14.58 31.49
C MET I 105 -15.28 -13.66 30.35
N GLU I 106 -15.26 -12.35 30.60
CA GLU I 106 -15.98 -11.43 29.72
C GLU I 106 -15.41 -11.36 28.31
N ASN I 107 -14.15 -11.74 28.12
CA ASN I 107 -13.49 -11.59 26.85
C ASN I 107 -13.57 -12.83 25.97
N GLY I 108 -14.37 -13.81 26.34
CA GLY I 108 -14.45 -15.00 25.52
C GLY I 108 -13.20 -15.86 25.64
N ASP I 109 -13.09 -16.81 24.72
CA ASP I 109 -11.93 -17.71 24.66
C ASP I 109 -10.70 -16.96 24.16
N LEU I 110 -9.54 -17.50 24.56
CA LEU I 110 -8.27 -16.84 24.29
C LEU I 110 -8.03 -16.67 22.80
N ASN I 111 -8.47 -17.64 21.98
CA ASN I 111 -8.20 -17.54 20.55
C ASN I 111 -8.95 -16.38 19.92
N GLN I 112 -10.16 -16.08 20.42
CA GLN I 112 -10.84 -14.86 19.95
C GLN I 112 -10.16 -13.61 20.48
N PHE I 113 -9.72 -13.62 21.73
CA PHE I 113 -9.10 -12.42 22.28
C PHE I 113 -7.83 -12.05 21.52
N LEU I 114 -6.94 -13.03 21.33
CA LEU I 114 -5.71 -12.76 20.60
C LEU I 114 -5.99 -12.35 19.16
N SER I 115 -7.02 -12.94 18.52
CA SER I 115 -7.25 -12.64 17.12
C SER I 115 -7.70 -11.20 16.89
N ARG I 116 -8.24 -10.53 17.91
CA ARG I 116 -8.63 -9.14 17.77
C ARG I 116 -7.44 -8.20 17.87
N HIS I 117 -6.49 -8.49 18.76
CA HIS I 117 -5.30 -7.69 18.97
C HIS I 117 -4.18 -8.12 18.02
N GLU I 118 -3.06 -7.41 18.08
CA GLU I 118 -1.88 -7.71 17.26
C GLU I 118 -0.65 -7.06 17.91
N PRO I 119 0.57 -7.49 17.52
CA PRO I 119 1.77 -6.86 18.08
C PRO I 119 1.90 -5.39 17.68
N VAL I 130 -1.30 -6.14 22.45
CA VAL I 130 -1.07 -6.85 23.71
C VAL I 130 0.44 -6.97 24.03
N SER I 131 0.86 -6.28 25.08
CA SER I 131 2.28 -6.23 25.44
C SER I 131 2.76 -7.61 25.86
N TYR I 132 4.05 -7.85 25.61
CA TYR I 132 4.56 -9.22 25.81
C TYR I 132 4.39 -9.65 27.26
N THR I 133 4.44 -8.70 28.19
CA THR I 133 4.34 -9.05 29.60
C THR I 133 3.00 -9.71 29.89
N ASN I 134 1.94 -9.23 29.26
CA ASN I 134 0.65 -9.89 29.38
C ASN I 134 0.66 -11.26 28.72
N LEU I 135 1.39 -11.43 27.63
CA LEU I 135 1.38 -12.73 26.99
C LEU I 135 2.05 -13.76 27.89
N LYS I 136 3.16 -13.38 28.52
CA LYS I 136 3.78 -14.30 29.47
C LYS I 136 2.88 -14.53 30.67
N PHE I 137 2.19 -13.47 31.13
CA PHE I 137 1.32 -13.60 32.30
C PHE I 137 0.24 -14.64 32.06
N MET I 138 -0.34 -14.63 30.86
CA MET I 138 -1.32 -15.65 30.50
C MET I 138 -0.66 -17.02 30.35
N ALA I 139 0.53 -17.05 29.74
CA ALA I 139 1.23 -18.33 29.57
C ALA I 139 1.49 -18.99 30.91
N THR I 140 1.96 -18.22 31.89
CA THR I 140 2.22 -18.76 33.22
C THR I 140 0.93 -19.19 33.88
N GLN I 141 -0.15 -18.41 33.76
CA GLN I 141 -1.42 -18.85 34.35
C GLN I 141 -1.80 -20.22 33.84
N ILE I 142 -1.64 -20.43 32.53
CA ILE I 142 -1.95 -21.72 31.91
C ILE I 142 -1.03 -22.80 32.46
N ALA I 143 0.26 -22.49 32.64
CA ALA I 143 1.16 -23.47 33.22
C ALA I 143 0.75 -23.82 34.64
N SER I 144 0.23 -22.85 35.37
CA SER I 144 -0.20 -23.08 36.74
C SER I 144 -1.39 -24.02 36.78
N GLY I 145 -2.38 -23.77 35.92
CA GLY I 145 -3.54 -24.66 35.89
C GLY I 145 -3.16 -26.07 35.44
N MET I 146 -2.23 -26.16 34.48
CA MET I 146 -1.83 -27.47 34.03
C MET I 146 -1.09 -28.23 35.12
N LYS I 147 -0.30 -27.52 35.94
CA LYS I 147 0.35 -28.22 37.04
C LYS I 147 -0.66 -28.65 38.08
N TYR I 148 -1.77 -27.91 38.24
CA TYR I 148 -2.80 -28.38 39.15
C TYR I 148 -3.44 -29.66 38.67
N LEU I 149 -3.86 -29.70 37.39
CA LEU I 149 -4.46 -30.93 36.88
C LEU I 149 -3.47 -32.07 36.90
N SER I 150 -2.19 -31.77 36.66
CA SER I 150 -1.16 -32.79 36.71
C SER I 150 -0.99 -33.36 38.12
N SER I 151 -1.11 -32.53 39.16
CA SER I 151 -0.92 -33.05 40.52
C SER I 151 -2.03 -34.02 40.89
N LEU I 152 -3.20 -33.87 40.31
CA LEU I 152 -4.29 -34.80 40.52
C LEU I 152 -4.33 -35.90 39.47
N ASN I 153 -3.35 -35.94 38.55
CA ASN I 153 -3.24 -36.97 37.53
C ASN I 153 -4.44 -36.99 36.60
N PHE I 154 -4.97 -35.79 36.29
CA PHE I 154 -6.00 -35.62 35.28
C PHE I 154 -5.32 -35.14 33.99
N VAL I 155 -5.31 -35.99 32.97
CA VAL I 155 -4.76 -35.62 31.68
C VAL I 155 -5.85 -34.94 30.88
N HIS I 156 -5.55 -33.76 30.35
CA HIS I 156 -6.58 -32.88 29.79
C HIS I 156 -6.97 -33.26 28.38
N ARG I 157 -5.97 -33.48 27.53
CA ARG I 157 -6.01 -34.03 26.18
C ARG I 157 -6.17 -32.95 25.12
N ASP I 158 -6.92 -31.90 25.41
CA ASP I 158 -7.23 -30.89 24.39
C ASP I 158 -6.83 -29.51 24.91
N LEU I 159 -5.52 -29.27 25.04
CA LEU I 159 -5.04 -27.97 25.48
C LEU I 159 -4.72 -27.12 24.27
N ALA I 160 -5.32 -25.94 24.20
CA ALA I 160 -5.10 -24.98 23.13
C ALA I 160 -5.66 -23.64 23.57
N THR I 161 -5.30 -22.58 22.84
CA THR I 161 -5.82 -21.27 23.20
C THR I 161 -7.34 -21.24 23.11
N ARG I 162 -7.92 -22.06 22.24
CA ARG I 162 -9.38 -22.10 22.11
C ARG I 162 -10.04 -22.66 23.37
N ASN I 163 -9.34 -23.50 24.12
CA ASN I 163 -9.91 -24.04 25.34
C ASN I 163 -9.48 -23.26 26.59
N CYS I 164 -8.79 -22.15 26.44
CA CYS I 164 -8.57 -21.25 27.57
C CYS I 164 -9.53 -20.09 27.48
N LEU I 165 -10.12 -19.71 28.60
CA LEU I 165 -11.00 -18.55 28.64
C LEU I 165 -10.25 -17.35 29.21
N VAL I 166 -10.47 -16.16 28.60
CA VAL I 166 -9.84 -14.92 29.03
C VAL I 166 -10.86 -14.11 29.80
N GLY I 167 -10.47 -13.65 30.97
CA GLY I 167 -11.33 -12.81 31.79
C GLY I 167 -10.83 -11.39 31.84
N LYS I 168 -11.07 -10.74 32.97
CA LYS I 168 -10.60 -9.38 33.22
C LYS I 168 -9.09 -9.36 33.44
N ASN I 169 -8.44 -8.29 32.96
CA ASN I 169 -7.01 -8.05 33.19
C ASN I 169 -6.15 -9.25 32.79
N TYR I 170 -6.50 -9.88 31.67
CA TYR I 170 -5.75 -10.99 31.08
C TYR I 170 -5.72 -12.20 32.00
N THR I 171 -6.75 -12.41 32.82
CA THR I 171 -6.80 -13.63 33.62
C THR I 171 -7.27 -14.80 32.78
N ILE I 172 -6.82 -16.00 33.13
CA ILE I 172 -7.02 -17.20 32.31
C ILE I 172 -7.64 -18.29 33.17
N LYS I 173 -8.58 -19.03 32.60
CA LYS I 173 -9.11 -20.23 33.21
C LYS I 173 -9.18 -21.30 32.15
N ILE I 174 -8.49 -22.42 32.37
CA ILE I 174 -8.48 -23.50 31.40
C ILE I 174 -9.86 -24.15 31.30
N ALA I 175 -10.31 -24.43 30.09
CA ALA I 175 -11.60 -25.06 29.88
C ALA I 175 -11.45 -26.23 28.91
N ASP I 176 -12.57 -26.80 28.50
CA ASP I 176 -12.54 -27.86 27.48
C ASP I 176 -13.96 -27.96 26.89
N PHE I 177 -14.19 -27.27 25.78
CA PHE I 177 -15.53 -27.25 25.17
C PHE I 177 -15.87 -28.54 24.45
N GLY I 178 -14.93 -29.48 24.35
CA GLY I 178 -15.13 -30.54 23.40
C GLY I 178 -14.82 -30.01 22.03
N MET I 179 -15.22 -30.78 21.02
CA MET I 179 -15.08 -30.37 19.63
C MET I 179 -16.41 -29.87 19.08
N SER I 180 -17.17 -29.13 19.90
CA SER I 180 -18.54 -28.79 19.55
C SER I 180 -18.63 -27.64 18.55
N ARG I 181 -17.91 -26.56 18.83
CA ARG I 181 -17.97 -25.34 18.04
C ARG I 181 -17.45 -25.56 16.63
N ASN I 182 -18.13 -24.97 15.64
CA ASN I 182 -17.67 -25.06 14.26
C ASN I 182 -16.57 -24.06 13.93
N LEU I 183 -16.42 -23.00 14.72
CA LEU I 183 -15.37 -22.03 14.44
C LEU I 183 -14.00 -22.66 14.56
N TYR I 184 -13.86 -23.68 15.42
CA TYR I 184 -12.62 -24.42 15.60
C TYR I 184 -12.76 -25.83 15.04
N SER I 185 -13.61 -26.01 14.02
CA SER I 185 -13.75 -27.32 13.41
C SER I 185 -12.47 -27.77 12.73
N GLY I 186 -11.63 -26.83 12.29
CA GLY I 186 -10.48 -27.16 11.46
C GLY I 186 -9.28 -27.67 12.22
N ASP I 187 -9.26 -27.46 13.54
CA ASP I 187 -8.22 -27.96 14.43
C ASP I 187 -8.35 -29.45 14.68
N TYR I 188 -9.48 -30.04 14.32
CA TYR I 188 -9.75 -31.45 14.56
C TYR I 188 -9.82 -32.23 13.25
N TYR I 189 -9.15 -33.37 13.22
CA TYR I 189 -9.02 -34.24 12.08
C TYR I 189 -9.27 -35.68 12.53
N ARG I 190 -9.77 -36.49 11.62
CA ARG I 190 -10.23 -37.84 11.91
C ARG I 190 -9.21 -38.85 11.38
N ILE I 191 -8.62 -39.60 12.27
CA ILE I 191 -7.79 -40.71 11.87
C ILE I 191 -8.67 -41.93 11.62
N GLN I 192 -8.35 -42.71 10.58
CA GLN I 192 -9.27 -43.72 10.10
C GLN I 192 -9.67 -44.69 11.20
N GLY I 193 -8.68 -45.23 11.91
CA GLY I 193 -9.07 -46.18 12.92
C GLY I 193 -9.48 -45.59 14.24
N ARG I 194 -9.37 -44.28 14.37
CA ARG I 194 -9.31 -43.60 15.66
C ARG I 194 -10.34 -42.48 15.68
N ALA I 195 -10.37 -41.71 16.78
CA ALA I 195 -11.32 -40.60 16.87
C ALA I 195 -10.83 -39.38 16.09
N VAL I 196 -11.67 -38.33 16.07
CA VAL I 196 -11.18 -37.02 15.68
C VAL I 196 -10.29 -36.47 16.79
N LEU I 197 -9.15 -35.88 16.41
CA LEU I 197 -8.11 -35.48 17.35
C LEU I 197 -7.51 -34.15 16.93
N PRO I 198 -7.06 -33.34 17.89
CA PRO I 198 -6.40 -32.05 17.57
C PRO I 198 -4.92 -32.22 17.22
N ILE I 199 -4.68 -32.74 16.01
CA ILE I 199 -3.39 -33.32 15.64
C ILE I 199 -2.24 -32.31 15.67
N ARG I 200 -2.52 -31.03 15.47
CA ARG I 200 -1.46 -30.02 15.52
C ARG I 200 -1.03 -29.69 16.95
N TRP I 201 -1.84 -30.06 17.92
CA TRP I 201 -1.50 -29.84 19.32
C TRP I 201 -1.01 -31.12 20.01
N MET I 202 -0.70 -32.17 19.27
CA MET I 202 -0.62 -33.50 19.84
C MET I 202 0.75 -34.12 19.68
N SER I 203 1.32 -34.60 20.79
CA SER I 203 2.59 -35.29 20.76
C SER I 203 2.45 -36.60 19.98
N TRP I 204 3.59 -37.08 19.46
CA TRP I 204 3.55 -38.25 18.60
C TRP I 204 3.02 -39.50 19.32
N GLU I 205 3.24 -39.63 20.63
CA GLU I 205 2.79 -40.86 21.28
C GLU I 205 1.26 -40.91 21.43
N SER I 206 0.61 -39.75 21.52
CA SER I 206 -0.85 -39.77 21.56
C SER I 206 -1.44 -39.98 20.17
N ILE I 207 -0.84 -39.37 19.15
CA ILE I 207 -1.30 -39.57 17.77
C ILE I 207 -1.06 -41.01 17.32
N LEU I 208 0.15 -41.54 17.52
CA LEU I 208 0.51 -42.83 16.94
C LEU I 208 0.20 -44.01 17.83
N LEU I 209 -0.02 -43.82 19.12
CA LEU I 209 -0.23 -44.98 19.97
C LEU I 209 -1.45 -44.83 20.88
N GLY I 210 -2.11 -43.69 20.88
CA GLY I 210 -3.15 -43.44 21.86
C GLY I 210 -2.65 -43.34 23.28
N LYS I 211 -1.45 -42.77 23.50
CA LYS I 211 -0.82 -42.69 24.82
C LYS I 211 -0.99 -41.27 25.36
N PHE I 212 -2.01 -41.05 26.19
CA PHE I 212 -2.30 -39.71 26.70
C PHE I 212 -1.81 -39.58 28.13
N THR I 213 -0.96 -38.58 28.36
CA THR I 213 -0.31 -38.39 29.65
C THR I 213 -0.04 -36.91 29.84
N THR I 214 0.41 -36.55 31.04
CA THR I 214 0.78 -35.16 31.30
C THR I 214 1.91 -34.69 30.38
N ALA I 215 2.73 -35.62 29.90
CA ALA I 215 3.78 -35.29 28.95
C ALA I 215 3.20 -34.74 27.65
N SER I 216 2.16 -35.42 27.12
CA SER I 216 1.44 -34.96 25.94
C SER I 216 0.73 -33.63 26.18
N ASP I 217 0.27 -33.39 27.42
CA ASP I 217 -0.22 -32.05 27.79
C ASP I 217 0.91 -31.03 27.78
N VAL I 218 2.16 -31.45 28.01
CA VAL I 218 3.26 -30.50 27.96
C VAL I 218 3.60 -30.16 26.52
N TRP I 219 3.58 -31.17 25.64
CA TRP I 219 3.67 -30.91 24.20
C TRP I 219 2.59 -29.91 23.78
N ALA I 220 1.35 -30.19 24.16
CA ALA I 220 0.28 -29.29 23.81
C ALA I 220 0.51 -27.91 24.40
N PHE I 221 1.07 -27.84 25.61
CA PHE I 221 1.35 -26.53 26.17
C PHE I 221 2.31 -25.80 25.25
N GLY I 222 3.30 -26.52 24.72
CA GLY I 222 4.24 -25.89 23.82
C GLY I 222 3.55 -25.27 22.63
N VAL I 223 2.65 -26.05 21.99
CA VAL I 223 1.88 -25.53 20.84
C VAL I 223 1.03 -24.35 21.26
N THR I 224 0.44 -24.41 22.46
CA THR I 224 -0.41 -23.32 22.94
C THR I 224 0.37 -22.04 23.13
N LEU I 225 1.61 -22.19 23.62
CA LEU I 225 2.49 -21.05 23.79
C LEU I 225 2.87 -20.47 22.44
N TRP I 226 3.13 -21.33 21.46
CA TRP I 226 3.41 -20.84 20.11
C TRP I 226 2.25 -20.02 19.58
N GLU I 227 1.02 -20.42 19.87
CA GLU I 227 -0.11 -19.56 19.56
C GLU I 227 -0.03 -18.24 20.30
N THR I 228 0.22 -18.28 21.62
CA THR I 228 0.09 -17.04 22.39
C THR I 228 1.10 -16.00 21.92
N PHE I 229 2.31 -16.45 21.55
CA PHE I 229 3.33 -15.51 21.11
C PHE I 229 3.25 -15.18 19.63
N THR I 230 2.47 -15.90 18.83
CA THR I 230 2.17 -15.45 17.48
C THR I 230 0.83 -14.72 17.39
N PHE I 231 0.19 -14.43 18.51
CA PHE I 231 -1.10 -13.73 18.53
C PHE I 231 -2.17 -14.46 17.73
N CYS I 232 -2.09 -15.79 17.63
CA CYS I 232 -3.16 -16.65 17.10
C CYS I 232 -3.61 -16.22 15.70
N GLN I 233 -2.80 -15.43 15.02
CA GLN I 233 -3.12 -14.98 13.68
C GLN I 233 -3.14 -16.14 12.70
N GLU I 234 -2.40 -17.21 12.97
CA GLU I 234 -2.33 -18.36 12.07
C GLU I 234 -2.51 -19.65 12.86
N GLN I 235 -2.95 -20.67 12.13
CA GLN I 235 -3.01 -22.01 12.68
C GLN I 235 -1.60 -22.59 12.71
N PRO I 236 -1.28 -23.38 13.74
CA PRO I 236 0.06 -23.99 13.78
C PRO I 236 0.30 -24.91 12.60
N TYR I 237 1.56 -24.93 12.13
CA TYR I 237 1.96 -25.73 10.96
C TYR I 237 1.17 -25.34 9.72
N SER I 238 0.98 -24.04 9.52
CA SER I 238 0.09 -23.53 8.49
C SER I 238 0.55 -23.89 7.09
N GLN I 239 1.83 -24.21 6.88
CA GLN I 239 2.27 -24.71 5.60
C GLN I 239 1.84 -26.16 5.34
N LEU I 240 1.48 -26.91 6.39
CA LEU I 240 1.20 -28.32 6.27
C LEU I 240 -0.30 -28.62 6.27
N SER I 241 -0.72 -29.53 5.40
CA SER I 241 -2.07 -30.05 5.45
C SER I 241 -2.18 -31.11 6.54
N ASP I 242 -3.43 -31.45 6.91
CA ASP I 242 -3.65 -32.43 7.97
C ASP I 242 -2.92 -33.73 7.66
N GLU I 243 -2.95 -34.17 6.41
CA GLU I 243 -2.20 -35.38 6.08
C GLU I 243 -0.70 -35.17 6.23
N GLN I 244 -0.21 -33.96 5.91
CA GLN I 244 1.18 -33.58 6.16
C GLN I 244 1.49 -33.43 7.66
N VAL I 245 0.53 -33.01 8.46
CA VAL I 245 0.77 -33.03 9.91
C VAL I 245 0.97 -34.45 10.38
N ILE I 246 0.17 -35.40 9.86
CA ILE I 246 0.34 -36.80 10.27
C ILE I 246 1.73 -37.29 9.86
N GLU I 247 2.17 -36.91 8.66
CA GLU I 247 3.48 -37.37 8.20
C GLU I 247 4.59 -36.77 9.07
N ASN I 248 4.44 -35.49 9.46
CA ASN I 248 5.40 -34.84 10.35
C ASN I 248 5.40 -35.49 11.73
N THR I 249 4.25 -35.97 12.20
CA THR I 249 4.23 -36.69 13.47
C THR I 249 5.09 -37.95 13.37
N GLY I 250 4.97 -38.65 12.26
CA GLY I 250 5.83 -39.80 12.07
C GLY I 250 7.30 -39.42 12.06
N GLU I 251 7.60 -38.23 11.51
CA GLU I 251 8.99 -37.77 11.53
C GLU I 251 9.47 -37.35 12.93
N PHE I 252 8.58 -36.82 13.80
CA PHE I 252 8.98 -36.57 15.18
C PHE I 252 9.38 -37.88 15.85
N PHE I 253 8.53 -38.90 15.71
CA PHE I 253 8.82 -40.20 16.30
C PHE I 253 10.08 -40.82 15.72
N ARG I 254 10.39 -40.53 14.46
CA ARG I 254 11.58 -41.13 13.87
C ARG I 254 12.86 -40.44 14.28
N ASP I 255 12.76 -39.23 14.87
CA ASP I 255 13.88 -38.39 15.32
C ASP I 255 15.16 -38.52 14.50
N GLN I 256 15.13 -38.02 13.27
CA GLN I 256 16.31 -38.01 12.41
C GLN I 256 16.40 -36.72 11.60
N GLY I 257 15.88 -35.63 12.15
CA GLY I 257 16.04 -34.33 11.53
C GLY I 257 15.09 -34.04 10.40
N ARG I 258 14.28 -35.00 9.99
CA ARG I 258 13.23 -34.72 9.01
C ARG I 258 12.01 -34.09 9.65
N GLN I 259 11.99 -33.98 10.97
CA GLN I 259 10.91 -33.28 11.65
C GLN I 259 10.99 -31.79 11.38
N THR I 260 9.85 -31.11 11.46
CA THR I 260 9.79 -29.66 11.31
C THR I 260 9.05 -29.07 12.51
N TYR I 261 9.79 -28.34 13.34
CA TYR I 261 9.26 -27.67 14.52
C TYR I 261 8.57 -26.37 14.12
N LEU I 262 7.62 -25.94 14.96
CA LEU I 262 7.04 -24.63 14.76
C LEU I 262 8.12 -23.56 14.90
N PRO I 263 8.08 -22.51 14.08
CA PRO I 263 9.15 -21.52 14.10
C PRO I 263 9.12 -20.71 15.39
N GLN I 264 10.26 -20.17 15.74
CA GLN I 264 10.29 -19.30 16.90
C GLN I 264 9.50 -18.02 16.61
N PRO I 265 8.49 -17.69 17.40
CA PRO I 265 7.71 -16.46 17.17
C PRO I 265 8.57 -15.22 17.36
N ALA I 266 8.24 -14.16 16.62
CA ALA I 266 9.04 -12.94 16.61
C ALA I 266 9.05 -12.24 17.97
N ILE I 267 7.95 -12.28 18.74
CA ILE I 267 7.97 -11.68 20.07
C ILE I 267 8.56 -12.61 21.11
N CYS I 268 8.86 -13.85 20.73
CA CYS I 268 9.40 -14.85 21.65
C CYS I 268 10.88 -14.58 21.92
N PRO I 269 11.30 -14.48 23.18
CA PRO I 269 12.74 -14.49 23.50
C PRO I 269 13.35 -15.85 23.22
N ASP I 270 14.67 -15.86 22.99
CA ASP I 270 15.36 -17.10 22.65
C ASP I 270 15.16 -18.18 23.73
N SER I 271 15.05 -17.76 25.00
CA SER I 271 15.05 -18.72 26.10
C SER I 271 13.73 -19.48 26.19
N VAL I 272 12.61 -18.77 26.11
CA VAL I 272 11.32 -19.47 26.19
C VAL I 272 11.04 -20.29 24.92
N TYR I 273 11.63 -19.92 23.79
CA TYR I 273 11.62 -20.87 22.68
C TYR I 273 12.50 -22.08 22.99
N LYS I 274 13.59 -21.92 23.75
CA LYS I 274 14.31 -23.12 24.19
C LYS I 274 13.41 -24.01 25.03
N LEU I 275 12.52 -23.41 25.82
CA LEU I 275 11.55 -24.17 26.62
C LEU I 275 10.50 -24.86 25.72
N MET I 276 9.91 -24.12 24.78
CA MET I 276 8.94 -24.72 23.86
C MET I 276 9.56 -25.91 23.16
N LEU I 277 10.79 -25.75 22.68
CA LEU I 277 11.47 -26.87 22.05
C LEU I 277 11.58 -28.02 23.02
N SER I 278 11.81 -27.70 24.31
CA SER I 278 11.93 -28.78 25.29
C SER I 278 10.64 -29.55 25.44
N CYS I 279 9.49 -28.92 25.17
CA CYS I 279 8.22 -29.65 25.25
C CYS I 279 8.09 -30.73 24.18
N TRP I 280 8.70 -30.56 23.01
CA TRP I 280 8.43 -31.44 21.89
C TRP I 280 9.50 -32.51 21.72
N ARG I 281 10.25 -32.79 22.78
CA ARG I 281 11.27 -33.81 22.64
C ARG I 281 10.64 -35.20 22.62
N ARG I 282 11.25 -36.08 21.82
CA ARG I 282 10.63 -37.36 21.48
C ARG I 282 10.47 -38.24 22.70
N ASP I 283 11.54 -38.45 23.46
CA ASP I 283 11.47 -39.27 24.66
C ASP I 283 10.79 -38.48 25.78
N THR I 284 9.72 -39.05 26.35
CA THR I 284 8.88 -38.29 27.29
C THR I 284 9.64 -37.84 28.53
N LYS I 285 10.58 -38.66 29.01
CA LYS I 285 11.26 -38.35 30.25
C LYS I 285 11.94 -36.99 30.16
N ASN I 286 12.32 -36.58 28.95
CA ASN I 286 13.09 -35.37 28.72
C ASN I 286 12.23 -34.09 28.56
N ARG I 287 10.86 -34.20 28.55
CA ARG I 287 10.00 -33.01 28.55
C ARG I 287 9.81 -32.46 29.97
N PRO I 288 9.83 -31.14 30.14
CA PRO I 288 9.71 -30.57 31.48
C PRO I 288 8.34 -30.86 32.07
N SER I 289 8.29 -30.99 33.40
CA SER I 289 7.02 -31.00 34.09
C SER I 289 6.42 -29.60 34.09
N PHE I 290 5.11 -29.54 34.31
CA PHE I 290 4.45 -28.24 34.41
C PHE I 290 4.97 -27.44 35.59
N GLN I 291 5.40 -28.08 36.67
CA GLN I 291 5.99 -27.34 37.77
C GLN I 291 7.27 -26.63 37.31
N GLU I 292 8.14 -27.36 36.60
CA GLU I 292 9.36 -26.74 36.09
C GLU I 292 9.06 -25.66 35.06
N ILE I 293 8.04 -25.87 34.21
CA ILE I 293 7.69 -24.88 33.18
C ILE I 293 7.22 -23.60 33.84
N HIS I 294 6.31 -23.75 34.80
CA HIS I 294 5.73 -22.60 35.47
C HIS I 294 6.80 -21.84 36.26
N LEU I 295 7.84 -22.55 36.72
CA LEU I 295 8.94 -21.86 37.40
C LEU I 295 9.86 -21.12 36.41
N LEU I 296 10.30 -21.79 35.33
CA LEU I 296 11.16 -21.12 34.34
C LEU I 296 10.46 -19.91 33.71
N LEU I 297 9.14 -19.98 33.52
CA LEU I 297 8.39 -18.88 32.93
C LEU I 297 8.34 -17.65 33.81
N LEU I 298 8.68 -17.77 35.08
CA LEU I 298 8.57 -16.65 36.02
C LEU I 298 9.84 -15.82 36.11
N GLN I 299 10.89 -16.18 35.37
CA GLN I 299 12.19 -15.50 35.51
C GLN I 299 12.38 -14.28 34.58
N VAL J 1 43.86 -23.41 -32.29
CA VAL J 1 43.00 -22.90 -31.21
C VAL J 1 43.77 -21.88 -30.36
N ALA J 2 43.13 -20.77 -30.01
CA ALA J 2 43.84 -19.67 -29.38
C ALA J 2 42.93 -18.92 -28.41
N VAL J 3 43.59 -18.27 -27.45
CA VAL J 3 42.96 -17.39 -26.48
C VAL J 3 43.41 -15.97 -26.81
N GLU J 4 43.46 -15.10 -25.80
CA GLU J 4 43.85 -13.71 -26.02
C GLU J 4 44.53 -13.16 -24.77
N GLU J 5 45.54 -12.33 -25.00
CA GLU J 5 46.18 -11.64 -23.89
C GLU J 5 45.25 -10.58 -23.32
N PHE J 6 45.34 -10.40 -22.01
CA PHE J 6 44.71 -9.32 -21.27
C PHE J 6 45.83 -8.56 -20.59
N PRO J 7 46.03 -7.26 -20.87
CA PRO J 7 47.15 -6.55 -20.24
C PRO J 7 47.02 -6.56 -18.71
N ARG J 8 48.04 -7.11 -18.05
CA ARG J 8 47.98 -7.32 -16.61
C ARG J 8 47.93 -6.01 -15.82
N LYS J 9 48.35 -4.89 -16.41
CA LYS J 9 48.22 -3.62 -15.72
C LYS J 9 46.75 -3.31 -15.43
N LEU J 10 45.85 -3.78 -16.30
CA LEU J 10 44.42 -3.53 -16.10
C LEU J 10 43.81 -4.36 -14.98
N LEU J 11 44.45 -5.46 -14.57
CA LEU J 11 44.04 -6.18 -13.37
C LEU J 11 44.40 -5.37 -12.13
N THR J 12 43.56 -5.49 -11.10
CA THR J 12 43.88 -4.93 -9.78
C THR J 12 43.43 -5.90 -8.71
N PHE J 13 44.36 -6.26 -7.82
CA PHE J 13 44.12 -7.25 -6.77
C PHE J 13 43.09 -6.73 -5.77
N LYS J 14 42.30 -7.67 -5.22
CA LYS J 14 41.28 -7.34 -4.22
C LYS J 14 41.23 -8.35 -3.07
N GLU J 15 41.23 -9.65 -3.37
CA GLU J 15 41.32 -10.70 -2.37
C GLU J 15 42.00 -11.91 -3.00
N LYS J 16 42.53 -12.80 -2.16
CA LYS J 16 42.77 -14.17 -2.61
C LYS J 16 41.44 -14.93 -2.66
N LEU J 17 41.29 -15.76 -3.69
CA LEU J 17 40.09 -16.57 -3.91
C LEU J 17 40.27 -18.05 -3.66
N GLY J 18 41.46 -18.48 -3.28
CA GLY J 18 41.73 -19.88 -2.99
C GLY J 18 43.17 -20.21 -3.34
N GLU J 19 43.59 -21.39 -2.90
CA GLU J 19 44.99 -21.77 -3.06
C GLU J 19 45.09 -23.23 -3.42
N GLY J 20 46.15 -23.55 -4.16
CA GLY J 20 46.52 -24.92 -4.44
C GLY J 20 47.97 -25.15 -4.15
N GLN J 21 48.49 -26.33 -4.46
CA GLN J 21 49.93 -26.54 -4.34
C GLN J 21 50.72 -25.78 -5.39
N PHE J 22 50.09 -25.40 -6.52
CA PHE J 22 50.85 -24.82 -7.61
C PHE J 22 50.13 -23.67 -8.32
N GLY J 23 49.19 -23.01 -7.66
CA GLY J 23 48.63 -21.80 -8.23
C GLY J 23 47.67 -21.12 -7.29
N GLU J 24 47.76 -19.80 -7.19
CA GLU J 24 46.78 -19.04 -6.43
C GLU J 24 45.66 -18.57 -7.36
N VAL J 25 44.57 -18.10 -6.78
CA VAL J 25 43.46 -17.52 -7.55
C VAL J 25 43.01 -16.24 -6.85
N HIS J 26 42.82 -15.17 -7.61
CA HIS J 26 42.64 -13.82 -7.07
C HIS J 26 41.38 -13.18 -7.65
N LEU J 27 40.74 -12.33 -6.85
CA LEU J 27 39.66 -11.48 -7.35
C LEU J 27 40.23 -10.14 -7.82
N CYS J 28 39.83 -9.71 -9.01
CA CYS J 28 40.55 -8.63 -9.70
C CYS J 28 39.61 -7.74 -10.50
N GLU J 29 39.54 -6.47 -10.13
CA GLU J 29 38.79 -5.47 -10.89
C GLU J 29 39.59 -4.99 -12.10
N VAL J 30 38.87 -4.60 -13.16
CA VAL J 30 39.48 -4.27 -14.45
C VAL J 30 39.64 -2.75 -14.64
N VAL J 51 33.64 -3.58 -12.45
CA VAL J 51 33.59 -4.91 -13.08
C VAL J 51 34.85 -5.72 -12.75
N LEU J 52 34.65 -6.96 -12.31
CA LEU J 52 35.69 -7.75 -11.67
C LEU J 52 35.62 -9.21 -12.13
N VAL J 53 36.73 -9.93 -11.98
CA VAL J 53 36.92 -11.27 -12.52
C VAL J 53 37.78 -12.08 -11.55
N ALA J 54 37.80 -13.40 -11.74
CA ALA J 54 38.64 -14.31 -10.96
C ALA J 54 39.79 -14.80 -11.81
N VAL J 55 40.99 -14.85 -11.23
CA VAL J 55 42.24 -15.00 -11.99
C VAL J 55 43.08 -16.12 -11.36
N LYS J 56 43.28 -17.21 -12.11
CA LYS J 56 44.08 -18.34 -11.67
C LYS J 56 45.52 -18.17 -12.14
N MET J 57 46.42 -17.88 -11.20
CA MET J 57 47.82 -17.58 -11.45
C MET J 57 48.72 -18.77 -11.10
N LEU J 58 49.67 -19.05 -11.98
CA LEU J 58 50.71 -20.04 -11.74
C LEU J 58 51.84 -19.42 -10.95
N ARG J 59 52.09 -19.92 -9.74
CA ARG J 59 53.18 -19.42 -8.91
C ARG J 59 54.52 -19.61 -9.61
N ALA J 60 55.43 -18.66 -9.40
CA ALA J 60 56.64 -18.60 -10.22
C ALA J 60 57.53 -19.82 -10.05
N ASP J 61 57.56 -20.40 -8.83
CA ASP J 61 58.52 -21.45 -8.49
C ASP J 61 58.09 -22.82 -9.03
N ALA J 62 57.33 -22.81 -10.13
CA ALA J 62 56.74 -24.03 -10.68
C ALA J 62 57.80 -24.98 -11.22
N ASN J 63 57.48 -26.27 -11.21
CA ASN J 63 58.33 -27.30 -11.80
C ASN J 63 58.44 -27.11 -13.30
N LYS J 64 59.28 -27.91 -13.93
CA LYS J 64 59.05 -28.21 -15.33
C LYS J 64 57.61 -28.70 -15.51
N ASN J 65 57.21 -29.67 -14.68
CA ASN J 65 55.89 -30.29 -14.83
C ASN J 65 54.76 -29.32 -14.51
N ALA J 66 54.92 -28.48 -13.49
CA ALA J 66 53.83 -27.58 -13.13
C ALA J 66 53.59 -26.53 -14.20
N ARG J 67 54.65 -26.06 -14.87
CA ARG J 67 54.50 -25.15 -15.98
C ARG J 67 53.88 -25.85 -17.19
N ASN J 68 54.38 -27.05 -17.53
CA ASN J 68 53.85 -27.76 -18.69
C ASN J 68 52.39 -28.15 -18.48
N ASP J 69 52.00 -28.46 -17.25
CA ASP J 69 50.63 -28.82 -16.95
C ASP J 69 49.73 -27.59 -16.87
N PHE J 70 50.24 -26.43 -16.45
CA PHE J 70 49.45 -25.22 -16.60
C PHE J 70 49.23 -24.89 -18.07
N LEU J 71 50.21 -25.20 -18.94
CA LEU J 71 50.02 -24.94 -20.36
C LEU J 71 49.03 -25.93 -20.99
N LYS J 72 49.08 -27.23 -20.62
CA LYS J 72 48.04 -28.14 -21.11
C LYS J 72 46.67 -27.75 -20.55
N GLU J 73 46.64 -27.20 -19.34
CA GLU J 73 45.39 -26.70 -18.78
C GLU J 73 44.86 -25.52 -19.59
N ILE J 74 45.75 -24.65 -20.06
CA ILE J 74 45.30 -23.57 -20.93
C ILE J 74 44.74 -24.14 -22.23
N LYS J 75 45.41 -25.17 -22.76
CA LYS J 75 44.99 -25.73 -24.04
C LYS J 75 43.57 -26.27 -23.96
N ILE J 76 43.29 -27.07 -22.93
CA ILE J 76 41.96 -27.68 -22.84
C ILE J 76 40.90 -26.65 -22.47
N MET J 77 41.19 -25.78 -21.50
CA MET J 77 40.19 -24.81 -21.09
C MET J 77 39.87 -23.81 -22.19
N SER J 78 40.78 -23.61 -23.14
CA SER J 78 40.53 -22.67 -24.23
C SER J 78 39.53 -23.20 -25.23
N ARG J 79 39.15 -24.46 -25.13
CA ARG J 79 38.19 -25.13 -26.01
C ARG J 79 36.84 -25.41 -25.34
N LEU J 80 36.56 -24.85 -24.16
CA LEU J 80 35.35 -25.18 -23.41
C LEU J 80 34.37 -24.03 -23.51
N LYS J 81 33.43 -24.15 -24.46
CA LYS J 81 32.43 -23.11 -24.76
C LYS J 81 31.04 -23.66 -24.46
N ASP J 82 30.46 -23.23 -23.34
CA ASP J 82 29.18 -23.64 -22.79
C ASP J 82 28.95 -22.89 -21.48
N PRO J 83 27.80 -22.25 -21.29
CA PRO J 83 27.68 -21.27 -20.20
C PRO J 83 27.53 -21.88 -18.81
N ASN J 84 27.64 -23.19 -18.66
CA ASN J 84 27.66 -23.82 -17.34
C ASN J 84 29.00 -24.53 -17.06
N ILE J 85 30.01 -24.27 -17.86
CA ILE J 85 31.38 -24.66 -17.59
C ILE J 85 32.21 -23.40 -17.51
N ILE J 86 33.20 -23.37 -16.62
CA ILE J 86 34.08 -22.23 -16.40
C ILE J 86 34.59 -21.76 -17.76
N HIS J 87 34.35 -20.48 -18.09
CA HIS J 87 34.73 -19.95 -19.40
C HIS J 87 36.06 -19.21 -19.30
N LEU J 88 36.88 -19.34 -20.35
CA LEU J 88 38.17 -18.67 -20.37
C LEU J 88 38.05 -17.33 -21.12
N LEU J 89 37.99 -16.22 -20.37
CA LEU J 89 37.90 -14.88 -20.97
C LEU J 89 39.23 -14.41 -21.56
N ALA J 90 40.35 -14.80 -20.95
CA ALA J 90 41.66 -14.38 -21.42
C ALA J 90 42.71 -15.12 -20.64
N VAL J 91 43.96 -14.94 -21.07
CA VAL J 91 45.13 -15.50 -20.43
C VAL J 91 46.10 -14.36 -20.13
N CYS J 92 47.23 -14.72 -19.53
CA CYS J 92 48.42 -13.89 -19.55
C CYS J 92 49.58 -14.85 -19.73
N ILE J 93 50.27 -14.76 -20.86
CA ILE J 93 51.34 -15.73 -21.12
C ILE J 93 52.58 -15.08 -21.74
N THR J 94 52.53 -13.76 -21.98
CA THR J 94 53.64 -13.12 -22.66
C THR J 94 54.89 -13.15 -21.81
N ASP J 95 54.72 -13.12 -20.49
CA ASP J 95 55.78 -13.08 -19.49
C ASP J 95 55.15 -13.48 -18.16
N ASP J 96 56.00 -13.84 -17.21
CA ASP J 96 55.55 -14.40 -15.94
C ASP J 96 54.83 -13.36 -15.09
N PRO J 97 53.94 -13.79 -14.18
CA PRO J 97 53.28 -15.09 -13.99
C PRO J 97 52.26 -15.46 -15.08
N LEU J 98 52.11 -16.76 -15.36
CA LEU J 98 51.04 -17.22 -16.24
C LEU J 98 49.70 -17.07 -15.55
N CYS J 99 48.68 -16.61 -16.31
CA CYS J 99 47.35 -16.34 -15.76
C CYS J 99 46.23 -16.89 -16.64
N MET J 100 45.13 -17.28 -16.00
CA MET J 100 43.87 -17.48 -16.69
C MET J 100 42.81 -16.63 -16.02
N ILE J 101 41.81 -16.20 -16.80
CA ILE J 101 40.79 -15.27 -16.33
C ILE J 101 39.40 -15.86 -16.57
N THR J 102 38.54 -15.80 -15.55
CA THR J 102 37.13 -16.22 -15.61
C THR J 102 36.27 -15.14 -15.00
N GLU J 103 34.97 -15.19 -15.26
CA GLU J 103 34.03 -14.23 -14.68
C GLU J 103 33.89 -14.45 -13.18
N TYR J 104 33.62 -13.35 -12.46
CA TYR J 104 33.40 -13.44 -11.02
C TYR J 104 32.01 -13.99 -10.74
N MET J 105 31.97 -15.21 -10.19
CA MET J 105 30.75 -15.82 -9.65
C MET J 105 30.65 -15.40 -8.19
N GLU J 106 29.78 -14.43 -7.91
CA GLU J 106 29.82 -13.73 -6.63
C GLU J 106 29.30 -14.56 -5.46
N ASN J 107 28.57 -15.63 -5.71
CA ASN J 107 27.96 -16.40 -4.62
C ASN J 107 28.79 -17.60 -4.19
N GLY J 108 30.01 -17.75 -4.70
CA GLY J 108 30.88 -18.81 -4.23
C GLY J 108 30.42 -20.17 -4.73
N ASP J 109 30.99 -21.22 -4.13
CA ASP J 109 30.63 -22.57 -4.50
C ASP J 109 29.27 -22.97 -3.91
N LEU J 110 28.58 -23.86 -4.63
CA LEU J 110 27.22 -24.25 -4.27
C LEU J 110 27.17 -24.95 -2.91
N ASN J 111 28.23 -25.65 -2.51
CA ASN J 111 28.28 -26.20 -1.16
C ASN J 111 28.27 -25.10 -0.12
N GLN J 112 29.10 -24.06 -0.32
CA GLN J 112 29.07 -22.92 0.58
C GLN J 112 27.72 -22.22 0.52
N PHE J 113 27.12 -22.18 -0.66
CA PHE J 113 25.90 -21.39 -0.85
C PHE J 113 24.71 -22.03 -0.15
N LEU J 114 24.48 -23.32 -0.41
CA LEU J 114 23.34 -23.99 0.23
C LEU J 114 23.49 -24.01 1.75
N SER J 115 24.74 -24.08 2.25
CA SER J 115 25.01 -24.13 3.69
C SER J 115 24.75 -22.81 4.39
N ARG J 116 24.82 -21.68 3.68
CA ARG J 116 24.31 -20.43 4.21
C ARG J 116 22.80 -20.49 4.44
N HIS J 117 22.10 -21.38 3.74
CA HIS J 117 20.65 -21.55 3.81
C HIS J 117 20.23 -22.70 4.71
N GLU J 118 18.93 -22.76 4.98
CA GLU J 118 18.30 -23.78 5.79
C GLU J 118 17.11 -24.39 5.03
N PRO J 119 16.90 -25.70 5.11
CA PRO J 119 15.74 -26.30 4.43
C PRO J 119 14.46 -25.77 5.00
N PRO J 120 13.39 -25.66 4.17
CA PRO J 120 12.08 -25.04 4.44
C PRO J 120 11.59 -25.08 5.89
N ARG J 128 14.74 -17.92 4.92
CA ARG J 128 16.07 -17.86 4.32
C ARG J 128 16.39 -19.19 3.60
N THR J 129 15.41 -19.71 2.86
CA THR J 129 15.51 -20.97 2.16
C THR J 129 15.61 -20.72 0.66
N VAL J 130 16.12 -21.72 -0.06
CA VAL J 130 15.98 -21.82 -1.50
C VAL J 130 14.77 -22.70 -1.80
N SER J 131 13.86 -22.19 -2.62
CA SER J 131 12.67 -22.91 -3.05
C SER J 131 13.04 -24.11 -3.91
N TYR J 132 12.12 -25.08 -3.99
CA TYR J 132 12.41 -26.25 -4.79
C TYR J 132 12.67 -25.87 -6.24
N THR J 133 12.01 -24.82 -6.72
CA THR J 133 12.19 -24.41 -8.11
C THR J 133 13.63 -24.07 -8.40
N ASN J 134 14.23 -23.19 -7.61
CA ASN J 134 15.61 -22.82 -7.87
C ASN J 134 16.57 -23.98 -7.64
N LEU J 135 16.28 -24.87 -6.69
CA LEU J 135 17.12 -26.06 -6.53
C LEU J 135 17.13 -26.89 -7.80
N LYS J 136 15.95 -27.12 -8.36
CA LYS J 136 15.86 -27.88 -9.61
C LYS J 136 16.53 -27.13 -10.74
N PHE J 137 16.47 -25.80 -10.72
CA PHE J 137 17.11 -24.99 -11.76
C PHE J 137 18.63 -25.15 -11.72
N MET J 138 19.21 -25.16 -10.53
CA MET J 138 20.65 -25.37 -10.43
C MET J 138 21.01 -26.77 -10.86
N ALA J 139 20.17 -27.75 -10.50
CA ALA J 139 20.44 -29.12 -10.90
C ALA J 139 20.43 -29.29 -12.42
N THR J 140 19.47 -28.66 -13.10
CA THR J 140 19.44 -28.77 -14.55
C THR J 140 20.62 -28.06 -15.19
N GLN J 141 21.09 -26.94 -14.60
CA GLN J 141 22.29 -26.31 -15.17
C GLN J 141 23.48 -27.25 -15.05
N ILE J 142 23.61 -27.91 -13.90
CA ILE J 142 24.69 -28.88 -13.73
C ILE J 142 24.55 -29.97 -14.78
N ALA J 143 23.31 -30.33 -15.11
CA ALA J 143 23.09 -31.40 -16.06
C ALA J 143 23.41 -30.98 -17.50
N SER J 144 23.06 -29.76 -17.90
CA SER J 144 23.39 -29.33 -19.26
C SER J 144 24.89 -29.18 -19.45
N GLY J 145 25.57 -28.64 -18.42
CA GLY J 145 27.03 -28.53 -18.52
C GLY J 145 27.71 -29.88 -18.50
N MET J 146 27.23 -30.80 -17.66
CA MET J 146 27.80 -32.14 -17.66
C MET J 146 27.54 -32.85 -19.00
N LYS J 147 26.38 -32.60 -19.63
CA LYS J 147 26.12 -33.16 -20.95
C LYS J 147 27.05 -32.59 -22.00
N TYR J 148 27.42 -31.31 -21.85
CA TYR J 148 28.41 -30.74 -22.75
C TYR J 148 29.72 -31.47 -22.63
N LEU J 149 30.24 -31.57 -21.40
CA LEU J 149 31.53 -32.22 -21.20
C LEU J 149 31.49 -33.69 -21.58
N SER J 150 30.32 -34.32 -21.47
CA SER J 150 30.17 -35.67 -22.01
C SER J 150 30.31 -35.66 -23.52
N SER J 151 29.83 -34.60 -24.18
CA SER J 151 29.82 -34.60 -25.64
C SER J 151 31.22 -34.56 -26.23
N LEU J 152 32.17 -33.98 -25.51
CA LEU J 152 33.59 -34.01 -25.89
C LEU J 152 34.36 -35.14 -25.21
N ASN J 153 33.67 -36.07 -24.58
CA ASN J 153 34.25 -37.21 -23.87
C ASN J 153 35.18 -36.77 -22.76
N PHE J 154 35.07 -35.51 -22.35
CA PHE J 154 35.68 -35.06 -21.09
C PHE J 154 35.03 -35.79 -19.93
N VAL J 155 35.85 -36.26 -18.98
CA VAL J 155 35.35 -36.83 -17.74
C VAL J 155 35.82 -35.94 -16.62
N HIS J 156 34.89 -35.41 -15.84
CA HIS J 156 35.25 -34.46 -14.79
C HIS J 156 36.00 -35.11 -13.62
N ARG J 157 35.58 -36.32 -13.23
CA ARG J 157 36.12 -37.17 -12.17
C ARG J 157 35.85 -36.68 -10.76
N ASP J 158 35.22 -35.52 -10.59
CA ASP J 158 35.12 -34.93 -9.25
C ASP J 158 33.95 -33.96 -9.25
N LEU J 159 32.85 -34.34 -9.88
CA LEU J 159 31.63 -33.55 -9.77
C LEU J 159 31.12 -33.61 -8.33
N ALA J 160 30.73 -32.46 -7.79
CA ALA J 160 30.12 -32.35 -6.47
C ALA J 160 29.74 -30.90 -6.26
N THR J 161 28.88 -30.63 -5.27
CA THR J 161 28.44 -29.26 -5.06
C THR J 161 29.60 -28.35 -4.77
N ARG J 162 30.67 -28.90 -4.18
CA ARG J 162 31.84 -28.10 -3.86
C ARG J 162 32.62 -27.68 -5.09
N ASN J 163 32.36 -28.28 -6.24
CA ASN J 163 33.05 -27.92 -7.47
C ASN J 163 32.20 -27.10 -8.44
N CYS J 164 31.13 -26.47 -7.95
CA CYS J 164 30.26 -25.63 -8.76
C CYS J 164 30.21 -24.25 -8.13
N LEU J 165 30.61 -23.23 -8.89
CA LEU J 165 30.36 -21.86 -8.50
C LEU J 165 28.92 -21.45 -8.76
N VAL J 166 28.43 -20.54 -7.93
CA VAL J 166 27.09 -19.98 -8.03
C VAL J 166 27.23 -18.51 -8.34
N GLY J 167 26.57 -18.06 -9.39
CA GLY J 167 26.58 -16.68 -9.80
C GLY J 167 25.35 -15.94 -9.33
N LYS J 168 24.95 -14.93 -10.09
CA LYS J 168 23.70 -14.23 -9.87
C LYS J 168 22.49 -15.02 -10.39
N ASN J 169 21.34 -14.82 -9.75
CA ASN J 169 20.08 -15.43 -10.18
C ASN J 169 20.19 -16.95 -10.29
N TYR J 170 20.95 -17.56 -9.37
CA TYR J 170 21.11 -19.01 -9.29
C TYR J 170 21.68 -19.60 -10.57
N THR J 171 22.55 -18.86 -11.27
CA THR J 171 23.30 -19.47 -12.36
C THR J 171 24.40 -20.35 -11.79
N ILE J 172 24.78 -21.37 -12.57
CA ILE J 172 25.73 -22.37 -12.11
C ILE J 172 26.88 -22.45 -13.10
N LYS J 173 28.10 -22.68 -12.58
CA LYS J 173 29.23 -23.01 -13.42
C LYS J 173 29.99 -24.12 -12.74
N ILE J 174 30.53 -25.06 -13.53
CA ILE J 174 31.14 -26.28 -13.02
C ILE J 174 32.65 -26.19 -13.11
N ALA J 175 33.29 -25.97 -11.96
CA ALA J 175 34.72 -25.90 -11.79
C ALA J 175 35.30 -27.27 -11.49
N ASP J 176 36.64 -27.35 -11.45
CA ASP J 176 37.39 -28.50 -10.92
C ASP J 176 38.46 -27.94 -9.99
N PHE J 177 38.15 -27.86 -8.69
CA PHE J 177 39.01 -27.17 -7.75
C PHE J 177 40.31 -27.89 -7.45
N GLY J 178 40.37 -29.19 -7.70
CA GLY J 178 41.43 -29.99 -7.12
C GLY J 178 41.08 -30.39 -5.70
N MET J 179 41.93 -31.20 -5.11
CA MET J 179 41.72 -31.66 -3.74
C MET J 179 42.40 -30.73 -2.71
N SER J 180 42.82 -29.55 -3.15
CA SER J 180 43.67 -28.65 -2.38
C SER J 180 42.93 -27.86 -1.32
N ARG J 181 41.63 -27.57 -1.51
CA ARG J 181 40.92 -26.78 -0.51
C ARG J 181 40.83 -27.55 0.81
N ASN J 182 41.12 -26.85 1.90
CA ASN J 182 41.17 -27.48 3.21
C ASN J 182 39.80 -27.66 3.82
N LEU J 183 38.82 -26.87 3.38
CA LEU J 183 37.46 -27.02 3.89
C LEU J 183 36.83 -28.34 3.47
N TYR J 184 37.17 -28.85 2.30
CA TYR J 184 36.56 -30.08 1.84
C TYR J 184 37.51 -31.26 1.97
N SER J 185 38.50 -31.16 2.86
CA SER J 185 39.44 -32.26 3.07
C SER J 185 38.73 -33.50 3.57
N GLY J 186 37.55 -33.32 4.19
CA GLY J 186 36.76 -34.46 4.60
C GLY J 186 36.14 -35.21 3.45
N ASP J 187 35.99 -34.57 2.30
CA ASP J 187 35.33 -35.22 1.16
C ASP J 187 36.28 -36.12 0.37
N TYR J 188 37.56 -36.15 0.71
CA TYR J 188 38.51 -37.02 0.04
C TYR J 188 39.19 -37.95 1.03
N TYR J 189 39.55 -39.14 0.54
CA TYR J 189 40.13 -40.24 1.31
C TYR J 189 41.18 -40.92 0.44
N ARG J 190 42.22 -41.48 1.05
CA ARG J 190 43.30 -42.10 0.31
C ARG J 190 43.26 -43.61 0.51
N ILE J 191 43.23 -44.36 -0.59
CA ILE J 191 43.26 -45.82 -0.59
C ILE J 191 44.66 -46.29 -0.92
N GLN J 192 45.09 -47.40 -0.33
CA GLN J 192 46.53 -47.64 -0.14
C GLN J 192 47.29 -47.68 -1.46
N GLY J 193 46.76 -48.36 -2.46
CA GLY J 193 47.47 -48.49 -3.70
C GLY J 193 47.16 -47.46 -4.77
N ARG J 194 46.22 -46.55 -4.52
CA ARG J 194 45.67 -45.64 -5.50
C ARG J 194 45.87 -44.21 -5.00
N ALA J 195 45.30 -43.23 -5.68
CA ALA J 195 45.51 -41.86 -5.22
C ALA J 195 44.46 -41.47 -4.16
N VAL J 196 44.43 -40.19 -3.79
CA VAL J 196 43.32 -39.64 -3.00
C VAL J 196 42.07 -39.57 -3.87
N LEU J 197 40.93 -39.93 -3.30
CA LEU J 197 39.72 -40.06 -4.09
C LEU J 197 38.48 -39.54 -3.36
N PRO J 198 37.53 -38.97 -4.10
CA PRO J 198 36.26 -38.53 -3.49
C PRO J 198 35.26 -39.68 -3.44
N ILE J 199 35.53 -40.64 -2.54
CA ILE J 199 34.89 -41.94 -2.63
C ILE J 199 33.37 -41.84 -2.48
N ARG J 200 32.88 -40.83 -1.77
CA ARG J 200 31.45 -40.72 -1.54
C ARG J 200 30.65 -40.35 -2.80
N TRP J 201 31.26 -39.71 -3.79
CA TRP J 201 30.60 -39.38 -5.05
C TRP J 201 30.98 -40.33 -6.17
N MET J 202 31.58 -41.47 -5.86
CA MET J 202 32.19 -42.32 -6.87
C MET J 202 31.47 -43.67 -6.95
N SER J 203 31.32 -44.14 -8.17
CA SER J 203 30.72 -45.42 -8.47
C SER J 203 31.69 -46.54 -8.15
N TRP J 204 31.15 -47.74 -8.02
CA TRP J 204 32.00 -48.85 -7.62
C TRP J 204 33.13 -49.12 -8.62
N GLU J 205 32.96 -48.77 -9.89
CA GLU J 205 33.98 -49.14 -10.86
C GLU J 205 35.13 -48.13 -10.90
N SER J 206 34.87 -46.86 -10.59
CA SER J 206 36.00 -45.95 -10.39
C SER J 206 36.75 -46.24 -9.10
N ILE J 207 36.05 -46.62 -8.02
CA ILE J 207 36.74 -46.93 -6.77
C ILE J 207 37.51 -48.24 -6.88
N LEU J 208 36.83 -49.34 -7.21
CA LEU J 208 37.40 -50.69 -7.17
C LEU J 208 38.13 -51.10 -8.43
N LEU J 209 38.06 -50.34 -9.50
CA LEU J 209 38.78 -50.74 -10.71
C LEU J 209 39.46 -49.58 -11.40
N GLY J 210 39.20 -48.34 -11.01
CA GLY J 210 39.93 -47.26 -11.60
C GLY J 210 39.46 -46.88 -12.98
N LYS J 211 38.32 -47.39 -13.44
CA LYS J 211 37.80 -47.05 -14.76
C LYS J 211 36.91 -45.82 -14.63
N PHE J 212 37.24 -44.76 -15.36
CA PHE J 212 36.51 -43.50 -15.27
C PHE J 212 35.87 -43.21 -16.62
N THR J 213 34.59 -42.89 -16.60
CA THR J 213 33.74 -42.75 -17.79
C THR J 213 32.69 -41.71 -17.47
N THR J 214 31.79 -41.43 -18.41
CA THR J 214 30.72 -40.54 -17.99
C THR J 214 29.63 -41.27 -17.21
N ALA J 215 29.63 -42.60 -17.17
CA ALA J 215 28.74 -43.27 -16.21
C ALA J 215 29.16 -42.98 -14.77
N SER J 216 30.47 -43.00 -14.48
CA SER J 216 30.94 -42.62 -13.15
C SER J 216 30.65 -41.15 -12.87
N ASP J 217 30.73 -40.30 -13.89
CA ASP J 217 30.29 -38.94 -13.69
C ASP J 217 28.83 -38.90 -13.30
N VAL J 218 27.99 -39.69 -13.99
CA VAL J 218 26.54 -39.62 -13.73
C VAL J 218 26.23 -40.09 -12.32
N TRP J 219 26.97 -41.09 -11.84
CA TRP J 219 26.89 -41.46 -10.43
C TRP J 219 27.23 -40.27 -9.54
N ALA J 220 28.31 -39.55 -9.87
CA ALA J 220 28.62 -38.32 -9.15
C ALA J 220 27.50 -37.31 -9.28
N PHE J 221 26.86 -37.24 -10.44
CA PHE J 221 25.78 -36.28 -10.58
C PHE J 221 24.66 -36.63 -9.63
N GLY J 222 24.46 -37.93 -9.40
CA GLY J 222 23.37 -38.32 -8.54
C GLY J 222 23.64 -37.92 -7.12
N VAL J 223 24.87 -38.15 -6.67
CA VAL J 223 25.20 -37.68 -5.33
C VAL J 223 25.13 -36.16 -5.24
N THR J 224 25.44 -35.46 -6.34
CA THR J 224 25.44 -33.99 -6.31
C THR J 224 24.03 -33.44 -6.24
N LEU J 225 23.10 -34.10 -6.94
CA LEU J 225 21.68 -33.79 -6.85
C LEU J 225 21.16 -34.07 -5.44
N TRP J 226 21.67 -35.15 -4.84
CA TRP J 226 21.32 -35.44 -3.46
C TRP J 226 21.84 -34.36 -2.52
N GLU J 227 23.04 -33.83 -2.81
CA GLU J 227 23.59 -32.77 -1.99
C GLU J 227 22.77 -31.50 -2.13
N THR J 228 22.40 -31.18 -3.36
CA THR J 228 21.64 -29.97 -3.61
C THR J 228 20.29 -30.03 -2.90
N PHE J 229 19.63 -31.18 -2.92
CA PHE J 229 18.30 -31.24 -2.34
C PHE J 229 18.30 -31.37 -0.83
N THR J 230 19.42 -31.71 -0.20
CA THR J 230 19.51 -31.68 1.25
C THR J 230 20.16 -30.39 1.77
N PHE J 231 20.38 -29.42 0.90
CA PHE J 231 21.00 -28.14 1.25
C PHE J 231 22.39 -28.35 1.85
N CYS J 232 23.09 -29.37 1.33
CA CYS J 232 24.47 -29.65 1.71
C CYS J 232 24.62 -29.69 3.23
N GLN J 233 23.51 -30.04 3.88
CA GLN J 233 23.40 -29.98 5.32
C GLN J 233 24.34 -30.98 5.98
N GLU J 234 24.54 -32.13 5.35
CA GLU J 234 25.33 -33.20 5.92
C GLU J 234 25.93 -34.00 4.79
N GLN J 235 27.19 -34.35 4.94
CA GLN J 235 27.93 -35.01 3.87
C GLN J 235 27.29 -36.35 3.56
N PRO J 236 27.32 -36.78 2.30
CA PRO J 236 26.62 -38.01 1.94
C PRO J 236 27.19 -39.21 2.66
N TYR J 237 26.31 -40.14 3.01
CA TYR J 237 26.67 -41.30 3.83
C TYR J 237 27.24 -40.85 5.18
N SER J 238 26.53 -39.90 5.81
CA SER J 238 27.05 -39.29 7.04
C SER J 238 27.18 -40.31 8.16
N GLN J 239 26.33 -41.34 8.15
CA GLN J 239 26.41 -42.39 9.17
C GLN J 239 27.64 -43.26 9.01
N LEU J 240 28.29 -43.23 7.84
CA LEU J 240 29.40 -44.13 7.55
C LEU J 240 30.75 -43.44 7.72
N SER J 241 31.71 -44.20 8.24
CA SER J 241 33.12 -43.86 8.14
C SER J 241 33.65 -44.17 6.74
N ASP J 242 34.83 -43.64 6.44
CA ASP J 242 35.44 -43.89 5.13
C ASP J 242 35.61 -45.38 4.91
N GLU J 243 36.01 -46.10 5.94
CA GLU J 243 36.21 -47.55 5.80
C GLU J 243 34.90 -48.24 5.49
N GLN J 244 33.80 -47.69 6.02
CA GLN J 244 32.47 -48.19 5.73
C GLN J 244 31.91 -47.71 4.40
N VAL J 245 32.35 -46.54 3.91
CA VAL J 245 32.06 -46.18 2.52
C VAL J 245 32.70 -47.18 1.57
N ILE J 246 33.97 -47.54 1.81
CA ILE J 246 34.60 -48.51 0.92
C ILE J 246 33.86 -49.85 0.99
N GLU J 247 33.44 -50.24 2.20
CA GLU J 247 32.68 -51.48 2.37
C GLU J 247 31.37 -51.43 1.60
N ASN J 248 30.69 -50.28 1.64
CA ASN J 248 29.45 -50.12 0.87
C ASN J 248 29.73 -50.25 -0.62
N THR J 249 30.83 -49.65 -1.08
CA THR J 249 31.17 -49.71 -2.49
C THR J 249 31.29 -51.16 -2.95
N GLY J 250 31.96 -51.98 -2.14
CA GLY J 250 31.96 -53.40 -2.45
C GLY J 250 30.55 -53.97 -2.49
N GLU J 251 29.66 -53.50 -1.62
CA GLU J 251 28.30 -54.03 -1.67
C GLU J 251 27.52 -53.57 -2.91
N PHE J 252 27.83 -52.41 -3.48
CA PHE J 252 27.23 -52.05 -4.76
C PHE J 252 27.71 -52.99 -5.85
N PHE J 253 29.01 -53.26 -5.91
CA PHE J 253 29.50 -54.15 -6.96
C PHE J 253 29.04 -55.58 -6.75
N ARG J 254 28.76 -55.95 -5.51
CA ARG J 254 28.23 -57.28 -5.26
C ARG J 254 26.71 -57.30 -5.49
N ASP J 255 26.07 -56.15 -5.33
CA ASP J 255 24.70 -55.87 -5.78
C ASP J 255 23.71 -56.96 -5.35
N GLN J 256 23.49 -57.04 -4.04
CA GLN J 256 22.63 -58.06 -3.47
C GLN J 256 21.90 -57.55 -2.23
N GLY J 257 21.46 -56.31 -2.27
CA GLY J 257 20.54 -55.79 -1.29
C GLY J 257 21.16 -55.24 -0.02
N ARG J 258 22.42 -55.58 0.26
CA ARG J 258 23.11 -55.04 1.43
C ARG J 258 23.63 -53.62 1.22
N GLN J 259 23.75 -53.16 -0.02
CA GLN J 259 24.16 -51.78 -0.27
C GLN J 259 23.13 -50.82 0.33
N THR J 260 23.60 -49.67 0.80
CA THR J 260 22.75 -48.63 1.37
C THR J 260 22.71 -47.42 0.45
N TYR J 261 21.50 -47.05 0.00
CA TYR J 261 21.29 -45.92 -0.88
C TYR J 261 21.12 -44.63 -0.09
N LEU J 262 21.50 -43.51 -0.70
CA LEU J 262 21.20 -42.20 -0.12
C LEU J 262 19.70 -42.02 0.03
N PRO J 263 19.22 -41.58 1.20
CA PRO J 263 17.79 -41.36 1.36
C PRO J 263 17.29 -40.26 0.45
N GLN J 264 16.05 -40.41 0.03
CA GLN J 264 15.38 -39.39 -0.76
C GLN J 264 15.10 -38.14 0.06
N PRO J 265 15.56 -36.97 -0.36
CA PRO J 265 15.31 -35.75 0.42
C PRO J 265 13.83 -35.42 0.49
N ALA J 266 13.42 -34.79 1.59
CA ALA J 266 12.03 -34.37 1.74
C ALA J 266 11.61 -33.36 0.69
N ILE J 267 12.55 -32.54 0.21
CA ILE J 267 12.24 -31.53 -0.80
C ILE J 267 12.08 -32.16 -2.17
N CYS J 268 12.47 -33.42 -2.31
CA CYS J 268 12.68 -34.08 -3.59
C CYS J 268 11.46 -34.93 -3.94
N PRO J 269 10.80 -34.66 -5.07
CA PRO J 269 9.69 -35.51 -5.50
C PRO J 269 10.12 -36.91 -5.85
N ASP J 270 9.18 -37.86 -5.71
CA ASP J 270 9.50 -39.28 -5.84
C ASP J 270 10.09 -39.60 -7.21
N SER J 271 9.71 -38.85 -8.26
CA SER J 271 10.18 -39.13 -9.61
C SER J 271 11.67 -38.80 -9.77
N VAL J 272 12.08 -37.59 -9.37
CA VAL J 272 13.49 -37.22 -9.49
C VAL J 272 14.36 -38.07 -8.56
N TYR J 273 13.80 -38.56 -7.45
CA TYR J 273 14.56 -39.52 -6.66
C TYR J 273 14.74 -40.83 -7.42
N LYS J 274 13.71 -41.27 -8.15
CA LYS J 274 13.87 -42.47 -8.96
C LYS J 274 14.93 -42.24 -10.05
N LEU J 275 15.08 -40.98 -10.51
CA LEU J 275 16.20 -40.63 -11.37
C LEU J 275 17.53 -40.83 -10.67
N MET J 276 17.70 -40.21 -9.48
CA MET J 276 18.95 -40.36 -8.75
C MET J 276 19.30 -41.82 -8.61
N LEU J 277 18.31 -42.64 -8.22
CA LEU J 277 18.52 -44.07 -8.11
C LEU J 277 18.97 -44.68 -9.44
N SER J 278 18.48 -44.13 -10.56
CA SER J 278 18.95 -44.67 -11.84
C SER J 278 20.42 -44.37 -12.02
N CYS J 279 20.89 -43.26 -11.43
CA CYS J 279 22.31 -42.95 -11.55
C CYS J 279 23.19 -43.98 -10.86
N TRP J 280 22.67 -44.70 -9.85
CA TRP J 280 23.46 -45.57 -9.00
C TRP J 280 23.26 -47.05 -9.29
N ARG J 281 22.79 -47.41 -10.50
CA ARG J 281 22.66 -48.81 -10.86
C ARG J 281 24.02 -49.42 -11.14
N ARG J 282 24.14 -50.72 -10.89
CA ARG J 282 25.42 -51.43 -10.98
C ARG J 282 26.06 -51.39 -12.37
N ASP J 283 25.54 -52.18 -13.30
CA ASP J 283 26.01 -52.09 -14.67
C ASP J 283 25.76 -50.67 -15.20
N THR J 284 26.69 -50.17 -16.02
CA THR J 284 26.57 -48.80 -16.51
C THR J 284 25.71 -48.70 -17.76
N LYS J 285 25.36 -49.83 -18.40
CA LYS J 285 24.42 -49.76 -19.50
C LYS J 285 23.04 -49.28 -19.02
N ASN J 286 22.76 -49.38 -17.72
CA ASN J 286 21.46 -48.97 -17.21
C ASN J 286 21.46 -47.56 -16.66
N ARG J 287 22.59 -46.79 -16.83
CA ARG J 287 22.40 -45.51 -16.18
C ARG J 287 22.02 -44.46 -17.20
N PRO J 288 21.28 -43.43 -16.79
CA PRO J 288 20.93 -42.36 -17.73
C PRO J 288 22.14 -41.63 -18.27
N SER J 289 22.06 -41.22 -19.52
CA SER J 289 23.00 -40.26 -20.05
C SER J 289 22.72 -38.87 -19.48
N PHE J 290 23.71 -37.99 -19.59
CA PHE J 290 23.45 -36.61 -19.20
C PHE J 290 22.41 -35.93 -20.10
N GLN J 291 22.39 -36.27 -21.41
CA GLN J 291 21.40 -35.70 -22.32
C GLN J 291 20.00 -36.09 -21.93
N GLU J 292 19.83 -37.29 -21.34
CA GLU J 292 18.54 -37.75 -20.84
C GLU J 292 18.20 -37.14 -19.48
N ILE J 293 19.21 -37.04 -18.61
CA ILE J 293 18.99 -36.47 -17.29
C ILE J 293 18.48 -35.04 -17.41
N HIS J 294 19.09 -34.26 -18.28
CA HIS J 294 18.67 -32.87 -18.43
C HIS J 294 17.19 -32.79 -18.82
N LEU J 295 16.80 -33.57 -19.84
CA LEU J 295 15.42 -33.52 -20.33
C LEU J 295 14.42 -33.95 -19.26
N LEU J 296 14.76 -34.99 -18.51
CA LEU J 296 13.88 -35.45 -17.44
C LEU J 296 13.68 -34.37 -16.38
N LEU J 297 14.76 -33.78 -15.87
CA LEU J 297 14.61 -32.76 -14.84
C LEU J 297 13.85 -31.54 -15.35
N LEU J 298 13.89 -31.28 -16.67
CA LEU J 298 13.20 -30.09 -17.19
C LEU J 298 11.68 -30.17 -17.04
N GLN J 299 11.12 -31.38 -17.04
CA GLN J 299 9.68 -31.55 -16.86
C GLN J 299 9.12 -30.99 -15.56
N VAL K 3 -3.48 54.93 -18.73
CA VAL K 3 -3.55 56.15 -17.92
C VAL K 3 -2.72 57.28 -18.54
N GLU K 4 -2.49 58.34 -17.77
CA GLU K 4 -1.84 59.55 -18.27
C GLU K 4 -0.82 60.05 -17.24
N GLU K 5 0.26 60.63 -17.75
CA GLU K 5 1.26 61.26 -16.89
C GLU K 5 0.92 62.73 -16.63
N PHE K 6 0.96 63.11 -15.37
CA PHE K 6 0.78 64.49 -14.95
C PHE K 6 2.08 64.98 -14.34
N PRO K 7 2.58 66.16 -14.70
CA PRO K 7 3.81 66.63 -14.05
C PRO K 7 3.61 66.76 -12.56
N ARG K 8 4.63 66.35 -11.80
CA ARG K 8 4.55 66.36 -10.34
C ARG K 8 4.90 67.73 -9.75
N LYS K 9 5.48 68.62 -10.54
CA LYS K 9 5.80 69.97 -10.09
C LYS K 9 4.55 70.82 -9.88
N LEU K 10 3.41 70.40 -10.43
CA LEU K 10 2.14 71.06 -10.17
C LEU K 10 1.50 70.67 -8.84
N LEU K 11 2.02 69.65 -8.16
CA LEU K 11 1.39 69.11 -6.96
C LEU K 11 1.98 69.74 -5.70
N THR K 12 1.15 70.49 -4.98
CA THR K 12 1.52 71.18 -3.74
C THR K 12 0.80 70.53 -2.58
N PHE K 13 1.58 69.93 -1.67
CA PHE K 13 1.01 69.22 -0.53
C PHE K 13 0.27 70.17 0.41
N LYS K 14 -0.72 69.63 1.13
CA LYS K 14 -1.50 70.41 2.09
C LYS K 14 -1.75 69.63 3.39
N GLU K 15 -2.28 68.42 3.30
CA GLU K 15 -2.67 67.63 4.47
C GLU K 15 -2.37 66.15 4.21
N LYS K 16 -2.47 65.35 5.27
CA LYS K 16 -2.31 63.90 5.18
C LYS K 16 -3.68 63.22 5.30
N LEU K 17 -4.14 62.63 4.19
CA LEU K 17 -5.52 62.09 4.08
C LEU K 17 -5.67 60.67 4.61
N GLY K 18 -4.60 60.01 5.02
CA GLY K 18 -4.66 58.64 5.49
C GLY K 18 -3.36 57.92 5.20
N GLU K 19 -3.22 56.75 5.79
CA GLU K 19 -1.94 56.07 5.70
C GLU K 19 -2.12 54.57 5.68
N GLY K 20 -1.36 53.91 4.80
CA GLY K 20 -1.31 52.47 4.71
C GLY K 20 0.11 51.94 4.90
N GLN K 21 0.23 50.61 4.85
CA GLN K 21 1.51 49.96 5.13
C GLN K 21 2.52 50.11 4.00
N PHE K 22 2.09 50.45 2.78
CA PHE K 22 3.03 50.59 1.67
C PHE K 22 2.66 51.79 0.82
N GLY K 23 2.37 52.88 1.47
CA GLY K 23 2.07 54.15 0.82
C GLY K 23 1.17 54.98 1.72
N GLU K 24 1.19 56.28 1.47
CA GLU K 24 0.38 57.25 2.19
C GLU K 24 -0.77 57.74 1.30
N VAL K 25 -1.51 58.72 1.81
CA VAL K 25 -2.47 59.47 1.00
C VAL K 25 -2.36 60.94 1.38
N HIS K 26 -1.67 61.71 0.53
CA HIS K 26 -1.55 63.17 0.63
C HIS K 26 -2.72 63.86 -0.06
N LEU K 27 -3.04 65.08 0.40
CA LEU K 27 -3.90 65.98 -0.36
C LEU K 27 -3.02 67.01 -1.06
N CYS K 28 -3.44 67.44 -2.26
CA CYS K 28 -2.59 68.33 -3.05
C CYS K 28 -3.45 69.25 -3.90
N GLU K 29 -2.86 70.36 -4.33
CA GLU K 29 -3.53 71.37 -5.14
C GLU K 29 -2.81 71.55 -6.47
N VAL K 30 -3.59 71.76 -7.53
CA VAL K 30 -3.05 71.92 -8.87
C VAL K 30 -2.90 73.40 -9.24
N PRO K 50 -8.36 77.10 -6.51
CA PRO K 50 -9.52 76.48 -5.85
C PRO K 50 -9.56 74.96 -6.02
N VAL K 51 -9.01 74.45 -7.12
CA VAL K 51 -9.04 73.02 -7.37
C VAL K 51 -8.08 72.28 -6.43
N LEU K 52 -8.45 71.05 -6.06
CA LEU K 52 -7.61 70.21 -5.21
C LEU K 52 -8.01 68.75 -5.43
N VAL K 53 -7.09 67.84 -5.03
CA VAL K 53 -7.18 66.43 -5.38
C VAL K 53 -6.49 65.58 -4.31
N ALA K 54 -6.90 64.31 -4.23
CA ALA K 54 -6.28 63.32 -3.38
C ALA K 54 -5.17 62.58 -4.11
N VAL K 55 -4.28 61.94 -3.34
CA VAL K 55 -3.12 61.24 -3.90
C VAL K 55 -2.74 60.05 -3.01
N LYS K 56 -2.60 58.87 -3.61
CA LYS K 56 -1.97 57.72 -2.96
C LYS K 56 -0.62 57.48 -3.64
N MET K 57 0.45 57.93 -2.98
CA MET K 57 1.79 57.61 -3.41
C MET K 57 2.22 56.27 -2.83
N LEU K 58 3.19 55.65 -3.51
CA LEU K 58 3.96 54.54 -2.96
C LEU K 58 5.29 55.06 -2.48
N ARG K 59 5.63 54.75 -1.22
CA ARG K 59 6.91 55.15 -0.69
C ARG K 59 8.05 54.47 -1.46
N ALA K 60 9.20 55.15 -1.52
CA ALA K 60 10.35 54.67 -2.26
C ALA K 60 11.13 53.59 -1.53
N ASP K 61 10.80 53.30 -0.26
CA ASP K 61 11.42 52.22 0.50
C ASP K 61 10.63 50.91 0.41
N ALA K 62 9.80 50.74 -0.64
CA ALA K 62 8.98 49.57 -0.86
C ALA K 62 9.79 48.37 -1.38
N ASN K 63 9.28 47.18 -1.08
CA ASN K 63 9.94 45.91 -1.39
C ASN K 63 9.86 45.56 -2.87
N LYS K 64 10.10 44.28 -3.17
CA LYS K 64 9.83 43.78 -4.50
C LYS K 64 8.33 43.63 -4.72
N ASN K 65 7.62 43.07 -3.74
CA ASN K 65 6.19 42.83 -3.89
C ASN K 65 5.34 44.05 -3.58
N ALA K 66 5.84 45.01 -2.79
CA ALA K 66 5.08 46.20 -2.44
C ALA K 66 5.15 47.28 -3.52
N ARG K 67 6.00 47.12 -4.53
CA ARG K 67 5.88 47.92 -5.75
C ARG K 67 5.25 47.14 -6.88
N ASN K 68 5.42 45.81 -6.92
CA ASN K 68 4.84 45.02 -8.01
C ASN K 68 3.33 44.87 -7.84
N ASP K 69 2.88 44.64 -6.59
CA ASP K 69 1.45 44.67 -6.30
C ASP K 69 0.87 46.07 -6.47
N PHE K 70 1.64 47.11 -6.13
CA PHE K 70 1.19 48.47 -6.42
C PHE K 70 0.99 48.65 -7.92
N LEU K 71 1.84 48.01 -8.73
CA LEU K 71 1.70 48.11 -10.17
C LEU K 71 0.51 47.30 -10.68
N LYS K 72 0.20 46.15 -10.08
CA LYS K 72 -1.04 45.46 -10.41
C LYS K 72 -2.26 46.26 -9.98
N GLU K 73 -2.16 46.98 -8.87
CA GLU K 73 -3.24 47.86 -8.47
C GLU K 73 -3.45 48.95 -9.51
N ILE K 74 -2.36 49.54 -10.01
CA ILE K 74 -2.50 50.52 -11.09
C ILE K 74 -3.14 49.87 -12.32
N LYS K 75 -2.72 48.64 -12.61
CA LYS K 75 -3.18 47.95 -13.81
C LYS K 75 -4.68 47.69 -13.76
N ILE K 76 -5.23 47.39 -12.59
CA ILE K 76 -6.67 47.18 -12.50
C ILE K 76 -7.41 48.52 -12.37
N MET K 77 -6.87 49.46 -11.60
CA MET K 77 -7.56 50.73 -11.39
C MET K 77 -7.75 51.50 -12.68
N SER K 78 -6.82 51.36 -13.63
CA SER K 78 -7.03 52.03 -14.91
C SER K 78 -8.21 51.42 -15.68
N ARG K 79 -8.46 50.13 -15.49
CA ARG K 79 -9.57 49.47 -16.18
C ARG K 79 -10.92 49.97 -15.72
N LEU K 80 -11.03 50.43 -14.47
CA LEU K 80 -12.34 50.74 -13.90
C LEU K 80 -12.82 52.09 -14.40
N LYS K 81 -14.09 52.12 -14.89
CA LYS K 81 -14.67 53.30 -15.51
C LYS K 81 -16.14 53.45 -15.11
N ASP K 82 -16.38 53.81 -13.85
CA ASP K 82 -17.74 53.99 -13.37
C ASP K 82 -17.80 55.22 -12.49
N PRO K 83 -18.91 55.97 -12.54
CA PRO K 83 -19.04 57.17 -11.69
C PRO K 83 -18.95 56.91 -10.19
N ASN K 84 -19.38 55.74 -9.74
CA ASN K 84 -19.40 55.44 -8.31
C ASN K 84 -18.25 54.53 -7.88
N ILE K 85 -17.28 54.29 -8.75
CA ILE K 85 -16.02 53.67 -8.36
C ILE K 85 -14.96 54.77 -8.26
N ILE K 86 -13.98 54.58 -7.37
CA ILE K 86 -12.86 55.52 -7.29
C ILE K 86 -12.22 55.56 -8.66
N HIS K 87 -12.25 56.74 -9.28
CA HIS K 87 -11.66 56.89 -10.61
C HIS K 87 -10.21 57.29 -10.43
N LEU K 88 -9.31 56.49 -10.97
CA LEU K 88 -7.91 56.85 -11.06
C LEU K 88 -7.73 57.92 -12.13
N LEU K 89 -7.19 59.08 -11.74
CA LEU K 89 -7.05 60.23 -12.62
C LEU K 89 -5.67 60.38 -13.26
N ALA K 90 -4.59 60.02 -12.55
CA ALA K 90 -3.27 60.15 -13.13
C ALA K 90 -2.27 59.31 -12.36
N VAL K 91 -1.18 58.96 -13.04
CA VAL K 91 -0.05 58.28 -12.44
C VAL K 91 1.18 59.11 -12.71
N CYS K 92 2.05 59.19 -11.70
CA CYS K 92 3.42 59.69 -11.86
C CYS K 92 4.34 58.48 -11.79
N ILE K 93 5.08 58.23 -12.85
CA ILE K 93 5.78 56.96 -12.93
C ILE K 93 7.13 57.14 -13.62
N THR K 94 7.35 58.32 -14.21
CA THR K 94 8.63 58.53 -14.89
C THR K 94 9.78 58.42 -13.90
N ASP K 95 9.52 58.68 -12.63
CA ASP K 95 10.51 58.51 -11.57
C ASP K 95 9.76 58.37 -10.25
N ASP K 96 10.51 57.98 -9.22
CA ASP K 96 9.94 57.74 -7.91
C ASP K 96 9.47 59.05 -7.27
N PRO K 97 8.50 58.99 -6.33
CA PRO K 97 7.61 57.85 -6.01
C PRO K 97 6.63 57.52 -7.15
N LEU K 98 6.24 56.25 -7.32
CA LEU K 98 5.07 55.95 -8.14
C LEU K 98 3.82 56.46 -7.44
N CYS K 99 2.90 57.04 -8.20
CA CYS K 99 1.76 57.74 -7.62
C CYS K 99 0.48 57.39 -8.34
N MET K 100 -0.62 57.55 -7.62
CA MET K 100 -1.95 57.54 -8.22
C MET K 100 -2.70 58.75 -7.70
N ILE K 101 -3.40 59.45 -8.59
CA ILE K 101 -4.14 60.66 -8.23
C ILE K 101 -5.63 60.39 -8.36
N THR K 102 -6.42 61.03 -7.48
CA THR K 102 -7.82 60.70 -7.22
C THR K 102 -8.62 61.98 -7.01
N GLU K 103 -9.89 61.96 -7.40
CA GLU K 103 -10.76 63.10 -7.12
C GLU K 103 -10.85 63.31 -5.61
N TYR K 104 -10.91 64.58 -5.20
CA TYR K 104 -10.96 64.91 -3.79
C TYR K 104 -12.40 64.85 -3.31
N MET K 105 -12.75 63.76 -2.63
CA MET K 105 -14.05 63.60 -1.98
C MET K 105 -13.96 64.33 -0.65
N GLU K 106 -14.42 65.59 -0.67
CA GLU K 106 -14.12 66.51 0.42
C GLU K 106 -14.74 66.08 1.74
N ASN K 107 -15.81 65.30 1.72
CA ASN K 107 -16.53 65.00 2.95
C ASN K 107 -15.99 63.80 3.73
N GLY K 108 -15.00 63.08 3.19
CA GLY K 108 -14.46 61.91 3.87
C GLY K 108 -15.31 60.67 3.63
N ASP K 109 -15.06 59.65 4.44
CA ASP K 109 -15.77 58.39 4.28
C ASP K 109 -17.19 58.48 4.85
N LEU K 110 -18.06 57.58 4.34
CA LEU K 110 -19.47 57.62 4.69
C LEU K 110 -19.70 57.35 6.17
N ASN K 111 -18.80 56.61 6.81
CA ASN K 111 -18.92 56.43 8.26
C ASN K 111 -18.73 57.76 8.98
N GLN K 112 -17.66 58.48 8.65
CA GLN K 112 -17.45 59.79 9.25
C GLN K 112 -18.57 60.75 8.87
N PHE K 113 -19.11 60.62 7.67
CA PHE K 113 -20.16 61.56 7.25
C PHE K 113 -21.45 61.30 8.01
N LEU K 114 -21.92 60.06 8.05
CA LEU K 114 -23.18 59.75 8.70
C LEU K 114 -23.09 59.95 10.22
N SER K 115 -21.91 59.71 10.82
CA SER K 115 -21.73 59.92 12.26
C SER K 115 -21.70 61.39 12.62
N ARG K 116 -21.28 62.27 11.71
CA ARG K 116 -21.29 63.71 11.99
C ARG K 116 -22.70 64.22 12.22
N HIS K 117 -23.69 63.59 11.57
CA HIS K 117 -25.10 63.96 11.64
C HIS K 117 -25.81 63.02 12.62
N GLU K 118 -27.14 63.12 12.69
CA GLU K 118 -27.91 62.27 13.60
C GLU K 118 -29.38 62.11 13.27
N THR K 129 -29.48 66.38 10.41
CA THR K 129 -29.98 65.11 9.90
C THR K 129 -29.84 65.09 8.39
N VAL K 130 -29.60 63.91 7.85
CA VAL K 130 -29.74 63.65 6.42
C VAL K 130 -31.18 63.21 6.16
N SER K 131 -31.78 63.75 5.11
CA SER K 131 -33.14 63.36 4.74
C SER K 131 -33.17 61.91 4.30
N TYR K 132 -34.31 61.25 4.47
CA TYR K 132 -34.37 59.85 4.11
C TYR K 132 -34.14 59.65 2.61
N THR K 133 -34.58 60.61 1.79
CA THR K 133 -34.36 60.49 0.36
C THR K 133 -32.88 60.51 0.01
N ASN K 134 -32.09 61.29 0.77
CA ASN K 134 -30.64 61.37 0.50
C ASN K 134 -29.91 60.11 0.97
N LEU K 135 -30.27 59.56 2.12
CA LEU K 135 -29.71 58.26 2.50
C LEU K 135 -30.03 57.23 1.45
N LYS K 136 -31.28 57.21 0.97
CA LYS K 136 -31.62 56.26 -0.08
C LYS K 136 -30.78 56.51 -1.33
N PHE K 137 -30.57 57.78 -1.66
CA PHE K 137 -29.80 58.11 -2.85
C PHE K 137 -28.36 57.62 -2.74
N MET K 138 -27.76 57.76 -1.55
CA MET K 138 -26.42 57.21 -1.36
C MET K 138 -26.44 55.69 -1.44
N ALA K 139 -27.50 55.07 -0.93
CA ALA K 139 -27.61 53.62 -1.03
C ALA K 139 -27.65 53.18 -2.48
N THR K 140 -28.39 53.93 -3.32
CA THR K 140 -28.53 53.54 -4.71
C THR K 140 -27.24 53.76 -5.48
N GLN K 141 -26.46 54.79 -5.12
CA GLN K 141 -25.13 54.89 -5.74
C GLN K 141 -24.21 53.75 -5.32
N ILE K 142 -24.36 53.26 -4.08
CA ILE K 142 -23.53 52.13 -3.66
C ILE K 142 -23.95 50.86 -4.39
N ALA K 143 -25.26 50.64 -4.55
CA ALA K 143 -25.70 49.52 -5.38
C ALA K 143 -25.22 49.65 -6.83
N SER K 144 -25.21 50.87 -7.39
CA SER K 144 -24.79 51.04 -8.78
C SER K 144 -23.32 50.73 -9.00
N GLY K 145 -22.44 51.23 -8.11
CA GLY K 145 -21.03 50.89 -8.25
C GLY K 145 -20.78 49.41 -8.00
N MET K 146 -21.49 48.85 -7.02
CA MET K 146 -21.33 47.43 -6.76
C MET K 146 -21.73 46.62 -7.98
N LYS K 147 -22.81 47.02 -8.65
CA LYS K 147 -23.21 46.29 -9.85
C LYS K 147 -22.17 46.45 -10.96
N TYR K 148 -21.39 47.54 -10.96
CA TYR K 148 -20.28 47.63 -11.90
C TYR K 148 -19.22 46.57 -11.61
N LEU K 149 -18.80 46.47 -10.35
CA LEU K 149 -17.76 45.48 -10.04
C LEU K 149 -18.26 44.07 -10.30
N SER K 150 -19.43 43.76 -9.75
CA SER K 150 -20.08 42.48 -9.99
C SER K 150 -20.10 42.15 -11.48
N SER K 151 -20.46 43.14 -12.31
CA SER K 151 -20.44 42.95 -13.76
C SER K 151 -19.06 42.58 -14.24
N LEU K 152 -18.03 43.10 -13.58
CA LEU K 152 -16.66 42.79 -13.97
C LEU K 152 -16.09 41.53 -13.32
N ASN K 153 -16.86 40.87 -12.44
CA ASN K 153 -16.41 39.70 -11.66
C ASN K 153 -15.32 40.05 -10.66
N PHE K 154 -15.34 41.27 -10.18
CA PHE K 154 -14.54 41.68 -9.04
C PHE K 154 -15.34 41.56 -7.73
N VAL K 155 -14.65 41.17 -6.68
CA VAL K 155 -15.24 40.97 -5.37
C VAL K 155 -14.53 41.91 -4.40
N HIS K 156 -15.30 42.80 -3.76
CA HIS K 156 -14.70 43.87 -2.98
C HIS K 156 -14.17 43.36 -1.64
N ARG K 157 -14.91 42.44 -1.03
CA ARG K 157 -14.54 41.75 0.20
C ARG K 157 -14.66 42.62 1.45
N ASP K 158 -14.74 43.94 1.30
CA ASP K 158 -14.78 44.83 2.46
C ASP K 158 -15.71 46.01 2.17
N LEU K 159 -16.94 45.71 1.83
CA LEU K 159 -17.90 46.77 1.65
C LEU K 159 -18.40 47.22 3.01
N ALA K 160 -18.39 48.54 3.24
CA ALA K 160 -19.01 49.16 4.39
C ALA K 160 -18.89 50.67 4.23
N THR K 161 -19.66 51.40 5.03
CA THR K 161 -19.68 52.84 4.85
C THR K 161 -18.30 53.43 5.04
N ARG K 162 -17.46 52.79 5.86
CA ARG K 162 -16.08 53.24 6.06
C ARG K 162 -15.23 53.13 4.80
N ASN K 163 -15.64 52.32 3.83
CA ASN K 163 -14.96 52.22 2.56
C ASN K 163 -15.63 53.03 1.45
N CYS K 164 -16.54 53.93 1.81
CA CYS K 164 -17.34 54.69 0.84
C CYS K 164 -17.08 56.17 1.00
N LEU K 165 -16.38 56.79 0.06
CA LEU K 165 -16.18 58.23 0.08
C LEU K 165 -17.44 59.01 -0.29
N VAL K 166 -17.63 60.14 0.39
CA VAL K 166 -18.75 61.05 0.18
C VAL K 166 -18.23 62.31 -0.50
N GLY K 167 -18.68 62.56 -1.72
CA GLY K 167 -18.36 63.78 -2.43
C GLY K 167 -19.34 64.88 -2.10
N LYS K 168 -19.33 65.91 -2.95
CA LYS K 168 -20.33 66.95 -2.81
C LYS K 168 -21.71 66.43 -3.21
N ASN K 169 -22.75 66.91 -2.52
CA ASN K 169 -24.15 66.60 -2.85
C ASN K 169 -24.47 65.11 -2.71
N TYR K 170 -23.99 64.50 -1.63
CA TYR K 170 -24.27 63.11 -1.28
C TYR K 170 -23.87 62.11 -2.37
N THR K 171 -22.91 62.43 -3.24
CA THR K 171 -22.42 61.42 -4.17
C THR K 171 -21.48 60.46 -3.44
N ILE K 172 -21.39 59.23 -3.94
CA ILE K 172 -20.64 58.16 -3.28
C ILE K 172 -19.65 57.56 -4.27
N LYS K 173 -18.40 57.43 -3.87
CA LYS K 173 -17.45 56.59 -4.62
C LYS K 173 -16.96 55.47 -3.73
N ILE K 174 -16.86 54.25 -4.28
CA ILE K 174 -16.48 53.09 -3.47
C ILE K 174 -14.98 52.85 -3.56
N ALA K 175 -14.34 52.82 -2.40
CA ALA K 175 -12.92 52.56 -2.27
C ALA K 175 -12.72 51.32 -1.42
N ASP K 176 -11.45 50.91 -1.29
CA ASP K 176 -11.05 49.75 -0.46
C ASP K 176 -9.78 50.18 0.29
N PHE K 177 -9.96 50.79 1.46
CA PHE K 177 -8.78 51.30 2.17
C PHE K 177 -7.83 50.16 2.59
N GLY K 178 -8.38 49.02 2.98
CA GLY K 178 -7.65 48.03 3.76
C GLY K 178 -8.02 48.13 5.22
N MET K 179 -7.32 47.36 6.04
CA MET K 179 -7.53 47.39 7.49
C MET K 179 -6.68 48.47 8.16
N SER K 180 -6.14 49.38 7.34
CA SER K 180 -5.02 50.21 7.74
C SER K 180 -5.39 51.37 8.65
N ARG K 181 -6.67 51.73 8.74
CA ARG K 181 -7.07 52.91 9.50
C ARG K 181 -7.35 52.56 10.95
N ASN K 182 -6.67 53.26 11.86
CA ASN K 182 -6.88 52.99 13.29
C ASN K 182 -8.31 53.24 13.69
N LEU K 183 -8.95 54.20 13.04
CA LEU K 183 -10.29 54.62 13.42
C LEU K 183 -11.29 53.47 13.32
N TYR K 184 -11.05 52.54 12.39
CA TYR K 184 -11.92 51.40 12.16
C TYR K 184 -11.25 50.09 12.53
N SER K 185 -10.19 50.15 13.35
CA SER K 185 -9.50 48.92 13.73
C SER K 185 -10.45 47.94 14.41
N GLY K 186 -11.51 48.46 15.05
CA GLY K 186 -12.44 47.61 15.76
C GLY K 186 -13.39 46.85 14.88
N ASP K 187 -13.51 47.23 13.60
CA ASP K 187 -14.43 46.57 12.69
C ASP K 187 -13.87 45.27 12.11
N TYR K 188 -12.63 44.95 12.42
CA TYR K 188 -11.99 43.71 12.04
C TYR K 188 -11.63 42.90 13.29
N TYR K 189 -11.42 41.60 13.10
CA TYR K 189 -11.11 40.66 14.16
C TYR K 189 -10.40 39.46 13.55
N ARG K 190 -9.55 38.82 14.33
CA ARG K 190 -8.58 37.86 13.82
C ARG K 190 -9.00 36.46 14.21
N ILE K 191 -9.52 35.71 13.24
CA ILE K 191 -9.78 34.29 13.42
C ILE K 191 -8.45 33.54 13.51
N GLN K 192 -8.39 32.53 14.39
CA GLN K 192 -7.10 31.95 14.77
C GLN K 192 -6.28 31.53 13.55
N GLY K 193 -6.87 30.71 12.69
CA GLY K 193 -6.11 30.22 11.56
C GLY K 193 -6.14 31.07 10.31
N ARG K 194 -6.97 32.10 10.27
CA ARG K 194 -7.23 32.91 9.09
C ARG K 194 -6.61 34.30 9.27
N ALA K 195 -7.01 35.25 8.43
CA ALA K 195 -6.57 36.64 8.56
C ALA K 195 -7.62 37.49 9.29
N VAL K 196 -7.23 38.72 9.65
CA VAL K 196 -8.19 39.65 10.23
C VAL K 196 -9.26 39.98 9.21
N LEU K 197 -10.52 39.90 9.62
CA LEU K 197 -11.62 39.94 8.67
C LEU K 197 -12.72 40.85 9.18
N PRO K 198 -13.46 41.51 8.29
CA PRO K 198 -14.53 42.43 8.73
C PRO K 198 -15.79 41.63 9.05
N ILE K 199 -15.73 40.91 10.17
CA ILE K 199 -16.61 39.76 10.39
C ILE K 199 -18.08 40.16 10.44
N ARG K 200 -18.37 41.38 10.89
CA ARG K 200 -19.73 41.86 11.09
C ARG K 200 -20.40 42.23 9.78
N TRP K 201 -19.62 42.31 8.72
CA TRP K 201 -20.10 42.54 7.36
C TRP K 201 -20.07 41.28 6.49
N MET K 202 -19.72 40.12 7.02
CA MET K 202 -19.42 38.97 6.18
C MET K 202 -20.48 37.88 6.26
N SER K 203 -20.71 37.25 5.12
CA SER K 203 -21.58 36.10 5.06
C SER K 203 -20.96 34.92 5.78
N TRP K 204 -21.82 34.01 6.22
CA TRP K 204 -21.33 32.80 6.89
C TRP K 204 -20.37 32.02 6.00
N GLU K 205 -20.56 32.04 4.68
CA GLU K 205 -19.68 31.23 3.83
C GLU K 205 -18.30 31.85 3.70
N SER K 206 -18.20 33.19 3.77
CA SER K 206 -16.90 33.82 3.71
C SER K 206 -16.16 33.74 5.04
N ILE K 207 -16.89 33.60 6.14
CA ILE K 207 -16.29 33.52 7.45
C ILE K 207 -15.89 32.08 7.71
N LEU K 208 -16.84 31.16 7.64
CA LEU K 208 -16.54 29.78 8.01
C LEU K 208 -15.68 29.08 6.96
N LEU K 209 -16.03 29.21 5.67
CA LEU K 209 -15.33 28.48 4.62
C LEU K 209 -14.36 29.35 3.81
N GLY K 210 -14.38 30.66 3.96
CA GLY K 210 -13.43 31.45 3.22
C GLY K 210 -13.76 31.67 1.77
N LYS K 211 -15.02 31.49 1.38
CA LYS K 211 -15.45 31.70 0.01
C LYS K 211 -16.00 33.12 -0.15
N PHE K 212 -15.37 33.89 -1.03
CA PHE K 212 -15.76 35.26 -1.32
C PHE K 212 -16.29 35.33 -2.74
N THR K 213 -17.54 35.76 -2.87
CA THR K 213 -18.18 35.94 -4.16
C THR K 213 -18.94 37.26 -4.15
N THR K 214 -19.57 37.56 -5.28
CA THR K 214 -20.44 38.71 -5.31
C THR K 214 -21.54 38.60 -4.27
N ALA K 215 -21.95 37.38 -3.93
CA ALA K 215 -23.01 37.22 -2.94
C ALA K 215 -22.54 37.62 -1.53
N SER K 216 -21.28 37.31 -1.20
CA SER K 216 -20.71 37.82 0.05
C SER K 216 -20.67 39.34 0.04
N ASP K 217 -20.57 39.93 -1.15
CA ASP K 217 -20.68 41.37 -1.31
C ASP K 217 -22.12 41.85 -1.23
N VAL K 218 -23.10 41.00 -1.53
CA VAL K 218 -24.47 41.44 -1.34
C VAL K 218 -24.79 41.47 0.13
N TRP K 219 -24.34 40.46 0.86
CA TRP K 219 -24.43 40.45 2.32
C TRP K 219 -23.72 41.67 2.91
N ALA K 220 -22.50 41.96 2.43
CA ALA K 220 -21.82 43.17 2.86
C ALA K 220 -22.64 44.42 2.54
N PHE K 221 -23.34 44.43 1.39
CA PHE K 221 -24.16 45.58 1.06
C PHE K 221 -25.34 45.72 2.01
N GLY K 222 -25.91 44.60 2.46
CA GLY K 222 -26.99 44.70 3.42
C GLY K 222 -26.52 45.27 4.73
N VAL K 223 -25.30 44.89 5.16
CA VAL K 223 -24.80 45.50 6.38
C VAL K 223 -24.49 46.97 6.15
N THR K 224 -23.96 47.33 4.97
CA THR K 224 -23.65 48.73 4.70
C THR K 224 -24.90 49.58 4.66
N LEU K 225 -25.97 49.03 4.10
CA LEU K 225 -27.26 49.69 4.12
C LEU K 225 -27.75 49.88 5.55
N TRP K 226 -27.57 48.86 6.39
CA TRP K 226 -27.97 48.97 7.79
C TRP K 226 -27.17 50.06 8.48
N GLU K 227 -25.91 50.24 8.10
CA GLU K 227 -25.16 51.38 8.62
C GLU K 227 -25.80 52.68 8.17
N THR K 228 -26.13 52.78 6.88
CA THR K 228 -26.59 54.07 6.38
C THR K 228 -27.90 54.49 7.03
N PHE K 229 -28.84 53.57 7.16
CA PHE K 229 -30.13 53.99 7.67
C PHE K 229 -30.16 54.18 9.19
N THR K 230 -29.14 53.72 9.91
CA THR K 230 -28.96 54.06 11.32
C THR K 230 -27.89 55.12 11.53
N PHE K 231 -27.45 55.77 10.45
CA PHE K 231 -26.50 56.88 10.48
C PHE K 231 -25.13 56.49 11.06
N CYS K 232 -24.73 55.24 10.90
CA CYS K 232 -23.48 54.73 11.45
C CYS K 232 -23.34 55.05 12.92
N GLN K 233 -24.47 55.22 13.60
CA GLN K 233 -24.43 55.75 14.95
C GLN K 233 -23.90 54.73 15.95
N GLU K 234 -23.99 53.45 15.62
CA GLU K 234 -23.39 52.39 16.42
C GLU K 234 -22.98 51.27 15.48
N GLN K 235 -22.15 50.38 16.02
CA GLN K 235 -21.72 49.20 15.29
C GLN K 235 -22.87 48.19 15.14
N PRO K 236 -22.94 47.48 14.02
CA PRO K 236 -23.94 46.42 13.88
C PRO K 236 -23.68 45.28 14.85
N TYR K 237 -24.76 44.63 15.28
CA TYR K 237 -24.69 43.56 16.28
C TYR K 237 -23.89 44.01 17.50
N SER K 238 -24.22 45.21 18.00
CA SER K 238 -23.42 45.83 19.05
C SER K 238 -23.77 45.33 20.44
N GLN K 239 -24.76 44.44 20.55
CA GLN K 239 -24.99 43.69 21.77
C GLN K 239 -24.06 42.49 21.91
N LEU K 240 -23.31 42.16 20.87
CA LEU K 240 -22.48 40.96 20.83
C LEU K 240 -21.01 41.34 20.70
N SER K 241 -20.14 40.52 21.26
CA SER K 241 -18.71 40.65 21.06
C SER K 241 -18.27 39.80 19.87
N ASP K 242 -17.04 40.04 19.42
CA ASP K 242 -16.53 39.39 18.21
C ASP K 242 -16.79 37.89 18.25
N GLU K 243 -16.50 37.27 19.39
CA GLU K 243 -16.70 35.83 19.52
C GLU K 243 -18.17 35.47 19.41
N GLN K 244 -19.05 36.33 19.96
CA GLN K 244 -20.48 36.09 19.80
C GLN K 244 -20.95 36.35 18.39
N VAL K 245 -20.24 37.19 17.63
CA VAL K 245 -20.51 37.35 16.22
C VAL K 245 -20.17 36.08 15.45
N ILE K 246 -19.05 35.43 15.79
CA ILE K 246 -18.76 34.16 15.16
C ILE K 246 -19.83 33.14 15.53
N GLU K 247 -20.35 33.24 16.75
CA GLU K 247 -21.40 32.33 17.19
C GLU K 247 -22.68 32.51 16.36
N ASN K 248 -23.07 33.78 16.16
CA ASN K 248 -24.24 34.09 15.34
C ASN K 248 -24.05 33.65 13.90
N THR K 249 -22.82 33.77 13.39
CA THR K 249 -22.54 33.28 12.04
C THR K 249 -22.80 31.78 11.96
N GLY K 250 -22.33 31.04 12.96
CA GLY K 250 -22.58 29.61 12.95
C GLY K 250 -24.06 29.30 12.98
N GLU K 251 -24.86 30.13 13.65
CA GLU K 251 -26.30 29.90 13.60
C GLU K 251 -26.92 30.32 12.26
N PHE K 252 -26.31 31.26 11.53
CA PHE K 252 -26.79 31.57 10.18
C PHE K 252 -26.64 30.37 9.27
N PHE K 253 -25.43 29.79 9.25
CA PHE K 253 -25.18 28.59 8.44
C PHE K 253 -26.00 27.42 8.95
N ARG K 254 -26.23 27.35 10.26
CA ARG K 254 -27.08 26.29 10.77
C ARG K 254 -28.53 26.48 10.30
N ASP K 255 -28.97 27.73 10.21
CA ASP K 255 -30.30 28.10 9.73
C ASP K 255 -31.42 27.32 10.45
N GLN K 256 -31.57 27.62 11.75
CA GLN K 256 -32.63 27.01 12.54
C GLN K 256 -33.31 28.00 13.51
N GLY K 257 -33.24 29.31 13.24
CA GLY K 257 -33.96 30.30 14.01
C GLY K 257 -33.21 30.87 15.19
N ARG K 258 -32.06 30.29 15.57
CA ARG K 258 -31.25 30.83 16.67
C ARG K 258 -30.44 32.05 16.24
N GLN K 259 -30.25 32.26 14.94
CA GLN K 259 -29.55 33.43 14.44
C GLN K 259 -30.35 34.69 14.77
N THR K 260 -29.65 35.81 14.91
CA THR K 260 -30.32 37.11 15.08
C THR K 260 -29.84 38.06 14.01
N TYR K 261 -30.77 38.56 13.20
CA TYR K 261 -30.54 39.52 12.12
C TYR K 261 -30.47 40.95 12.67
N LEU K 262 -29.92 41.87 11.87
CA LEU K 262 -29.92 43.26 12.30
C LEU K 262 -31.35 43.80 12.34
N PRO K 263 -31.70 44.58 13.34
CA PRO K 263 -33.08 45.08 13.46
C PRO K 263 -33.37 46.07 12.35
N GLN K 264 -34.66 46.26 12.10
CA GLN K 264 -35.09 47.26 11.16
C GLN K 264 -34.73 48.65 11.68
N PRO K 265 -33.95 49.44 10.93
CA PRO K 265 -33.74 50.84 11.32
C PRO K 265 -35.03 51.62 11.34
N ALA K 266 -35.12 52.55 12.30
CA ALA K 266 -36.36 53.30 12.45
C ALA K 266 -36.69 54.09 11.19
N ILE K 267 -35.66 54.63 10.53
CA ILE K 267 -35.91 55.33 9.28
C ILE K 267 -36.38 54.38 8.20
N CYS K 268 -36.01 53.11 8.31
CA CYS K 268 -36.05 52.21 7.15
C CYS K 268 -37.48 51.81 6.84
N PRO K 269 -37.93 51.99 5.59
CA PRO K 269 -39.22 51.44 5.17
C PRO K 269 -39.23 49.92 5.15
N ASP K 270 -40.43 49.36 5.32
CA ASP K 270 -40.56 47.91 5.46
C ASP K 270 -40.10 47.18 4.20
N SER K 271 -40.23 47.81 3.02
CA SER K 271 -39.77 47.15 1.80
C SER K 271 -38.25 47.10 1.74
N VAL K 272 -37.57 48.18 2.12
CA VAL K 272 -36.11 48.13 2.13
C VAL K 272 -35.60 47.19 3.22
N TYR K 273 -36.36 47.00 4.30
CA TYR K 273 -35.94 45.99 5.26
C TYR K 273 -36.14 44.58 4.74
N LYS K 274 -37.18 44.37 3.92
CA LYS K 274 -37.35 43.06 3.29
C LYS K 274 -36.20 42.76 2.34
N LEU K 275 -35.75 43.79 1.60
CA LEU K 275 -34.58 43.64 0.75
C LEU K 275 -33.30 43.42 1.56
N MET K 276 -33.18 44.12 2.70
CA MET K 276 -32.04 43.87 3.59
C MET K 276 -31.99 42.41 4.00
N LEU K 277 -33.10 41.86 4.50
CA LEU K 277 -33.08 40.47 4.95
C LEU K 277 -32.82 39.52 3.78
N SER K 278 -33.28 39.88 2.57
CA SER K 278 -32.98 39.03 1.44
C SER K 278 -31.50 39.03 1.12
N CYS K 279 -30.78 40.07 1.53
CA CYS K 279 -29.33 40.02 1.40
C CYS K 279 -28.70 38.96 2.29
N TRP K 280 -29.38 38.58 3.39
CA TRP K 280 -28.85 37.66 4.40
C TRP K 280 -29.53 36.29 4.34
N ARG K 281 -30.15 35.94 3.23
CA ARG K 281 -30.64 34.58 3.06
C ARG K 281 -29.48 33.60 3.14
N ARG K 282 -29.73 32.44 3.74
CA ARG K 282 -28.64 31.50 3.97
C ARG K 282 -27.95 31.14 2.66
N ASP K 283 -28.72 30.67 1.67
CA ASP K 283 -28.12 30.19 0.43
C ASP K 283 -27.93 31.33 -0.58
N THR K 284 -26.82 31.28 -1.33
CA THR K 284 -26.49 32.36 -2.25
C THR K 284 -27.43 32.43 -3.47
N LYS K 285 -27.88 31.28 -3.97
CA LYS K 285 -28.83 31.27 -5.09
C LYS K 285 -30.06 32.15 -4.79
N ASN K 286 -30.36 32.41 -3.51
CA ASN K 286 -31.48 33.26 -3.13
C ASN K 286 -31.03 34.68 -2.76
N ARG K 287 -29.74 35.00 -2.94
CA ARG K 287 -29.47 36.42 -2.66
C ARG K 287 -29.73 37.30 -3.90
N PRO K 288 -30.32 38.50 -3.76
CA PRO K 288 -30.52 39.35 -4.94
C PRO K 288 -29.22 39.75 -5.59
N SER K 289 -29.24 39.85 -6.93
CA SER K 289 -28.13 40.44 -7.67
C SER K 289 -28.13 41.95 -7.47
N PHE K 290 -26.97 42.58 -7.67
CA PHE K 290 -26.90 44.00 -7.41
C PHE K 290 -27.81 44.78 -8.34
N GLN K 291 -28.02 44.30 -9.57
CA GLN K 291 -28.91 44.97 -10.49
C GLN K 291 -30.32 45.03 -9.95
N GLU K 292 -30.82 43.90 -9.47
CA GLU K 292 -32.17 43.90 -8.88
C GLU K 292 -32.22 44.80 -7.66
N ILE K 293 -31.13 44.85 -6.86
CA ILE K 293 -31.07 45.71 -5.68
C ILE K 293 -31.19 47.18 -6.07
N HIS K 294 -30.40 47.60 -7.07
CA HIS K 294 -30.47 48.96 -7.55
C HIS K 294 -31.87 49.31 -8.00
N LEU K 295 -32.47 48.45 -8.84
CA LEU K 295 -33.82 48.75 -9.34
C LEU K 295 -34.82 48.78 -8.20
N LEU K 296 -34.68 47.86 -7.24
CA LEU K 296 -35.66 47.77 -6.16
C LEU K 296 -35.61 49.00 -5.28
N LEU K 297 -34.41 49.56 -5.07
CA LEU K 297 -34.28 50.81 -4.36
C LEU K 297 -34.82 52.00 -5.14
N LEU K 298 -34.73 51.96 -6.48
CA LEU K 298 -35.11 53.16 -7.22
C LEU K 298 -36.57 53.52 -7.08
N GLN K 299 -37.44 52.54 -6.82
CA GLN K 299 -38.90 52.75 -6.71
C GLN K 299 -39.28 53.92 -5.75
N ALA L 2 33.43 15.67 18.07
CA ALA L 2 32.99 14.92 16.90
C ALA L 2 32.25 13.63 17.30
N VAL L 3 31.71 12.92 16.31
CA VAL L 3 31.07 11.63 16.51
C VAL L 3 31.66 10.61 15.55
N GLU L 4 30.95 9.51 15.34
CA GLU L 4 31.48 8.38 14.58
C GLU L 4 30.47 7.95 13.51
N GLU L 5 30.98 7.25 12.50
CA GLU L 5 30.17 6.72 11.41
C GLU L 5 30.04 5.21 11.58
N PHE L 6 28.84 4.77 11.98
CA PHE L 6 28.51 3.35 12.02
C PHE L 6 28.08 2.87 10.64
N PRO L 7 28.64 1.77 10.13
CA PRO L 7 28.20 1.27 8.82
C PRO L 7 26.72 0.93 8.84
N ARG L 8 25.98 1.51 7.88
CA ARG L 8 24.53 1.31 7.75
C ARG L 8 24.20 -0.12 7.34
N LYS L 9 25.16 -0.83 6.74
CA LYS L 9 24.93 -2.20 6.30
C LYS L 9 24.62 -3.13 7.46
N LEU L 10 25.18 -2.85 8.64
CA LEU L 10 24.92 -3.68 9.81
C LEU L 10 23.56 -3.40 10.46
N LEU L 11 22.91 -2.28 10.10
CA LEU L 11 21.57 -2.01 10.60
C LEU L 11 20.56 -2.91 9.90
N THR L 12 19.54 -3.33 10.66
CA THR L 12 18.44 -4.12 10.13
C THR L 12 17.14 -3.53 10.67
N PHE L 13 16.24 -3.13 9.78
CA PHE L 13 14.96 -2.59 10.21
C PHE L 13 14.17 -3.67 10.96
N LYS L 14 13.52 -3.24 12.05
CA LYS L 14 12.65 -4.12 12.83
C LYS L 14 11.25 -3.51 13.03
N GLU L 15 11.20 -2.30 13.60
CA GLU L 15 9.93 -1.62 13.86
C GLU L 15 10.07 -0.15 13.53
N LYS L 16 8.93 0.52 13.35
CA LYS L 16 8.84 1.98 13.32
C LYS L 16 8.53 2.50 14.72
N LEU L 17 9.40 3.38 15.24
CA LEU L 17 9.28 3.87 16.62
C LEU L 17 8.64 5.26 16.76
N GLY L 18 8.74 6.14 15.78
CA GLY L 18 8.15 7.46 15.94
C GLY L 18 8.14 8.28 14.66
N GLU L 19 7.13 9.13 14.49
CA GLU L 19 6.92 9.82 13.20
C GLU L 19 6.66 11.31 13.42
N GLY L 20 7.69 12.12 13.20
CA GLY L 20 7.51 13.55 13.11
C GLY L 20 7.11 13.99 11.72
N GLN L 21 6.84 15.29 11.59
CA GLN L 21 6.61 15.84 10.26
C GLN L 21 7.87 15.79 9.42
N PHE L 22 9.04 15.77 10.04
CA PHE L 22 10.31 15.80 9.31
C PHE L 22 11.31 14.83 9.90
N GLY L 23 10.86 13.60 10.12
CA GLY L 23 11.78 12.53 10.49
C GLY L 23 11.07 11.34 11.06
N GLU L 24 11.76 10.19 11.04
CA GLU L 24 11.25 8.93 11.53
C GLU L 24 12.26 8.31 12.50
N VAL L 25 11.80 7.33 13.28
CA VAL L 25 12.68 6.58 14.16
C VAL L 25 12.42 5.09 13.99
N HIS L 26 13.48 4.33 13.68
CA HIS L 26 13.47 2.88 13.50
C HIS L 26 14.07 2.17 14.71
N LEU L 27 13.77 0.88 14.80
CA LEU L 27 14.54 -0.03 15.64
C LEU L 27 15.42 -0.90 14.75
N CYS L 28 16.65 -1.16 15.20
CA CYS L 28 17.65 -1.85 14.38
C CYS L 28 18.48 -2.79 15.22
N GLU L 29 18.69 -4.01 14.73
CA GLU L 29 19.57 -4.97 15.38
C GLU L 29 20.90 -5.04 14.62
N VAL L 30 22.00 -5.02 15.35
CA VAL L 30 23.31 -5.02 14.72
C VAL L 30 23.86 -6.45 14.60
N VAL L 51 21.64 -7.36 20.76
CA VAL L 51 22.10 -5.99 20.61
C VAL L 51 21.23 -5.21 19.63
N LEU L 52 20.66 -4.09 20.05
CA LEU L 52 19.78 -3.34 19.17
C LEU L 52 19.66 -1.89 19.64
N VAL L 53 19.38 -1.01 18.67
CA VAL L 53 19.51 0.44 18.79
C VAL L 53 18.39 1.13 18.03
N ALA L 54 17.91 2.26 18.56
CA ALA L 54 16.99 3.13 17.84
C ALA L 54 17.78 4.01 16.90
N VAL L 55 17.14 4.43 15.80
CA VAL L 55 17.77 5.31 14.80
C VAL L 55 16.82 6.45 14.50
N LYS L 56 17.33 7.68 14.55
CA LYS L 56 16.57 8.85 14.13
C LYS L 56 17.02 9.22 12.72
N MET L 57 16.11 9.05 11.76
CA MET L 57 16.35 9.31 10.35
C MET L 57 15.70 10.61 9.90
N LEU L 58 16.45 11.37 9.12
CA LEU L 58 15.94 12.47 8.31
C LEU L 58 15.53 11.91 6.96
N ARG L 59 14.29 12.19 6.56
CA ARG L 59 13.86 11.78 5.22
C ARG L 59 14.65 12.55 4.16
N ALA L 60 14.79 11.95 2.99
CA ALA L 60 15.56 12.55 1.91
C ALA L 60 14.93 13.85 1.39
N ASP L 61 13.64 14.08 1.65
CA ASP L 61 12.85 15.13 1.03
C ASP L 61 12.90 16.49 1.75
N ALA L 62 13.79 16.66 2.73
CA ALA L 62 13.79 17.87 3.54
C ALA L 62 14.24 19.10 2.73
N ASN L 63 13.80 20.27 3.19
CA ASN L 63 14.20 21.54 2.61
C ASN L 63 15.63 21.89 3.00
N LYS L 64 16.02 23.13 2.74
CA LYS L 64 17.29 23.62 3.28
C LYS L 64 17.26 23.64 4.81
N ASN L 65 16.11 24.02 5.39
CA ASN L 65 16.07 24.31 6.82
C ASN L 65 15.90 23.06 7.67
N ALA L 66 15.27 22.01 7.16
CA ALA L 66 15.18 20.77 7.92
C ALA L 66 16.50 19.99 7.88
N ARG L 67 17.28 20.11 6.80
CA ARG L 67 18.56 19.42 6.77
C ARG L 67 19.63 20.19 7.53
N ASN L 68 19.67 21.53 7.41
CA ASN L 68 20.60 22.30 8.23
C ASN L 68 20.19 22.32 9.70
N ASP L 69 18.88 22.21 9.97
CA ASP L 69 18.38 22.02 11.34
C ASP L 69 18.74 20.64 11.87
N PHE L 70 18.66 19.60 11.02
CA PHE L 70 19.09 18.26 11.42
C PHE L 70 20.59 18.21 11.67
N LEU L 71 21.38 18.99 10.93
CA LEU L 71 22.80 19.05 11.23
C LEU L 71 23.09 19.80 12.53
N LYS L 72 22.42 20.95 12.77
CA LYS L 72 22.54 21.63 14.06
C LYS L 72 22.23 20.68 15.21
N GLU L 73 21.13 19.93 15.08
CA GLU L 73 20.82 18.93 16.08
C GLU L 73 21.93 17.90 16.18
N ILE L 74 22.60 17.57 15.08
CA ILE L 74 23.71 16.62 15.17
C ILE L 74 24.83 17.20 16.02
N LYS L 75 25.14 18.49 15.82
CA LYS L 75 26.21 19.11 16.61
C LYS L 75 25.86 19.10 18.09
N ILE L 76 24.71 19.68 18.46
CA ILE L 76 24.39 19.76 19.88
C ILE L 76 24.30 18.36 20.47
N MET L 77 23.79 17.39 19.72
CA MET L 77 23.69 16.06 20.30
C MET L 77 25.06 15.42 20.49
N SER L 78 26.05 15.79 19.67
CA SER L 78 27.38 15.25 19.91
C SER L 78 28.03 15.91 21.13
N ARG L 79 27.60 17.13 21.47
CA ARG L 79 28.13 17.75 22.69
C ARG L 79 27.71 17.03 23.97
N LEU L 80 26.51 16.45 24.02
CA LEU L 80 25.91 16.00 25.27
C LEU L 80 26.44 14.64 25.74
N LYS L 81 26.89 14.58 27.01
CA LYS L 81 27.52 13.40 27.61
C LYS L 81 27.12 13.32 29.09
N ASP L 82 25.94 12.73 29.35
CA ASP L 82 25.49 12.42 30.72
C ASP L 82 24.59 11.21 30.59
N PRO L 83 24.66 10.26 31.52
CA PRO L 83 23.99 8.98 31.30
C PRO L 83 22.46 9.07 31.30
N ASN L 84 21.85 10.15 31.77
CA ASN L 84 20.40 10.32 31.72
C ASN L 84 19.95 11.32 30.66
N ILE L 85 20.84 11.71 29.74
CA ILE L 85 20.47 12.39 28.51
C ILE L 85 20.71 11.45 27.34
N ILE L 86 20.09 11.75 26.22
CA ILE L 86 20.09 10.84 25.08
C ILE L 86 21.50 10.76 24.51
N HIS L 87 22.19 9.67 24.86
CA HIS L 87 23.51 9.43 24.31
C HIS L 87 23.39 9.18 22.81
N LEU L 88 24.40 9.64 22.07
CA LEU L 88 24.44 9.49 20.62
C LEU L 88 25.71 8.73 20.26
N LEU L 89 25.55 7.48 19.78
CA LEU L 89 26.69 6.60 19.58
C LEU L 89 27.38 6.83 18.25
N ALA L 90 26.61 7.06 17.18
CA ALA L 90 27.15 7.22 15.85
C ALA L 90 26.11 7.90 14.97
N VAL L 91 26.54 8.27 13.78
CA VAL L 91 25.69 8.85 12.74
C VAL L 91 26.03 8.16 11.43
N CYS L 92 25.03 8.04 10.56
CA CYS L 92 25.27 7.71 9.15
C CYS L 92 25.11 9.02 8.39
N ILE L 93 26.23 9.60 7.96
CA ILE L 93 26.21 10.92 7.32
C ILE L 93 26.98 10.96 6.01
N THR L 94 27.59 9.87 5.57
CA THR L 94 28.34 9.93 4.31
C THR L 94 27.43 10.21 3.13
N ASP L 95 26.17 9.81 3.22
CA ASP L 95 25.19 10.03 2.17
C ASP L 95 23.81 9.87 2.77
N ASP L 96 22.79 10.16 1.96
CA ASP L 96 21.40 10.12 2.41
C ASP L 96 21.02 8.69 2.81
N PRO L 97 20.17 8.53 3.83
CA PRO L 97 19.63 9.56 4.72
C PRO L 97 20.47 9.73 6.00
N LEU L 98 20.69 10.96 6.46
CA LEU L 98 21.46 11.15 7.67
C LEU L 98 20.67 10.66 8.89
N CYS L 99 21.38 10.01 9.84
CA CYS L 99 20.77 9.44 11.03
C CYS L 99 21.57 9.79 12.28
N MET L 100 20.90 9.65 13.41
CA MET L 100 21.53 9.72 14.72
C MET L 100 21.11 8.48 15.49
N ILE L 101 22.09 7.64 15.84
CA ILE L 101 21.86 6.33 16.44
C ILE L 101 21.96 6.41 17.96
N THR L 102 20.94 5.90 18.65
CA THR L 102 20.80 5.97 20.10
C THR L 102 20.49 4.58 20.64
N GLU L 103 20.75 4.40 21.93
CA GLU L 103 20.44 3.13 22.58
C GLU L 103 18.94 2.86 22.56
N TYR L 104 18.57 1.59 22.39
CA TYR L 104 17.16 1.22 22.41
C TYR L 104 16.71 1.08 23.85
N MET L 105 16.02 2.10 24.35
CA MET L 105 15.26 1.96 25.60
C MET L 105 14.08 1.04 25.34
N GLU L 106 14.06 -0.12 25.99
CA GLU L 106 13.08 -1.13 25.59
C GLU L 106 11.70 -0.89 26.17
N ASN L 107 11.55 0.07 27.07
CA ASN L 107 10.27 0.32 27.70
C ASN L 107 9.59 1.62 27.23
N GLY L 108 9.92 2.10 26.02
CA GLY L 108 9.20 3.25 25.48
C GLY L 108 9.42 4.49 26.34
N ASP L 109 8.43 5.38 26.32
CA ASP L 109 8.52 6.60 27.12
C ASP L 109 8.04 6.36 28.55
N LEU L 110 8.40 7.30 29.43
CA LEU L 110 7.94 7.22 30.80
C LEU L 110 6.42 7.31 30.89
N ASN L 111 5.79 8.10 30.02
CA ASN L 111 4.34 8.29 30.09
C ASN L 111 3.61 6.97 29.90
N GLN L 112 3.88 6.28 28.80
CA GLN L 112 3.21 5.00 28.58
C GLN L 112 3.60 3.99 29.64
N PHE L 113 4.85 4.03 30.10
CA PHE L 113 5.33 3.01 31.03
C PHE L 113 4.57 3.08 32.34
N LEU L 114 4.46 4.28 32.92
CA LEU L 114 3.65 4.42 34.12
C LEU L 114 2.18 4.14 33.87
N SER L 115 1.68 4.46 32.66
CA SER L 115 0.27 4.28 32.35
C SER L 115 -0.14 2.81 32.35
N ARG L 116 0.80 1.90 32.17
CA ARG L 116 0.53 0.48 32.13
C ARG L 116 0.60 -0.18 33.51
N HIS L 117 0.75 0.63 34.56
CA HIS L 117 0.88 0.16 35.94
C HIS L 117 -0.20 0.79 36.80
N GLU L 118 -0.30 0.31 38.05
CA GLU L 118 -1.25 0.86 39.00
C GLU L 118 -0.53 1.14 40.32
N PRO L 119 -0.94 2.18 41.05
CA PRO L 119 -0.28 2.53 42.32
C PRO L 119 -0.76 1.66 43.47
N PRO L 120 0.14 0.84 44.06
CA PRO L 120 -0.25 -0.23 45.01
C PRO L 120 -1.73 -0.58 45.08
N ASN L 121 -2.28 -1.08 43.97
CA ASN L 121 -3.64 -1.61 43.89
C ASN L 121 -3.58 -3.11 43.63
N VAL L 127 2.26 -8.41 39.65
CA VAL L 127 3.50 -7.79 39.15
C VAL L 127 3.17 -6.83 38.00
N ARG L 128 2.37 -5.81 38.33
CA ARG L 128 2.13 -4.68 37.43
C ARG L 128 1.96 -3.41 38.23
N THR L 129 2.82 -3.21 39.22
CA THR L 129 2.89 -1.97 39.97
C THR L 129 4.35 -1.52 40.01
N VAL L 130 4.55 -0.24 40.31
CA VAL L 130 5.89 0.28 40.58
C VAL L 130 5.93 0.75 42.03
N SER L 131 7.02 0.43 42.73
CA SER L 131 7.23 0.81 44.12
C SER L 131 7.62 2.28 44.22
N TYR L 132 7.42 2.86 45.40
CA TYR L 132 7.83 4.25 45.61
C TYR L 132 9.33 4.42 45.46
N THR L 133 10.12 3.41 45.85
CA THR L 133 11.57 3.60 45.74
C THR L 133 12.01 3.70 44.28
N ASN L 134 11.41 2.90 43.41
CA ASN L 134 11.80 2.97 42.00
C ASN L 134 11.16 4.14 41.28
N LEU L 135 9.96 4.57 41.71
CA LEU L 135 9.44 5.86 41.27
C LEU L 135 10.43 6.96 41.59
N LYS L 136 10.90 7.02 42.84
CA LYS L 136 11.82 8.06 43.25
C LYS L 136 13.13 7.94 42.51
N PHE L 137 13.57 6.71 42.24
CA PHE L 137 14.80 6.53 41.47
C PHE L 137 14.65 7.15 40.10
N MET L 138 13.47 7.02 39.50
CA MET L 138 13.24 7.64 38.21
C MET L 138 13.23 9.16 38.32
N ALA L 139 12.62 9.69 39.38
CA ALA L 139 12.60 11.14 39.55
C ALA L 139 14.01 11.69 39.68
N THR L 140 14.85 11.06 40.51
CA THR L 140 16.23 11.52 40.69
C THR L 140 17.06 11.37 39.43
N GLN L 141 16.80 10.33 38.62
CA GLN L 141 17.49 10.26 37.34
C GLN L 141 17.15 11.47 36.49
N ILE L 142 15.87 11.87 36.50
CA ILE L 142 15.46 13.04 35.75
C ILE L 142 16.17 14.27 36.30
N ALA L 143 16.17 14.43 37.62
CA ALA L 143 16.83 15.58 38.23
C ALA L 143 18.31 15.60 37.92
N SER L 144 18.95 14.44 37.79
CA SER L 144 20.37 14.40 37.48
C SER L 144 20.63 14.88 36.05
N GLY L 145 19.85 14.38 35.09
CA GLY L 145 20.07 14.81 33.72
C GLY L 145 19.72 16.27 33.51
N MET L 146 18.61 16.71 34.10
CA MET L 146 18.27 18.13 33.98
C MET L 146 19.30 19.01 34.67
N LYS L 147 19.90 18.52 35.74
CA LYS L 147 21.03 19.27 36.29
C LYS L 147 22.15 19.38 35.27
N TYR L 148 22.43 18.29 34.56
CA TYR L 148 23.51 18.36 33.57
C TYR L 148 23.20 19.38 32.50
N LEU L 149 21.99 19.33 31.94
CA LEU L 149 21.64 20.29 30.90
C LEU L 149 21.64 21.71 31.45
N SER L 150 21.34 21.86 32.73
CA SER L 150 21.33 23.16 33.38
C SER L 150 22.74 23.72 33.52
N SER L 151 23.73 22.85 33.74
CA SER L 151 25.10 23.33 33.81
C SER L 151 25.58 23.85 32.46
N LEU L 152 25.10 23.26 31.36
CA LEU L 152 25.44 23.70 30.02
C LEU L 152 24.60 24.87 29.55
N ASN L 153 23.65 25.31 30.37
CA ASN L 153 22.68 26.34 30.00
C ASN L 153 21.80 25.90 28.85
N PHE L 154 21.71 24.59 28.59
CA PHE L 154 20.63 24.06 27.78
C PHE L 154 19.33 24.16 28.55
N VAL L 155 18.28 24.58 27.84
CA VAL L 155 16.96 24.83 28.40
C VAL L 155 15.98 23.97 27.61
N HIS L 156 15.40 22.96 28.26
CA HIS L 156 14.65 21.96 27.52
C HIS L 156 13.43 22.55 26.85
N ARG L 157 12.60 23.28 27.62
CA ARG L 157 11.32 23.88 27.23
C ARG L 157 10.15 22.88 27.22
N ASP L 158 10.41 21.59 27.07
CA ASP L 158 9.34 20.61 27.02
C ASP L 158 9.65 19.39 27.88
N LEU L 159 10.06 19.61 29.13
CA LEU L 159 10.17 18.49 30.07
C LEU L 159 8.78 17.96 30.41
N ALA L 160 8.66 16.64 30.40
CA ALA L 160 7.45 15.94 30.84
C ALA L 160 7.60 14.47 30.50
N THR L 161 6.83 13.62 31.18
CA THR L 161 7.16 12.19 31.18
C THR L 161 7.16 11.62 29.78
N ARG L 162 6.36 12.20 28.89
CA ARG L 162 6.35 11.71 27.52
C ARG L 162 7.68 11.92 26.83
N ASN L 163 8.50 12.83 27.32
CA ASN L 163 9.81 13.10 26.74
C ASN L 163 10.94 12.39 27.45
N CYS L 164 10.64 11.51 28.39
CA CYS L 164 11.64 10.65 28.99
C CYS L 164 11.49 9.24 28.40
N LEU L 165 12.60 8.54 28.24
CA LEU L 165 12.57 7.15 27.87
C LEU L 165 12.96 6.29 29.07
N VAL L 166 12.48 5.05 29.06
CA VAL L 166 12.74 4.09 30.11
C VAL L 166 13.35 2.85 29.47
N GLY L 167 14.54 2.48 29.90
CA GLY L 167 15.17 1.24 29.51
C GLY L 167 15.00 0.18 30.57
N LYS L 168 15.89 -0.81 30.52
CA LYS L 168 15.89 -1.89 31.51
C LYS L 168 16.21 -1.37 32.90
N ASN L 169 15.59 -2.00 33.91
CA ASN L 169 15.81 -1.68 35.31
C ASN L 169 15.63 -0.19 35.61
N TYR L 170 14.48 0.33 35.21
CA TYR L 170 13.95 1.62 35.66
C TYR L 170 14.92 2.78 35.39
N THR L 171 15.81 2.63 34.41
CA THR L 171 16.67 3.73 33.97
C THR L 171 15.87 4.75 33.18
N ILE L 172 16.32 6.00 33.23
CA ILE L 172 15.60 7.11 32.61
C ILE L 172 16.56 7.90 31.75
N LYS L 173 16.17 8.20 30.52
CA LYS L 173 16.99 8.96 29.61
C LYS L 173 16.14 10.06 28.98
N ILE L 174 16.41 11.32 29.34
CA ILE L 174 15.59 12.43 28.85
C ILE L 174 15.79 12.63 27.35
N ALA L 175 14.69 12.99 26.66
CA ALA L 175 14.72 13.17 25.21
C ALA L 175 13.82 14.33 24.83
N ASP L 176 13.69 14.61 23.53
CA ASP L 176 12.70 15.59 23.03
C ASP L 176 12.08 15.09 21.73
N PHE L 177 10.79 14.77 21.77
CA PHE L 177 10.14 14.13 20.63
C PHE L 177 9.65 15.11 19.58
N GLY L 178 9.64 16.42 19.87
CA GLY L 178 8.77 17.31 19.16
C GLY L 178 7.36 17.17 19.72
N MET L 179 6.44 17.90 19.12
CA MET L 179 5.04 17.82 19.48
C MET L 179 4.23 16.94 18.52
N SER L 180 4.90 16.29 17.58
CA SER L 180 4.24 15.57 16.50
C SER L 180 3.46 14.36 16.99
N ARG L 181 3.90 13.69 18.05
CA ARG L 181 3.27 12.43 18.45
C ARG L 181 1.82 12.66 18.84
N ASN L 182 0.94 11.81 18.32
CA ASN L 182 -0.49 12.07 18.39
C ASN L 182 -1.10 11.63 19.71
N LEU L 183 -0.46 10.69 20.42
CA LEU L 183 -0.99 10.24 21.69
C LEU L 183 -0.97 11.37 22.71
N TYR L 184 -0.06 12.32 22.52
CA TYR L 184 0.05 13.50 23.38
C TYR L 184 -0.33 14.76 22.61
N SER L 185 -1.22 14.64 21.63
CA SER L 185 -1.68 15.82 20.89
C SER L 185 -2.40 16.80 21.81
N GLY L 186 -3.09 16.31 22.84
CA GLY L 186 -3.85 17.16 23.73
C GLY L 186 -3.06 17.82 24.83
N ASP L 187 -1.80 17.39 25.02
CA ASP L 187 -0.91 18.03 25.97
C ASP L 187 -0.42 19.37 25.46
N TYR L 188 -0.59 19.66 24.18
CA TYR L 188 -0.18 20.94 23.62
C TYR L 188 -1.41 21.78 23.32
N TYR L 189 -1.22 23.09 23.32
CA TYR L 189 -2.30 24.07 23.14
C TYR L 189 -1.74 25.24 22.37
N ARG L 190 -2.63 25.94 21.66
CA ARG L 190 -2.25 26.97 20.71
C ARG L 190 -2.76 28.33 21.17
N ILE L 191 -1.90 29.07 21.90
CA ILE L 191 -2.18 30.47 22.23
C ILE L 191 -2.11 31.29 20.95
N GLN L 192 -3.04 32.24 20.78
CA GLN L 192 -3.28 32.79 19.45
C GLN L 192 -2.05 33.50 18.90
N GLY L 193 -1.32 34.22 19.75
CA GLY L 193 -0.20 34.98 19.25
C GLY L 193 1.09 34.19 19.16
N ARG L 194 1.15 33.10 19.92
CA ARG L 194 2.34 32.32 20.20
C ARG L 194 2.20 30.92 19.62
N ALA L 195 3.27 30.13 19.69
CA ALA L 195 3.22 28.82 19.05
C ALA L 195 2.33 27.81 19.79
N VAL L 196 2.51 26.53 19.47
CA VAL L 196 1.88 25.43 20.20
C VAL L 196 2.75 25.09 21.41
N LEU L 197 2.15 25.05 22.60
CA LEU L 197 2.93 24.93 23.81
C LEU L 197 2.29 23.94 24.78
N PRO L 198 3.11 23.28 25.61
CA PRO L 198 2.55 22.38 26.62
C PRO L 198 2.27 23.14 27.92
N ILE L 199 1.18 23.92 27.91
CA ILE L 199 0.96 24.90 28.96
C ILE L 199 0.81 24.24 30.33
N ARG L 200 0.37 23.00 30.37
CA ARG L 200 0.13 22.34 31.66
C ARG L 200 1.43 22.09 32.44
N TRP L 201 2.57 22.03 31.76
CA TRP L 201 3.87 21.92 32.40
C TRP L 201 4.60 23.25 32.53
N MET L 202 3.93 24.38 32.29
CA MET L 202 4.62 25.64 32.04
C MET L 202 4.41 26.67 33.14
N SER L 203 5.47 27.39 33.47
CA SER L 203 5.44 28.48 34.44
C SER L 203 4.75 29.70 33.84
N TRP L 204 4.32 30.60 34.72
CA TRP L 204 3.60 31.78 34.22
C TRP L 204 4.49 32.61 33.30
N GLU L 205 5.75 32.79 33.64
CA GLU L 205 6.59 33.70 32.85
C GLU L 205 7.03 33.07 31.54
N SER L 206 6.86 31.76 31.39
CA SER L 206 7.06 31.11 30.10
C SER L 206 5.79 31.18 29.24
N ILE L 207 4.61 31.08 29.84
CA ILE L 207 3.40 31.23 29.04
C ILE L 207 3.14 32.69 28.71
N LEU L 208 3.14 33.55 29.74
CA LEU L 208 2.63 34.92 29.55
C LEU L 208 3.65 35.83 28.87
N LEU L 209 4.95 35.62 29.14
CA LEU L 209 5.97 36.53 28.65
C LEU L 209 6.95 35.87 27.70
N GLY L 210 6.90 34.55 27.56
CA GLY L 210 7.73 33.91 26.58
C GLY L 210 9.17 33.74 26.96
N LYS L 211 9.54 34.01 28.21
CA LYS L 211 10.91 33.80 28.65
C LYS L 211 11.06 32.38 29.18
N PHE L 212 12.18 31.76 28.82
CA PHE L 212 12.41 30.34 29.06
C PHE L 212 13.77 30.24 29.73
N THR L 213 13.76 29.90 31.01
CA THR L 213 14.99 29.76 31.77
C THR L 213 15.11 28.31 32.22
N THR L 214 16.16 27.99 32.95
CA THR L 214 16.13 26.69 33.59
C THR L 214 15.23 26.65 34.81
N ALA L 215 14.76 27.82 35.27
CA ALA L 215 13.69 27.86 36.28
C ALA L 215 12.33 27.44 35.69
N SER L 216 12.05 27.83 34.44
CA SER L 216 10.86 27.32 33.76
C SER L 216 10.96 25.81 33.57
N ASP L 217 12.16 25.32 33.32
CA ASP L 217 12.40 23.88 33.38
C ASP L 217 12.22 23.34 34.79
N VAL L 218 12.48 24.14 35.83
CA VAL L 218 12.23 23.62 37.16
C VAL L 218 10.74 23.41 37.37
N TRP L 219 9.93 24.37 36.92
CA TRP L 219 8.48 24.26 36.99
C TRP L 219 8.01 23.03 36.26
N ALA L 220 8.49 22.86 35.02
CA ALA L 220 8.18 21.65 34.28
C ALA L 220 8.54 20.44 35.10
N PHE L 221 9.68 20.46 35.79
CA PHE L 221 10.12 19.29 36.52
C PHE L 221 9.15 18.95 37.65
N GLY L 222 8.61 19.96 38.32
CA GLY L 222 7.66 19.66 39.38
C GLY L 222 6.39 19.05 38.83
N VAL L 223 5.95 19.53 37.67
CA VAL L 223 4.82 18.87 37.05
C VAL L 223 5.18 17.44 36.66
N THR L 224 6.36 17.24 36.08
CA THR L 224 6.73 15.90 35.61
C THR L 224 6.78 14.94 36.78
N LEU L 225 7.24 15.47 37.92
CA LEU L 225 7.30 14.68 39.15
C LEU L 225 5.89 14.29 39.55
N TRP L 226 4.99 15.26 39.58
CA TRP L 226 3.61 14.93 39.90
C TRP L 226 3.02 13.92 38.92
N GLU L 227 3.42 13.99 37.63
CA GLU L 227 3.00 12.98 36.67
C GLU L 227 3.47 11.62 37.09
N THR L 228 4.63 11.58 37.74
CA THR L 228 5.23 10.29 38.10
C THR L 228 4.56 9.69 39.31
N PHE L 229 4.37 10.48 40.37
CA PHE L 229 3.81 9.92 41.59
C PHE L 229 2.33 9.59 41.45
N THR L 230 1.65 10.11 40.44
CA THR L 230 0.28 9.69 40.14
C THR L 230 0.22 8.64 39.03
N PHE L 231 1.36 8.12 38.60
CA PHE L 231 1.41 7.06 37.59
C PHE L 231 0.83 7.51 36.25
N CYS L 232 0.89 8.81 35.95
CA CYS L 232 0.39 9.37 34.69
C CYS L 232 -1.07 9.00 34.44
N GLN L 233 -1.81 8.82 35.54
CA GLN L 233 -3.20 8.37 35.48
C GLN L 233 -4.11 9.41 34.85
N GLU L 234 -3.83 10.69 35.06
CA GLU L 234 -4.71 11.73 34.56
C GLU L 234 -3.89 12.95 34.25
N GLN L 235 -4.40 13.76 33.32
CA GLN L 235 -3.70 14.95 32.89
C GLN L 235 -3.52 15.90 34.08
N PRO L 236 -2.41 16.63 34.15
CA PRO L 236 -2.29 17.69 35.16
C PRO L 236 -3.31 18.78 34.96
N TYR L 237 -3.82 19.32 36.07
CA TYR L 237 -4.95 20.24 36.08
C TYR L 237 -6.17 19.62 35.37
N SER L 238 -6.52 18.40 35.81
CA SER L 238 -7.51 17.61 35.09
C SER L 238 -8.91 18.23 35.12
N GLN L 239 -9.28 18.92 36.19
CA GLN L 239 -10.60 19.55 36.18
C GLN L 239 -10.65 20.67 35.14
N LEU L 240 -9.51 21.28 34.84
CA LEU L 240 -9.48 22.48 34.03
C LEU L 240 -9.36 22.18 32.55
N SER L 241 -10.00 23.02 31.75
CA SER L 241 -9.79 23.06 30.31
C SER L 241 -8.55 23.87 29.97
N ASP L 242 -8.20 23.85 28.69
CA ASP L 242 -7.08 24.68 28.24
C ASP L 242 -7.31 26.14 28.60
N GLU L 243 -8.50 26.68 28.28
CA GLU L 243 -8.76 28.08 28.58
C GLU L 243 -8.73 28.33 30.09
N GLN L 244 -9.26 27.39 30.87
CA GLN L 244 -9.21 27.50 32.32
C GLN L 244 -7.79 27.38 32.83
N VAL L 245 -6.97 26.57 32.16
CA VAL L 245 -5.57 26.49 32.55
C VAL L 245 -4.89 27.83 32.31
N ILE L 246 -5.23 28.51 31.22
CA ILE L 246 -4.66 29.83 30.99
C ILE L 246 -5.11 30.80 32.06
N GLU L 247 -6.36 30.68 32.51
CA GLU L 247 -6.79 31.52 33.61
C GLU L 247 -6.02 31.19 34.86
N ASN L 248 -5.65 29.92 35.02
CA ASN L 248 -4.82 29.52 36.15
C ASN L 248 -3.43 30.11 36.05
N THR L 249 -2.95 30.34 34.82
CA THR L 249 -1.69 31.03 34.66
C THR L 249 -1.81 32.47 35.11
N GLY L 250 -2.90 33.12 34.73
CA GLY L 250 -3.11 34.46 35.22
C GLY L 250 -3.20 34.50 36.74
N GLU L 251 -3.69 33.42 37.35
CA GLU L 251 -3.78 33.43 38.80
C GLU L 251 -2.44 33.12 39.45
N PHE L 252 -1.60 32.31 38.79
CA PHE L 252 -0.25 32.11 39.28
C PHE L 252 0.53 33.42 39.26
N PHE L 253 0.33 34.23 38.22
CA PHE L 253 1.08 35.47 38.10
C PHE L 253 0.51 36.57 38.97
N ARG L 254 -0.79 36.56 39.24
CA ARG L 254 -1.32 37.57 40.14
C ARG L 254 -0.78 37.37 41.55
N ASP L 255 -0.43 36.12 41.89
CA ASP L 255 -0.12 35.63 43.23
C ASP L 255 -1.02 36.26 44.29
N GLN L 256 -2.25 35.75 44.42
CA GLN L 256 -3.14 36.26 45.44
C GLN L 256 -3.95 35.16 46.12
N GLY L 257 -3.65 33.90 45.85
CA GLY L 257 -4.34 32.81 46.52
C GLY L 257 -5.47 32.22 45.74
N ARG L 258 -5.76 32.75 44.55
CA ARG L 258 -6.72 32.14 43.64
C ARG L 258 -6.11 31.06 42.76
N GLN L 259 -4.80 30.91 42.75
CA GLN L 259 -4.21 29.88 41.91
C GLN L 259 -4.56 28.51 42.48
N THR L 260 -4.54 27.50 41.61
CA THR L 260 -4.85 26.13 42.00
C THR L 260 -3.64 25.27 41.68
N TYR L 261 -2.95 24.79 42.72
CA TYR L 261 -1.82 23.88 42.56
C TYR L 261 -2.32 22.46 42.31
N LEU L 262 -1.50 21.69 41.61
CA LEU L 262 -1.78 20.28 41.47
C LEU L 262 -1.79 19.62 42.85
N PRO L 263 -2.77 18.78 43.14
CA PRO L 263 -2.85 18.19 44.49
C PRO L 263 -1.69 17.26 44.78
N GLN L 264 -1.36 17.14 46.06
CA GLN L 264 -0.37 16.18 46.50
C GLN L 264 -0.80 14.75 46.16
N PRO L 265 0.04 13.98 45.48
CA PRO L 265 -0.30 12.57 45.25
C PRO L 265 -0.36 11.77 46.54
N ALA L 266 -1.20 10.73 46.55
CA ALA L 266 -1.34 9.93 47.75
C ALA L 266 -0.02 9.26 48.15
N ILE L 267 0.80 8.89 47.17
CA ILE L 267 2.09 8.29 47.49
C ILE L 267 3.03 9.31 48.09
N CYS L 268 2.76 10.58 47.88
CA CYS L 268 3.78 11.61 47.99
C CYS L 268 4.03 11.99 49.44
N PRO L 269 5.25 11.83 49.95
CA PRO L 269 5.55 12.29 51.32
C PRO L 269 5.40 13.80 51.39
N ASP L 270 5.05 14.30 52.58
CA ASP L 270 4.81 15.73 52.71
C ASP L 270 6.03 16.55 52.28
N SER L 271 7.23 15.99 52.47
CA SER L 271 8.44 16.70 52.06
C SER L 271 8.55 16.81 50.53
N VAL L 272 8.45 15.69 49.81
CA VAL L 272 8.66 15.79 48.36
C VAL L 272 7.53 16.59 47.71
N TYR L 273 6.34 16.63 48.33
CA TYR L 273 5.33 17.57 47.82
C TYR L 273 5.67 19.01 48.17
N LYS L 274 6.36 19.23 49.29
CA LYS L 274 6.85 20.58 49.62
C LYS L 274 7.88 21.05 48.59
N LEU L 275 8.69 20.13 48.08
CA LEU L 275 9.61 20.43 46.99
C LEU L 275 8.86 20.66 45.67
N MET L 276 7.83 19.84 45.39
CA MET L 276 7.01 20.10 44.21
C MET L 276 6.42 21.50 44.28
N LEU L 277 5.94 21.89 45.45
CA LEU L 277 5.40 23.22 45.61
C LEU L 277 6.45 24.28 45.36
N SER L 278 7.68 24.05 45.83
CA SER L 278 8.72 25.05 45.59
C SER L 278 9.04 25.18 44.09
N CYS L 279 8.84 24.12 43.31
CA CYS L 279 9.06 24.26 41.87
C CYS L 279 8.04 25.15 41.18
N TRP L 280 6.93 25.50 41.84
CA TRP L 280 5.89 26.34 41.24
C TRP L 280 5.73 27.69 41.92
N ARG L 281 6.76 28.18 42.60
CA ARG L 281 6.63 29.51 43.20
C ARG L 281 6.63 30.58 42.12
N ARG L 282 6.02 31.72 42.44
CA ARG L 282 5.98 32.84 41.50
C ARG L 282 7.37 33.28 41.06
N ASP L 283 8.14 33.89 41.95
CA ASP L 283 9.45 34.40 41.57
C ASP L 283 10.43 33.26 41.29
N THR L 284 11.25 33.43 40.25
CA THR L 284 12.23 32.41 39.92
C THR L 284 13.39 32.38 40.91
N LYS L 285 13.63 33.47 41.64
CA LYS L 285 14.70 33.46 42.64
C LYS L 285 14.43 32.46 43.74
N ASN L 286 13.17 32.06 43.92
CA ASN L 286 12.80 31.13 44.99
C ASN L 286 12.63 29.70 44.51
N ARG L 287 12.68 29.42 43.22
CA ARG L 287 12.61 28.03 42.81
C ARG L 287 13.96 27.33 42.97
N PRO L 288 13.95 26.09 43.46
CA PRO L 288 15.20 25.34 43.64
C PRO L 288 15.87 25.01 42.30
N SER L 289 17.19 24.80 42.36
CA SER L 289 18.00 24.32 41.26
C SER L 289 17.98 22.79 41.17
N PHE L 290 18.34 22.28 40.01
CA PHE L 290 18.33 20.83 39.87
C PHE L 290 19.38 20.19 40.76
N GLN L 291 20.45 20.92 41.06
CA GLN L 291 21.40 20.41 42.04
C GLN L 291 20.73 20.24 43.41
N GLU L 292 20.04 21.29 43.86
CA GLU L 292 19.32 21.20 45.13
C GLU L 292 18.22 20.15 45.04
N ILE L 293 17.59 20.01 43.87
CA ILE L 293 16.49 19.08 43.71
C ILE L 293 17.00 17.65 43.83
N HIS L 294 18.08 17.35 43.09
CA HIS L 294 18.62 16.00 43.08
C HIS L 294 19.18 15.62 44.45
N LEU L 295 19.82 16.58 45.16
CA LEU L 295 20.27 16.28 46.52
C LEU L 295 19.11 16.06 47.47
N LEU L 296 17.97 16.73 47.22
CA LEU L 296 16.84 16.59 48.14
C LEU L 296 16.02 15.35 47.89
N LEU L 297 15.98 14.84 46.66
CA LEU L 297 15.35 13.52 46.49
C LEU L 297 16.20 12.40 47.07
N LEU L 298 17.52 12.60 47.16
CA LEU L 298 18.40 11.48 47.47
C LEU L 298 18.50 11.18 48.96
N GLN L 299 17.75 11.88 49.80
CA GLN L 299 17.75 11.62 51.25
C GLN L 299 16.91 10.40 51.66
#